data_2M8A
#
_entry.id   2M8A
#
_entity_poly.entity_id   1
_entity_poly.type   'polydeoxyribonucleotide/polyribonucleotide hybrid'
_entity_poly.pdbx_seq_one_letter_code
;(CFZ)(GF2)(CFZ)(GF2)(AF2)(AF2)(TAF)(UFT)(CFL)(GF2)(CFL)(GF2)
;
_entity_poly.pdbx_strand_id   A,B
#
loop_
_chem_comp.id
_chem_comp.type
_chem_comp.name
_chem_comp.formula
AF2 DNA linking '2'-deoxy-2'-fluoroadenosine 5'-(dihydrogen phosphate)' 'C10 H13 F N5 O6 P'
CFL DNA linking 4-amino-1-(2-deoxy-2-fluoro-5-O-phosphono-beta-D-arabinofuranosyl)pyrimidin-2(1H)-one 'C9 H13 F N3 O7 P'
CFZ DNA linking '2'-deoxy-2'-fluorocytidine 5'-(dihydrogen phosphate)' 'C9 H13 F N3 O7 P'
GF2 DNA linking '2'-deoxy-2'-fluoroguanosine 5'-(dihydrogen phosphate)' 'C10 H13 F N5 O7 P'
TAF DNA linking '2'-DEOXY-2'-FLUORO-ARABINO-FURANOSYL THYMINE-5'-PHOSPHATE' 'C10 H14 F N2 O8 P'
UFT DNA linking '2'-deoxy-2'-fluorouridine 5'-(dihydrogen phosphate)' 'C9 H12 F N2 O8 P'
#
# COMPACT_ATOMS: atom_id res chain seq x y z
N1 CFZ A 1 4.21 -13.62 -8.61
C2 CFZ A 1 3.59 -13.28 -9.83
O2 CFZ A 1 4.20 -13.46 -10.90
N3 CFZ A 1 2.31 -12.76 -9.81
C4 CFZ A 1 1.69 -12.56 -8.63
N4 CFZ A 1 0.47 -12.08 -8.58
C5 CFZ A 1 2.33 -12.89 -7.39
C6 CFZ A 1 3.57 -13.40 -7.42
C1' CFZ A 1 5.58 -14.20 -8.60
C2' CFZ A 1 6.66 -13.13 -8.58
F2' CFZ A 1 7.03 -13.15 -9.92
C3' CFZ A 1 7.61 -13.61 -7.47
O3' CFZ A 1 8.99 -13.30 -7.65
C4' CFZ A 1 7.26 -15.09 -7.41
O4' CFZ A 1 5.83 -15.06 -7.51
C5' CFZ A 1 7.74 -15.82 -6.15
O5' CFZ A 1 7.23 -15.24 -4.97
HN4 CFZ A 1 -0.08 -11.83 -9.41
HN4A CFZ A 1 0.05 -11.94 -7.69
H5 CFZ A 1 1.87 -12.76 -6.44
H6 CFZ A 1 4.08 -13.66 -6.50
H1' CFZ A 1 5.69 -14.79 -9.49
H2' CFZ A 1 6.25 -12.14 -8.32
H3' CFZ A 1 7.28 -13.16 -6.53
H4' CFZ A 1 7.67 -15.60 -8.29
H5' CFZ A 1 8.83 -15.78 -6.14
H5'A CFZ A 1 7.43 -16.87 -6.22
HO5' CFZ A 1 7.59 -15.69 -4.20
F GF2 A 2 7.77 -7.69 -12.57
P GF2 A 2 9.54 -11.80 -7.44
N1 GF2 A 2 1.95 -8.07 -12.64
C2 GF2 A 2 3.07 -8.05 -13.42
N2 GF2 A 2 2.96 -7.51 -14.62
N3 GF2 A 2 4.28 -8.48 -13.04
C4 GF2 A 2 4.29 -8.95 -11.77
C5 GF2 A 2 3.22 -9.03 -10.90
C6 GF2 A 2 1.93 -8.59 -11.36
O6 GF2 A 2 0.84 -8.61 -10.79
N7 GF2 A 2 3.64 -9.57 -9.68
C8 GF2 A 2 4.92 -9.75 -9.84
N9 GF2 A 2 5.38 -9.40 -11.09
C1' GF2 A 2 6.77 -9.45 -11.61
OP2 GF2 A 2 8.95 -11.17 -6.24
C2' GF2 A 2 7.55 -8.19 -11.31
OP1 GF2 A 2 11.01 -11.73 -7.52
C3' GF2 A 2 8.74 -8.66 -10.48
O3' GF2 A 2 9.93 -7.86 -10.62
C4' GF2 A 2 8.82 -10.11 -10.92
O4' GF2 A 2 7.46 -10.51 -10.99
C5' GF2 A 2 9.58 -11.01 -9.94
O5' GF2 A 2 8.99 -10.95 -8.67
HN1 GF2 A 2 1.09 -7.68 -12.99
HN2 GF2 A 2 3.78 -7.45 -15.19
HN2A GF2 A 2 2.05 -7.11 -14.90
H8 GF2 A 2 5.57 -10.14 -9.07
H1' GF2 A 2 6.75 -9.56 -12.70
H2' GF2 A 2 6.95 -7.49 -10.73
H3' GF2 A 2 8.44 -8.65 -9.42
H4' GF2 A 2 9.29 -10.17 -11.91
H5' GF2 A 2 10.62 -10.69 -9.89
H5'A GF2 A 2 9.55 -12.04 -10.31
P CFZ A 3 10.08 -6.41 -9.93
N1 CFZ A 3 4.58 -4.97 -11.42
C2 CFZ A 3 3.21 -4.81 -11.62
O2 CFZ A 3 2.78 -4.21 -12.60
N3 CFZ A 3 2.32 -5.29 -10.71
C4 CFZ A 3 2.78 -5.89 -9.62
N4 CFZ A 3 1.88 -6.35 -8.79
C5 CFZ A 3 4.18 -6.09 -9.38
C6 CFZ A 3 5.04 -5.59 -10.30
C1' CFZ A 3 5.53 -4.31 -12.37
O1P CFZ A 3 11.38 -5.82 -10.29
C2' CFZ A 3 5.90 -2.93 -11.89
F2' CFZ A 3 5.66 -2.11 -12.97
O2P CFZ A 3 9.76 -6.52 -8.48
C3' CFZ A 3 7.34 -3.04 -11.38
O3' CFZ A 3 8.07 -1.80 -11.39
C4' CFZ A 3 7.83 -4.15 -12.31
O4' CFZ A 3 6.73 -5.05 -12.40
C5' CFZ A 3 9.09 -4.88 -11.85
O5' CFZ A 3 8.93 -5.47 -10.56
HN4 CFZ A 3 0.90 -6.19 -9.01
HN4A CFZ A 3 2.16 -6.91 -8.01
H5 CFZ A 3 4.55 -6.59 -8.49
H6 CFZ A 3 6.12 -5.67 -10.18
H1' CFZ A 3 5.05 -4.15 -13.31
H2' CFZ A 3 5.18 -2.67 -11.14
H3' CFZ A 3 7.35 -3.44 -10.37
H4' CFZ A 3 8.01 -3.73 -13.30
H5' CFZ A 3 9.92 -4.17 -11.82
H5'A CFZ A 3 9.34 -5.66 -12.57
F GF2 A 4 1.65 2.18 -11.69
P GF2 A 4 7.80 -0.64 -10.29
N1 GF2 A 4 -1.54 -1.60 -9.02
C2 GF2 A 4 -1.45 -0.71 -10.05
N2 GF2 A 4 -2.57 -0.14 -10.46
N3 GF2 A 4 -0.32 -0.36 -10.63
C4 GF2 A 4 0.77 -1.01 -10.14
C5 GF2 A 4 0.79 -1.92 -9.10
C6 GF2 A 4 -0.46 -2.23 -8.45
O6 GF2 A 4 -0.68 -2.97 -7.49
N7 GF2 A 4 2.09 -2.36 -8.87
C8 GF2 A 4 2.81 -1.71 -9.75
N9 GF2 A 4 2.08 -0.86 -10.54
C1' GF2 A 4 2.58 0.13 -11.53
OP2 GF2 A 4 7.66 -1.25 -8.95
C2' GF2 A 4 2.58 1.52 -10.91
OP1 GF2 A 4 8.76 0.48 -10.44
C3' GF2 A 4 4.05 1.94 -10.94
O3' GF2 A 4 4.25 3.36 -11.05
C4' GF2 A 4 4.64 1.04 -12.00
O4' GF2 A 4 3.92 -0.18 -11.83
C5' GF2 A 4 6.14 0.76 -11.81
O5' GF2 A 4 6.37 0.02 -10.60
HN1 GF2 A 4 -2.45 -1.82 -8.63
HN2 GF2 A 4 -2.49 0.50 -11.22
HN2A GF2 A 4 -3.47 -0.39 -10.03
H8 GF2 A 4 3.88 -1.79 -9.84
H1' GF2 A 4 1.95 0.16 -12.42
H2' GF2 A 4 2.23 1.51 -9.89
H3' GF2 A 4 4.47 1.61 -10.00
H4' GF2 A 4 4.45 1.45 -13.00
H5' GF2 A 4 6.69 1.70 -11.79
H5'A GF2 A 4 6.50 0.19 -12.66
F AF2 A 5 -2.66 4.90 -8.57
P AF2 A 5 4.10 4.31 -9.76
N1 AF2 A 5 -3.22 -0.19 -5.53
C2 AF2 A 5 -3.80 0.76 -6.27
N3 AF2 A 5 -3.20 1.59 -7.13
C4 AF2 A 5 -1.87 1.39 -7.20
C5 AF2 A 5 -1.12 0.47 -6.49
C6 AF2 A 5 -1.89 -0.36 -5.64
N6 AF2 A 5 -1.38 -1.35 -4.92
N7 AF2 A 5 0.23 0.57 -6.79
C8 AF2 A 5 0.27 1.53 -7.67
N9 AF2 A 5 -0.96 2.07 -7.97
C1' AF2 A 5 -1.25 3.19 -8.90
OP2 AF2 A 5 4.83 3.61 -8.66
C2' AF2 A 5 -1.42 4.50 -8.13
OP1 AF2 A 5 4.46 5.69 -10.10
C3' AF2 A 5 -0.20 5.34 -8.53
O3' AF2 A 5 -0.41 6.75 -8.46
C4' AF2 A 5 0.13 4.76 -9.90
O4' AF2 A 5 -0.11 3.36 -9.72
C5' AF2 A 5 1.59 4.98 -10.32
O5' AF2 A 5 2.50 4.33 -9.44
H2 AF2 A 5 -4.86 0.89 -6.13
H8 AF2 A 5 1.18 1.88 -8.14
H5' AF2 A 5 1.79 6.04 -10.35
H5'A AF2 A 5 1.71 4.60 -11.33
H1' AF2 A 5 -2.16 3.01 -9.46
H2' AF2 A 5 -1.42 4.35 -7.05
H3' AF2 A 5 0.61 5.07 -7.86
H4' AF2 A 5 -0.55 5.16 -10.64
HN6 AF2 A 5 -0.42 -1.62 -5.12
HN6A AF2 A 5 -1.99 -1.98 -4.41
F AF2 A 6 -6.38 5.04 -4.17
P AF2 A 6 -0.44 7.52 -7.03
N1 AF2 A 6 -4.13 0.33 -1.66
C2 AF2 A 6 -5.17 1.02 -2.10
N3 AF2 A 6 -5.17 2.05 -2.94
C4 AF2 A 6 -3.91 2.36 -3.38
C5 AF2 A 6 -2.74 1.74 -3.00
C6 AF2 A 6 -2.91 0.65 -2.12
N6 AF2 A 6 -1.92 -0.10 -1.69
N7 AF2 A 6 -1.63 2.37 -3.58
C8 AF2 A 6 -2.18 3.32 -4.29
N9 AF2 A 6 -3.55 3.34 -4.27
C1' AF2 A 6 -4.44 4.27 -5.01
OP2 AF2 A 6 0.82 7.08 -6.38
C2' AF2 A 6 -5.03 5.31 -4.07
OP1 AF2 A 6 -0.57 8.95 -7.32
C3' AF2 A 6 -4.45 6.63 -4.58
O3' AF2 A 6 -5.27 7.76 -4.33
C4' AF2 A 6 -4.13 6.32 -6.03
O4' AF2 A 6 -3.64 4.99 -5.94
C5' AF2 A 6 -3.07 7.27 -6.66
O5' AF2 A 6 -1.74 7.00 -6.20
H2 AF2 A 6 -6.14 0.70 -1.71
H8 AF2 A 6 -1.62 4.04 -4.86
H5' AF2 A 6 -3.34 8.30 -6.44
H5'A AF2 A 6 -3.11 7.14 -7.74
H1' AF2 A 6 -5.27 3.74 -5.48
H2' AF2 A 6 -4.68 5.12 -3.07
H3' AF2 A 6 -3.48 6.78 -4.08
H4' AF2 A 6 -5.06 6.35 -6.61
HN6 AF2 A 6 -1.00 0.06 -2.06
HN6A AF2 A 6 -2.12 -0.90 -1.08
P TAF A 7 -5.35 8.43 -2.87
OP1 TAF A 7 -6.17 9.65 -2.98
OP2 TAF A 7 -3.93 8.56 -2.42
O5' TAF A 7 -6.10 7.36 -1.94
N1 TAF A 7 -5.73 3.73 0.20
C6 TAF A 7 -4.62 4.32 -0.38
C2 TAF A 7 -5.59 2.60 1.03
O2 TAF A 7 -6.52 2.08 1.62
N3 TAF A 7 -4.32 2.10 1.18
C4 TAF A 7 -3.16 2.65 0.68
O4 TAF A 7 -2.07 2.15 0.95
C5 TAF A 7 -3.37 3.84 -0.16
C5M TAF A 7 -2.19 4.57 -0.75
F2' TAF A 7 -5.95 6.30 1.10
C2' TAF A 7 -7.16 5.63 1.02
C5' TAF A 7 -7.49 7.09 -2.13
C4' TAF A 7 -8.07 6.02 -1.17
O4' TAF A 7 -7.31 4.81 -1.21
C1' TAF A 7 -7.06 4.38 0.12
C3' TAF A 7 -8.18 6.49 0.28
O3' TAF A 7 -9.50 6.38 0.80
H6 TAF A 7 -4.77 5.20 -0.98
H3 TAF A 7 -4.22 1.28 1.78
H71 TAF A 7 -1.56 4.95 0.05
H72 TAF A 7 -2.51 5.40 -1.38
H73 TAF A 7 -1.59 3.88 -1.35
H2' TAF A 7 -7.48 5.36 2.01
H5' TAF A 7 -8.05 8.01 -1.99
H5'' TAF A 7 -7.66 6.76 -3.15
H4' TAF A 7 -9.08 5.79 -1.53
H1' TAF A 7 -7.82 3.67 0.44
H3' TAF A 7 -7.83 7.52 0.34
P UFT A 8 -9.99 7.11 2.18
OP1 UFT A 8 -11.47 7.15 2.21
OP2 UFT A 8 -9.22 8.36 2.37
O5' UFT A 8 -9.51 6.14 3.35
N1 UFT A 8 -5.80 3.31 4.62
C6 UFT A 8 -5.22 4.36 3.92
C2 UFT A 8 -5.00 2.31 5.17
O2 UFT A 8 -5.44 1.38 5.83
N3 UFT A 8 -3.64 2.40 4.95
C4 UFT A 8 -2.99 3.40 4.26
O4 UFT A 8 -1.76 3.38 4.15
C5 UFT A 8 -3.87 4.41 3.73
F2' UFT A 8 -7.44 3.18 7.17
C2' UFT A 8 -7.53 4.14 6.19
C5' UFT A 8 -10.17 4.93 3.64
C4' UFT A 8 -9.30 4.05 4.55
O4' UFT A 8 -8.05 3.79 3.93
C1' UFT A 8 -7.24 3.30 4.96
C3' UFT A 8 -8.89 4.75 5.85
O3' UFT A 8 -9.83 4.78 6.92
H6 UFT A 8 -5.86 5.14 3.52
H5 UFT A 8 -3.45 5.24 3.16
H2' UFT A 8 -6.79 4.94 6.35
H5' UFT A 8 -11.13 5.15 4.13
H5'A UFT A 8 -10.38 4.38 2.72
H4' UFT A 8 -9.83 3.12 4.78
H1' UFT A 8 -7.54 2.28 5.22
H3' UFT A 8 -8.69 5.78 5.57
HN3 UFT A 8 -3.07 1.69 5.39
P CFL A 9 -9.63 5.78 8.16
O1P CFL A 9 -10.92 5.86 8.88
O2P CFL A 9 -9.03 7.02 7.59
O5' CFL A 9 -8.57 5.03 9.12
C5' CFL A 9 -8.92 3.82 9.80
C4' CFL A 9 -7.84 3.23 10.74
O4' CFL A 9 -6.69 2.74 10.04
C3' CFL A 9 -7.35 4.16 11.85
O3' CFL A 9 -7.51 3.54 13.14
C2' CFL A 9 -5.92 4.47 11.47
C1' CFL A 9 -5.52 3.22 10.68
N1 CFL A 9 -4.44 3.42 9.65
C2 CFL A 9 -3.20 2.79 9.83
O2 CFL A 9 -2.98 2.02 10.76
N3 CFL A 9 -2.19 3.03 8.95
C4 CFL A 9 -2.40 3.84 7.92
N4 CFL A 9 -1.39 4.02 7.10
C5 CFL A 9 -3.66 4.45 7.67
C6 CFL A 9 -4.66 4.20 8.56
F CFL A 9 -5.85 5.57 10.65
H5'1 CFL A 9 -9.81 3.99 10.39
H5'2 CFL A 9 -9.16 3.06 9.07
H4' CFL A 9 -8.29 2.35 11.21
H3' CFL A 9 -7.92 5.10 11.80
H2' CFL A 9 -5.26 4.63 12.31
H1' CFL A 9 -5.17 2.52 11.42
HN41 CFL A 9 -0.49 3.59 7.35
HN42 CFL A 9 -1.50 4.54 6.26
H5 CFL A 9 -3.84 5.09 6.82
H6 CFL A 9 -5.65 4.65 8.43
F GF2 A 10 -0.41 4.21 15.07
P GF2 A 10 -7.22 4.30 14.55
N1 GF2 A 10 2.25 4.52 10.66
C2 GF2 A 10 2.04 3.80 11.79
N2 GF2 A 10 3.06 3.21 12.37
N3 GF2 A 10 0.86 3.67 12.39
C4 GF2 A 10 -0.11 4.42 11.80
C5 GF2 A 10 0.00 5.22 10.68
C6 GF2 A 10 1.27 5.25 10.00
O6 GF2 A 10 1.62 5.83 8.98
N7 GF2 A 10 -1.22 5.88 10.46
C8 GF2 A 10 -1.99 5.48 11.44
N9 GF2 A 10 -1.39 4.56 12.27
C1' GF2 A 10 -1.89 3.85 13.47
OP2 GF2 A 10 -7.45 5.76 14.38
C2' GF2 A 10 -1.69 4.59 14.78
OP1 GF2 A 10 -7.88 3.59 15.66
C3' GF2 A 10 -2.82 4.03 15.64
O3' GF2 A 10 -2.40 3.61 16.93
C4' GF2 A 10 -3.52 3.01 14.74
O4' GF2 A 10 -3.25 3.49 13.42
C5' GF2 A 10 -5.03 2.91 14.97
O5' GF2 A 10 -5.64 4.18 14.75
HN1 GF2 A 10 3.19 4.58 10.30
HN2 GF2 A 10 2.87 2.73 13.23
HN2A GF2 A 10 4.02 3.37 12.05
H8 GF2 A 10 -3.01 5.80 11.57
H1' GF2 A 10 -1.27 2.96 13.56
H2' GF2 A 10 -1.80 5.66 14.67
H3' GF2 A 10 -3.53 4.84 15.78
H4' GF2 A 10 -3.05 2.03 14.88
H5' GF2 A 10 -5.21 2.59 16.00
H5'A GF2 A 10 -5.44 2.17 14.29
P CFL A 11 -1.98 4.69 18.07
O1P CFL A 11 -2.07 4.02 19.38
O2P CFL A 11 -2.78 5.90 17.81
O5' CFL A 11 -0.42 5.04 17.79
C5' CFL A 11 0.62 4.13 18.13
C4' CFL A 11 2.05 4.60 17.80
O4' CFL A 11 2.26 4.71 16.39
C3' CFL A 11 2.55 5.92 18.40
O3' CFL A 11 3.92 5.77 18.81
C2' CFL A 11 2.36 6.92 17.28
C1' CFL A 11 2.80 6.01 16.14
N1 CFL A 11 2.43 6.47 14.78
C2 CFL A 11 3.44 6.66 13.83
O2 CFL A 11 4.60 6.38 14.07
N3 CFL A 11 3.14 7.19 12.62
C4 CFL A 11 1.89 7.50 12.35
N4 CFL A 11 1.69 8.05 11.18
C5 CFL A 11 0.81 7.26 13.25
C6 CFL A 11 1.12 6.73 14.46
F CFL A 11 1.06 7.39 17.17
H5'1 CFL A 11 0.58 3.93 19.20
H5'2 CFL A 11 0.46 3.19 17.60
H4' CFL A 11 2.72 3.81 18.15
H3' CFL A 11 1.88 6.23 19.21
H2' CFL A 11 2.99 7.80 17.35
H1' CFL A 11 3.90 5.99 16.20
HN41 CFL A 11 2.50 8.14 10.56
HN42 CFL A 11 0.79 8.41 10.92
H5 CFL A 11 -0.22 7.46 13.00
H6 CFL A 11 0.38 6.51 15.22
F GF2 A 12 4.05 11.97 16.83
P GF2 A 12 4.87 6.98 19.35
N1 GF2 A 12 4.76 11.16 10.44
C2 GF2 A 12 5.80 10.95 11.28
N2 GF2 A 12 7.00 11.24 10.82
N3 GF2 A 12 5.70 10.60 12.55
C4 GF2 A 12 4.41 10.48 12.95
C5 GF2 A 12 3.28 10.71 12.22
C6 GF2 A 12 3.44 11.06 10.82
O6 GF2 A 12 2.61 11.31 9.95
N7 GF2 A 12 2.15 10.60 13.05
C8 GF2 A 12 2.64 10.31 14.23
N9 GF2 A 12 4.02 10.23 14.25
C1' GF2 A 12 5.01 10.29 15.35
OP2 GF2 A 12 4.02 7.87 20.18
C2' GF2 A 12 4.59 10.71 16.75
OP1 GF2 A 12 6.11 6.39 19.89
C3' GF2 A 12 6.01 10.67 17.34
O3' GF2 A 12 6.74 11.75 16.77
C4' GF2 A 12 6.58 9.37 16.71
O4' GF2 A 12 5.79 9.12 15.55
C5' GF2 A 12 6.56 8.14 17.65
O5' GF2 A 12 5.23 7.79 18.00
HN1 GF2 A 12 4.98 11.34 9.46
HN2 GF2 A 12 7.75 11.16 11.49
HN2A GF2 A 12 7.04 11.71 9.95
H8 GF2 A 12 2.01 10.16 15.09
H1' GF2 A 12 5.70 11.06 15.00
H2' GF2 A 12 3.96 9.96 17.23
H3' GF2 A 12 6.07 10.78 18.41
HO3' GF2 A 12 7.67 11.65 16.96
H4' GF2 A 12 7.61 9.55 16.42
H5' GF2 A 12 7.12 8.39 18.55
H5'A GF2 A 12 7.05 7.30 17.17
N1 CFZ B 1 7.42 11.88 5.96
C2 CFZ B 1 7.19 11.64 7.33
O2 CFZ B 1 8.15 11.43 8.09
N3 CFZ B 1 5.88 11.59 7.79
C4 CFZ B 1 4.87 11.64 6.90
N4 CFZ B 1 3.62 11.56 7.33
C5 CFZ B 1 5.10 11.78 5.50
C6 CFZ B 1 6.37 11.90 5.08
C1' CFZ B 1 8.78 12.23 5.49
C2' CFZ B 1 9.73 11.03 5.45
F2' CFZ B 1 10.45 11.22 6.61
C3' CFZ B 1 10.36 11.16 4.08
O3' CFZ B 1 11.69 10.69 3.95
C4' CFZ B 1 10.13 12.61 3.72
O4' CFZ B 1 8.81 12.80 4.19
C5' CFZ B 1 10.29 12.90 2.22
O5' CFZ B 1 9.58 11.99 1.39
HN4 CFZ B 1 3.39 11.44 8.32
HN4A CFZ B 1 2.89 11.58 6.66
H5 CFZ B 1 4.31 11.82 4.79
H6 CFZ B 1 6.57 12.02 4.03
H1' CFZ B 1 9.20 12.95 6.18
H2' CFZ B 1 9.17 10.09 5.51
H3' CFZ B 1 9.73 10.58 3.41
H4' CFZ B 1 10.83 13.25 4.28
H5' CFZ B 1 11.36 12.84 1.97
H5'A CFZ B 1 9.96 13.92 2.02
HO5' CFZ B 1 10.02 11.13 1.46
F GF2 B 2 10.88 5.96 9.71
P GF2 B 2 11.98 9.13 3.65
N1 GF2 B 2 5.53 7.55 11.13
C2 GF2 B 2 6.79 7.35 11.59
N2 GF2 B 2 6.94 6.97 12.83
N3 GF2 B 2 7.89 7.47 10.85
C4 GF2 B 2 7.62 7.79 9.55
C5 GF2 B 2 6.38 8.02 8.99
C6 GF2 B 2 5.23 7.93 9.84
O6 GF2 B 2 4.04 8.15 9.58
N7 GF2 B 2 6.53 8.30 7.62
C8 GF2 B 2 7.82 8.22 7.42
N9 GF2 B 2 8.54 7.94 8.55
C1' GF2 B 2 10.01 7.77 8.70
OP2 GF2 B 2 10.99 8.70 2.64
C2' GF2 B 2 10.45 6.33 8.45
OP1 GF2 B 2 13.42 8.97 3.39
C3' GF2 B 2 11.47 6.42 7.31
O3' GF2 B 2 12.49 5.41 7.37
C4' GF2 B 2 11.89 7.88 7.43
O4' GF2 B 2 10.66 8.56 7.72
C5' GF2 B 2 12.51 8.48 6.16
O5' GF2 B 2 11.62 8.43 5.06
HN1 GF2 B 2 4.75 7.40 11.76
HN2 GF2 B 2 7.87 6.79 13.16
HN2A GF2 B 2 6.10 6.78 13.41
H8 GF2 B 2 8.28 8.38 6.46
H1' GF2 B 2 10.32 8.03 9.71
H2' GF2 B 2 9.61 5.71 8.14
H3' GF2 B 2 10.94 6.31 6.36
H4' GF2 B 2 12.58 7.99 8.26
H5' GF2 B 2 13.43 7.94 5.92
H5'A GF2 B 2 12.77 9.53 6.36
P CFZ B 3 12.21 3.85 7.05
N1 CFZ B 3 7.17 3.78 9.93
C2 CFZ B 3 5.90 3.98 10.46
O2 CFZ B 3 5.64 3.60 11.60
N3 CFZ B 3 4.92 4.56 9.72
C4 CFZ B 3 5.18 4.91 8.47
N4 CFZ B 3 4.20 5.50 7.83
C5 CFZ B 3 6.46 4.71 7.87
C6 CFZ B 3 7.43 4.13 8.63
C1' CFZ B 3 8.20 3.08 10.74
O1P CFZ B 3 13.44 3.05 7.21
C2' CFZ B 3 8.21 1.60 10.45
F2' CFZ B 3 8.05 0.99 11.68
O2P CFZ B 3 11.49 3.70 5.76
C3' CFZ B 3 9.51 1.37 9.68
O3' CFZ B 3 9.98 0.04 9.77
C4' CFZ B 3 10.38 2.48 10.28
O4' CFZ B 3 9.48 3.58 10.38
C5' CFZ B 3 11.58 2.85 9.41
O5' CFZ B 3 11.17 3.29 8.12
HN4 CFZ B 3 3.32 5.65 8.32
HN4A CFZ B 3 4.38 5.93 6.94
H5 CFZ B 3 6.67 5.00 6.85
H6 CFZ B 3 8.43 3.93 8.25
H1' CFZ B 3 7.96 3.15 11.78
H2' CFZ B 3 7.32 1.40 9.90
H3' CFZ B 3 9.37 1.61 8.63
H4' CFZ B 3 10.71 2.19 11.27
H5' CFZ B 3 12.24 1.98 9.31
H5'A CFZ B 3 12.15 3.65 9.91
F GF2 B 4 3.14 -2.56 11.77
P GF2 B 4 9.28 -1.15 8.92
N1 GF2 B 4 0.31 1.75 9.46
C2 GF2 B 4 0.42 0.90 10.51
N2 GF2 B 4 -0.65 0.65 11.22
N3 GF2 B 4 1.55 0.29 10.87
C4 GF2 B 4 2.61 0.62 10.06
C5 GF2 B 4 2.60 1.46 8.96
C6 GF2 B 4 1.35 2.07 8.60
O6 GF2 B 4 1.08 2.82 7.66
N7 GF2 B 4 3.89 1.53 8.39
C8 GF2 B 4 4.59 0.76 9.18
N9 GF2 B 4 3.90 0.17 10.19
C1' GF2 B 4 4.40 -0.82 11.17
OP2 GF2 B 4 8.90 -0.58 7.58
C2' GF2 B 4 4.03 -2.24 10.78
OP1 GF2 B 4 10.16 -2.34 9.01
C3' GF2 B 4 5.37 -2.99 10.66
O3' GF2 B 4 5.26 -4.37 11.05
C4' GF2 B 4 6.32 -2.07 11.43
O4' GF2 B 4 5.82 -0.76 11.18
C5' GF2 B 4 7.79 -2.09 10.93
O5' GF2 B 4 7.89 -1.46 9.65
HN1 GF2 B 4 -0.60 2.18 9.28
HN2 GF2 B 4 -0.54 0.04 12.00
HN2A GF2 B 4 -1.54 1.12 11.02
H8 GF2 B 4 5.65 0.59 9.07
H1' GF2 B 4 3.98 -0.62 12.16
H2' GF2 B 4 3.52 -2.27 9.82
H3' GF2 B 4 5.68 -2.96 9.61
H4' GF2 B 4 6.28 -2.30 12.49
H5' GF2 B 4 8.14 -3.12 10.88
H5'A GF2 B 4 8.40 -1.55 11.65
F AF2 B 5 -2.20 -4.31 9.77
P AF2 B 5 4.57 -5.48 10.09
N1 AF2 B 5 -2.11 0.56 6.43
C2 AF2 B 5 -2.73 -0.20 7.33
N3 AF2 B 5 -2.19 -1.12 8.13
C4 AF2 B 5 -0.85 -1.24 7.92
C5 AF2 B 5 -0.08 -0.55 7.02
C6 AF2 B 5 -0.80 0.41 6.27
N6 AF2 B 5 -0.26 1.24 5.39
N7 AF2 B 5 1.25 -0.96 7.08
C8 AF2 B 5 1.23 -1.89 8.01
N9 AF2 B 5 0.00 -2.11 8.57
C1' AF2 B 5 -0.33 -3.05 9.67
OP2 AF2 B 5 5.09 -5.35 8.72
C2' AF2 B 5 -0.96 -4.34 9.15
OP1 AF2 B 5 4.59 -6.83 10.70
C3' AF2 B 5 0.03 -5.43 9.55
O3' AF2 B 5 -0.56 -6.71 9.79
C4' AF2 B 5 0.73 -4.78 10.73
O4' AF2 B 5 0.87 -3.43 10.30
C5' AF2 B 5 2.11 -5.37 11.05
O5' AF2 B 5 3.01 -5.15 9.97
H2 AF2 B 5 -3.80 -0.04 7.42
H8 AF2 B 5 2.11 -2.44 8.32
H5' AF2 B 5 2.00 -6.44 11.23
H5'A AF2 B 5 2.49 -4.91 11.96
H1' AF2 B 5 -1.04 -2.59 10.36
H2' AF2 B 5 -1.08 -4.32 8.07
H3' AF2 B 5 0.77 -5.52 8.76
H4' AF2 B 5 0.08 -4.83 11.61
HN6 AF2 B 5 0.74 1.30 5.36
HN6A AF2 B 5 -0.86 1.94 4.97
F AF2 B 6 -6.44 -4.26 6.00
P AF2 B 6 -0.87 -7.74 8.57
N1 AF2 B 6 -3.97 -0.12 2.96
C2 AF2 B 6 -5.01 -0.68 3.58
N3 AF2 B 6 -5.00 -1.66 4.47
C4 AF2 B 6 -3.75 -2.14 4.70
C5 AF2 B 6 -2.59 -1.71 4.13
C6 AF2 B 6 -2.75 -0.62 3.23
N6 AF2 B 6 -1.74 -0.04 2.62
N7 AF2 B 6 -1.49 -2.46 4.55
C8 AF2 B 6 -2.03 -3.31 5.37
N9 AF2 B 6 -3.39 -3.16 5.54
C1' AF2 B 6 -4.28 -3.89 6.47
OP2 AF2 B 6 0.35 -7.75 7.72
C2' AF2 B 6 -5.22 -4.85 5.76
OP1 AF2 B 6 -1.39 -8.99 9.13
C3' AF2 B 6 -4.89 -6.21 6.37
O3' AF2 B 6 -6.02 -7.08 6.40
C4' AF2 B 6 -4.27 -5.82 7.70
O4' AF2 B 6 -3.50 -4.70 7.33
C5' AF2 B 6 -3.39 -6.89 8.36
O5' AF2 B 6 -2.09 -7.03 7.76
H2 AF2 B 6 -5.99 -0.29 3.31
H8 AF2 B 6 -1.46 -4.06 5.91
H5' AF2 B 6 -3.90 -7.84 8.36
H5'A AF2 B 6 -3.25 -6.60 9.40
H1' AF2 B 6 -4.91 -3.19 7.03
H2' AF2 B 6 -5.02 -4.89 4.68
H3' AF2 B 6 -4.10 -6.67 5.78
H4' AF2 B 6 -5.07 -5.53 8.40
HN6 AF2 B 6 -0.82 -0.37 2.83
HN6A AF2 B 6 -1.91 0.75 1.99
P TAF B 7 -6.52 -7.85 5.07
OP1 TAF B 7 -7.66 -8.71 5.46
OP2 TAF B 7 -5.30 -8.49 4.52
O5' TAF B 7 -7.04 -6.71 4.04
N1 TAF B 7 -5.96 -3.04 1.57
C6 TAF B 7 -4.92 -3.89 1.90
C2 TAF B 7 -5.77 -1.98 0.68
O2 TAF B 7 -6.67 -1.22 0.31
N3 TAF B 7 -4.49 -1.80 0.19
C4 TAF B 7 -3.40 -2.58 0.49
O4 TAF B 7 -2.31 -2.29 -0.01
C5 TAF B 7 -3.67 -3.69 1.40
C5M TAF B 7 -2.56 -4.64 1.79
F2' TAF B 7 -7.10 -5.15 0.43
C2' TAF B 7 -8.03 -4.31 1.04
C5' TAF B 7 -8.28 -6.02 4.28
C4' TAF B 7 -8.55 -4.80 3.35
O4' TAF B 7 -7.40 -3.96 3.27
C1' TAF B 7 -7.35 -3.35 2.00
C3' TAF B 7 -8.99 -5.14 1.91
O3' TAF B 7 -10.37 -4.83 1.65
H6 TAF B 7 -5.13 -4.72 2.55
H3 TAF B 7 -4.36 -1.03 -0.44
H71 TAF B 7 -1.73 -4.08 2.22
H72 TAF B 7 -2.20 -5.16 0.91
H73 TAF B 7 -2.91 -5.37 2.52
H2' TAF B 7 -8.53 -3.70 0.31
H5' TAF B 7 -9.10 -6.72 4.17
H5'' TAF B 7 -8.29 -5.65 5.29
H4' TAF B 7 -9.36 -4.23 3.82
H1' TAF B 7 -7.93 -2.42 2.01
H3' TAF B 7 -8.82 -6.20 1.75
P UFT B 8 -11.18 -5.36 0.32
OP1 UFT B 8 -12.62 -5.08 0.41
OP2 UFT B 8 -10.78 -6.71 -0.07
O5' UFT B 8 -10.70 -4.46 -0.92
N1 UFT B 8 -6.79 -2.39 -2.98
C6 UFT B 8 -6.30 -3.53 -2.38
C2 UFT B 8 -5.95 -1.58 -3.76
O2 UFT B 8 -6.34 -0.59 -4.36
N3 UFT B 8 -4.63 -1.95 -3.83
C4 UFT B 8 -4.06 -3.06 -3.26
O4 UFT B 8 -2.87 -3.30 -3.47
C5 UFT B 8 -4.99 -3.87 -2.50
F2' UFT B 8 -8.94 -1.56 -5.01
C2' UFT B 8 -8.99 -2.61 -4.11
C5' UFT B 8 -11.10 -3.10 -1.05
C4' UFT B 8 -10.28 -2.39 -2.13
O4' UFT B 8 -8.90 -2.49 -1.80
C1' UFT B 8 -8.23 -2.02 -2.94
C3' UFT B 8 -10.36 -2.99 -3.53
O3' UFT B 8 -11.50 -2.72 -4.38
H6 UFT B 8 -6.98 -4.16 -1.82
H5 UFT B 8 -4.61 -4.77 -2.03
H2' UFT B 8 -8.50 -3.49 -4.52
H5' UFT B 8 -12.17 -3.05 -1.28
H5'A UFT B 8 -10.93 -2.60 -0.09
H4' UFT B 8 -10.58 -1.34 -2.16
H1' UFT B 8 -8.31 -0.93 -2.96
H3' UFT B 8 -10.32 -4.08 -3.39
HN3 UFT B 8 -4.05 -1.36 -4.41
P CFL B 9 -11.74 -3.52 -5.78
O1P CFL B 9 -13.06 -3.23 -6.39
O2P CFL B 9 -11.38 -4.93 -5.51
O5' CFL B 9 -10.68 -2.89 -6.83
C5' CFL B 9 -10.84 -1.54 -7.26
C4' CFL B 9 -9.77 -1.02 -8.24
O4' CFL B 9 -8.47 -0.98 -7.68
C3' CFL B 9 -9.71 -1.80 -9.57
O3' CFL B 9 -10.02 -0.99 -10.72
C2' CFL B 9 -8.31 -2.40 -9.55
C1' CFL B 9 -7.54 -1.47 -8.62
N1 CFL B 9 -6.37 -2.09 -7.94
C2 CFL B 9 -5.08 -1.79 -8.39
O2 CFL B 9 -4.89 -0.97 -9.29
N3 CFL B 9 -4.00 -2.40 -7.84
C4 CFL B 9 -4.18 -3.29 -6.89
N4 CFL B 9 -3.09 -3.79 -6.37
C5 CFL B 9 -5.47 -3.64 -6.38
C6 CFL B 9 -6.55 -3.02 -6.94
F CFL B 9 -8.34 -3.66 -8.98
H5'1 CFL B 9 -11.81 -1.42 -7.74
H5'2 CFL B 9 -10.82 -0.88 -6.39
H4' CFL B 9 -10.04 0.01 -8.49
H3' CFL B 9 -10.39 -2.65 -9.50
H2' CFL B 9 -7.85 -2.47 -10.53
H1' CFL B 9 -7.16 -0.65 -9.23
HN41 CFL B 9 -2.20 -3.51 -6.79
HN42 CFL B 9 -3.11 -4.32 -5.52
H5 CFL B 9 -5.62 -4.37 -5.59
H6 CFL B 9 -7.56 -3.24 -6.63
F GF2 B 10 -3.98 -3.10 -14.52
P GF2 B 10 -10.32 -1.65 -12.18
N1 GF2 B 10 -0.36 -4.41 -11.00
C2 GF2 B 10 -0.68 -3.56 -12.02
N2 GF2 B 10 0.27 -3.18 -12.85
N3 GF2 B 10 -1.91 -3.14 -12.28
C4 GF2 B 10 -2.85 -3.69 -11.46
C5 GF2 B 10 -2.64 -4.59 -10.44
C6 GF2 B 10 -1.28 -4.96 -10.13
O6 GF2 B 10 -0.83 -5.72 -9.27
N7 GF2 B 10 -3.87 -4.98 -9.89
C8 GF2 B 10 -4.76 -4.32 -10.60
N9 GF2 B 10 -4.20 -3.50 -11.56
C1' GF2 B 10 -4.83 -2.60 -12.55
OP2 GF2 B 10 -11.02 -2.93 -11.95
C2' GF2 B 10 -5.18 -3.24 -13.87
OP1 GF2 B 10 -10.88 -0.67 -13.14
C3' GF2 B 10 -6.36 -2.39 -14.34
O3' GF2 B 10 -6.23 -1.87 -15.66
C4' GF2 B 10 -6.51 -1.33 -13.24
O4' GF2 B 10 -6.01 -1.97 -12.08
C5' GF2 B 10 -7.96 -0.87 -13.03
O5' GF2 B 10 -8.84 -1.95 -12.75
HN1 GF2 B 10 0.61 -4.70 -10.91
HN2 GF2 B 10 -0.02 -2.62 -13.63
HN2A GF2 B 10 1.22 -3.56 -12.77
H8 GF2 B 10 -5.83 -4.39 -10.44
H1' GF2 B 10 -4.07 -1.85 -12.79
H2' GF2 B 10 -5.49 -4.28 -13.76
H3' GF2 B 10 -7.24 -3.01 -14.30
H4' GF2 B 10 -5.90 -0.47 -13.49
H5' GF2 B 10 -8.30 -0.34 -13.93
H5'A GF2 B 10 -7.97 -0.16 -12.20
P CFL B 11 -6.42 -2.80 -16.97
O1P CFL B 11 -6.58 -1.89 -18.12
O2P CFL B 11 -7.52 -3.74 -16.63
O5' CFL B 11 -5.01 -3.60 -17.16
C5' CFL B 11 -3.85 -2.95 -17.67
C4' CFL B 11 -2.52 -3.75 -17.73
O4' CFL B 11 -1.99 -4.04 -16.45
C3' CFL B 11 -2.52 -5.08 -18.51
O3' CFL B 11 -1.28 -5.16 -19.27
C2' CFL B 11 -2.60 -6.12 -17.40
C1' CFL B 11 -1.67 -5.43 -16.42
N1 CFL B 11 -1.73 -5.94 -15.03
C2 CFL B 11 -0.58 -6.47 -14.45
O2 CFL B 11 0.50 -6.45 -15.03
N3 CFL B 11 -0.64 -7.04 -13.22
C4 CFL B 11 -1.80 -7.08 -12.59
N4 CFL B 11 -1.77 -7.67 -11.42
C5 CFL B 11 -2.99 -6.49 -13.11
C6 CFL B 11 -2.91 -5.94 -14.35
F CFL B 11 -3.88 -6.32 -16.95
H5'1 CFL B 11 -4.07 -2.61 -18.68
H5'2 CFL B 11 -3.66 -2.07 -17.07
H4' CFL B 11 -1.80 -3.09 -18.23
H3' CFL B 11 -3.41 -5.17 -19.10
H2' CFL B 11 -2.22 -7.09 -17.68
H1' CFL B 11 -0.65 -5.61 -16.80
HN41 CFL B 11 -0.86 -8.01 -11.10
HN42 CFL B 11 -2.60 -7.76 -10.88
H5 CFL B 11 -3.93 -6.48 -12.57
H6 CFL B 11 -3.77 -5.50 -14.85
F GF2 B 12 -2.50 -11.26 -17.58
P GF2 B 12 -0.81 -6.47 -20.11
N1 GF2 B 12 0.52 -11.56 -11.79
C2 GF2 B 12 1.27 -11.46 -12.91
N2 GF2 B 12 2.51 -11.86 -12.79
N3 GF2 B 12 0.87 -10.96 -14.06
C4 GF2 B 12 -0.42 -10.51 -14.02
C5 GF2 B 12 -1.29 -10.55 -12.95
C6 GF2 B 12 -0.80 -11.13 -11.71
O6 GF2 B 12 -1.35 -11.31 -10.63
N7 GF2 B 12 -2.53 -10.05 -13.34
C8 GF2 B 12 -2.37 -9.72 -14.60
N9 GF2 B 12 -1.11 -10.00 -15.09
C1' GF2 B 12 -0.60 -10.21 -16.47
OP2 GF2 B 12 -2.00 -7.05 -20.75
C2' GF2 B 12 -1.57 -10.25 -17.65
OP1 GF2 B 12 0.37 -6.10 -20.92
C3' GF2 B 12 -0.50 -10.55 -18.70
O3' GF2 B 12 -0.06 -11.89 -18.48
C4' GF2 B 12 0.66 -9.62 -18.27
O4' GF2 B 12 0.41 -9.31 -16.89
C5' GF2 B 12 0.81 -8.33 -19.10
O5' GF2 B 12 -0.32 -7.49 -18.95
HN1 GF2 B 12 0.96 -11.94 -10.98
HN2 GF2 B 12 3.08 -11.77 -13.61
HN2A GF2 B 12 2.80 -12.16 -11.89
H8 GF2 B 12 -3.17 -9.28 -15.19
H1' GF2 B 12 -0.15 -11.19 -16.41
H2' GF2 B 12 -2.02 -9.28 -17.85
H3' GF2 B 12 -0.85 -10.49 -19.72
HO3' GF2 B 12 0.78 -12.03 -18.94
H4' GF2 B 12 1.60 -10.18 -18.34
H5' GF2 B 12 0.91 -8.62 -20.16
H5'A GF2 B 12 1.70 -7.80 -18.80
N1 CFZ A 1 3.56 -13.31 -7.95
C2 CFZ A 1 3.15 -12.93 -9.24
O2 CFZ A 1 3.96 -12.92 -10.18
N3 CFZ A 1 1.83 -12.52 -9.43
C4 CFZ A 1 1.04 -12.38 -8.35
N4 CFZ A 1 -0.20 -11.96 -8.51
C5 CFZ A 1 1.48 -12.69 -7.03
C6 CFZ A 1 2.74 -13.15 -6.87
C1' CFZ A 1 4.88 -13.96 -7.77
C2' CFZ A 1 6.05 -12.97 -7.75
F2' CFZ A 1 6.50 -13.10 -9.05
C3' CFZ A 1 6.90 -13.45 -6.56
O3' CFZ A 1 8.30 -13.27 -6.71
C4' CFZ A 1 6.44 -14.88 -6.41
O4' CFZ A 1 5.02 -14.73 -6.58
C5' CFZ A 1 6.77 -15.51 -5.05
O5' CFZ A 1 6.04 -14.89 -4.01
HN4 CFZ A 1 -0.58 -11.70 -9.42
HN4A CFZ A 1 -0.77 -11.83 -7.70
H5 CFZ A 1 0.87 -12.60 -6.17
H6 CFZ A 1 3.10 -13.40 -5.89
H1' CFZ A 1 5.04 -14.63 -8.60
H2' CFZ A 1 5.70 -11.96 -7.57
H3' CFZ A 1 6.58 -12.91 -5.67
H4' CFZ A 1 6.86 -15.49 -7.21
H5' CFZ A 1 7.84 -15.41 -4.86
H5'A CFZ A 1 6.52 -16.58 -5.09
HO5' CFZ A 1 5.12 -14.87 -4.26
F GF2 A 2 7.23 -7.55 -11.48
P GF2 A 2 9.01 -11.84 -6.50
N1 GF2 A 2 1.61 -8.06 -12.18
C2 GF2 A 2 2.79 -8.07 -12.86
N2 GF2 A 2 2.79 -7.60 -14.07
N3 GF2 A 2 3.93 -8.52 -12.36
C4 GF2 A 2 3.82 -8.94 -11.07
C5 GF2 A 2 2.68 -8.98 -10.29
C6 GF2 A 2 1.45 -8.53 -10.88
O6 GF2 A 2 0.31 -8.50 -10.41
N7 GF2 A 2 3.01 -9.45 -9.02
C8 GF2 A 2 4.29 -9.68 -9.08
N9 GF2 A 2 4.85 -9.40 -10.29
C1' GF2 A 2 6.28 -9.43 -10.70
OP2 GF2 A 2 8.52 -11.21 -5.26
C2' GF2 A 2 6.98 -8.15 -10.27
OP1 GF2 A 2 10.47 -11.96 -6.67
C3' GF2 A 2 8.14 -8.62 -9.41
O3' GF2 A 2 9.28 -7.76 -9.43
C4' GF2 A 2 8.30 -10.05 -9.92
O4' GF2 A 2 6.96 -10.48 -10.05
C5' GF2 A 2 9.06 -10.98 -8.99
O5' GF2 A 2 8.50 -10.92 -7.69
HN1 GF2 A 2 0.78 -7.66 -12.61
HN2 GF2 A 2 3.65 -7.61 -14.58
HN2A GF2 A 2 1.94 -7.18 -14.47
H8 GF2 A 2 4.87 -10.06 -8.24
H1' GF2 A 2 6.36 -9.50 -11.78
H2' GF2 A 2 6.34 -7.53 -9.67
H3' GF2 A 2 7.79 -8.68 -8.38
H4' GF2 A 2 8.79 -10.04 -10.90
H5' GF2 A 2 10.11 -10.68 -8.94
H5'A GF2 A 2 9.00 -12.00 -9.37
P CFZ A 3 9.25 -6.29 -8.74
N1 CFZ A 3 4.40 -4.74 -11.03
C2 CFZ A 3 3.03 -4.59 -11.33
O2 CFZ A 3 2.68 -3.99 -12.34
N3 CFZ A 3 2.09 -5.07 -10.48
C4 CFZ A 3 2.45 -5.67 -9.37
N4 CFZ A 3 1.49 -6.15 -8.61
C5 CFZ A 3 3.84 -5.87 -9.02
C6 CFZ A 3 4.76 -5.38 -9.88
C1' CFZ A 3 5.42 -4.10 -11.91
O1P CFZ A 3 10.63 -5.75 -8.73
C2' CFZ A 3 5.78 -2.72 -11.42
F2' CFZ A 3 5.78 -1.89 -12.52
O2P CFZ A 3 8.55 -6.34 -7.44
C3' CFZ A 3 7.12 -2.90 -10.71
O3' CFZ A 3 7.90 -1.72 -10.46
C4' CFZ A 3 7.73 -4.00 -11.59
O4' CFZ A 3 6.62 -4.85 -11.89
C5' CFZ A 3 8.83 -4.80 -10.88
O5' CFZ A 3 8.36 -5.31 -9.65
HN4 CFZ A 3 0.53 -5.99 -8.90
HN4A CFZ A 3 1.71 -6.69 -7.79
H5 CFZ A 3 4.13 -6.39 -8.12
H6 CFZ A 3 5.82 -5.49 -9.69
H1' CFZ A 3 4.99 -3.92 -12.88
H2' CFZ A 3 4.97 -2.42 -10.80
H3' CFZ A 3 6.94 -3.36 -9.74
H4' CFZ A 3 8.11 -3.56 -12.50
H5' CFZ A 3 9.70 -4.16 -10.72
H5'A CFZ A 3 9.14 -5.63 -11.52
F GF2 A 4 1.70 2.38 -11.51
P GF2 A 4 7.46 -0.71 -9.26
N1 GF2 A 4 -1.59 -1.65 -8.95
C2 GF2 A 4 -1.50 -0.75 -9.97
N2 GF2 A 4 -2.62 -0.25 -10.42
N3 GF2 A 4 -0.36 -0.34 -10.51
C4 GF2 A 4 0.75 -0.93 -9.94
C5 GF2 A 4 0.76 -1.83 -8.91
C6 GF2 A 4 -0.50 -2.23 -8.33
O6 GF2 A 4 -0.73 -2.98 -7.38
N7 GF2 A 4 2.08 -2.17 -8.58
C8 GF2 A 4 2.80 -1.45 -9.41
N9 GF2 A 4 2.06 -0.68 -10.28
C1' GF2 A 4 2.57 0.32 -11.24
OP2 GF2 A 4 7.03 -1.58 -8.12
C2' GF2 A 4 2.50 1.71 -10.62
OP1 GF2 A 4 8.54 0.27 -8.96
C3' GF2 A 4 3.96 2.13 -10.41
O3' GF2 A 4 4.18 3.56 -10.50
C4' GF2 A 4 4.70 1.24 -11.40
O4' GF2 A 4 3.94 0.04 -11.44
C5' GF2 A 4 6.15 0.87 -10.97
O5' GF2 A 4 6.15 0.05 -9.81
HN1 GF2 A 4 -2.50 -1.90 -8.59
HN2 GF2 A 4 -2.55 0.39 -11.20
HN2A GF2 A 4 -3.52 -0.54 -10.04
H8 GF2 A 4 3.88 -1.44 -9.42
H1' GF2 A 4 1.99 0.33 -12.16
H2' GF2 A 4 2.00 1.68 -9.65
H3' GF2 A 4 4.26 1.80 -9.42
H4' GF2 A 4 4.70 1.71 -12.38
H5' GF2 A 4 6.71 1.78 -10.80
H5'A GF2 A 4 6.61 0.33 -11.80
F AF2 A 5 -3.04 4.94 -8.73
P AF2 A 5 3.78 4.58 -9.28
N1 AF2 A 5 -3.42 -0.11 -5.65
C2 AF2 A 5 -4.01 0.81 -6.42
N3 AF2 A 5 -3.43 1.66 -7.25
C4 AF2 A 5 -2.08 1.52 -7.27
C5 AF2 A 5 -1.34 0.64 -6.52
C6 AF2 A 5 -2.10 -0.22 -5.70
N6 AF2 A 5 -1.57 -1.18 -4.95
N7 AF2 A 5 0.03 0.81 -6.76
C8 AF2 A 5 0.06 1.78 -7.63
N9 AF2 A 5 -1.18 2.24 -8.01
C1' AF2 A 5 -1.48 3.33 -8.98
OP2 AF2 A 5 4.16 3.95 -7.99
C2' AF2 A 5 -1.77 4.64 -8.26
OP1 AF2 A 5 4.22 5.96 -9.55
C3' AF2 A 5 -0.62 5.55 -8.62
O3' AF2 A 5 -0.94 6.93 -8.58
C4' AF2 A 5 -0.12 4.96 -9.94
O4' AF2 A 5 -0.30 3.55 -9.74
C5' AF2 A 5 1.37 5.23 -10.19
O5' AF2 A 5 2.18 4.61 -9.19
H2 AF2 A 5 -5.10 0.90 -6.31
H8 AF2 A 5 0.97 2.19 -8.02
H5' AF2 A 5 1.55 6.30 -10.21
H5'A AF2 A 5 1.64 4.83 -11.17
H1' AF2 A 5 -2.35 3.08 -9.58
H2' AF2 A 5 -1.80 4.50 -7.17
H3' AF2 A 5 0.17 5.37 -7.90
H4' AF2 A 5 -0.74 5.31 -10.76
HN6 AF2 A 5 -0.58 -1.37 -5.05
HN6A AF2 A 5 -2.17 -1.81 -4.42
F AF2 A 6 -6.68 4.98 -4.18
P AF2 A 6 -1.01 7.70 -7.15
N1 AF2 A 6 -4.21 0.38 -1.78
C2 AF2 A 6 -5.28 1.01 -2.23
N3 AF2 A 6 -5.33 2.03 -3.09
C4 AF2 A 6 -4.09 2.41 -3.50
C5 AF2 A 6 -2.89 1.87 -3.11
C6 AF2 A 6 -3.00 0.79 -2.21
N6 AF2 A 6 -1.98 0.12 -1.73
N7 AF2 A 6 -1.82 2.56 -3.70
C8 AF2 A 6 -2.42 3.47 -4.42
N9 AF2 A 6 -3.79 3.42 -4.39
C1' AF2 A 6 -4.75 4.30 -5.10
OP2 AF2 A 6 0.17 7.30 -6.36
C2' AF2 A 6 -5.33 5.30 -4.14
OP1 AF2 A 6 -1.29 9.14 -7.31
C3' AF2 A 6 -4.84 6.67 -4.61
O3' AF2 A 6 -5.66 7.78 -4.24
C4' AF2 A 6 -4.62 6.38 -6.10
O4' AF2 A 6 -4.05 5.07 -6.06
C5' AF2 A 6 -3.64 7.34 -6.81
O5' AF2 A 6 -2.30 7.15 -6.34
H2 AF2 A 6 -6.23 0.62 -1.86
H8 AF2 A 6 -1.89 4.22 -4.99
H5' AF2 A 6 -3.96 8.36 -6.66
H5'A AF2 A 6 -3.69 7.13 -7.89
H1' AF2 A 6 -5.57 3.73 -5.54
H2' AF2 A 6 -4.95 5.11 -3.15
H3' AF2 A 6 -3.85 6.82 -4.18
H4' AF2 A 6 -5.57 6.36 -6.61
HN6 AF2 A 6 -1.04 0.38 -2.01
HN6A AF2 A 6 -2.14 -0.68 -1.11
P TAF A 7 -5.70 8.31 -2.71
OP1 TAF A 7 -6.53 9.52 -2.60
OP2 TAF A 7 -4.29 8.35 -2.23
O5' TAF A 7 -6.47 7.16 -1.89
N1 TAF A 7 -5.89 3.63 0.11
C6 TAF A 7 -4.80 4.28 -0.46
C2 TAF A 7 -5.69 2.51 0.94
O2 TAF A 7 -6.61 1.94 1.52
N3 TAF A 7 -4.41 2.07 1.11
C4 TAF A 7 -3.27 2.69 0.59
O4 TAF A 7 -2.17 2.22 0.87
C5 TAF A 7 -3.54 3.86 -0.23
C5M TAF A 7 -2.38 4.66 -0.81
F2' TAF A 7 -6.24 6.22 0.99
C2' TAF A 7 -7.38 5.44 0.94
C5' TAF A 7 -7.85 6.88 -2.14
C4' TAF A 7 -8.40 5.76 -1.24
O4' TAF A 7 -7.58 4.60 -1.27
C1' TAF A 7 -7.25 4.21 0.05
C3' TAF A 7 -8.47 6.21 0.22
O3' TAF A 7 -9.76 6.14 0.83
H6 TAF A 7 -5.00 5.16 -1.05
H3 TAF A 7 -4.27 1.26 1.69
H71 TAF A 7 -1.73 4.00 -1.37
H72 TAF A 7 -1.80 5.09 0.01
H73 TAF A 7 -2.74 5.47 -1.46
H2' TAF A 7 -7.65 5.16 1.94
H5' TAF A 7 -8.43 7.78 -1.97
H5'' TAF A 7 -7.98 6.61 -3.18
H4' TAF A 7 -9.40 5.50 -1.58
H1' TAF A 7 -7.97 3.47 0.40
H3' TAF A 7 -8.15 7.23 0.23
P UFT A 8 -10.07 7.01 2.17
OP1 UFT A 8 -11.52 7.16 2.35
OP2 UFT A 8 -9.20 8.22 2.08
O5' UFT A 8 -9.53 6.03 3.34
N1 UFT A 8 -5.77 3.20 4.60
C6 UFT A 8 -5.22 4.22 3.85
C2 UFT A 8 -4.96 2.20 5.14
O2 UFT A 8 -5.38 1.27 5.81
N3 UFT A 8 -3.61 2.30 4.89
C4 UFT A 8 -2.97 3.28 4.18
O4 UFT A 8 -1.75 3.26 4.07
C5 UFT A 8 -3.87 4.28 3.63
F2' UFT A 8 -7.40 3.07 7.15
C2' UFT A 8 -7.51 4.02 6.16
C5' UFT A 8 -10.14 4.77 3.60
C4' UFT A 8 -9.27 3.90 4.51
O4' UFT A 8 -8.02 3.65 3.90
C1' UFT A 8 -7.21 3.16 4.94
C3' UFT A 8 -8.90 4.58 5.82
O3' UFT A 8 -9.88 4.49 6.86
H6 UFT A 8 -5.87 4.97 3.43
H5 UFT A 8 -3.45 5.08 3.04
H2' UFT A 8 -6.79 4.83 6.29
H5' UFT A 8 -11.12 4.93 4.06
H5'A UFT A 8 -10.29 4.23 2.66
H4' UFT A 8 -9.78 2.96 4.72
H1' UFT A 8 -7.50 2.14 5.20
H3' UFT A 8 -8.75 5.64 5.60
HN3 UFT A 8 -3.02 1.59 5.34
P CFL A 9 -9.82 5.40 8.18
O1P CFL A 9 -11.16 5.34 8.77
O2P CFL A 9 -9.38 6.73 7.70
O5' CFL A 9 -8.72 4.77 9.18
C5' CFL A 9 -8.93 3.48 9.76
C4' CFL A 9 -7.79 2.94 10.65
O4' CFL A 9 -6.64 2.57 9.91
C3' CFL A 9 -7.37 3.94 11.72
O3' CFL A 9 -7.53 3.47 13.06
C2' CFL A 9 -5.94 4.33 11.33
C1' CFL A 9 -5.48 3.10 10.55
N1 CFL A 9 -4.40 3.34 9.54
C2 CFL A 9 -3.16 2.70 9.69
O2 CFL A 9 -2.93 1.92 10.61
N3 CFL A 9 -2.14 2.96 8.82
C4 CFL A 9 -2.35 3.82 7.84
N4 CFL A 9 -1.34 4.03 7.03
C5 CFL A 9 -3.61 4.45 7.60
C6 CFL A 9 -4.61 4.18 8.47
F CFL A 9 -5.98 5.45 10.55
H5'1 CFL A 9 -9.84 3.54 10.39
H5'2 CFL A 9 -9.13 2.75 8.97
H4' CFL A 9 -8.16 2.04 11.14
H3' CFL A 9 -7.98 4.82 11.60
H2' CFL A 9 -5.29 4.53 12.18
H1' CFL A 9 -5.09 2.43 11.30
HN41 CFL A 9 -0.45 3.58 7.24
HN42 CFL A 9 -1.45 4.62 6.22
H5 CFL A 9 -3.78 5.12 6.78
H6 CFL A 9 -5.59 4.61 8.35
F GF2 A 10 -0.50 4.26 15.05
P GF2 A 10 -7.34 4.44 14.35
N1 GF2 A 10 2.25 4.40 10.51
C2 GF2 A 10 2.05 3.70 11.67
N2 GF2 A 10 3.08 3.14 12.25
N3 GF2 A 10 0.88 3.62 12.29
C4 GF2 A 10 -0.10 4.37 11.69
C5 GF2 A 10 0.01 5.12 10.54
C6 GF2 A 10 1.28 5.13 9.85
O6 GF2 A 10 1.62 5.70 8.83
N7 GF2 A 10 -1.19 5.82 10.32
C8 GF2 A 10 -1.96 5.44 11.31
N9 GF2 A 10 -1.38 4.53 12.16
C1' GF2 A 10 -1.90 3.88 13.37
OP2 GF2 A 10 -7.66 5.81 13.89
C2' GF2 A 10 -1.73 4.70 14.64
OP1 GF2 A 10 -8.02 3.87 15.52
C3' GF2 A 10 -2.95 4.30 15.47
O3' GF2 A 10 -2.66 3.99 16.83
C4' GF2 A 10 -3.60 3.20 14.65
O4' GF2 A 10 -3.28 3.55 13.31
C5' GF2 A 10 -5.12 3.12 14.87
O5' GF2 A 10 -5.76 4.36 14.59
HN1 GF2 A 10 3.20 4.43 10.13
HN2 GF2 A 10 2.90 2.70 13.13
HN2A GF2 A 10 4.03 3.27 11.88
H8 GF2 A 10 -2.98 5.78 11.44
H1' GF2 A 10 -1.30 2.99 13.53
H2' GF2 A 10 -1.76 5.78 14.47
H3' GF2 A 10 -3.62 5.15 15.45
H4' GF2 A 10 -3.16 2.23 14.90
H5' GF2 A 10 -5.33 2.85 15.91
H5'A GF2 A 10 -5.52 2.34 14.22
P CFL A 11 -2.21 5.14 17.87
O1P CFL A 11 -2.56 4.59 19.20
O2P CFL A 11 -2.97 6.33 17.45
O5' CFL A 11 -0.62 5.39 17.74
C5' CFL A 11 0.33 4.39 18.11
C4' CFL A 11 1.80 4.64 17.73
O4' CFL A 11 2.01 4.66 16.33
C3' CFL A 11 2.49 5.90 18.29
O3' CFL A 11 3.79 5.52 18.80
C2' CFL A 11 2.53 6.84 17.09
C1' CFL A 11 2.78 5.80 15.99
N1 CFL A 11 2.45 6.29 14.63
C2 CFL A 11 3.47 6.42 13.69
O2 CFL A 11 4.61 6.06 13.92
N3 CFL A 11 3.21 6.99 12.48
C4 CFL A 11 1.97 7.39 12.20
N4 CFL A 11 1.80 7.94 11.03
C5 CFL A 11 0.89 7.20 13.10
C6 CFL A 11 1.17 6.66 14.31
F CFL A 11 1.35 7.54 16.94
H5'1 CFL A 11 0.27 4.24 19.19
H5'2 CFL A 11 0.04 3.45 17.63
H4' CFL A 11 2.35 3.78 18.11
H3' CFL A 11 1.86 6.36 19.04
H2' CFL A 11 3.33 7.58 17.12
H1' CFL A 11 3.86 5.58 16.03
HN41 CFL A 11 2.63 8.06 10.44
HN42 CFL A 11 0.90 8.24 10.73
H5 CFL A 11 -0.12 7.46 12.84
H6 CFL A 11 0.41 6.52 15.08
F GF2 A 12 5.30 11.71 17.12
P GF2 A 12 5.03 6.55 19.05
N1 GF2 A 12 5.44 11.46 10.56
C2 GF2 A 12 6.50 11.30 11.36
N2 GF2 A 12 7.66 11.42 10.76
N3 GF2 A 12 6.46 10.92 12.63
C4 GF2 A 12 5.19 10.65 13.06
C5 GF2 A 12 4.02 10.77 12.32
C6 GF2 A 12 4.13 11.23 10.95
O6 GF2 A 12 3.27 11.42 10.09
N7 GF2 A 12 2.93 10.38 13.09
C8 GF2 A 12 3.45 10.03 14.24
N9 GF2 A 12 4.82 10.22 14.31
C1' GF2 A 12 5.80 10.02 15.42
OP2 GF2 A 12 4.48 7.85 19.49
C2' GF2 A 12 5.42 10.36 16.87
OP1 GF2 A 12 6.05 5.86 19.85
C3' GF2 A 12 6.58 9.71 17.64
O3' GF2 A 12 7.68 10.61 17.77
C4' GF2 A 12 7.00 8.56 16.69
O4' GF2 A 12 6.21 8.67 15.51
C5' GF2 A 12 6.91 7.14 17.26
O5' GF2 A 12 5.58 6.72 17.54
HN1 GF2 A 12 5.61 11.77 9.61
HN2 GF2 A 12 8.47 11.20 11.30
HN2A GF2 A 12 7.64 11.48 9.75
H8 GF2 A 12 2.83 9.62 15.02
H1' GF2 A 12 6.67 10.64 15.19
H2' GF2 A 12 4.52 9.84 17.20
H3' GF2 A 12 6.23 9.35 18.60
HO3' GF2 A 12 7.37 11.41 18.21
H4' GF2 A 12 8.04 8.73 16.41
H5' GF2 A 12 7.54 7.06 18.15
H5'A GF2 A 12 7.31 6.46 16.50
N1 CFZ B 1 8.12 12.55 6.26
C2 CFZ B 1 7.78 12.67 7.62
O2 CFZ B 1 8.58 13.12 8.45
N3 CFZ B 1 6.52 12.28 8.01
C4 CFZ B 1 5.62 11.87 7.09
N4 CFZ B 1 4.39 11.56 7.48
C5 CFZ B 1 5.95 11.81 5.71
C6 CFZ B 1 7.20 12.15 5.33
C1' CFZ B 1 9.52 12.78 5.80
C2' CFZ B 1 10.36 11.51 5.72
F2' CFZ B 1 11.02 11.57 6.93
C3' CFZ B 1 11.08 11.65 4.38
O3' CFZ B 1 12.38 11.06 4.32
C4' CFZ B 1 10.98 13.15 4.13
O4' CFZ B 1 9.64 13.41 4.54
C5' CFZ B 1 11.20 13.57 2.67
O5' CFZ B 1 10.14 13.12 1.86
HN4 CFZ B 1 4.10 11.58 8.46
HN4A CFZ B 1 3.76 11.21 6.79
H5 CFZ B 1 5.26 11.53 4.95
H6 CFZ B 1 7.48 12.10 4.28
H1' CFZ B 1 9.99 13.42 6.52
H2' CFZ B 1 9.73 10.61 5.69
H3' CFZ B 1 10.47 11.18 3.61
H4' CFZ B 1 11.70 13.67 4.77
H5' CFZ B 1 12.15 13.17 2.30
H5'A CFZ B 1 11.25 14.67 2.63
HO5' CFZ B 1 9.32 13.39 2.29
F GF2 B 2 10.91 6.10 9.76
P GF2 B 2 12.55 9.48 4.05
N1 GF2 B 2 5.60 7.52 11.05
C2 GF2 B 2 6.85 7.20 11.51
N2 GF2 B 2 6.95 6.60 12.67
N3 GF2 B 2 7.98 7.42 10.83
C4 GF2 B 2 7.75 7.97 9.61
C5 GF2 B 2 6.54 8.31 9.05
C6 GF2 B 2 5.35 8.09 9.83
O6 GF2 B 2 4.17 8.34 9.55
N7 GF2 B 2 6.74 8.83 7.77
C8 GF2 B 2 8.03 8.77 7.60
N9 GF2 B 2 8.71 8.26 8.68
C1' GF2 B 2 10.15 8.02 8.86
OP2 GF2 B 2 11.62 9.04 3.01
C2' GF2 B 2 10.56 6.59 8.53
OP1 GF2 B 2 13.98 9.09 3.93
C3' GF2 B 2 11.64 6.75 7.46
O3' GF2 B 2 12.63 5.72 7.45
C4' GF2 B 2 12.11 8.17 7.75
O4' GF2 B 2 10.89 8.86 8.00
C5' GF2 B 2 12.85 8.83 6.59
O5' GF2 B 2 12.08 8.77 5.41
HN1 GF2 B 2 4.80 7.29 11.62
HN2 GF2 B 2 7.86 6.37 12.99
HN2A GF2 B 2 6.10 6.38 13.21
H8 GF2 B 2 8.53 9.07 6.69
H1' GF2 B 2 10.43 8.19 9.91
H2' GF2 B 2 9.72 6.03 8.12
H3' GF2 B 2 11.14 6.77 6.49
H4' GF2 B 2 12.74 8.18 8.64
H5' GF2 B 2 13.80 8.33 6.45
H5'A GF2 B 2 13.06 9.88 6.85
P CFZ B 3 12.32 4.26 6.83
N1 CFZ B 3 7.18 3.89 9.70
C2 CFZ B 3 5.89 3.97 10.22
O2 CFZ B 3 5.61 3.48 11.31
N3 CFZ B 3 4.91 4.60 9.52
C4 CFZ B 3 5.19 5.09 8.32
N4 CFZ B 3 4.20 5.67 7.69
C5 CFZ B 3 6.50 5.00 7.74
C6 CFZ B 3 7.46 4.38 8.46
C1' CFZ B 3 8.23 3.18 10.49
O1P CFZ B 3 13.55 3.45 6.88
C2' CFZ B 3 8.27 1.71 10.15
F2' CFZ B 3 8.12 1.07 11.36
O2P CFZ B 3 11.69 4.49 5.52
C3' CFZ B 3 9.59 1.53 9.38
O3' CFZ B 3 10.17 0.24 9.50
C4' CFZ B 3 10.42 2.66 9.97
O4' CFZ B 3 9.49 3.72 10.14
C5' CFZ B 3 11.62 3.08 9.10
O5' CFZ B 3 11.24 3.53 7.80
HN4 CFZ B 3 3.29 5.72 8.14
HN4A CFZ B 3 4.37 6.11 6.80
H5 CFZ B 3 6.72 5.39 6.76
H6 CFZ B 3 8.47 4.26 8.09
H1' CFZ B 3 7.99 3.20 11.53
H2' CFZ B 3 7.38 1.50 9.58
H3' CFZ B 3 9.42 1.77 8.32
H4' CFZ B 3 10.78 2.35 10.94
H5' CFZ B 3 12.30 2.24 9.00
H5'A CFZ B 3 12.15 3.88 9.61
F GF2 B 4 3.40 -2.65 11.44
P GF2 B 4 9.63 -1.01 8.64
N1 GF2 B 4 0.34 1.66 9.24
C2 GF2 B 4 0.50 0.79 10.28
N2 GF2 B 4 -0.57 0.53 11.00
N3 GF2 B 4 1.64 0.22 10.63
C4 GF2 B 4 2.69 0.59 9.82
C5 GF2 B 4 2.63 1.45 8.74
C6 GF2 B 4 1.36 2.03 8.39
O6 GF2 B 4 1.07 2.79 7.47
N7 GF2 B 4 3.90 1.59 8.16
C8 GF2 B 4 4.66 0.81 8.88
N9 GF2 B 4 4.00 0.18 9.91
C1' GF2 B 4 4.55 -0.82 10.85
OP2 GF2 B 4 9.56 -0.49 7.25
C2' GF2 B 4 4.21 -2.23 10.41
OP1 GF2 B 4 10.54 -2.15 8.92
C3' GF2 B 4 5.56 -2.91 10.17
O3' GF2 B 4 5.56 -4.31 10.49
C4' GF2 B 4 6.52 -2.02 10.96
O4' GF2 B 4 5.97 -0.72 10.81
C5' GF2 B 4 7.98 -2.00 10.47
O5' GF2 B 4 8.16 -1.35 9.20
HN1 GF2 B 4 -0.58 2.06 9.07
HN2 GF2 B 4 -0.45 -0.07 11.79
HN2A GF2 B 4 -1.46 1.01 10.82
H8 GF2 B 4 5.71 0.66 8.71
H1' GF2 B 4 4.16 -0.66 11.85
H2' GF2 B 4 3.65 -2.23 9.49
H3' GF2 B 4 5.83 -2.80 9.12
H4' GF2 B 4 6.49 -2.31 12.01
H5' GF2 B 4 8.34 -3.02 10.40
H5'A GF2 B 4 8.58 -1.47 11.21
F AF2 B 5 -1.98 -4.67 9.48
P AF2 B 5 4.79 -5.40 9.56
N1 AF2 B 5 -2.07 0.40 6.31
C2 AF2 B 5 -2.67 -0.38 7.21
N3 AF2 B 5 -2.12 -1.31 7.98
C4 AF2 B 5 -0.78 -1.42 7.76
C5 AF2 B 5 -0.03 -0.69 6.86
C6 AF2 B 5 -0.75 0.26 6.12
N6 AF2 B 5 -0.24 1.10 5.23
N7 AF2 B 5 1.31 -1.10 6.90
C8 AF2 B 5 1.32 -2.04 7.80
N9 AF2 B 5 0.09 -2.27 8.39
C1' AF2 B 5 -0.23 -3.27 9.45
OP2 AF2 B 5 5.15 -5.22 8.14
C2' AF2 B 5 -0.76 -4.56 8.85
OP1 AF2 B 5 4.92 -6.76 10.09
C3' AF2 B 5 0.31 -5.61 9.16
O3' AF2 B 5 -0.16 -6.96 9.22
C4' AF2 B 5 0.95 -5.00 10.40
O4' AF2 B 5 0.98 -3.61 10.11
C5' AF2 B 5 2.38 -5.50 10.66
O5' AF2 B 5 3.23 -5.11 9.57
H2 AF2 B 5 -3.74 -0.25 7.29
H8 AF2 B 5 2.20 -2.60 8.07
H5' AF2 B 5 2.38 -6.57 10.77
H5'A AF2 B 5 2.75 -5.04 11.58
H1' AF2 B 5 -0.98 -2.88 10.13
H2' AF2 B 5 -0.90 -4.47 7.77
H3' AF2 B 5 1.06 -5.55 8.36
H4' AF2 B 5 0.32 -5.20 11.28
HN6 AF2 B 5 0.77 1.12 5.13
HN6A AF2 B 5 -0.82 1.81 4.81
F AF2 B 6 -6.25 -4.59 5.72
P AF2 B 6 -0.43 -7.80 7.86
N1 AF2 B 6 -4.02 -0.18 2.85
C2 AF2 B 6 -5.03 -0.79 3.47
N3 AF2 B 6 -4.96 -1.81 4.32
C4 AF2 B 6 -3.69 -2.25 4.51
C5 AF2 B 6 -2.56 -1.74 3.92
C6 AF2 B 6 -2.78 -0.63 3.08
N6 AF2 B 6 -1.80 0.02 2.47
N7 AF2 B 6 -1.43 -2.45 4.30
C8 AF2 B 6 -1.91 -3.35 5.12
N9 AF2 B 6 -3.27 -3.27 5.31
C1' AF2 B 6 -4.11 -4.09 6.20
OP2 AF2 B 6 0.72 -7.59 6.96
C2' AF2 B 6 -4.98 -5.06 5.43
OP1 AF2 B 6 -0.89 -9.18 8.11
C3' AF2 B 6 -4.55 -6.43 5.94
O3' AF2 B 6 -5.59 -7.40 5.89
C4' AF2 B 6 -3.97 -6.10 7.30
O4' AF2 B 6 -3.28 -4.89 7.01
C5' AF2 B 6 -2.99 -7.15 7.86
O5' AF2 B 6 -1.73 -7.12 7.19
H2 AF2 B 6 -6.03 -0.44 3.21
H8 AF2 B 6 -1.30 -4.10 5.59
H5' AF2 B 6 -3.45 -8.13 7.81
H5'A AF2 B 6 -2.83 -6.93 8.92
H1' AF2 B 6 -4.77 -3.46 6.80
H2' AF2 B 6 -4.78 -5.03 4.36
H3' AF2 B 6 -3.72 -6.77 5.32
H4' AF2 B 6 -4.78 -5.92 8.01
HN6 AF2 B 6 -0.86 -0.28 2.65
HN6A AF2 B 6 -2.00 0.82 1.87
P TAF B 7 -5.99 -8.10 4.48
OP1 TAF B 7 -7.01 -9.12 4.77
OP2 TAF B 7 -4.69 -8.49 3.88
O5' TAF B 7 -6.67 -6.92 3.59
N1 TAF B 7 -5.94 -3.15 1.36
C6 TAF B 7 -4.85 -3.94 1.67
C2 TAF B 7 -5.80 -2.05 0.51
O2 TAF B 7 -6.75 -1.36 0.16
N3 TAF B 7 -4.54 -1.78 0.05
C4 TAF B 7 -3.40 -2.51 0.32
O4 TAF B 7 -2.34 -2.14 -0.17
C5 TAF B 7 -3.60 -3.67 1.19
C5M TAF B 7 -2.45 -4.58 1.56
F2' TAF B 7 -6.98 -5.24 0.12
C2' TAF B 7 -7.94 -4.50 0.80
C5' TAF B 7 -7.95 -6.40 3.91
C4' TAF B 7 -8.37 -5.14 3.10
O4' TAF B 7 -7.30 -4.21 3.05
C1' TAF B 7 -7.30 -3.54 1.80
C3' TAF B 7 -8.82 -5.42 1.65
O3' TAF B 7 -10.23 -5.21 1.44
H6 TAF B 7 -5.01 -4.82 2.29
H3 TAF B 7 -4.44 -0.98 -0.56
H71 TAF B 7 -2.74 -5.28 2.34
H72 TAF B 7 -1.61 -3.96 1.91
H73 TAF B 7 -2.12 -5.12 0.67
H2' TAF B 7 -8.50 -3.87 0.12
H5' TAF B 7 -8.71 -7.17 3.77
H5'' TAF B 7 -7.97 -6.12 4.96
H4' TAF B 7 -9.21 -4.67 3.61
H1' TAF B 7 -7.93 -2.64 1.86
H3' TAF B 7 -8.58 -6.47 1.42
P UFT B 8 -10.98 -5.79 0.12
OP1 UFT B 8 -12.45 -5.71 0.23
OP2 UFT B 8 -10.44 -7.11 -0.25
O5' UFT B 8 -10.62 -4.87 -1.13
N1 UFT B 8 -7.04 -2.44 -3.15
C6 UFT B 8 -6.49 -3.56 -2.57
C2 UFT B 8 -6.24 -1.57 -3.90
O2 UFT B 8 -6.67 -0.59 -4.49
N3 UFT B 8 -4.90 -1.85 -3.96
C4 UFT B 8 -4.27 -2.92 -3.37
O4 UFT B 8 -3.06 -3.08 -3.51
C5 UFT B 8 -5.16 -3.81 -2.65
F2' UFT B 8 -9.19 -1.91 -5.28
C2' UFT B 8 -9.11 -2.93 -4.36
C5' UFT B 8 -11.27 -3.63 -1.37
C4' UFT B 8 -10.52 -2.85 -2.45
O4' UFT B 8 -9.17 -2.71 -2.04
C1' UFT B 8 -8.51 -2.20 -3.18
C3' UFT B 8 -10.41 -3.54 -3.81
O3' UFT B 8 -11.52 -3.49 -4.72
H6 UFT B 8 -7.14 -4.24 -2.03
H5 UFT B 8 -4.74 -4.69 -2.17
H2' UFT B 8 -8.47 -3.73 -4.74
H5' UFT B 8 -12.30 -3.80 -1.66
H5'A UFT B 8 -11.26 -3.04 -0.44
H4' UFT B 8 -10.99 -1.87 -2.57
H1' UFT B 8 -8.70 -1.14 -3.27
H3' UFT B 8 -10.20 -4.60 -3.61
HN3 UFT B 8 -4.32 -1.22 -4.51
P CFL B 9 -11.48 -4.24 -6.15
O1P CFL B 9 -12.80 -4.30 -6.79
O2P CFL B 9 -10.75 -5.52 -6.03
O5' CFL B 9 -10.60 -3.39 -7.20
C5' CFL B 9 -11.00 -2.09 -7.62
C4' CFL B 9 -9.97 -1.42 -8.57
O4' CFL B 9 -8.70 -1.27 -7.94
C3' CFL B 9 -9.79 -2.20 -9.88
O3' CFL B 9 -10.18 -1.49 -11.06
C2' CFL B 9 -8.33 -2.63 -9.84
C1' CFL B 9 -7.67 -1.67 -8.83
N1 CFL B 9 -6.50 -2.25 -8.11
C2 CFL B 9 -5.20 -1.91 -8.52
O2 CFL B 9 -5.02 -1.08 -9.42
N3 CFL B 9 -4.12 -2.47 -7.93
C4 CFL B 9 -4.29 -3.38 -7.00
N4 CFL B 9 -3.20 -3.87 -6.46
C5 CFL B 9 -5.58 -3.78 -6.52
C6 CFL B 9 -6.66 -3.19 -7.11
F CFL B 9 -8.25 -3.91 -9.34
H5'1 CFL B 9 -11.95 -2.15 -8.13
H5'2 CFL B 9 -11.12 -1.45 -6.74
H4' CFL B 9 -10.34 -0.42 -8.81
H3' CFL B 9 -10.37 -3.11 -9.82
H2' CFL B 9 -7.84 -2.58 -10.80
H1' CFL B 9 -7.32 -0.82 -9.39
HN41 CFL B 9 -2.30 -3.55 -6.83
HN42 CFL B 9 -3.25 -4.46 -5.65
H5 CFL B 9 -5.72 -4.52 -5.76
H6 CFL B 9 -7.67 -3.46 -6.84
F GF2 B 10 -4.06 -3.07 -14.86
P GF2 B 10 -10.43 -2.27 -12.48
N1 GF2 B 10 -0.61 -4.30 -11.00
C2 GF2 B 10 -0.86 -3.49 -12.06
N2 GF2 B 10 0.15 -3.12 -12.81
N3 GF2 B 10 -2.07 -3.10 -12.43
C4 GF2 B 10 -3.06 -3.65 -11.67
C5 GF2 B 10 -2.92 -4.50 -10.60
C6 GF2 B 10 -1.59 -4.85 -10.19
O6 GF2 B 10 -1.20 -5.58 -9.27
N7 GF2 B 10 -4.19 -4.91 -10.15
C8 GF2 B 10 -5.02 -4.28 -10.93
N9 GF2 B 10 -4.41 -3.47 -11.87
C1' GF2 B 10 -4.99 -2.59 -12.92
OP2 GF2 B 10 -10.87 -3.64 -12.17
C2' GF2 B 10 -5.27 -3.29 -14.23
OP1 GF2 B 10 -11.22 -1.45 -13.42
C3' GF2 B 10 -6.50 -2.56 -14.78
O3' GF2 B 10 -6.39 -2.15 -16.14
C4' GF2 B 10 -6.77 -1.48 -13.73
O4' GF2 B 10 -6.21 -2.00 -12.53
C5' GF2 B 10 -8.26 -1.19 -13.52
O5' GF2 B 10 -8.95 -2.36 -13.10
HN1 GF2 B 10 0.36 -4.59 -10.81
HN2 GF2 B 10 -0.08 -2.57 -13.62
HN2A GF2 B 10 1.10 -3.45 -12.63
H8 GF2 B 10 -6.10 -4.37 -10.86
H1' GF2 B 10 -4.25 -1.83 -13.12
H2' GF2 B 10 -5.50 -4.34 -14.12
H3' GF2 B 10 -7.33 -3.28 -14.72
H4' GF2 B 10 -6.25 -0.56 -14.02
H5' GF2 B 10 -8.70 -0.81 -14.44
H5'A GF2 B 10 -8.35 -0.42 -12.75
P CFL B 11 -6.29 -3.22 -17.36
O1P CFL B 11 -6.55 -2.55 -18.65
O2P CFL B 11 -7.13 -4.40 -17.05
O5' CFL B 11 -4.80 -3.82 -17.48
C5' CFL B 11 -3.70 -3.02 -17.92
C4' CFL B 11 -2.29 -3.66 -17.82
O4' CFL B 11 -1.91 -3.94 -16.48
C3' CFL B 11 -2.07 -4.98 -18.58
O3' CFL B 11 -0.75 -4.96 -19.18
C2' CFL B 11 -2.24 -6.04 -17.53
C1' CFL B 11 -1.50 -5.30 -16.41
N1 CFL B 11 -1.72 -5.87 -15.06
C2 CFL B 11 -0.64 -6.39 -14.35
O2 CFL B 11 0.49 -6.38 -14.81
N3 CFL B 11 -0.83 -6.97 -13.14
C4 CFL B 11 -2.05 -7.02 -12.64
N4 CFL B 11 -2.17 -7.58 -11.46
C5 CFL B 11 -3.19 -6.48 -13.31
C6 CFL B 11 -2.98 -5.92 -14.53
F CFL B 11 -3.57 -6.33 -17.27
H5'1 CFL B 11 -3.87 -2.72 -18.95
H5'2 CFL B 11 -3.67 -2.11 -17.31
H4' CFL B 11 -1.59 -2.92 -18.21
H3' CFL B 11 -2.86 -5.13 -19.31
H2' CFL B 11 -1.76 -6.98 -17.76
H1' CFL B 11 -0.43 -5.40 -16.64
HN41 CFL B 11 -1.30 -7.91 -11.02
HN42 CFL B 11 -3.05 -7.63 -10.99
H5 CFL B 11 -4.18 -6.50 -12.87
H6 CFL B 11 -3.78 -5.49 -15.14
F GF2 B 12 -1.52 -11.17 -18.04
P GF2 B 12 -0.10 -6.24 -19.95
N1 GF2 B 12 0.41 -11.55 -11.78
C2 GF2 B 12 1.30 -11.48 -12.79
N2 GF2 B 12 2.43 -12.11 -12.63
N3 GF2 B 12 1.07 -10.96 -13.98
C4 GF2 B 12 -0.20 -10.48 -14.10
C5 GF2 B 12 -1.21 -10.51 -13.16
C6 GF2 B 12 -0.89 -11.08 -11.86
O6 GF2 B 12 -1.59 -11.25 -10.87
N7 GF2 B 12 -2.38 -10.01 -13.72
C8 GF2 B 12 -2.05 -9.69 -14.95
N9 GF2 B 12 -0.73 -9.95 -15.25
C1' GF2 B 12 0.02 -10.05 -16.53
OP2 GF2 B 12 -1.21 -6.94 -20.63
C2' GF2 B 12 -0.69 -10.08 -17.87
OP1 GF2 B 12 1.09 -5.77 -20.69
C3' GF2 B 12 0.59 -10.22 -18.71
O3' GF2 B 12 1.10 -11.53 -18.47
C4' GF2 B 12 1.53 -9.22 -18.02
O4' GF2 B 12 1.03 -9.07 -16.69
C5' GF2 B 12 1.63 -7.85 -18.71
O5' GF2 B 12 0.39 -7.17 -18.72
HN1 GF2 B 12 0.75 -11.90 -10.89
HN2 GF2 B 12 3.03 -12.12 -13.44
HN2A GF2 B 12 2.52 -12.71 -11.85
H8 GF2 B 12 -2.75 -9.30 -15.66
H1' GF2 B 12 0.51 -11.02 -16.44
H2' GF2 B 12 -1.20 -9.14 -18.11
H3' GF2 B 12 0.45 -10.13 -19.78
HO3' GF2 B 12 1.99 -11.59 -18.83
H4' GF2 B 12 2.52 -9.67 -17.97
H5' GF2 B 12 1.98 -8.01 -19.74
H5'A GF2 B 12 2.38 -7.24 -18.19
N1 CFZ A 1 5.11 -12.69 -8.35
C2 CFZ A 1 4.33 -12.26 -9.44
O2 CFZ A 1 4.85 -12.04 -10.55
N3 CFZ A 1 2.98 -12.01 -9.24
C4 CFZ A 1 2.47 -12.04 -8.00
N4 CFZ A 1 1.20 -11.72 -7.80
C5 CFZ A 1 3.28 -12.39 -6.87
C6 CFZ A 1 4.58 -12.71 -7.09
C1' CFZ A 1 6.48 -13.21 -8.58
C2' CFZ A 1 7.54 -12.13 -8.83
F2' CFZ A 1 7.69 -12.22 -10.19
C3' CFZ A 1 8.66 -12.51 -7.86
O3' CFZ A 1 9.97 -12.16 -8.26
C4' CFZ A 1 8.40 -13.99 -7.64
O4' CFZ A 1 6.98 -14.00 -7.51
C5' CFZ A 1 9.10 -14.59 -6.41
O5' CFZ A 1 8.75 -13.94 -5.20
HN4 CFZ A 1 0.59 -11.42 -8.54
HN4A CFZ A 1 0.86 -11.71 -6.85
H5 CFZ A 1 2.91 -12.43 -5.87
H6 CFZ A 1 5.21 -13.00 -6.25
H1' CFZ A 1 6.46 -13.84 -9.46
H2' CFZ A 1 7.15 -11.14 -8.56
H3' CFZ A 1 8.46 -12.02 -6.91
H4' CFZ A 1 8.70 -14.55 -8.53
H5' CFZ A 1 10.19 -14.53 -6.55
H5'A CFZ A 1 8.82 -15.64 -6.33
HO5' CFZ A 1 9.15 -13.05 -5.19
F GF2 A 2 7.96 -6.64 -12.88
P GF2 A 2 10.51 -10.66 -8.04
N1 GF2 A 2 2.09 -7.72 -12.58
C2 GF2 A 2 3.14 -7.43 -13.39
N2 GF2 A 2 2.87 -6.92 -14.57
N3 GF2 A 2 4.42 -7.65 -13.08
C4 GF2 A 2 4.57 -8.16 -11.82
C5 GF2 A 2 3.57 -8.46 -10.91
C6 GF2 A 2 2.21 -8.21 -11.30
O6 GF2 A 2 1.17 -8.38 -10.67
N7 GF2 A 2 4.14 -8.95 -9.73
C8 GF2 A 2 5.42 -8.92 -9.96
N9 GF2 A 2 5.76 -8.50 -11.22
C1' GF2 A 2 7.08 -8.46 -11.87
OP2 GF2 A 2 10.03 -10.16 -6.74
C2' GF2 A 2 7.83 -7.16 -11.61
OP1 GF2 A 2 11.95 -10.56 -8.37
C3' GF2 A 2 9.10 -7.59 -10.86
O3' GF2 A 2 10.23 -6.74 -11.06
C4' GF2 A 2 9.21 -9.02 -11.37
O4' GF2 A 2 7.87 -9.49 -11.32
C5' GF2 A 2 10.11 -9.91 -10.52
O5' GF2 A 2 9.75 -9.81 -9.16
HN1 GF2 A 2 1.15 -7.51 -12.90
HN2 GF2 A 2 3.64 -6.70 -15.17
HN2A GF2 A 2 1.90 -6.82 -14.87
H8 GF2 A 2 6.17 -9.23 -9.24
H1' GF2 A 2 6.97 -8.54 -12.95
H2' GF2 A 2 7.26 -6.49 -10.98
H3' GF2 A 2 8.87 -7.62 -9.80
H4' GF2 A 2 9.56 -9.02 -12.40
H5' GF2 A 2 11.14 -9.59 -10.67
H5'A GF2 A 2 10.01 -10.95 -10.86
P CFZ A 3 10.35 -5.26 -10.41
N1 CFZ A 3 4.88 -4.11 -11.72
C2 CFZ A 3 3.50 -4.14 -11.92
O2 CFZ A 3 3.00 -3.65 -12.93
N3 CFZ A 3 2.68 -4.70 -11.00
C4 CFZ A 3 3.22 -5.21 -9.89
N4 CFZ A 3 2.38 -5.75 -9.04
C5 CFZ A 3 4.63 -5.22 -9.65
C6 CFZ A 3 5.42 -4.64 -10.59
C1' CFZ A 3 5.74 -3.41 -12.72
O1P CFZ A 3 11.66 -4.68 -10.77
C2' CFZ A 3 6.03 -1.99 -12.30
F2' CFZ A 3 5.68 -1.21 -13.37
O2P CFZ A 3 10.00 -5.31 -8.98
C3' CFZ A 3 7.52 -2.03 -11.92
O3' CFZ A 3 8.19 -0.78 -12.03
C4' CFZ A 3 8.03 -3.13 -12.82
O4' CFZ A 3 6.98 -4.09 -12.81
C5' CFZ A 3 9.35 -3.77 -12.35
O5' CFZ A 3 9.22 -4.31 -11.04
HN4 CFZ A 3 1.38 -5.69 -9.22
HN4A CFZ A 3 2.73 -6.25 -8.24
H5 CFZ A 3 5.06 -5.66 -8.77
H6 CFZ A 3 6.50 -4.60 -10.48
H1' CFZ A 3 5.22 -3.30 -13.65
H2' CFZ A 3 5.37 -1.77 -11.51
H3' CFZ A 3 7.60 -2.40 -10.89
H4' CFZ A 3 8.15 -2.75 -13.82
H5' CFZ A 3 10.14 -3.01 -12.35
H5'A CFZ A 3 9.63 -4.56 -13.04
F GF2 A 4 1.52 2.68 -12.04
P GF2 A 4 8.07 0.32 -10.86
N1 GF2 A 4 -1.25 -1.40 -9.33
C2 GF2 A 4 -1.24 -0.56 -10.40
N2 GF2 A 4 -2.40 -0.10 -10.83
N3 GF2 A 4 -0.15 -0.11 -11.00
C4 GF2 A 4 0.99 -0.60 -10.44
C5 GF2 A 4 1.10 -1.46 -9.36
C6 GF2 A 4 -0.11 -1.89 -8.72
O6 GF2 A 4 -0.27 -2.60 -7.72
N7 GF2 A 4 2.45 -1.71 -9.09
C8 GF2 A 4 3.09 -0.99 -9.98
N9 GF2 A 4 2.27 -0.28 -10.82
C1' GF2 A 4 2.65 0.76 -11.80
OP2 GF2 A 4 8.23 -0.49 -9.61
C2' GF2 A 4 2.50 2.16 -11.22
OP1 GF2 A 4 9.01 1.41 -11.16
C3' GF2 A 4 3.91 2.75 -11.26
O3' GF2 A 4 3.89 4.15 -11.53
C4' GF2 A 4 4.62 1.85 -12.29
O4' GF2 A 4 4.02 0.59 -12.09
C5' GF2 A 4 6.15 1.69 -12.12
O5' GF2 A 4 6.54 0.88 -11.00
HN1 GF2 A 4 -2.14 -1.67 -8.91
HN2 GF2 A 4 -2.37 0.53 -11.60
HN2A GF2 A 4 -3.27 -0.37 -10.36
H8 GF2 A 4 4.16 -0.93 -10.06
H1' GF2 A 4 2.03 0.69 -12.70
H2' GF2 A 4 2.15 2.13 -10.20
H3' GF2 A 4 4.39 2.57 -10.30
H4' GF2 A 4 4.39 2.23 -13.28
H5' GF2 A 4 6.60 2.68 -12.05
H5'A GF2 A 4 6.51 1.22 -13.04
F AF2 A 5 -3.29 4.94 -8.94
P AF2 A 5 3.45 5.23 -10.41
N1 AF2 A 5 -3.28 0.06 -5.81
C2 AF2 A 5 -3.94 0.94 -6.56
N3 AF2 A 5 -3.43 1.78 -7.45
C4 AF2 A 5 -2.08 1.65 -7.57
C5 AF2 A 5 -1.28 0.81 -6.87
C6 AF2 A 5 -1.95 -0.03 -5.96
N6 AF2 A 5 -1.35 -0.95 -5.21
N7 AF2 A 5 0.07 0.98 -7.21
C8 AF2 A 5 0.02 1.94 -8.10
N9 AF2 A 5 -1.25 2.39 -8.39
C1' AF2 A 5 -1.64 3.46 -9.32
OP2 AF2 A 5 4.07 4.91 -9.11
C2' AF2 A 5 -1.96 4.75 -8.59
OP1 AF2 A 5 3.61 6.61 -10.90
C3' AF2 A 5 -0.91 5.74 -9.09
O3' AF2 A 5 -1.34 7.09 -9.05
C4' AF2 A 5 -0.53 5.14 -10.44
O4' AF2 A 5 -0.54 3.75 -10.17
C5' AF2 A 5 0.86 5.55 -10.95
O5' AF2 A 5 1.88 5.08 -10.08
H2 AF2 A 5 -5.00 1.01 -6.36
H8 AF2 A 5 0.90 2.35 -8.58
H5' AF2 A 5 0.92 6.64 -11.03
H5'A AF2 A 5 1.00 5.13 -11.94
H1' AF2 A 5 -2.52 3.17 -9.89
H2' AF2 A 5 -1.87 4.65 -7.51
H3' AF2 A 5 -0.03 5.64 -8.45
H4' AF2 A 5 -1.30 5.40 -11.18
HN6 AF2 A 5 -0.40 -1.18 -5.43
HN6A AF2 A 5 -1.93 -1.55 -4.62
F AF2 A 6 -6.79 5.01 -4.31
P AF2 A 6 -1.38 7.88 -7.63
N1 AF2 A 6 -4.29 0.43 -1.90
C2 AF2 A 6 -5.38 1.06 -2.35
N3 AF2 A 6 -5.44 2.07 -3.22
C4 AF2 A 6 -4.22 2.45 -3.65
C5 AF2 A 6 -3.01 1.91 -3.29
C6 AF2 A 6 -3.10 0.83 -2.38
N6 AF2 A 6 -2.06 0.15 -1.95
N7 AF2 A 6 -1.94 2.58 -3.90
C8 AF2 A 6 -2.54 3.47 -4.64
N9 AF2 A 6 -3.91 3.45 -4.55
C1' AF2 A 6 -4.88 4.34 -5.27
OP2 AF2 A 6 -0.11 7.60 -6.92
C2' AF2 A 6 -5.47 5.37 -4.32
OP1 AF2 A 6 -1.77 9.29 -7.83
C3' AF2 A 6 -5.05 6.72 -4.90
O3' AF2 A 6 -5.91 7.82 -4.58
C4' AF2 A 6 -4.84 6.36 -6.37
O4' AF2 A 6 -4.18 5.10 -6.24
C5' AF2 A 6 -3.94 7.33 -7.14
O5' AF2 A 6 -2.57 7.26 -6.74
H2 AF2 A 6 -6.33 0.69 -1.96
H8 AF2 A 6 -2.02 4.18 -5.26
H5' AF2 A 6 -4.32 8.35 -7.01
H5'A AF2 A 6 -4.02 7.09 -8.21
H1' AF2 A 6 -5.70 3.77 -5.69
H2' AF2 A 6 -5.04 5.24 -3.34
H3' AF2 A 6 -4.06 6.96 -4.50
H4' AF2 A 6 -5.80 6.26 -6.86
HN6 AF2 A 6 -1.17 0.33 -2.38
HN6A AF2 A 6 -2.20 -0.65 -1.32
P TAF A 7 -5.86 8.49 -3.11
OP1 TAF A 7 -6.78 9.64 -2.97
OP2 TAF A 7 -4.45 8.67 -2.73
O5' TAF A 7 -6.49 7.38 -2.14
N1 TAF A 7 -5.89 3.55 0.08
C6 TAF A 7 -4.77 4.07 -0.52
C2 TAF A 7 -5.81 2.48 0.98
O2 TAF A 7 -6.77 2.02 1.58
N3 TAF A 7 -4.55 1.95 1.20
C4 TAF A 7 -3.37 2.45 0.66
O4 TAF A 7 -2.30 1.95 1.01
C5 TAF A 7 -3.54 3.58 -0.24
C5M TAF A 7 -2.33 4.24 -0.88
F2' TAF A 7 -6.01 6.12 0.99
C2' TAF A 7 -7.25 5.50 0.89
C5' TAF A 7 -7.87 6.99 -2.28
C4' TAF A 7 -8.27 5.91 -1.27
O4' TAF A 7 -7.43 4.76 -1.35
C1' TAF A 7 -7.20 4.27 -0.02
C3' TAF A 7 -8.20 6.45 0.16
O3' TAF A 7 -9.47 6.63 0.78
H6 TAF A 7 -4.89 4.92 -1.17
H3 TAF A 7 -4.48 1.17 1.85
H71 TAF A 7 -2.62 4.90 -1.70
H72 TAF A 7 -1.66 3.47 -1.27
H73 TAF A 7 -1.80 4.81 -0.13
H2' TAF A 7 -7.60 5.23 1.87
H5' TAF A 7 -8.51 7.85 -2.12
H5'' TAF A 7 -8.07 6.63 -3.28
H4' TAF A 7 -9.30 5.60 -1.48
H1' TAF A 7 -8.00 3.59 0.27
H3' TAF A 7 -7.69 7.40 0.13
P UFT A 8 -9.63 7.60 2.06
OP1 UFT A 8 -11.05 7.98 2.25
OP2 UFT A 8 -8.60 8.65 1.95
O5' UFT A 8 -9.26 6.62 3.29
N1 UFT A 8 -6.05 3.29 4.68
C6 UFT A 8 -5.39 4.24 3.91
C2 UFT A 8 -5.35 2.24 5.27
O2 UFT A 8 -5.88 1.38 5.97
N3 UFT A 8 -3.98 2.22 5.09
C4 UFT A 8 -3.25 3.10 4.33
O4 UFT A 8 -2.04 2.99 4.24
C5 UFT A 8 -4.05 4.16 3.72
F2' UFT A 8 -7.72 3.47 7.24
C2' UFT A 8 -7.65 4.38 6.23
C5' UFT A 8 -10.10 5.51 3.62
C4' UFT A 8 -9.40 4.52 4.56
O4' UFT A 8 -8.22 4.01 3.97
C1' UFT A 8 -7.48 3.45 5.03
C3' UFT A 8 -8.88 5.19 5.82
O3' UFT A 8 -9.84 5.42 6.84
H6 UFT A 8 -5.96 5.04 3.46
H5 UFT A 8 -3.54 4.89 3.12
H2' UFT A 8 -6.79 5.05 6.35
H5' UFT A 8 -11.02 5.87 4.08
H5'A UFT A 8 -10.37 4.98 2.70
H4' UFT A 8 -10.08 3.71 4.83
H1' UFT A 8 -7.91 2.48 5.33
H3' UFT A 8 -8.49 6.16 5.51
HN3 UFT A 8 -3.48 1.50 5.58
P CFL A 9 -9.56 6.45 8.05
O1P CFL A 9 -10.86 6.70 8.71
O2P CFL A 9 -8.84 7.60 7.44
O5' CFL A 9 -8.56 5.70 9.08
C5' CFL A 9 -9.03 4.60 9.82
C4' CFL A 9 -8.05 3.93 10.80
O4' CFL A 9 -6.97 3.28 10.14
C3' CFL A 9 -7.47 4.83 11.92
O3' CFL A 9 -7.71 4.25 13.21
C2' CFL A 9 -6.00 4.95 11.52
C1' CFL A 9 -5.75 3.64 10.77
N1 CFL A 9 -4.65 3.68 9.75
C2 CFL A 9 -3.47 2.94 9.96
O2 CFL A 9 -3.33 2.22 10.94
N3 CFL A 9 -2.45 3.03 9.07
C4 CFL A 9 -2.58 3.80 8.00
N4 CFL A 9 -1.56 3.84 7.18
C5 CFL A 9 -3.78 4.53 7.72
C6 CFL A 9 -4.79 4.44 8.62
F CFL A 9 -5.82 6.00 10.67
H5'1 CFL A 9 -9.90 4.93 10.39
H5'2 CFL A 9 -9.36 3.84 9.12
H4' CFL A 9 -8.62 3.14 11.28
H3' CFL A 9 -7.92 5.81 11.85
H2' CFL A 9 -5.35 5.07 12.38
H1' CFL A 9 -5.47 2.91 11.53
HN41 CFL A 9 -0.71 3.35 7.44
HN42 CFL A 9 -1.64 4.35 6.32
H5 CFL A 9 -3.88 5.15 6.84
H6 CFL A 9 -5.73 4.98 8.49
F GF2 A 10 -0.55 4.57 15.17
P GF2 A 10 -7.36 5.01 14.62
N1 GF2 A 10 2.25 4.35 10.83
C2 GF2 A 10 1.97 3.75 12.02
N2 GF2 A 10 2.93 3.20 12.71
N3 GF2 A 10 0.77 3.75 12.58
C4 GF2 A 10 -0.15 4.50 11.89
C5 GF2 A 10 0.05 5.17 10.71
C6 GF2 A 10 1.35 5.07 10.08
O6 GF2 A 10 1.77 5.55 9.03
N7 GF2 A 10 -1.11 5.90 10.39
C8 GF2 A 10 -1.93 5.63 11.37
N9 GF2 A 10 -1.42 4.76 12.30
C1' GF2 A 10 -2.01 4.20 13.54
OP2 GF2 A 10 -7.54 6.47 14.49
C2' GF2 A 10 -1.79 5.04 14.79
OP1 GF2 A 10 -7.95 4.33 15.78
C3' GF2 A 10 -2.99 4.64 15.65
O3' GF2 A 10 -2.68 4.30 17.00
C4' GF2 A 10 -3.71 3.58 14.83
O4' GF2 A 10 -3.40 3.94 13.49
C5' GF2 A 10 -5.22 3.55 15.06
O5' GF2 A 10 -5.79 4.82 14.81
HN1 GF2 A 10 3.22 4.32 10.51
HN2 GF2 A 10 2.69 2.84 13.61
HN2A GF2 A 10 3.91 3.26 12.40
H8 GF2 A 10 -2.93 6.04 11.44
H1' GF2 A 10 -1.47 3.28 13.72
H2' GF2 A 10 -1.80 6.11 14.59
H3' GF2 A 10 -3.64 5.51 15.67
H4' GF2 A 10 -3.29 2.60 15.05
H5' GF2 A 10 -5.43 3.24 16.09
H5'A GF2 A 10 -5.66 2.82 14.37
P CFL A 11 -2.24 5.42 18.07
O1P CFL A 11 -2.39 4.84 19.41
O2P CFL A 11 -3.04 6.64 17.72
O5' CFL A 11 -0.65 5.69 17.80
C5' CFL A 11 0.31 4.69 18.17
C4' CFL A 11 1.80 4.91 17.80
O4' CFL A 11 2.01 4.92 16.40
C3' CFL A 11 2.52 6.16 18.34
O3' CFL A 11 3.86 5.79 18.73
C2' CFL A 11 2.51 7.11 17.16
C1' CFL A 11 2.79 6.07 16.08
N1 CFL A 11 2.48 6.56 14.72
C2 CFL A 11 3.53 6.70 13.81
O2 CFL A 11 4.68 6.42 14.11
N3 CFL A 11 3.29 7.18 12.56
C4 CFL A 11 2.05 7.52 12.22
N4 CFL A 11 1.90 7.96 11.00
C5 CFL A 11 0.94 7.37 13.12
C6 CFL A 11 1.21 6.90 14.36
F CFL A 11 1.30 7.78 17.01
H5'1 CFL A 11 0.25 4.56 19.25
H5'2 CFL A 11 0.01 3.75 17.71
H4' CFL A 11 2.33 4.04 18.19
H3' CFL A 11 1.93 6.62 19.13
H2' CFL A 11 3.29 7.87 17.19
H1' CFL A 11 3.86 5.86 16.14
HN41 CFL A 11 2.74 7.97 10.41
HN42 CFL A 11 1.00 8.18 10.64
H5 CFL A 11 -0.06 7.61 12.82
H6 CFL A 11 0.43 6.77 15.12
F GF2 A 12 4.93 11.95 16.77
P GF2 A 12 4.97 6.82 19.30
N1 GF2 A 12 5.36 10.97 10.41
C2 GF2 A 12 6.38 10.74 11.26
N2 GF2 A 12 7.57 10.82 10.75
N3 GF2 A 12 6.27 10.45 12.54
C4 GF2 A 12 4.96 10.40 12.94
C5 GF2 A 12 3.84 10.64 12.19
C6 GF2 A 12 4.02 10.94 10.78
O6 GF2 A 12 3.22 11.18 9.89
N7 GF2 A 12 2.71 10.57 13.03
C8 GF2 A 12 3.20 10.29 14.21
N9 GF2 A 12 4.56 10.17 14.23
C1' GF2 A 12 5.57 10.10 15.31
OP2 GF2 A 12 4.30 7.68 20.30
C2' GF2 A 12 5.26 10.60 16.71
OP1 GF2 A 12 6.11 6.04 19.82
C3' GF2 A 12 6.68 10.34 17.24
O3' GF2 A 12 7.54 11.28 16.60
C4' GF2 A 12 7.01 8.95 16.64
O4' GF2 A 12 6.14 8.83 15.51
C5' GF2 A 12 6.81 7.79 17.61
O5' GF2 A 12 5.46 7.73 18.06
HN1 GF2 A 12 5.60 11.11 9.44
HN2 GF2 A 12 8.34 10.62 11.38
HN2A GF2 A 12 7.63 11.03 9.78
H8 GF2 A 12 2.57 10.19 15.08
H1' GF2 A 12 6.36 10.75 14.94
H2' GF2 A 12 4.52 9.99 17.22
H3' GF2 A 12 6.81 10.47 18.31
HO3' GF2 A 12 8.42 11.20 16.98
H4' GF2 A 12 8.04 8.96 16.29
H5' GF2 A 12 7.47 7.94 18.47
H5'A GF2 A 12 7.08 6.84 17.12
N1 CFZ B 1 8.32 11.30 5.98
C2 CFZ B 1 8.07 11.18 7.37
O2 CFZ B 1 9.03 11.08 8.15
N3 CFZ B 1 6.76 11.17 7.81
C4 CFZ B 1 5.76 11.21 6.92
N4 CFZ B 1 4.49 11.20 7.32
C5 CFZ B 1 6.00 11.30 5.52
C6 CFZ B 1 7.28 11.34 5.09
C1' CFZ B 1 9.71 11.45 5.49
C2' CFZ B 1 10.49 10.14 5.48
F2' CFZ B 1 11.23 10.27 6.64
C3' CFZ B 1 11.16 10.16 4.10
O3' CFZ B 1 12.42 9.52 4.02
C4' CFZ B 1 11.13 11.63 3.75
O4' CFZ B 1 9.82 11.99 4.18
C5' CFZ B 1 11.32 11.93 2.25
O5' CFZ B 1 10.23 11.43 1.51
HN4 CFZ B 1 4.20 11.13 8.29
HN4A CFZ B 1 3.78 11.25 6.62
H5 CFZ B 1 5.22 11.38 4.79
H6 CFZ B 1 7.50 11.44 4.04
H1' CFZ B 1 10.22 12.13 6.16
H2' CFZ B 1 9.83 9.29 5.56
H3' CFZ B 1 10.47 9.66 3.41
H4' CFZ B 1 11.89 12.16 4.33
H5' CFZ B 1 12.25 11.46 1.92
H5'A CFZ B 1 11.41 13.01 2.12
HO5' CFZ B 1 9.44 11.84 1.88
F GF2 B 2 10.94 5.20 10.00
P GF2 B 2 12.53 7.92 3.97
N1 GF2 B 2 5.77 7.40 11.19
C2 GF2 B 2 7.01 7.17 11.72
N2 GF2 B 2 7.10 6.84 12.98
N3 GF2 B 2 8.14 7.18 11.01
C4 GF2 B 2 7.93 7.43 9.69
C5 GF2 B 2 6.73 7.68 9.06
C6 GF2 B 2 5.54 7.71 9.87
O6 GF2 B 2 4.37 7.95 9.55
N7 GF2 B 2 6.94 7.85 7.68
C8 GF2 B 2 8.23 7.69 7.54
N9 GF2 B 2 8.90 7.43 8.72
C1' GF2 B 2 10.32 7.09 8.94
OP2 GF2 B 2 11.54 7.33 3.04
C2' GF2 B 2 10.56 5.60 8.73
OP1 GF2 B 2 13.93 7.46 3.79
C3' GF2 B 2 11.58 5.52 7.60
O3' GF2 B 2 12.39 4.34 7.61
C4' GF2 B 2 12.23 6.90 7.74
O4' GF2 B 2 11.11 7.75 7.99
C5' GF2 B 2 12.98 7.38 6.49
O5' GF2 B 2 12.09 7.38 5.40
HN1 GF2 B 2 4.96 7.32 11.80
HN2 GF2 B 2 8.01 6.65 13.35
HN2A GF2 B 2 6.24 6.74 13.54
H8 GF2 B 2 8.74 7.74 6.60
H1' GF2 B 2 10.61 7.33 9.96
H2' GF2 B 2 9.65 5.09 8.43
H3' GF2 B 2 11.02 5.53 6.66
H4' GF2 B 2 12.91 6.89 8.61
H5' GF2 B 2 13.82 6.72 6.30
H5'A GF2 B 2 13.34 8.39 6.68
P CFZ B 3 11.75 2.91 7.20
N1 CFZ B 3 7.13 3.35 10.27
C2 CFZ B 3 5.85 3.66 10.75
O2 CFZ B 3 5.51 3.34 11.89
N3 CFZ B 3 4.95 4.28 9.95
C4 CFZ B 3 5.29 4.59 8.71
N4 CFZ B 3 4.39 5.21 7.99
C5 CFZ B 3 6.58 4.28 8.16
C6 CFZ B 3 7.45 3.63 8.97
C1' CFZ B 3 8.07 2.62 11.16
O1P CFZ B 3 12.75 1.83 7.13
C2' CFZ B 3 7.96 1.13 10.97
F2' CFZ B 3 7.78 0.63 12.23
O2P CFZ B 3 10.84 3.08 6.05
C3' CFZ B 3 9.23 0.76 10.22
O3' CFZ B 3 9.67 -0.59 10.42
C4' CFZ B 3 10.20 1.84 10.69
O4' CFZ B 3 9.39 3.00 10.81
C5' CFZ B 3 11.33 2.09 9.68
O5' CFZ B 3 10.80 2.46 8.42
HN4 CFZ B 3 3.49 5.40 8.43
HN4A CFZ B 3 4.65 5.68 7.15
H5 CFZ B 3 6.86 4.54 7.15
H6 CFZ B 3 8.45 3.34 8.63
H1' CFZ B 3 7.81 2.78 12.18
H2' CFZ B 3 7.05 0.96 10.44
H3' CFZ B 3 9.08 0.91 9.15
H4' CFZ B 3 10.60 1.57 11.66
H5' CFZ B 3 11.94 1.19 9.60
H5'A CFZ B 3 11.97 2.88 10.07
F GF2 B 4 2.60 -2.53 12.32
P GF2 B 4 9.02 -1.79 9.60
N1 GF2 B 4 -0.02 1.70 9.69
C2 GF2 B 4 0.05 0.93 10.82
N2 GF2 B 4 -1.06 0.77 11.51
N3 GF2 B 4 1.15 0.32 11.25
C4 GF2 B 4 2.24 0.58 10.46
C5 GF2 B 4 2.28 1.33 9.30
C6 GF2 B 4 1.05 1.93 8.85
O6 GF2 B 4 0.84 2.60 7.84
N7 GF2 B 4 3.58 1.33 8.77
C8 GF2 B 4 4.26 0.61 9.62
N9 GF2 B 4 3.52 0.11 10.66
C1' GF2 B 4 3.95 -0.85 11.70
OP2 GF2 B 4 9.01 -1.32 8.18
C2' GF2 B 4 3.51 -2.26 11.33
OP1 GF2 B 4 9.73 -3.04 9.94
C3' GF2 B 4 4.82 -3.04 11.23
O3' GF2 B 4 4.69 -4.38 11.66
C4' GF2 B 4 5.81 -2.17 11.99
O4' GF2 B 4 5.36 -0.86 11.72
C5' GF2 B 4 7.27 -2.35 11.52
O5' GF2 B 4 7.51 -1.89 10.19
HN1 GF2 B 4 -0.91 2.14 9.46
HN2 GF2 B 4 -0.98 0.20 12.34
HN2A GF2 B 4 -1.92 1.26 11.26
H8 GF2 B 4 5.32 0.40 9.53
H1' GF2 B 4 3.51 -0.60 12.66
H2' GF2 B 4 3.00 -2.29 10.37
H3' GF2 B 4 5.13 -3.02 10.18
H4' GF2 B 4 5.72 -2.39 13.06
H5' GF2 B 4 7.53 -3.41 11.59
H5'A GF2 B 4 7.92 -1.81 12.22
F AF2 B 5 -2.78 -4.42 10.15
P AF2 B 5 4.07 -5.52 10.71
N1 AF2 B 5 -2.59 0.38 6.74
C2 AF2 B 5 -3.25 -0.34 7.65
N3 AF2 B 5 -2.74 -1.24 8.49
C4 AF2 B 5 -1.39 -1.38 8.35
C5 AF2 B 5 -0.60 -0.71 7.46
C6 AF2 B 5 -1.28 0.22 6.63
N6 AF2 B 5 -0.68 0.99 5.74
N7 AF2 B 5 0.74 -1.11 7.57
C8 AF2 B 5 0.70 -2.01 8.52
N9 AF2 B 5 -0.56 -2.22 9.05
C1' AF2 B 5 -0.91 -3.17 10.13
OP2 AF2 B 5 4.78 -5.33 9.42
C2' AF2 B 5 -1.51 -4.47 9.59
OP1 AF2 B 5 4.37 -6.78 11.40
C3' AF2 B 5 -0.53 -5.56 10.04
O3' AF2 B 5 -1.16 -6.81 10.33
C4' AF2 B 5 0.17 -4.90 11.23
O4' AF2 B 5 0.29 -3.55 10.80
C5' AF2 B 5 1.56 -5.47 11.57
O5' AF2 B 5 2.49 -5.28 10.52
H2 AF2 B 5 -4.32 -0.18 7.68
H8 AF2 B 5 1.56 -2.54 8.89
H5' AF2 B 5 1.47 -6.55 11.78
H5'A AF2 B 5 1.91 -4.99 12.47
H1' AF2 B 5 -1.64 -2.73 10.82
H2' AF2 B 5 -1.58 -4.46 8.51
H3' AF2 B 5 0.21 -5.70 9.26
H4' AF2 B 5 -0.48 -4.97 12.10
HN6 AF2 B 5 0.32 1.04 5.76
HN6A AF2 B 5 -1.24 1.68 5.23
F AF2 B 6 -6.72 -4.48 5.89
P AF2 B 6 -1.61 -7.81 9.15
N1 AF2 B 6 -4.23 -0.25 3.09
C2 AF2 B 6 -5.28 -0.80 3.69
N3 AF2 B 6 -5.29 -1.79 4.59
C4 AF2 B 6 -4.03 -2.23 4.88
C5 AF2 B 6 -2.86 -1.77 4.34
C6 AF2 B 6 -3.02 -0.72 3.41
N6 AF2 B 6 -2.00 -0.14 2.79
N7 AF2 B 6 -1.77 -2.49 4.85
C8 AF2 B 6 -2.32 -3.34 5.68
N9 AF2 B 6 -3.69 -3.25 5.73
C1' AF2 B 6 -4.64 -4.03 6.57
OP2 AF2 B 6 -0.52 -8.08 8.20
C2' AF2 B 6 -5.47 -5.04 5.77
OP1 AF2 B 6 -2.28 -9.01 9.71
C3' AF2 B 6 -5.20 -6.39 6.43
O3' AF2 B 6 -6.29 -7.31 6.39
C4' AF2 B 6 -4.79 -5.91 7.83
O4' AF2 B 6 -3.95 -4.81 7.51
C5' AF2 B 6 -4.05 -6.91 8.71
O5' AF2 B 6 -2.73 -7.13 8.24
H2 AF2 B 6 -6.26 -0.45 3.40
H8 AF2 B 6 -1.76 -4.04 6.28
H5' AF2 B 6 -4.60 -7.85 8.74
H5'A AF2 B 6 -4.00 -6.52 9.72
H1' AF2 B 6 -5.34 -3.35 7.07
H2' AF2 B 6 -5.16 -5.08 4.72
H3' AF2 B 6 -4.32 -6.84 5.97
H4' AF2 B 6 -5.68 -5.56 8.36
HN6 AF2 B 6 -1.07 -0.44 3.02
HN6A AF2 B 6 -2.18 0.62 2.14
P TAF B 7 -6.73 -8.09 5.05
OP1 TAF B 7 -7.97 -8.85 5.30
OP2 TAF B 7 -5.58 -8.84 4.50
O5' TAF B 7 -7.11 -7.04 3.91
N1 TAF B 7 -5.80 -3.04 1.50
C6 TAF B 7 -4.67 -3.73 1.87
C2 TAF B 7 -5.72 -1.98 0.60
O2 TAF B 7 -6.71 -1.34 0.22
N3 TAF B 7 -4.48 -1.66 0.10
C4 TAF B 7 -3.31 -2.32 0.40
O4 TAF B 7 -2.27 -1.94 -0.14
C5 TAF B 7 -3.45 -3.42 1.35
C5M TAF B 7 -2.24 -4.23 1.78
F2' TAF B 7 -6.66 -5.10 0.04
C2' TAF B 7 -7.66 -4.51 0.79
C5' TAF B 7 -8.31 -6.27 4.00
C4' TAF B 7 -8.41 -5.12 2.99
O4' TAF B 7 -7.28 -4.25 3.08
C1' TAF B 7 -7.16 -3.53 1.85
C3' TAF B 7 -8.39 -5.62 1.55
O3' TAF B 7 -9.72 -5.87 1.05
H6 TAF B 7 -4.77 -4.56 2.56
H3 TAF B 7 -4.43 -0.90 -0.57
H71 TAF B 7 -1.34 -3.63 1.71
H72 TAF B 7 -2.13 -5.10 1.13
H73 TAF B 7 -2.36 -4.56 2.82
H2' TAF B 7 -8.32 -3.92 0.16
H5' TAF B 7 -9.16 -6.93 3.85
H5'' TAF B 7 -8.40 -5.86 5.00
H4' TAF B 7 -9.35 -4.60 3.20
H1' TAF B 7 -7.83 -2.67 1.87
H3' TAF B 7 -7.82 -6.55 1.51
P UFT B 8 -9.95 -6.53 -0.39
OP1 UFT B 8 -11.34 -7.00 -0.53
OP2 UFT B 8 -8.89 -7.51 -0.69
O5' UFT B 8 -9.80 -5.36 -1.47
N1 UFT B 8 -6.89 -2.61 -3.48
C6 UFT B 8 -6.19 -3.51 -2.70
C2 UFT B 8 -6.20 -1.66 -4.24
O2 UFT B 8 -6.75 -0.80 -4.90
N3 UFT B 8 -4.82 -1.73 -4.22
C4 UFT B 8 -4.06 -2.62 -3.49
O4 UFT B 8 -2.84 -2.58 -3.56
C5 UFT B 8 -4.83 -3.53 -2.68
F2' UFT B 8 -8.84 -3.95 -5.65
C2' UFT B 8 -9.03 -3.77 -4.30
C5' UFT B 8 -10.65 -4.23 -1.40
C4' UFT B 8 -10.33 -3.16 -2.45
O4' UFT B 8 -9.00 -2.68 -2.28
C1' UFT B 8 -8.39 -2.59 -3.56
C3' UFT B 8 -10.50 -3.64 -3.91
O3' UFT B 8 -11.19 -2.58 -4.56
H6 UFT B 8 -6.71 -4.20 -2.06
H5 UFT B 8 -4.31 -4.24 -2.06
H2' UFT B 8 -8.67 -4.71 -3.90
H5' UFT B 8 -11.69 -4.55 -1.53
H5'A UFT B 8 -10.57 -3.77 -0.42
H4' UFT B 8 -11.02 -2.33 -2.28
H1' UFT B 8 -8.73 -1.66 -4.03
H3' UFT B 8 -11.04 -4.59 -3.98
HN3 UFT B 8 -4.32 -1.06 -4.78
P CFL B 9 -11.85 -2.78 -6.03
O1P CFL B 9 -12.94 -1.82 -6.23
O2P CFL B 9 -12.11 -4.21 -6.23
O5' CFL B 9 -10.69 -2.35 -7.05
C5' CFL B 9 -10.33 -0.98 -7.21
C4' CFL B 9 -9.25 -0.76 -8.27
O4' CFL B 9 -7.95 -0.96 -7.77
C3' CFL B 9 -9.40 -1.62 -9.54
O3' CFL B 9 -9.68 -0.79 -10.68
C2' CFL B 9 -8.09 -2.40 -9.63
C1' CFL B 9 -7.15 -1.54 -8.79
N1 CFL B 9 -5.98 -2.22 -8.19
C2 CFL B 9 -4.70 -1.78 -8.57
O2 CFL B 9 -4.55 -0.92 -9.44
N3 CFL B 9 -3.59 -2.31 -8.01
C4 CFL B 9 -3.72 -3.27 -7.10
N4 CFL B 9 -2.60 -3.75 -6.64
C5 CFL B 9 -5.00 -3.74 -6.64
C6 CFL B 9 -6.10 -3.19 -7.23
F CFL B 9 -8.21 -3.63 -9.04
H5'1 CFL B 9 -11.23 -0.42 -7.50
H5'2 CFL B 9 -9.98 -0.58 -6.26
H4' CFL B 9 -9.34 0.29 -8.57
H3' CFL B 9 -10.16 -2.37 -9.38
H2' CFL B 9 -7.74 -2.52 -10.64
H1' CFL B 9 -6.79 -0.79 -9.49
HN41 CFL B 9 -1.74 -3.38 -7.05
HN42 CFL B 9 -2.60 -4.50 -5.97
H5 CFL B 9 -5.13 -4.48 -5.86
H6 CFL B 9 -7.09 -3.51 -6.95
F GF2 B 10 -4.10 -3.67 -14.67
P GF2 B 10 -10.22 -1.40 -12.06
N1 GF2 B 10 -0.11 -4.21 -11.22
C2 GF2 B 10 -0.53 -3.53 -12.31
N2 GF2 B 10 0.34 -3.15 -13.21
N3 GF2 B 10 -1.80 -3.22 -12.56
C4 GF2 B 10 -2.66 -3.72 -11.63
C5 GF2 B 10 -2.35 -4.48 -10.52
C6 GF2 B 10 -0.95 -4.73 -10.26
O6 GF2 B 10 -0.41 -5.35 -9.34
N7 GF2 B 10 -3.54 -4.88 -9.88
C8 GF2 B 10 -4.49 -4.33 -10.59
N9 GF2 B 10 -4.03 -3.60 -11.66
C1' GF2 B 10 -4.75 -2.84 -12.70
OP2 GF2 B 10 -11.14 -2.51 -11.69
C2' GF2 B 10 -5.23 -3.67 -13.88
OP1 GF2 B 10 -10.73 -0.31 -12.91
C3' GF2 B 10 -6.43 -2.85 -14.35
O3' GF2 B 10 -6.48 -2.60 -15.75
C4' GF2 B 10 -6.47 -1.64 -13.44
O4' GF2 B 10 -5.88 -2.13 -12.24
C5' GF2 B 10 -7.87 -1.05 -13.22
O5' GF2 B 10 -8.89 -1.97 -12.80
HN1 GF2 B 10 0.89 -4.41 -11.13
HN2 GF2 B 10 -0.01 -2.69 -14.02
HN2A GF2 B 10 1.34 -3.38 -13.10
H8 GF2 B 10 -5.54 -4.40 -10.34
H1' GF2 B 10 -4.01 -2.15 -13.14
H2' GF2 B 10 -5.53 -4.67 -13.58
H3' GF2 B 10 -7.30 -3.45 -14.08
H4' GF2 B 10 -5.82 -0.87 -13.87
H5' GF2 B 10 -8.19 -0.56 -14.15
H5'A GF2 B 10 -7.77 -0.25 -12.48
P CFL B 11 -6.93 -3.73 -16.81
O1P CFL B 11 -7.23 -3.05 -18.08
O2P CFL B 11 -8.03 -4.44 -16.09
O5' CFL B 11 -5.61 -4.68 -17.03
C5' CFL B 11 -4.55 -4.24 -17.89
C4' CFL B 11 -3.25 -5.10 -18.02
O4' CFL B 11 -2.51 -5.11 -16.82
C3' CFL B 11 -3.38 -6.57 -18.45
O3' CFL B 11 -2.30 -6.91 -19.36
C2' CFL B 11 -3.29 -7.32 -17.13
C1' CFL B 11 -2.20 -6.45 -16.51
N1 CFL B 11 -2.03 -6.61 -15.04
C2 CFL B 11 -0.76 -6.90 -14.52
O2 CFL B 11 0.24 -6.91 -15.23
N3 CFL B 11 -0.63 -7.21 -13.21
C4 CFL B 11 -1.68 -7.17 -12.43
N4 CFL B 11 -1.48 -7.51 -11.18
C5 CFL B 11 -2.97 -6.77 -12.89
C6 CFL B 11 -3.10 -6.49 -14.21
F CFL B 11 -4.49 -7.36 -16.46
H5'1 CFL B 11 -4.95 -4.11 -18.89
H5'2 CFL B 11 -4.21 -3.25 -17.55
H4' CFL B 11 -2.64 -4.60 -18.77
H3' CFL B 11 -4.37 -6.76 -18.86
H2' CFL B 11 -2.96 -8.34 -17.23
H1' CFL B 11 -1.26 -6.78 -16.97
HN41 CFL B 11 -0.53 -7.78 -10.92
HN42 CFL B 11 -2.23 -7.51 -10.52
H5 CFL B 11 -3.83 -6.69 -12.24
H6 CFL B 11 -4.05 -6.18 -14.65
F GF2 B 12 -3.45 -12.30 -15.94
P GF2 B 12 -2.02 -8.41 -19.95
N1 GF2 B 12 0.79 -11.43 -11.07
C2 GF2 B 12 1.32 -11.56 -12.31
N2 GF2 B 12 2.49 -12.15 -12.38
N3 GF2 B 12 0.69 -11.29 -13.44
C4 GF2 B 12 -0.58 -10.81 -13.24
C5 GF2 B 12 -1.22 -10.66 -12.04
C6 GF2 B 12 -0.50 -10.98 -10.84
O6 GF2 B 12 -0.84 -10.95 -9.66
N7 GF2 B 12 -2.53 -10.22 -12.28
C8 GF2 B 12 -2.62 -10.17 -13.59
N9 GF2 B 12 -1.48 -10.58 -14.25
C1' GF2 B 12 -1.30 -11.19 -15.58
OP2 GF2 B 12 -3.33 -9.01 -20.26
C2' GF2 B 12 -2.50 -11.44 -16.47
OP1 GF2 B 12 -0.98 -8.30 -21.00
C3' GF2 B 12 -1.70 -12.11 -17.60
O3' GF2 B 12 -1.30 -13.39 -17.12
C4' GF2 B 12 -0.44 -11.23 -17.69
O4' GF2 B 12 -0.37 -10.55 -16.43
C5' GF2 B 12 -0.41 -10.22 -18.85
O5' GF2 B 12 -1.39 -9.21 -18.69
HN1 GF2 B 12 1.39 -11.61 -10.28
HN2 GF2 B 12 2.82 -12.32 -13.31
HN2A GF2 B 12 2.85 -12.56 -11.54
H8 GF2 B 12 -3.53 -9.86 -14.10
H1' GF2 B 12 -0.88 -12.18 -15.35
H2' GF2 B 12 -2.95 -10.52 -16.85
H3' GF2 B 12 -2.26 -12.28 -18.52
HO3' GF2 B 12 -0.64 -13.76 -17.70
H4' GF2 B 12 0.42 -11.89 -17.77
H5' GF2 B 12 -0.58 -10.76 -19.77
H5'A GF2 B 12 0.58 -9.76 -18.90
N1 CFZ A 1 3.79 -14.00 -9.75
C2 CFZ A 1 2.98 -13.69 -10.87
O2 CFZ A 1 3.31 -14.03 -12.01
N3 CFZ A 1 1.81 -12.97 -10.65
C4 CFZ A 1 1.44 -12.65 -9.41
N4 CFZ A 1 0.28 -12.04 -9.19
C5 CFZ A 1 2.22 -13.04 -8.28
C6 CFZ A 1 3.38 -13.70 -8.49
C1' CFZ A 1 5.12 -14.63 -9.93
C2' CFZ A 1 6.28 -13.63 -9.83
F2' CFZ A 1 6.57 -13.46 -11.16
C3' CFZ A 1 7.25 -14.34 -8.87
O3' CFZ A 1 8.63 -14.07 -9.08
C4' CFZ A 1 6.80 -15.79 -8.98
O4' CFZ A 1 5.38 -15.65 -8.97
C5' CFZ A 1 7.32 -16.69 -7.86
O5' CFZ A 1 7.03 -16.20 -6.56
HN4 CFZ A 1 -0.37 -11.78 -9.92
HN4A CFZ A 1 0.05 -11.81 -8.24
H5 CFZ A 1 1.95 -12.84 -7.27
H6 CFZ A 1 3.98 -14.02 -7.64
H1' CFZ A 1 5.17 -15.07 -10.90
H2' CFZ A 1 5.96 -12.68 -9.40
H3' CFZ A 1 6.98 -14.00 -7.86
H4' CFZ A 1 7.14 -16.18 -9.94
H5' CFZ A 1 8.40 -16.80 -7.96
H5'A CFZ A 1 6.86 -17.69 -7.97
HO5' CFZ A 1 7.60 -15.45 -6.36
F GF2 A 2 7.35 -7.57 -12.53
P GF2 A 2 9.29 -12.74 -8.50
N1 GF2 A 2 1.54 -8.18 -12.77
C2 GF2 A 2 2.63 -8.05 -13.57
N2 GF2 A 2 2.48 -7.48 -14.73
N3 GF2 A 2 3.86 -8.46 -13.24
C4 GF2 A 2 3.90 -9.05 -12.00
C5 GF2 A 2 2.85 -9.24 -11.13
C6 GF2 A 2 1.54 -8.76 -11.52
O6 GF2 A 2 0.48 -8.80 -10.90
N7 GF2 A 2 3.31 -9.88 -9.98
C8 GF2 A 2 4.58 -10.08 -10.20
N9 GF2 A 2 5.01 -9.57 -11.40
C1' GF2 A 2 6.38 -9.52 -11.95
OP2 GF2 A 2 8.76 -12.45 -7.16
C2' GF2 A 2 7.18 -8.34 -11.40
OP1 GF2 A 2 10.76 -12.72 -8.69
C3' GF2 A 2 8.40 -8.99 -10.75
O3' GF2 A 2 9.60 -8.22 -10.77
C4' GF2 A 2 8.44 -10.32 -11.50
O4' GF2 A 2 7.07 -10.68 -11.56
C5' GF2 A 2 9.23 -11.42 -10.79
O5' GF2 A 2 8.78 -11.56 -9.45
HN1 GF2 A 2 0.64 -7.83 -13.10
HN2 GF2 A 2 3.29 -7.38 -15.31
HN2A GF2 A 2 1.55 -7.17 -15.04
H8 GF2 A 2 5.24 -10.58 -9.51
H1' GF2 A 2 6.35 -9.40 -13.04
H2' GF2 A 2 6.62 -7.80 -10.65
H3' GF2 A 2 8.14 -9.20 -9.70
H4' GF2 A 2 8.84 -10.16 -12.50
H5' GF2 A 2 10.29 -11.17 -10.81
H5'A GF2 A 2 9.09 -12.36 -11.32
P CFZ A 3 9.79 -6.87 -9.89
N1 CFZ A 3 4.63 -4.78 -11.27
C2 CFZ A 3 3.27 -4.54 -11.43
O2 CFZ A 3 2.86 -3.75 -12.28
N3 CFZ A 3 2.37 -5.18 -10.64
C4 CFZ A 3 2.79 -6.01 -9.71
N4 CFZ A 3 1.86 -6.61 -9.00
C5 CFZ A 3 4.18 -6.27 -9.49
C6 CFZ A 3 5.07 -5.62 -10.28
C1' CFZ A 3 5.60 -4.07 -12.16
O1P CFZ A 3 11.15 -6.34 -10.10
C2' CFZ A 3 6.04 -2.76 -11.58
F2' CFZ A 3 6.03 -1.88 -12.63
O2P CFZ A 3 9.47 -7.14 -8.48
C3' CFZ A 3 7.43 -3.04 -10.99
O3' CFZ A 3 8.24 -1.86 -10.81
C4' CFZ A 3 7.92 -4.06 -12.02
O4' CFZ A 3 6.77 -4.85 -12.34
C5' CFZ A 3 9.06 -4.97 -11.58
O5' CFZ A 3 8.76 -5.74 -10.42
HN4 CFZ A 3 0.89 -6.40 -9.22
HN4A CFZ A 3 2.11 -7.42 -8.45
H5 CFZ A 3 4.52 -6.95 -8.72
H6 CFZ A 3 6.15 -5.75 -10.18
H1' CFZ A 3 5.11 -3.78 -13.07
H2' CFZ A 3 5.29 -2.48 -10.88
H3' CFZ A 3 7.33 -3.55 -10.03
H4' CFZ A 3 8.22 -3.52 -12.92
H5' CFZ A 3 9.94 -4.36 -11.38
H5'A CFZ A 3 9.30 -5.65 -12.40
F GF2 A 4 2.18 2.49 -11.40
P GF2 A 4 7.92 -0.78 -9.65
N1 GF2 A 4 -1.06 -1.64 -8.97
C2 GF2 A 4 -0.97 -0.71 -9.95
N2 GF2 A 4 -2.09 -0.17 -10.38
N3 GF2 A 4 0.16 -0.28 -10.49
C4 GF2 A 4 1.27 -0.87 -9.94
C5 GF2 A 4 1.29 -1.81 -8.93
C6 GF2 A 4 0.04 -2.25 -8.39
O6 GF2 A 4 -0.19 -3.07 -7.48
N7 GF2 A 4 2.61 -2.13 -8.61
C8 GF2 A 4 3.32 -1.38 -9.41
N9 GF2 A 4 2.56 -0.61 -10.26
C1' GF2 A 4 3.03 0.42 -11.23
OP2 GF2 A 4 7.53 -1.55 -8.44
C2' GF2 A 4 3.04 1.79 -10.58
OP1 GF2 A 4 8.98 0.23 -9.53
C3' GF2 A 4 4.51 2.19 -10.52
O3' GF2 A 4 4.74 3.59 -10.63
C4' GF2 A 4 5.14 1.29 -11.59
O4' GF2 A 4 4.37 0.10 -11.56
C5' GF2 A 4 6.59 0.88 -11.26
O5' GF2 A 4 6.62 0.06 -10.10
HN1 GF2 A 4 -1.98 -1.91 -8.62
HN2 GF2 A 4 -2.01 0.51 -11.12
HN2A GF2 A 4 -2.99 -0.43 -9.97
H8 GF2 A 4 4.40 -1.35 -9.44
H1' GF2 A 4 2.39 0.46 -12.11
H2' GF2 A 4 2.63 1.77 -9.58
H3' GF2 A 4 4.89 1.84 -9.55
H4' GF2 A 4 5.08 1.77 -12.56
H5' GF2 A 4 7.20 1.78 -11.11
H5'A GF2 A 4 7.00 0.33 -12.11
F AF2 A 5 -2.34 4.94 -8.59
P AF2 A 5 4.52 4.58 -9.36
N1 AF2 A 5 -2.81 -0.25 -5.66
C2 AF2 A 5 -3.39 0.68 -6.40
N3 AF2 A 5 -2.81 1.58 -7.19
C4 AF2 A 5 -1.45 1.46 -7.20
C5 AF2 A 5 -0.71 0.55 -6.48
C6 AF2 A 5 -1.47 -0.33 -5.69
N6 AF2 A 5 -0.92 -1.25 -4.92
N7 AF2 A 5 0.66 0.73 -6.68
C8 AF2 A 5 0.70 1.74 -7.51
N9 AF2 A 5 -0.52 2.22 -7.88
C1' AF2 A 5 -0.80 3.36 -8.80
OP2 AF2 A 5 5.16 3.93 -8.20
C2' AF2 A 5 -1.11 4.62 -8.04
OP1 AF2 A 5 4.94 5.95 -9.72
C3' AF2 A 5 0.06 5.57 -8.28
O3' AF2 A 5 -0.26 6.96 -8.13
C4' AF2 A 5 0.55 5.04 -9.63
O4' AF2 A 5 0.40 3.64 -9.49
C5' AF2 A 5 2.03 5.32 -9.97
O5' AF2 A 5 2.94 4.70 -9.06
H2 AF2 A 5 -4.46 0.76 -6.31
H8 AF2 A 5 1.62 2.17 -7.86
H5' AF2 A 5 2.19 6.39 -10.01
H5'A AF2 A 5 2.20 4.92 -10.98
H1' AF2 A 5 -1.62 3.13 -9.47
H2' AF2 A 5 -1.22 4.44 -6.97
H3' AF2 A 5 0.84 5.33 -7.54
H4' AF2 A 5 -0.09 5.41 -10.42
HN6 AF2 A 5 0.09 -1.29 -4.89
HN6A AF2 A 5 -1.53 -1.87 -4.38
F AF2 A 6 -6.33 4.87 -4.35
P AF2 A 6 -0.52 7.62 -6.67
N1 AF2 A 6 -3.74 0.09 -1.84
C2 AF2 A 6 -4.84 0.66 -2.33
N3 AF2 A 6 -4.91 1.70 -3.16
C4 AF2 A 6 -3.68 2.17 -3.51
C5 AF2 A 6 -2.48 1.70 -3.09
C6 AF2 A 6 -2.55 0.59 -2.22
N6 AF2 A 6 -1.49 0.00 -1.71
N7 AF2 A 6 -1.42 2.45 -3.59
C8 AF2 A 6 -2.03 3.35 -4.32
N9 AF2 A 6 -3.40 3.22 -4.36
C1' AF2 A 6 -4.36 4.07 -5.09
OP2 AF2 A 6 0.62 7.25 -5.79
C2' AF2 A 6 -4.97 5.07 -4.14
OP1 AF2 A 6 -0.90 9.05 -6.74
C3' AF2 A 6 -4.34 6.40 -4.54
O3' AF2 A 6 -5.07 7.58 -4.21
C4' AF2 A 6 -4.12 6.15 -6.02
O4' AF2 A 6 -3.62 4.82 -6.03
C5' AF2 A 6 -3.11 7.11 -6.65
O5' AF2 A 6 -1.83 6.93 -6.06
H2 AF2 A 6 -5.78 0.22 -2.00
H8 AF2 A 6 -1.51 4.14 -4.84
H5' AF2 A 6 -3.47 8.12 -6.52
H5'A AF2 A 6 -3.06 6.93 -7.72
H1' AF2 A 6 -5.17 3.50 -5.54
H2' AF2 A 6 -4.72 4.83 -3.13
H3' AF2 A 6 -3.35 6.46 -4.07
H4' AF2 A 6 -5.07 6.21 -6.56
HN6 AF2 A 6 -0.59 0.36 -1.96
HN6A AF2 A 6 -1.62 -0.80 -1.09
P TAF A 7 -5.23 8.08 -2.68
OP1 TAF A 7 -6.00 9.34 -2.66
OP2 TAF A 7 -3.89 8.08 -2.04
O5' TAF A 7 -6.09 6.95 -1.92
N1 TAF A 7 -5.72 3.35 -0.01
C6 TAF A 7 -4.64 4.07 -0.48
C2 TAF A 7 -5.54 2.20 0.77
O2 TAF A 7 -6.46 1.59 1.28
N3 TAF A 7 -4.24 1.80 1.00
C4 TAF A 7 -3.10 2.46 0.56
O4 TAF A 7 -2.01 2.01 0.86
C5 TAF A 7 -3.36 3.67 -0.22
C5M TAF A 7 -2.22 4.55 -0.69
F2' TAF A 7 -6.28 5.89 0.93
C2' TAF A 7 -7.39 5.06 0.75
C5' TAF A 7 -7.47 6.72 -2.24
C4' TAF A 7 -8.11 5.52 -1.50
O4' TAF A 7 -7.28 4.36 -1.52
C1' TAF A 7 -7.09 3.88 -0.20
C3' TAF A 7 -8.46 5.81 -0.04
O3' TAF A 7 -9.79 5.35 0.26
H6 TAF A 7 -4.84 4.97 -1.04
H3 TAF A 7 -4.11 0.99 1.59
H71 TAF A 7 -1.69 4.05 -1.50
H72 TAF A 7 -1.52 4.70 0.13
H73 TAF A 7 -2.59 5.52 -1.02
H2' TAF A 7 -7.75 4.72 1.71
H5' TAF A 7 -8.04 7.62 -2.02
H5'' TAF A 7 -7.56 6.55 -3.31
H4' TAF A 7 -9.04 5.28 -2.03
H1' TAF A 7 -7.80 3.09 0.03
H3' TAF A 7 -8.34 6.86 0.16
P UFT A 8 -10.65 5.85 1.55
OP1 UFT A 8 -12.03 5.36 1.45
OP2 UFT A 8 -10.41 7.28 1.83
O5' UFT A 8 -10.00 5.16 2.83
N1 UFT A 8 -5.84 2.91 4.45
C6 UFT A 8 -5.32 3.94 3.69
C2 UFT A 8 -5.00 1.99 5.08
O2 UFT A 8 -5.42 1.06 5.77
N3 UFT A 8 -3.65 2.16 4.90
C4 UFT A 8 -3.05 3.15 4.18
O4 UFT A 8 -1.82 3.22 4.15
C5 UFT A 8 -3.97 4.07 3.53
F2' UFT A 8 -7.54 2.92 6.98
C2' UFT A 8 -7.68 3.77 5.90
C5' UFT A 8 -10.40 3.88 3.28
C4' UFT A 8 -9.40 3.30 4.28
O4' UFT A 8 -8.12 3.14 3.68
C1' UFT A 8 -7.29 2.82 4.77
C3' UFT A 8 -9.06 4.21 5.46
O3' UFT A 8 -10.03 4.32 6.49
H6 UFT A 8 -5.99 4.64 3.20
H5 UFT A 8 -3.57 4.88 2.94
H2' UFT A 8 -7.00 4.62 5.99
H5' UFT A 8 -11.39 3.95 3.76
H5'A UFT A 8 -10.48 3.19 2.43
H4' UFT A 8 -9.78 2.35 4.66
H1' UFT A 8 -7.52 1.82 5.12
H3' UFT A 8 -8.94 5.21 5.04
HN3 UFT A 8 -3.06 1.52 5.41
P CFL A 9 -9.93 5.48 7.61
O1P CFL A 9 -11.24 5.55 8.27
O2P CFL A 9 -9.41 6.66 6.89
O5' CFL A 9 -8.84 4.93 8.68
C5' CFL A 9 -9.13 3.80 9.51
C4' CFL A 9 -8.05 3.34 10.51
O4' CFL A 9 -6.89 2.82 9.86
C3' CFL A 9 -7.61 4.37 11.55
O3' CFL A 9 -7.81 3.89 12.90
C2' CFL A 9 -6.14 4.62 11.19
C1' CFL A 9 -5.73 3.32 10.51
N1 CFL A 9 -4.62 3.43 9.51
C2 CFL A 9 -3.38 2.85 9.77
O2 CFL A 9 -3.17 2.19 10.79
N3 CFL A 9 -2.33 3.03 8.92
C4 CFL A 9 -2.51 3.74 7.82
N4 CFL A 9 -1.48 3.86 7.02
C5 CFL A 9 -3.78 4.30 7.46
C6 CFL A 9 -4.81 4.12 8.33
F CFL A 9 -6.04 5.66 10.30
H5'1 CFL A 9 -10.04 4.01 10.08
H5'2 CFL A 9 -9.35 2.95 8.86
H4' CFL A 9 -8.48 2.50 11.06
H3' CFL A 9 -8.15 5.30 11.38
H2' CFL A 9 -5.51 4.84 12.06
H1' CFL A 9 -5.41 2.66 11.29
HN41 CFL A 9 -0.59 3.49 7.34
HN42 CFL A 9 -1.57 4.27 6.11
H5 CFL A 9 -3.94 4.86 6.55
H6 CFL A 9 -5.80 4.54 8.15
F GF2 A 10 -0.83 4.65 15.20
P GF2 A 10 -7.62 4.81 14.24
N1 GF2 A 10 2.16 4.61 10.89
C2 GF2 A 10 1.88 4.01 12.08
N2 GF2 A 10 2.87 3.50 12.78
N3 GF2 A 10 0.66 3.95 12.62
C4 GF2 A 10 -0.27 4.62 11.90
C5 GF2 A 10 -0.09 5.29 10.71
C6 GF2 A 10 1.23 5.27 10.11
O6 GF2 A 10 1.64 5.78 9.07
N7 GF2 A 10 -1.29 5.92 10.34
C8 GF2 A 10 -2.12 5.60 11.29
N9 GF2 A 10 -1.58 4.79 12.26
C1' GF2 A 10 -2.17 4.20 13.47
OP2 GF2 A 10 -7.88 6.22 13.91
C2' GF2 A 10 -2.05 5.05 14.72
OP1 GF2 A 10 -8.27 4.19 15.41
C3' GF2 A 10 -3.29 4.65 15.50
O3' GF2 A 10 -3.10 4.38 16.88
C4' GF2 A 10 -3.92 3.52 14.67
O4' GF2 A 10 -3.54 3.87 13.35
C5' GF2 A 10 -5.44 3.45 14.83
O5' GF2 A 10 -6.04 4.70 14.55
HN1 GF2 A 10 3.12 4.64 10.58
HN2 GF2 A 10 2.63 3.13 13.68
HN2A GF2 A 10 3.84 3.62 12.48
H8 GF2 A 10 -3.16 5.92 11.32
H1' GF2 A 10 -1.59 3.31 13.69
H2' GF2 A 10 -2.08 6.12 14.50
H3' GF2 A 10 -3.96 5.50 15.41
H4' GF2 A 10 -3.47 2.57 14.96
H5' GF2 A 10 -5.69 3.14 15.85
H5'A GF2 A 10 -5.82 2.69 14.14
P CFL A 11 -2.84 5.55 17.96
O1P CFL A 11 -3.02 4.96 19.28
O2P CFL A 11 -3.76 6.63 17.52
O5' CFL A 11 -1.27 5.98 17.77
C5' CFL A 11 -0.23 5.15 18.28
C4' CFL A 11 1.25 5.47 17.98
O4' CFL A 11 1.56 5.40 16.59
C3' CFL A 11 1.85 6.81 18.46
O3' CFL A 11 3.18 6.58 18.96
C2' CFL A 11 1.84 7.67 17.21
C1' CFL A 11 2.28 6.58 16.23
N1 CFL A 11 2.03 6.92 14.81
C2 CFL A 11 3.12 7.06 13.94
O2 CFL A 11 4.27 6.81 14.30
N3 CFL A 11 2.93 7.50 12.67
C4 CFL A 11 1.70 7.76 12.27
N4 CFL A 11 1.58 8.18 11.03
C5 CFL A 11 0.55 7.57 13.09
C6 CFL A 11 0.77 7.15 14.36
F CFL A 11 0.59 8.21 16.94
H5'1 CFL A 11 -0.34 5.09 19.37
H5'2 CFL A 11 -0.40 4.13 17.89
H4' CFL A 11 1.82 4.69 18.47
H3' CFL A 11 1.18 7.28 19.17
H2' CFL A 11 2.54 8.49 17.22
H1' CFL A 11 3.35 6.45 16.37
HN41 CFL A 11 2.44 8.25 10.48
HN42 CFL A 11 0.69 8.36 10.63
H5 CFL A 11 -0.46 7.73 12.73
H6 CFL A 11 -0.04 7.01 15.09
F GF2 A 12 4.23 12.65 16.89
P GF2 A 12 4.22 7.75 19.41
N1 GF2 A 12 4.75 11.37 10.50
C2 GF2 A 12 5.77 11.27 11.38
N2 GF2 A 12 6.94 11.40 10.83
N3 GF2 A 12 5.64 11.08 12.68
C4 GF2 A 12 4.33 10.95 13.06
C5 GF2 A 12 3.21 11.04 12.27
C6 GF2 A 12 3.41 11.27 10.85
O6 GF2 A 12 2.62 11.42 9.93
N7 GF2 A 12 2.07 10.92 13.07
C8 GF2 A 12 2.55 10.78 14.29
N9 GF2 A 12 3.92 10.78 14.35
C1' GF2 A 12 4.92 10.82 15.43
OP2 GF2 A 12 3.43 8.80 20.09
C2' GF2 A 12 4.60 11.31 16.84
OP1 GF2 A 12 5.35 7.10 20.11
C3' GF2 A 12 6.02 11.10 17.36
O3' GF2 A 12 6.87 12.04 16.72
C4' GF2 A 12 6.39 9.71 16.78
O4' GF2 A 12 5.58 9.58 15.62
C5' GF2 A 12 6.14 8.51 17.73
O5' GF2 A 12 4.76 8.36 18.02
HN1 GF2 A 12 5.02 11.51 9.54
HN2 GF2 A 12 6.93 11.54 9.83
HN2A GF2 A 12 7.75 11.35 11.43
H8 GF2 A 12 1.91 10.67 15.16
H1' GF2 A 12 5.66 11.51 15.06
H2' GF2 A 12 3.88 10.67 17.36
H3' GF2 A 12 6.18 11.24 18.44
HO3' GF2 A 12 7.76 11.97 17.06
H4' GF2 A 12 7.44 9.72 16.49
H5' GF2 A 12 6.70 8.71 18.65
H5'A GF2 A 12 6.53 7.61 17.27
N1 CFZ B 1 8.01 12.14 6.31
C2 CFZ B 1 7.72 12.02 7.68
O2 CFZ B 1 8.65 12.02 8.50
N3 CFZ B 1 6.40 11.87 8.06
C4 CFZ B 1 5.43 11.80 7.13
N4 CFZ B 1 4.14 11.68 7.46
C5 CFZ B 1 5.73 11.89 5.74
C6 CFZ B 1 7.01 12.04 5.37
C1' CFZ B 1 9.40 12.40 5.86
C2' CFZ B 1 10.23 11.12 5.81
F2' CFZ B 1 10.92 11.25 7.00
C3' CFZ B 1 10.94 11.21 4.46
O3' CFZ B 1 12.23 10.64 4.43
C4' CFZ B 1 10.85 12.71 4.16
O4' CFZ B 1 9.51 13.00 4.57
C5' CFZ B 1 11.07 13.07 2.68
O5' CFZ B 1 10.01 12.60 1.87
HN4 CFZ B 1 3.77 11.60 8.40
HN4A CFZ B 1 3.49 11.63 6.70
H5 CFZ B 1 4.99 11.84 4.97
H6 CFZ B 1 7.27 12.10 4.33
H1' CFZ B 1 9.86 13.08 6.56
H2' CFZ B 1 9.60 10.23 5.84
H3' CFZ B 1 10.31 10.71 3.72
H4' CFZ B 1 11.58 13.24 4.77
H5' CFZ B 1 12.00 12.63 2.35
H5'A CFZ B 1 11.14 14.15 2.59
HO5' CFZ B 1 9.18 12.91 2.26
F GF2 B 2 10.77 6.12 10.26
P GF2 B 2 12.42 9.05 4.25
N1 GF2 B 2 5.42 7.78 11.33
C2 GF2 B 2 6.64 7.55 11.87
N2 GF2 B 2 6.69 7.14 13.12
N3 GF2 B 2 7.79 7.67 11.21
C4 GF2 B 2 7.62 8.03 9.91
C5 GF2 B 2 6.43 8.27 9.26
C6 GF2 B 2 5.20 8.16 10.02
O6 GF2 B 2 4.04 8.36 9.66
N7 GF2 B 2 6.68 8.58 7.92
C8 GF2 B 2 7.97 8.51 7.81
N9 GF2 B 2 8.61 8.20 8.98
C1' GF2 B 2 10.06 7.97 9.21
OP2 GF2 B 2 11.48 8.60 3.20
C2' GF2 B 2 10.41 6.50 8.99
OP1 GF2 B 2 13.87 8.78 4.11
C3' GF2 B 2 11.45 6.51 7.87
O3' GF2 B 2 12.38 5.43 7.96
C4' GF2 B 2 12.00 7.93 8.03
O4' GF2 B 2 10.82 8.70 8.28
C5' GF2 B 2 12.74 8.47 6.80
O5' GF2 B 2 11.91 8.46 5.65
HN1 GF2 B 2 4.59 7.64 11.90
HN2 GF2 B 2 7.59 6.94 13.51
HN2A GF2 B 2 5.82 7.01 13.65
H8 GF2 B 2 8.50 8.67 6.88
H1' GF2 B 2 10.32 8.22 10.24
H2' GF2 B 2 9.54 5.93 8.67
H3' GF2 B 2 10.94 6.46 6.92
H4' GF2 B 2 12.66 7.99 8.90
H5' GF2 B 2 13.62 7.84 6.61
H5'A GF2 B 2 13.08 9.49 7.01
P CFZ B 3 11.96 3.88 7.64
N1 CFZ B 3 7.11 3.97 10.45
C2 CFZ B 3 5.80 4.16 10.89
O2 CFZ B 3 5.45 3.81 12.00
N3 CFZ B 3 4.88 4.72 10.06
C4 CFZ B 3 5.22 5.05 8.83
N4 CFZ B 3 4.29 5.60 8.09
C5 CFZ B 3 6.55 4.86 8.32
C6 CFZ B 3 7.45 4.29 9.17
C1' CFZ B 3 8.08 3.29 11.36
O1P CFZ B 3 13.15 3.02 7.70
C2' CFZ B 3 8.08 1.80 11.12
F2' CFZ B 3 7.92 1.23 12.36
O2P CFZ B 3 11.06 3.77 6.49
C3' CFZ B 3 9.40 1.53 10.37
O3' CFZ B 3 9.86 0.17 10.42
C4' CFZ B 3 10.27 2.63 10.97
O4' CFZ B 3 9.39 3.75 11.09
C5' CFZ B 3 11.47 3.00 10.09
O5' CFZ B 3 11.00 3.38 8.82
HN4 CFZ B 3 3.36 5.73 8.50
HN4A CFZ B 3 4.51 5.95 7.18
H5 CFZ B 3 6.83 5.12 7.32
H6 CFZ B 3 8.48 4.10 8.86
H1' CFZ B 3 7.76 3.38 12.37
H2' CFZ B 3 7.20 1.59 10.55
H3' CFZ B 3 9.25 1.80 9.34
H4' CFZ B 3 10.61 2.34 11.96
H5' CFZ B 3 12.14 2.15 10.01
H5'A CFZ B 3 12.02 3.83 10.55
F GF2 B 4 2.99 -2.18 12.29
P GF2 B 4 9.14 -0.93 9.46
N1 GF2 B 4 0.18 1.90 9.61
C2 GF2 B 4 0.28 1.14 10.74
N2 GF2 B 4 -0.82 0.91 11.41
N3 GF2 B 4 1.42 0.61 11.18
C4 GF2 B 4 2.49 0.91 10.41
C5 GF2 B 4 2.51 1.67 9.25
C6 GF2 B 4 1.25 2.19 8.77
O6 GF2 B 4 1.00 2.83 7.75
N7 GF2 B 4 3.81 1.74 8.74
C8 GF2 B 4 4.52 1.05 9.60
N9 GF2 B 4 3.78 0.52 10.63
C1' GF2 B 4 4.24 -0.40 11.69
OP2 GF2 B 4 8.98 -0.26 8.14
C2' GF2 B 4 3.90 -1.85 11.33
OP1 GF2 B 4 9.77 -2.27 9.54
C3' GF2 B 4 5.27 -2.50 11.26
O3' GF2 B 4 5.31 -3.87 11.66
C4' GF2 B 4 6.18 -1.58 12.04
O4' GF2 B 4 5.65 -0.30 11.77
C5' GF2 B 4 7.63 -1.66 11.51
O5' GF2 B 4 7.72 -1.15 10.16
HN1 GF2 B 4 -0.72 2.29 9.35
HN2 GF2 B 4 -0.73 0.37 12.24
HN2A GF2 B 4 -1.71 1.35 11.14
H8 GF2 B 4 5.58 0.89 9.51
H1' GF2 B 4 3.76 -0.17 12.64
H2' GF2 B 4 3.43 -1.91 10.36
H3' GF2 B 4 5.58 -2.44 10.22
H4' GF2 B 4 6.14 -1.81 13.11
H5' GF2 B 4 7.96 -2.69 11.56
H5'A GF2 B 4 8.27 -1.09 12.17
F AF2 B 5 -1.99 -4.41 9.96
P AF2 B 5 4.98 -5.04 10.61
N1 AF2 B 5 -2.13 0.43 6.52
C2 AF2 B 5 -2.75 -0.33 7.42
N3 AF2 B 5 -2.19 -1.20 8.26
C4 AF2 B 5 -0.83 -1.24 8.14
C5 AF2 B 5 -0.06 -0.50 7.26
C6 AF2 B 5 -0.81 0.38 6.43
N6 AF2 B 5 -0.28 1.22 5.55
N7 AF2 B 5 1.29 -0.82 7.39
C8 AF2 B 5 1.30 -1.70 8.35
N9 AF2 B 5 0.06 -2.01 8.86
C1' AF2 B 5 -0.24 -2.99 9.92
OP2 AF2 B 5 5.82 -4.72 9.42
C2' AF2 B 5 -0.74 -4.31 9.36
OP1 AF2 B 5 5.17 -6.34 11.30
C3' AF2 B 5 0.34 -5.34 9.73
O3' AF2 B 5 -0.15 -6.67 9.89
C4' AF2 B 5 0.98 -4.67 10.94
O4' AF2 B 5 0.99 -3.30 10.58
C5' AF2 B 5 2.41 -5.15 11.28
O5' AF2 B 5 3.40 -4.84 10.29
H2 AF2 B 5 -3.83 -0.25 7.44
H8 AF2 B 5 2.20 -2.16 8.75
H5' AF2 B 5 2.39 -6.23 11.43
H5'A AF2 B 5 2.70 -4.69 12.23
H1' AF2 B 5 -0.99 -2.62 10.61
H2' AF2 B 5 -0.85 -4.28 8.28
H3' AF2 B 5 1.09 -5.34 8.95
H4' AF2 B 5 0.34 -4.82 11.82
HN6 AF2 B 5 0.71 1.38 5.62
HN6A AF2 B 5 -0.89 1.89 5.09
F AF2 B 6 -6.01 -4.77 5.75
P AF2 B 6 -0.46 -7.61 8.60
N1 AF2 B 6 -3.74 -0.34 2.89
C2 AF2 B 6 -4.78 -0.96 3.47
N3 AF2 B 6 -4.73 -1.92 4.37
C4 AF2 B 6 -3.46 -2.29 4.68
C5 AF2 B 6 -2.31 -1.76 4.17
C6 AF2 B 6 -2.51 -0.71 3.25
N6 AF2 B 6 -1.52 -0.03 2.69
N7 AF2 B 6 -1.19 -2.42 4.68
C8 AF2 B 6 -1.71 -3.29 5.51
N9 AF2 B 6 -3.08 -3.27 5.58
C1' AF2 B 6 -3.99 -4.08 6.42
OP2 AF2 B 6 0.66 -7.50 7.64
C2' AF2 B 6 -4.69 -5.16 5.62
OP1 AF2 B 6 -0.91 -8.96 9.01
C3' AF2 B 6 -4.24 -6.47 6.26
O3' AF2 B 6 -5.16 -7.55 6.11
C4' AF2 B 6 -3.92 -6.00 7.67
O4' AF2 B 6 -3.24 -4.77 7.40
C5' AF2 B 6 -3.02 -6.95 8.45
O5' AF2 B 6 -1.72 -6.98 7.86
H2 AF2 B 6 -5.77 -0.65 3.15
H8 AF2 B 6 -1.12 -3.97 6.10
H5' AF2 B 6 -3.46 -7.95 8.46
H5'A AF2 B 6 -2.95 -6.60 9.49
H1' AF2 B 6 -4.75 -3.44 6.86
H2' AF2 B 6 -4.38 -5.16 4.57
H3' AF2 B 6 -3.30 -6.76 5.80
H4' AF2 B 6 -4.84 -5.82 8.21
HN6 AF2 B 6 -0.61 -0.13 3.10
HN6A AF2 B 6 -1.75 0.74 2.06
P TAF B 7 -5.27 -8.35 4.72
OP1 TAF B 7 -6.25 -9.45 4.87
OP2 TAF B 7 -3.88 -8.67 4.30
O5' TAF B 7 -5.90 -7.28 3.68
N1 TAF B 7 -5.11 -3.43 1.39
C6 TAF B 7 -3.98 -4.13 1.78
C2 TAF B 7 -5.02 -2.36 0.50
O2 TAF B 7 -6.00 -1.76 0.08
N3 TAF B 7 -3.75 -1.99 0.09
C4 TAF B 7 -2.56 -2.60 0.47
O4 TAF B 7 -1.47 -2.15 0.07
C5 TAF B 7 -2.74 -3.76 1.35
C5M TAF B 7 -1.54 -4.58 1.78
F2' TAF B 7 -5.97 -5.56 0.06
C2' TAF B 7 -7.01 -4.91 0.73
C5' TAF B 7 -7.22 -6.79 3.87
C4' TAF B 7 -7.56 -5.56 2.99
O4' TAF B 7 -6.51 -4.60 2.99
C1' TAF B 7 -6.47 -3.92 1.75
C3' TAF B 7 -7.80 -5.96 1.53
O3' TAF B 7 -9.21 -6.04 1.21
H6 TAF B 7 -4.11 -4.99 2.42
H3 TAF B 7 -3.72 -1.21 -0.55
H71 TAF B 7 -0.88 -3.95 2.36
H72 TAF B 7 -1.02 -4.92 0.88
H73 TAF B 7 -1.85 -5.44 2.37
H2' TAF B 7 -7.61 -4.34 0.03
H5' TAF B 7 -7.94 -7.58 3.67
H5'' TAF B 7 -7.35 -6.49 4.91
H4' TAF B 7 -8.47 -5.11 3.39
H1' TAF B 7 -7.16 -3.06 1.78
H3' TAF B 7 -7.34 -6.93 1.38
P UFT B 8 -9.76 -6.64 -0.20
OP1 UFT B 8 -11.22 -6.85 -0.10
OP2 UFT B 8 -8.89 -7.79 -0.51
O5' UFT B 8 -9.53 -5.44 -1.25
N1 UFT B 8 -6.46 -2.85 -3.32
C6 UFT B 8 -5.80 -3.84 -2.61
C2 UFT B 8 -5.73 -1.93 -4.08
O2 UFT B 8 -6.25 -1.02 -4.70
N3 UFT B 8 -4.36 -2.09 -4.11
C4 UFT B 8 -3.64 -3.05 -3.44
O4 UFT B 8 -2.42 -3.11 -3.56
C5 UFT B 8 -4.45 -3.96 -2.67
F2' UFT B 8 -8.79 -3.75 -5.38
C2' UFT B 8 -8.79 -3.67 -4.01
C5' UFT B 8 -10.19 -4.20 -1.03
C4' UFT B 8 -9.82 -3.07 -1.98
O4' UFT B 8 -8.43 -2.76 -1.91
C1' UFT B 8 -7.93 -2.66 -3.25
C3' UFT B 8 -10.17 -3.30 -3.46
O3' UFT B 8 -10.60 -2.00 -3.88
H6 UFT B 8 -6.35 -4.52 -1.99
H5 UFT B 8 -3.96 -4.73 -2.09
H2' UFT B 8 -8.56 -4.69 -3.70
H5' UFT B 8 -11.28 -4.37 -1.07
H5'A UFT B 8 -9.97 -3.86 -0.02
H4' UFT B 8 -10.37 -2.19 -1.63
H1' UFT B 8 -8.18 -1.66 -3.62
H3' UFT B 8 -10.91 -4.07 -3.59
HN3 UFT B 8 -3.84 -1.42 -4.67
P CFL B 9 -11.50 -1.83 -5.21
O1P CFL B 9 -12.19 -0.55 -4.97
O2P CFL B 9 -12.27 -3.08 -5.41
O5' CFL B 9 -10.46 -1.62 -6.42
C5' CFL B 9 -9.94 -0.32 -6.73
C4' CFL B 9 -8.95 -0.25 -7.90
O4' CFL B 9 -7.65 -0.64 -7.50
C3' CFL B 9 -9.34 -1.07 -9.14
O3' CFL B 9 -9.62 -0.27 -10.31
C2' CFL B 9 -8.19 -2.08 -9.29
C1' CFL B 9 -7.05 -1.37 -8.57
N1 CFL B 9 -5.93 -2.20 -8.05
C2 CFL B 9 -4.63 -1.86 -8.42
O2 CFL B 9 -4.41 -0.96 -9.23
N3 CFL B 9 -3.55 -2.52 -7.92
C4 CFL B 9 -3.77 -3.51 -7.07
N4 CFL B 9 -2.68 -4.06 -6.59
C5 CFL B 9 -5.06 -3.90 -6.63
C6 CFL B 9 -6.12 -3.23 -7.15
F CFL B 9 -8.53 -3.25 -8.65
H5'1 CFL B 9 -10.78 0.33 -6.98
H5'2 CFL B 9 -9.44 0.08 -5.85
H4' CFL B 9 -8.89 0.80 -8.20
H3' CFL B 9 -10.20 -1.65 -8.86
H2' CFL B 9 -7.93 -2.32 -10.30
H1' CFL B 9 -6.65 -0.71 -9.32
HN41 CFL B 9 -1.82 -3.70 -6.99
HN42 CFL B 9 -2.76 -4.78 -5.91
H5 CFL B 9 -5.23 -4.68 -5.90
H6 CFL B 9 -7.13 -3.47 -6.84
F GF2 B 10 -4.13 -3.04 -14.46
P GF2 B 10 -10.09 -0.95 -11.71
N1 GF2 B 10 -0.36 -4.43 -10.98
C2 GF2 B 10 -0.68 -3.54 -11.96
N2 GF2 B 10 0.28 -3.06 -12.71
N3 GF2 B 10 -1.91 -3.13 -12.21
C4 GF2 B 10 -2.85 -3.72 -11.42
C5 GF2 B 10 -2.65 -4.64 -10.42
C6 GF2 B 10 -1.28 -5.01 -10.12
O6 GF2 B 10 -0.83 -5.76 -9.25
N7 GF2 B 10 -3.88 -5.04 -9.90
C8 GF2 B 10 -4.77 -4.33 -10.56
N9 GF2 B 10 -4.20 -3.49 -11.49
C1' GF2 B 10 -4.81 -2.50 -12.42
OP2 GF2 B 10 -10.86 -2.17 -11.38
C2' GF2 B 10 -5.29 -3.09 -13.73
OP1 GF2 B 10 -10.64 0.02 -12.68
C3' GF2 B 10 -6.41 -2.11 -14.09
O3' GF2 B 10 -6.38 -1.62 -15.43
C4' GF2 B 10 -6.36 -1.06 -12.98
O4' GF2 B 10 -5.89 -1.79 -11.86
C5' GF2 B 10 -7.71 -0.41 -12.68
O5' GF2 B 10 -8.70 -1.38 -12.39
HN1 GF2 B 10 0.62 -4.69 -10.87
HN2 GF2 B 10 0.00 -2.42 -13.44
HN2A GF2 B 10 1.25 -3.35 -12.58
H8 GF2 B 10 -5.83 -4.37 -10.37
H1' GF2 B 10 -4.01 -1.83 -12.69
H2' GF2 B 10 -5.69 -4.10 -13.62
H3' GF2 B 10 -7.35 -2.66 -13.96
H4' GF2 B 10 -5.64 -0.28 -13.26
H5' GF2 B 10 -8.01 0.21 -13.53
H5'A GF2 B 10 -7.57 0.25 -11.82
P CFL B 11 -6.79 -2.53 -16.69
O1P CFL B 11 -6.99 -1.62 -17.83
O2P CFL B 11 -7.93 -3.34 -16.20
O5' CFL B 11 -5.51 -3.50 -17.01
C5' CFL B 11 -4.38 -2.99 -17.73
C4' CFL B 11 -3.15 -3.93 -17.93
O4' CFL B 11 -2.50 -4.20 -16.70
C3' CFL B 11 -3.36 -5.29 -18.62
O3' CFL B 11 -2.27 -5.56 -19.54
C2' CFL B 11 -3.36 -6.27 -17.47
C1' CFL B 11 -2.28 -5.61 -16.62
N1 CFL B 11 -2.22 -6.06 -15.21
C2 CFL B 11 -1.05 -6.63 -14.72
O2 CFL B 11 -0.03 -6.69 -15.39
N3 CFL B 11 -1.02 -7.15 -13.47
C4 CFL B 11 -2.11 -7.11 -12.73
N4 CFL B 11 -2.02 -7.64 -11.54
C5 CFL B 11 -3.32 -6.48 -13.17
C6 CFL B 11 -3.34 -5.97 -14.42
F CFL B 11 -4.60 -6.35 -16.87
H5'1 CFL B 11 -4.70 -2.66 -18.71
H5'2 CFL B 11 -4.01 -2.11 -17.19
H4' CFL B 11 -2.44 -3.36 -18.54
H3' CFL B 11 -4.33 -5.33 -19.09
H2' CFL B 11 -3.06 -7.26 -17.74
H1' CFL B 11 -1.33 -5.88 -17.10
HN41 CFL B 11 -1.13 -8.07 -11.27
HN42 CFL B 11 -2.81 -7.64 -10.91
H5 CFL B 11 -4.20 -6.43 -12.56
H6 CFL B 11 -4.21 -5.48 -14.85
F GF2 B 12 -3.94 -11.83 -17.36
P GF2 B 12 -2.14 -6.89 -20.49
N1 GF2 B 12 -0.12 -11.63 -12.30
C2 GF2 B 12 0.54 -11.53 -13.48
N2 GF2 B 12 1.80 -11.88 -13.42
N3 GF2 B 12 0.02 -11.07 -14.61
C4 GF2 B 12 -1.26 -10.60 -14.44
C5 GF2 B 12 -1.98 -10.56 -13.27
C6 GF2 B 12 -1.39 -11.13 -12.08
O6 GF2 B 12 -1.82 -11.25 -10.95
N7 GF2 B 12 -3.24 -10.00 -13.53
C8 GF2 B 12 -3.23 -9.76 -14.81
N9 GF2 B 12 -2.10 -10.20 -15.45
C1' GF2 B 12 -1.90 -10.68 -16.84
OP2 GF2 B 12 -3.48 -7.22 -21.01
C2' GF2 B 12 -3.14 -10.77 -17.75
OP1 GF2 B 12 -1.00 -6.69 -21.41
C3' GF2 B 12 -2.44 -11.05 -19.07
O3' GF2 B 12 -2.19 -12.46 -19.12
C4' GF2 B 12 -1.05 -10.37 -18.96
O4' GF2 B 12 -0.90 -10.02 -17.59
C5' GF2 B 12 -0.87 -9.15 -19.86
O5' GF2 B 12 -1.74 -8.10 -19.49
HN1 GF2 B 12 0.38 -12.07 -11.55
HN2 GF2 B 12 2.35 -11.69 -14.25
HN2A GF2 B 12 2.17 -12.09 -12.51
H8 GF2 B 12 -4.06 -9.31 -15.33
H1' GF2 B 12 -1.55 -11.70 -16.72
H2' GF2 B 12 -3.72 -9.84 -17.71
H3' GF2 B 12 -3.05 -10.80 -19.94
HO3' GF2 B 12 -1.70 -12.71 -18.32
H4' GF2 B 12 -0.29 -11.10 -19.22
H5' GF2 B 12 -1.07 -9.44 -20.90
H5'A GF2 B 12 0.16 -8.79 -19.80
N1 CFZ A 1 5.18 -13.73 -9.48
C2 CFZ A 1 4.41 -13.59 -10.66
O2 CFZ A 1 4.91 -13.86 -11.76
N3 CFZ A 1 3.11 -13.15 -10.54
C4 CFZ A 1 2.59 -12.90 -9.32
N4 CFZ A 1 1.32 -12.54 -9.20
C5 CFZ A 1 3.36 -13.07 -8.14
C6 CFZ A 1 4.65 -13.47 -8.25
C1' CFZ A 1 6.61 -14.16 -9.54
C2' CFZ A 1 7.58 -12.97 -9.66
F2' CFZ A 1 7.85 -13.03 -11.01
C3' CFZ A 1 8.66 -13.30 -8.62
O3' CFZ A 1 9.98 -12.86 -8.91
C4' CFZ A 1 8.48 -14.81 -8.46
O4' CFZ A 1 7.05 -14.91 -8.43
C5' CFZ A 1 9.11 -15.40 -7.19
O5' CFZ A 1 8.44 -14.93 -6.04
HN4 CFZ A 1 0.67 -12.41 -9.97
HN4A CFZ A 1 0.99 -12.36 -8.26
H5 CFZ A 1 2.99 -12.90 -7.16
H6 CFZ A 1 5.24 -13.60 -7.37
H1' CFZ A 1 6.73 -14.77 -10.41
H2' CFZ A 1 7.10 -12.04 -9.41
H3' CFZ A 1 8.36 -12.84 -7.67
H4' CFZ A 1 8.89 -15.31 -9.33
H5' CFZ A 1 10.16 -15.12 -7.16
H5'A CFZ A 1 9.04 -16.48 -7.25
HO5' CFZ A 1 7.50 -15.10 -6.16
F GF2 A 2 7.46 -7.49 -13.53
P GF2 A 2 10.44 -11.32 -8.72
N1 GF2 A 2 1.89 -8.33 -13.06
C2 GF2 A 2 2.93 -8.19 -13.92
N2 GF2 A 2 2.70 -7.64 -15.08
N3 GF2 A 2 4.18 -8.54 -13.65
C4 GF2 A 2 4.32 -9.05 -12.39
C5 GF2 A 2 3.33 -9.27 -11.45
C6 GF2 A 2 1.98 -8.89 -11.80
O6 GF2 A 2 0.95 -9.00 -11.16
N7 GF2 A 2 3.88 -9.84 -10.30
C8 GF2 A 2 5.16 -9.92 -10.57
N9 GF2 A 2 5.50 -9.46 -11.82
C1' GF2 A 2 6.83 -9.36 -12.46
OP2 GF2 A 2 9.94 -10.74 -7.45
C2' GF2 A 2 7.47 -8.00 -12.25
OP1 GF2 A 2 11.86 -11.11 -9.02
C3' GF2 A 2 8.80 -8.30 -11.58
O3' GF2 A 2 9.83 -7.36 -11.86
C4' GF2 A 2 9.03 -9.74 -12.04
O4' GF2 A 2 7.72 -10.30 -11.90
C5' GF2 A 2 10.04 -10.51 -11.18
O5' GF2 A 2 9.64 -10.49 -9.82
HN1 GF2 A 2 0.96 -7.99 -13.33
HN2 GF2 A 2 3.47 -7.53 -15.70
HN2A GF2 A 2 1.75 -7.31 -15.31
H8 GF2 A 2 5.89 -10.31 -9.87
H1' GF2 A 2 6.73 -9.49 -13.53
H2' GF2 A 2 6.87 -7.37 -11.59
H3' GF2 A 2 8.64 -8.33 -10.50
H4' GF2 A 2 9.34 -9.75 -13.08
H5' GF2 A 2 11.02 -10.04 -11.28
H5'A GF2 A 2 10.10 -11.53 -11.54
P CFZ A 3 9.88 -5.94 -11.06
N1 CFZ A 3 4.17 -5.03 -12.18
C2 CFZ A 3 2.79 -4.99 -12.26
O2 CFZ A 3 2.23 -4.47 -13.22
N3 CFZ A 3 2.03 -5.50 -11.26
C4 CFZ A 3 2.63 -6.03 -10.20
N4 CFZ A 3 1.84 -6.52 -9.27
C5 CFZ A 3 4.05 -6.10 -10.07
C6 CFZ A 3 4.79 -5.58 -11.08
C1' CFZ A 3 4.97 -4.34 -13.22
O1P CFZ A 3 11.08 -5.19 -11.48
C2' CFZ A 3 5.26 -2.90 -12.84
F2' CFZ A 3 4.82 -2.16 -13.93
O2P CFZ A 3 9.67 -6.27 -9.63
C3' CFZ A 3 6.75 -2.88 -12.52
O3' CFZ A 3 7.37 -1.62 -12.77
C4' CFZ A 3 7.25 -4.03 -13.40
O4' CFZ A 3 6.22 -4.99 -13.34
C5' CFZ A 3 8.59 -4.62 -12.98
O5' CFZ A 3 8.59 -5.14 -11.64
HN4 CFZ A 3 0.83 -6.45 -9.40
HN4A CFZ A 3 2.23 -6.98 -8.47
H5 CFZ A 3 4.54 -6.53 -9.22
H6 CFZ A 3 5.87 -5.57 -11.06
H1' CFZ A 3 4.40 -4.26 -14.13
H2' CFZ A 3 4.61 -2.67 -12.03
H3' CFZ A 3 6.92 -3.17 -11.49
H4' CFZ A 3 7.32 -3.67 -14.42
H5' CFZ A 3 9.36 -3.84 -13.05
H5'A CFZ A 3 8.85 -5.41 -13.67
F GF2 A 4 0.66 1.85 -12.64
P GF2 A 4 7.25 -0.37 -11.77
N1 GF2 A 4 -2.00 -1.94 -9.46
C2 GF2 A 4 -2.04 -1.09 -10.54
N2 GF2 A 4 -3.21 -0.63 -10.89
N3 GF2 A 4 -0.97 -0.68 -11.21
C4 GF2 A 4 0.20 -1.22 -10.73
C5 GF2 A 4 0.35 -2.08 -9.66
C6 GF2 A 4 -0.84 -2.46 -8.93
O6 GF2 A 4 -0.95 -3.17 -7.93
N7 GF2 A 4 1.69 -2.41 -9.52
C8 GF2 A 4 2.29 -1.75 -10.46
N9 GF2 A 4 1.46 -0.99 -11.24
C1' GF2 A 4 1.82 -0.05 -12.34
OP2 GF2 A 4 7.48 -0.94 -10.44
C2' GF2 A 4 1.72 1.40 -11.90
OP1 GF2 A 4 8.26 0.60 -12.22
C3' GF2 A 4 3.12 1.97 -12.12
O3' GF2 A 4 3.18 3.36 -12.41
C4' GF2 A 4 3.74 0.98 -13.11
O4' GF2 A 4 3.18 -0.26 -12.69
C5' GF2 A 4 5.28 0.87 -13.06
O5' GF2 A 4 5.77 0.29 -11.84
HN1 GF2 A 4 -2.87 -2.20 -9.00
HN2 GF2 A 4 -3.23 0.00 -11.68
HN2A GF2 A 4 -4.05 -0.92 -10.40
H8 GF2 A 4 3.36 -1.79 -10.64
H1' GF2 A 4 1.16 -0.19 -13.19
H2' GF2 A 4 1.48 1.49 -10.84
H3' GF2 A 4 3.66 1.80 -11.20
H4' GF2 A 4 3.41 1.22 -14.13
H5' GF2 A 4 5.72 1.85 -13.20
H5'A GF2 A 4 5.59 0.24 -13.89
F AF2 A 5 -3.57 4.67 -9.31
P AF2 A 5 3.01 4.46 -11.22
N1 AF2 A 5 -3.78 -0.19 -6.04
C2 AF2 A 5 -4.42 0.71 -6.78
N3 AF2 A 5 -3.91 1.49 -7.72
C4 AF2 A 5 -2.58 1.28 -7.89
C5 AF2 A 5 -1.78 0.41 -7.20
C6 AF2 A 5 -2.46 -0.37 -6.24
N6 AF2 A 5 -1.88 -1.28 -5.49
N7 AF2 A 5 -0.45 0.49 -7.62
C8 AF2 A 5 -0.49 1.41 -8.54
N9 AF2 A 5 -1.74 1.93 -8.76
C1' AF2 A 5 -2.11 3.01 -9.71
OP2 AF2 A 5 3.89 3.98 -10.12
C2' AF2 A 5 -2.25 4.35 -8.99
OP1 AF2 A 5 3.16 5.85 -11.71
C3' AF2 A 5 -1.14 5.21 -9.57
O3' AF2 A 5 -1.43 6.60 -9.61
C4' AF2 A 5 -0.94 4.53 -10.93
O4' AF2 A 5 -1.05 3.16 -10.62
C5' AF2 A 5 0.43 4.81 -11.57
O5' AF2 A 5 1.49 4.36 -10.74
H2 AF2 A 5 -5.47 0.86 -6.55
H8 AF2 A 5 0.38 1.75 -9.09
H5' AF2 A 5 0.51 5.87 -11.76
H5'A AF2 A 5 0.47 4.29 -12.54
H1' AF2 A 5 -3.06 2.78 -10.19
H2' AF2 A 5 -2.13 4.26 -7.92
H3' AF2 A 5 -0.23 5.04 -8.98
H4' AF2 A 5 -1.73 4.83 -11.61
HN6 AF2 A 5 -0.92 -1.52 -5.69
HN6A AF2 A 5 -2.43 -1.81 -4.82
F AF2 A 6 -6.74 5.03 -4.42
P AF2 A 6 -1.45 7.52 -8.27
N1 AF2 A 6 -4.38 0.41 -2.06
C2 AF2 A 6 -5.47 1.06 -2.48
N3 AF2 A 6 -5.54 2.03 -3.39
C4 AF2 A 6 -4.31 2.33 -3.91
C5 AF2 A 6 -3.12 1.76 -3.59
C6 AF2 A 6 -3.21 0.73 -2.63
N6 AF2 A 6 -2.16 0.04 -2.19
N7 AF2 A 6 -2.07 2.34 -4.30
C8 AF2 A 6 -2.67 3.26 -5.02
N9 AF2 A 6 -4.03 3.29 -4.88
C1' AF2 A 6 -4.98 4.23 -5.52
OP2 AF2 A 6 -0.17 7.30 -7.54
C2' AF2 A 6 -5.40 5.30 -4.54
OP1 AF2 A 6 -1.81 8.89 -8.63
C3' AF2 A 6 -4.92 6.62 -5.16
O3' AF2 A 6 -5.68 7.78 -4.77
C4' AF2 A 6 -4.86 6.24 -6.64
O4' AF2 A 6 -4.33 4.92 -6.57
C5' AF2 A 6 -3.98 7.14 -7.52
O5' AF2 A 6 -2.58 6.97 -7.26
H2 AF2 A 6 -6.40 0.76 -2.02
H8 AF2 A 6 -2.16 3.94 -5.68
H5' AF2 A 6 -4.25 8.19 -7.36
H5'A AF2 A 6 -4.17 6.91 -8.57
H1' AF2 A 6 -5.88 3.71 -5.86
H2' AF2 A 6 -4.90 5.14 -3.60
H3' AF2 A 6 -3.89 6.78 -4.86
H4' AF2 A 6 -5.88 6.22 -7.05
HN6 AF2 A 6 -1.27 0.22 -2.61
HN6A AF2 A 6 -2.28 -0.70 -1.50
P TAF A 7 -5.51 8.42 -3.29
OP1 TAF A 7 -6.31 9.67 -3.11
OP2 TAF A 7 -4.07 8.42 -2.98
O5' TAF A 7 -6.23 7.35 -2.34
N1 TAF A 7 -5.78 3.78 -0.12
C6 TAF A 7 -4.69 4.26 -0.80
C2 TAF A 7 -5.65 2.72 0.79
O2 TAF A 7 -6.58 2.29 1.47
N3 TAF A 7 -4.38 2.17 0.93
C4 TAF A 7 -3.25 2.63 0.32
O4 TAF A 7 -2.18 2.08 0.59
C5 TAF A 7 -3.44 3.75 -0.61
C5M TAF A 7 -2.26 4.37 -1.33
F2' TAF A 7 -5.90 6.40 0.66
C2' TAF A 7 -7.12 5.74 0.68
C5' TAF A 7 -7.64 7.13 -2.45
C4' TAF A 7 -8.17 6.09 -1.45
O4' TAF A 7 -7.41 4.88 -1.50
C1' TAF A 7 -7.09 4.48 -0.17
C3' TAF A 7 -8.16 6.61 -0.02
O3' TAF A 7 -9.48 6.65 0.59
H6 TAF A 7 -4.84 5.12 -1.46
H3 TAF A 7 -4.29 1.42 1.59
H71 TAF A 7 -2.57 5.14 -2.03
H72 TAF A 7 -1.71 3.59 -1.86
H73 TAF A 7 -1.59 4.80 -0.59
H2' TAF A 7 -7.36 5.52 1.70
H5' TAF A 7 -8.15 8.07 -2.27
H5'' TAF A 7 -7.88 6.83 -3.46
H4' TAF A 7 -9.20 5.86 -1.73
H1' TAF A 7 -7.87 3.80 0.20
H3' TAF A 7 -7.73 7.60 -0.01
P UFT A 8 -9.75 7.55 1.92
OP1 UFT A 8 -11.20 7.68 2.23
OP2 UFT A 8 -8.92 8.76 1.80
O5' UFT A 8 -9.21 6.60 3.09
N1 UFT A 8 -5.60 3.56 4.45
C6 UFT A 8 -4.98 4.51 3.67
C2 UFT A 8 -4.87 2.53 5.05
O2 UFT A 8 -5.37 1.66 5.75
N3 UFT A 8 -3.51 2.54 4.85
C4 UFT A 8 -2.80 3.47 4.12
O4 UFT A 8 -1.58 3.41 4.09
C5 UFT A 8 -3.63 4.48 3.49
F2' UFT A 8 -7.32 3.53 6.97
C2' UFT A 8 -7.34 4.50 5.98
C5' UFT A 8 -9.86 5.37 3.37
C4' UFT A 8 -9.05 4.48 4.31
O4' UFT A 8 -7.81 4.17 3.71
C1' UFT A 8 -7.05 3.63 4.76
C3' UFT A 8 -8.68 5.15 5.63
O3' UFT A 8 -9.70 5.06 6.65
H6 UFT A 8 -5.57 5.28 3.19
H5 UFT A 8 -3.14 5.23 2.89
H2' UFT A 8 -6.57 5.25 6.13
H5' UFT A 8 -10.84 5.55 3.81
H5'A UFT A 8 -10.02 4.81 2.44
H4' UFT A 8 -9.60 3.56 4.50
H1' UFT A 8 -7.42 2.62 5.01
H3' UFT A 8 -8.49 6.19 5.44
HN3 UFT A 8 -2.97 1.83 5.34
P CFL A 9 -9.64 5.94 8.00
O1P CFL A 9 -10.98 5.76 8.61
O2P CFL A 9 -9.17 7.29 7.66
O5' CFL A 9 -8.59 5.22 8.99
C5' CFL A 9 -8.87 3.95 9.57
C4' CFL A 9 -7.77 3.37 10.48
O4' CFL A 9 -6.63 2.94 9.76
C3' CFL A 9 -7.31 4.36 11.55
O3' CFL A 9 -7.55 3.91 12.89
C2' CFL A 9 -5.86 4.66 11.19
C1' CFL A 9 -5.46 3.40 10.43
N1 CFL A 9 -4.34 3.57 9.45
C2 CFL A 9 -3.11 2.95 9.72
O2 CFL A 9 -2.95 2.23 10.69
N3 CFL A 9 -2.06 3.15 8.87
C4 CFL A 9 -2.21 3.91 7.80
N4 CFL A 9 -1.17 4.05 7.03
C5 CFL A 9 -3.46 4.53 7.48
C6 CFL A 9 -4.49 4.34 8.33
F CFL A 9 -5.81 5.75 10.36
H5'1 CFL A 9 -9.78 4.05 10.17
H5'2 CFL A 9 -9.06 3.23 8.78
H4' CFL A 9 -8.19 2.50 10.98
H3' CFL A 9 -7.86 5.28 11.40
H2' CFL A 9 -5.22 4.84 12.04
H1' CFL A 9 -5.15 2.72 11.20
HN41 CFL A 9 -0.28 3.62 7.33
HN42 CFL A 9 -1.25 4.49 6.14
H5 CFL A 9 -3.58 5.15 6.60
H6 CFL A 9 -5.46 4.79 8.16
F GF2 A 10 -0.60 4.66 15.40
P GF2 A 10 -7.38 4.92 14.14
N1 GF2 A 10 2.61 4.51 11.19
C2 GF2 A 10 2.27 3.87 12.33
N2 GF2 A 10 3.21 3.29 13.02
N3 GF2 A 10 1.03 3.84 12.83
C4 GF2 A 10 0.14 4.57 12.09
C5 GF2 A 10 0.39 5.27 10.94
C6 GF2 A 10 1.74 5.24 10.40
O6 GF2 A 10 2.20 5.78 9.40
N7 GF2 A 10 -0.77 5.95 10.54
C8 GF2 A 10 -1.65 5.62 11.45
N9 GF2 A 10 -1.17 4.78 12.42
C1' GF2 A 10 -1.84 4.19 13.60
OP2 GF2 A 10 -7.73 6.28 13.61
C2' GF2 A 10 -1.80 5.07 14.85
OP1 GF2 A 10 -8.04 4.39 15.36
C3' GF2 A 10 -3.09 4.67 15.57
O3' GF2 A 10 -2.97 4.34 16.95
C4' GF2 A 10 -3.69 3.58 14.69
O4' GF2 A 10 -3.21 3.90 13.39
C5' GF2 A 10 -5.21 3.54 14.74
O5' GF2 A 10 -5.80 4.80 14.40
HN1 GF2 A 10 3.59 4.53 10.91
HN2 GF2 A 10 2.94 2.88 13.90
HN2A GF2 A 10 4.20 3.39 12.76
H8 GF2 A 10 -2.67 5.97 11.43
H1' GF2 A 10 -1.28 3.31 13.86
H2' GF2 A 10 -1.82 6.12 14.63
H3' GF2 A 10 -3.76 5.52 15.48
H4' GF2 A 10 -3.29 2.60 14.99
H5' GF2 A 10 -5.53 3.25 15.74
H5'A GF2 A 10 -5.56 2.77 14.05
P CFL A 11 -2.79 5.47 18.08
O1P CFL A 11 -3.08 4.81 19.36
O2P CFL A 11 -3.71 6.55 17.65
O5' CFL A 11 -1.23 5.93 18.06
C5' CFL A 11 -0.20 5.10 18.62
C4' CFL A 11 1.27 5.56 18.49
O4' CFL A 11 1.75 5.48 17.15
C3' CFL A 11 1.66 6.95 19.00
O3' CFL A 11 2.93 6.87 19.71
C2' CFL A 11 1.74 7.78 17.73
C1' CFL A 11 2.38 6.70 16.84
N1 CFL A 11 2.29 6.98 15.38
C2 CFL A 11 3.45 7.06 14.62
O2 CFL A 11 4.56 6.84 15.11
N3 CFL A 11 3.40 7.42 13.32
C4 CFL A 11 2.23 7.66 12.77
N4 CFL A 11 2.24 8.02 11.52
C5 CFL A 11 0.98 7.51 13.48
C6 CFL A 11 1.07 7.16 14.79
F CFL A 11 0.50 8.21 17.31
H5'1 CFL A 11 -0.42 4.97 19.68
H5'2 CFL A 11 -0.27 4.11 18.16
H4' CFL A 11 1.86 4.83 19.06
H3' CFL A 11 0.85 7.35 19.60
H2' CFL A 11 2.36 8.65 17.81
H1' CFL A 11 3.44 6.69 17.10
HN41 CFL A 11 3.15 8.08 11.05
HN42 CFL A 11 1.38 8.23 11.03
H5 CFL A 11 0.04 7.65 13.00
H6 CFL A 11 0.18 7.04 15.41
F GF2 A 12 3.37 12.81 17.09
P GF2 A 12 3.75 8.15 20.25
N1 GF2 A 12 5.43 11.17 11.11
C2 GF2 A 12 6.28 11.06 12.14
N2 GF2 A 12 7.54 11.10 11.83
N3 GF2 A 12 5.93 10.91 13.41
C4 GF2 A 12 4.57 10.84 13.57
C5 GF2 A 12 3.60 10.92 12.59
C6 GF2 A 12 4.05 11.11 11.22
O6 GF2 A 12 3.42 11.25 10.18
N7 GF2 A 12 2.34 10.86 13.18
C8 GF2 A 12 2.59 10.75 14.47
N9 GF2 A 12 3.92 10.76 14.78
C1' GF2 A 12 4.67 11.03 16.04
OP2 GF2 A 12 2.80 9.09 20.88
C2' GF2 A 12 3.95 11.57 17.27
OP1 GF2 A 12 4.83 7.69 21.14
C3' GF2 A 12 5.21 11.67 18.15
O3' GF2 A 12 6.01 12.73 17.64
C4' GF2 A 12 5.94 10.35 17.82
O4' GF2 A 12 5.42 9.93 16.55
C5' GF2 A 12 5.76 9.23 18.86
O5' GF2 A 12 4.40 8.86 18.96
HN1 GF2 A 12 5.84 11.30 10.20
HN2 GF2 A 12 8.20 10.99 12.58
HN2A GF2 A 12 7.75 11.14 10.84
H8 GF2 A 12 1.79 10.69 15.20
H1' GF2 A 12 5.39 11.80 15.75
H2' GF2 A 12 3.26 10.85 17.70
H3' GF2 A 12 5.02 11.88 19.20
HO3' GF2 A 12 6.82 12.79 18.17
H4' GF2 A 12 7.01 10.56 17.70
H5' GF2 A 12 6.11 9.61 19.82
H5'A GF2 A 12 6.36 8.37 18.58
N1 CFZ B 1 9.21 11.94 7.45
C2 CFZ B 1 8.65 11.96 8.75
O2 CFZ B 1 9.36 12.19 9.73
N3 CFZ B 1 7.28 11.74 8.89
C4 CFZ B 1 6.53 11.54 7.79
N4 CFZ B 1 5.22 11.39 7.91
C5 CFZ B 1 7.10 11.52 6.49
C6 CFZ B 1 8.43 11.70 6.36
C1' CFZ B 1 10.66 12.18 7.26
C2' CFZ B 1 11.51 10.91 7.37
F2' CFZ B 1 11.90 11.00 8.70
C3' CFZ B 1 12.51 11.08 6.21
O3' CFZ B 1 13.81 10.54 6.46
C4' CFZ B 1 12.43 12.57 5.94
O4' CFZ B 1 11.02 12.81 6.03
C5' CFZ B 1 12.95 13.00 4.56
O5' CFZ B 1 12.14 12.50 3.52
HN4 CFZ B 1 4.71 11.40 8.79
HN4A CFZ B 1 4.69 11.24 7.07
H5 CFZ B 1 6.53 11.38 5.59
H6 CFZ B 1 8.88 11.70 5.37
H1' CFZ B 1 10.98 12.85 8.05
H2' CFZ B 1 10.90 10.02 7.22
H3' CFZ B 1 12.09 10.57 5.34
H4' CFZ B 1 12.98 13.12 6.71
H5' CFZ B 1 13.98 12.64 4.43
H5'A CFZ B 1 12.97 14.09 4.51
HO5' CFZ B 1 11.23 12.71 3.73
F GF2 B 2 11.31 5.49 11.45
P GF2 B 2 14.14 8.97 6.21
N1 GF2 B 2 6.00 7.51 12.16
C2 GF2 B 2 7.15 7.20 12.81
N2 GF2 B 2 7.06 6.81 14.06
N3 GF2 B 2 8.36 7.25 12.25
C4 GF2 B 2 8.34 7.66 10.95
C5 GF2 B 2 7.22 8.00 10.21
C6 GF2 B 2 5.93 7.92 10.84
O6 GF2 B 2 4.82 8.18 10.39
N7 GF2 B 2 7.62 8.39 8.93
C8 GF2 B 2 8.92 8.24 8.93
N9 GF2 B 2 9.42 7.79 10.13
C1' GF2 B 2 10.81 7.47 10.49
OP2 GF2 B 2 13.50 8.49 4.97
C2' GF2 B 2 11.19 6.02 10.18
OP1 GF2 B 2 15.58 8.72 6.43
C3' GF2 B 2 12.44 6.13 9.30
O3' GF2 B 2 13.34 5.03 9.42
C4' GF2 B 2 12.93 7.53 9.70
O4' GF2 B 2 11.73 8.27 9.76
C5' GF2 B 2 13.91 8.17 8.71
O5' GF2 B 2 13.37 8.20 7.40
HN1 GF2 B 2 5.11 7.43 12.66
HN2 GF2 B 2 7.91 6.58 14.53
HN2A GF2 B 2 6.15 6.78 14.52
H8 GF2 B 2 9.54 8.45 8.08
H1' GF2 B 2 10.94 7.60 11.57
H2' GF2 B 2 10.40 5.51 9.63
H3' GF2 B 2 12.10 6.21 8.26
H4' GF2 B 2 13.40 7.48 10.69
H5' GF2 B 2 14.84 7.60 8.71
H5'A GF2 B 2 14.12 9.19 9.05
P CFZ B 3 13.07 3.62 8.67
N1 CFZ B 3 7.54 3.64 10.85
C2 CFZ B 3 6.23 3.90 11.28
O2 CFZ B 3 5.85 3.51 12.38
N3 CFZ B 3 5.37 4.55 10.46
C4 CFZ B 3 5.77 4.92 9.26
N4 CFZ B 3 4.88 5.56 8.52
C5 CFZ B 3 7.10 4.72 8.79
C6 CFZ B 3 7.96 4.06 9.62
C1' CFZ B 3 8.44 2.81 11.71
O1P CFZ B 3 14.18 2.69 8.90
C2' CFZ B 3 8.37 1.34 11.35
F2' CFZ B 3 7.99 0.76 12.52
O2P CFZ B 3 12.75 4.00 7.27
C3' CFZ B 3 9.76 1.00 10.77
O3' CFZ B 3 10.20 -0.34 11.02
C4' CFZ B 3 10.60 2.09 11.43
O4' CFZ B 3 9.77 3.23 11.45
C5' CFZ B 3 11.92 2.44 10.73
O5' CFZ B 3 11.78 2.93 9.39
HN4 CFZ B 3 3.95 5.69 8.89
HN4A CFZ B 3 5.15 5.92 7.63
H5 CFZ B 3 7.44 5.05 7.82
H6 CFZ B 3 8.99 3.86 9.34
H1' CFZ B 3 8.13 2.87 12.72
H2' CFZ B 3 7.56 1.23 10.66
H3' CFZ B 3 9.77 1.20 9.69
H4' CFZ B 3 10.81 1.81 12.45
H5' CFZ B 3 12.56 1.55 10.72
H5'A CFZ B 3 12.43 3.19 11.33
F GF2 B 4 2.93 -2.29 12.21
P GF2 B 4 9.68 -1.60 10.15
N1 GF2 B 4 0.39 1.93 9.65
C2 GF2 B 4 0.45 1.11 10.75
N2 GF2 B 4 -0.68 0.89 11.40
N3 GF2 B 4 1.56 0.52 11.18
C4 GF2 B 4 2.66 0.84 10.45
C5 GF2 B 4 2.72 1.66 9.34
C6 GF2 B 4 1.48 2.24 8.87
O6 GF2 B 4 1.26 2.95 7.88
N7 GF2 B 4 4.03 1.76 8.88
C8 GF2 B 4 4.71 1.00 9.70
N9 GF2 B 4 3.93 0.39 10.65
C1' GF2 B 4 4.37 -0.63 11.65
OP2 GF2 B 4 9.86 -1.15 8.75
C2' GF2 B 4 3.91 -2.04 11.27
OP1 GF2 B 4 10.40 -2.83 10.58
C3' GF2 B 4 5.21 -2.85 11.25
O3' GF2 B 4 5.05 -4.22 11.65
C4' GF2 B 4 6.16 -1.99 12.08
O4' GF2 B 4 5.78 -0.68 11.70
C5' GF2 B 4 7.66 -2.23 11.79
O5' GF2 B 4 8.10 -1.79 10.50
HN1 GF2 B 4 -0.49 2.34 9.40
HN2 GF2 B 4 -0.62 0.30 12.19
HN2A GF2 B 4 -1.54 1.35 11.11
H8 GF2 B 4 5.77 0.85 9.65
H1' GF2 B 4 3.93 -0.40 12.63
H2' GF2 B 4 3.47 -2.05 10.28
H3' GF2 B 4 5.59 -2.82 10.24
H4' GF2 B 4 5.96 -2.15 13.14
H5' GF2 B 4 7.88 -3.29 11.91
H5'A GF2 B 4 8.23 -1.70 12.55
F AF2 B 5 -2.25 -4.08 9.89
P AF2 B 5 4.52 -5.34 10.62
N1 AF2 B 5 -2.06 0.68 6.42
C2 AF2 B 5 -2.72 -0.05 7.30
N3 AF2 B 5 -2.22 -0.95 8.16
C4 AF2 B 5 -0.86 -1.04 8.05
C5 AF2 B 5 -0.05 -0.36 7.18
C6 AF2 B 5 -0.73 0.56 6.34
N6 AF2 B 5 -0.15 1.36 5.46
N7 AF2 B 5 1.29 -0.72 7.34
C8 AF2 B 5 1.24 -1.60 8.30
N9 AF2 B 5 -0.02 -1.87 8.77
C1' AF2 B 5 -0.40 -2.83 9.84
OP2 AF2 B 5 5.28 -5.16 9.37
C2' AF2 B 5 -1.00 -4.12 9.29
OP1 AF2 B 5 4.52 -6.68 11.28
C3' AF2 B 5 -0.02 -5.22 9.72
O3' AF2 B 5 -0.60 -6.51 9.95
C4' AF2 B 5 0.63 -4.56 10.93
O4' AF2 B 5 0.79 -3.21 10.50
C5' AF2 B 5 1.98 -5.15 11.34
O5' AF2 B 5 2.98 -4.99 10.33
H2 AF2 B 5 -3.79 0.06 7.31
H8 AF2 B 5 2.12 -2.10 8.70
H5' AF2 B 5 1.85 -6.21 11.57
H5'A AF2 B 5 2.31 -4.66 12.26
H1' AF2 B 5 -1.12 -2.38 10.52
H2' AF2 B 5 -1.09 -4.09 8.21
H3' AF2 B 5 0.75 -5.31 8.94
H4' AF2 B 5 -0.06 -4.61 11.77
HN6 AF2 B 5 0.86 1.38 5.44
HN6A AF2 B 5 -0.71 2.04 4.95
F AF2 B 6 -6.41 -4.04 5.94
P AF2 B 6 -1.06 -7.46 8.73
N1 AF2 B 6 -3.96 0.04 2.84
C2 AF2 B 6 -5.01 -0.48 3.49
N3 AF2 B 6 -5.00 -1.43 4.42
C4 AF2 B 6 -3.74 -1.88 4.67
C5 AF2 B 6 -2.58 -1.46 4.09
C6 AF2 B 6 -2.75 -0.42 3.14
N6 AF2 B 6 -1.74 0.13 2.48
N7 AF2 B 6 -1.47 -2.18 4.57
C8 AF2 B 6 -2.01 -3.00 5.43
N9 AF2 B 6 -3.37 -2.87 5.57
C1' AF2 B 6 -4.28 -3.60 6.48
OP2 AF2 B 6 0.01 -7.60 7.73
C2' AF2 B 6 -5.17 -4.59 5.75
OP1 AF2 B 6 -1.66 -8.72 9.21
C3' AF2 B 6 -4.83 -5.94 6.41
O3' AF2 B 6 -5.91 -6.86 6.39
C4' AF2 B 6 -4.33 -5.48 7.77
O4' AF2 B 6 -3.53 -4.38 7.40
C5' AF2 B 6 -3.53 -6.55 8.53
O5' AF2 B 6 -2.25 -6.74 7.93
H2 AF2 B 6 -5.99 -0.11 3.20
H8 AF2 B 6 -1.44 -3.71 6.01
H5' AF2 B 6 -4.07 -7.49 8.54
H5'A AF2 B 6 -3.40 -6.22 9.56
H1' AF2 B 6 -4.94 -2.90 7.00
H2' AF2 B 6 -4.93 -4.66 4.69
H3' AF2 B 6 -3.98 -6.37 5.89
H4' AF2 B 6 -5.18 -5.17 8.38
HN6 AF2 B 6 -0.80 -0.18 2.67
HN6A AF2 B 6 -1.93 0.86 1.78
P TAF B 7 -6.25 -7.69 5.05
OP1 TAF B 7 -7.35 -8.64 5.37
OP2 TAF B 7 -4.95 -8.21 4.54
O5' TAF B 7 -6.82 -6.59 4.02
N1 TAF B 7 -5.89 -2.85 1.50
C6 TAF B 7 -4.78 -3.61 1.83
C2 TAF B 7 -5.79 -1.79 0.59
O2 TAF B 7 -6.75 -1.12 0.23
N3 TAF B 7 -4.55 -1.54 0.05
C4 TAF B 7 -3.40 -2.25 0.33
O4 TAF B 7 -2.35 -1.93 -0.25
C5 TAF B 7 -3.56 -3.35 1.28
C5M TAF B 7 -2.37 -4.20 1.66
F2' TAF B 7 -6.96 -4.97 0.32
C2' TAF B 7 -7.90 -4.23 1.01
C5' TAF B 7 -8.08 -5.95 4.25
C4' TAF B 7 -8.36 -4.76 3.32
O4' TAF B 7 -7.25 -3.88 3.23
C1' TAF B 7 -7.25 -3.24 1.97
C3' TAF B 7 -8.73 -5.17 1.89
O3' TAF B 7 -10.15 -5.09 1.65
H6 TAF B 7 -4.91 -4.43 2.52
H3 TAF B 7 -4.49 -0.80 -0.64
H71 TAF B 7 -2.63 -4.87 2.49
H72 TAF B 7 -1.54 -3.57 1.96
H73 TAF B 7 -2.07 -4.80 0.81
H2' TAF B 7 -8.49 -3.63 0.32
H5' TAF B 7 -8.88 -6.69 4.13
H5'' TAF B 7 -8.12 -5.60 5.28
H4' TAF B 7 -9.20 -4.22 3.76
H1' TAF B 7 -7.86 -2.33 2.00
H3' TAF B 7 -8.41 -6.20 1.74
P UFT B 8 -10.84 -5.72 0.33
OP1 UFT B 8 -12.30 -5.75 0.43
OP2 UFT B 8 -10.17 -6.96 -0.08
O5' UFT B 8 -10.55 -4.67 -0.85
N1 UFT B 8 -7.33 -2.45 -3.31
C6 UFT B 8 -6.64 -3.29 -2.47
C2 UFT B 8 -6.63 -1.63 -4.20
O2 UFT B 8 -7.16 -0.79 -4.93
N3 UFT B 8 -5.26 -1.78 -4.23
C4 UFT B 8 -4.51 -2.65 -3.47
O4 UFT B 8 -3.31 -2.72 -3.63
C5 UFT B 8 -5.29 -3.42 -2.53
F2' UFT B 8 -9.49 -3.92 -5.18
C2' UFT B 8 -9.57 -3.56 -3.86
C5' UFT B 8 -11.13 -3.39 -0.83
C4' UFT B 8 -10.73 -2.57 -2.05
O4' UFT B 8 -9.35 -2.22 -2.01
C1' UFT B 8 -8.82 -2.34 -3.32
C3' UFT B 8 -11.00 -3.30 -3.39
O3' UFT B 8 -11.69 -2.29 -4.14
H6 UFT B 8 -7.17 -3.87 -1.71
H5 UFT B 8 -4.78 -4.09 -1.87
H2' UFT B 8 -9.23 -4.47 -3.36
H5' UFT B 8 -12.21 -3.48 -0.82
H5'A UFT B 8 -10.81 -2.85 0.07
H4' UFT B 8 -11.30 -1.64 -2.03
H1' UFT B 8 -9.14 -1.47 -3.90
H3' UFT B 8 -11.59 -4.20 -3.26
HN3 UFT B 8 -4.75 -1.20 -4.89
P CFL B 9 -12.57 -2.70 -5.43
O1P CFL B 9 -13.59 -1.66 -5.64
O2P CFL B 9 -12.98 -4.11 -5.27
O5' CFL B 9 -11.51 -2.59 -6.63
C5' CFL B 9 -11.08 -1.32 -7.08
C4' CFL B 9 -9.98 -1.34 -8.14
O4' CFL B 9 -8.67 -1.49 -7.59
C3' CFL B 9 -10.13 -2.39 -9.26
O3' CFL B 9 -10.55 -1.76 -10.48
C2' CFL B 9 -8.76 -3.08 -9.32
C1' CFL B 9 -7.85 -2.11 -8.58
N1 CFL B 9 -6.64 -2.72 -7.97
C2 CFL B 9 -5.38 -2.38 -8.50
O2 CFL B 9 -5.28 -1.63 -9.47
N3 CFL B 9 -4.25 -2.90 -7.97
C4 CFL B 9 -4.34 -3.72 -6.93
N4 CFL B 9 -3.19 -4.13 -6.46
C5 CFL B 9 -5.59 -4.07 -6.32
C6 CFL B 9 -6.71 -3.57 -6.90
F CFL B 9 -8.81 -4.27 -8.64
H5'1 CFL B 9 -11.94 -0.80 -7.51
H5'2 CFL B 9 -10.73 -0.74 -6.23
H4' CFL B 9 -10.03 -0.35 -8.60
H3' CFL B 9 -10.85 -3.15 -8.94
H2' CFL B 9 -8.43 -3.25 -10.33
H1' CFL B 9 -7.50 -1.40 -9.32
HN41 CFL B 9 -2.36 -3.81 -6.95
HN42 CFL B 9 -3.14 -4.68 -5.62
H5 CFL B 9 -5.69 -4.72 -5.44
H6 CFL B 9 -7.68 -3.84 -6.52
F GF2 B 10 -4.70 -4.02 -14.60
P GF2 B 10 -10.95 -2.59 -11.81
N1 GF2 B 10 -0.73 -4.86 -11.27
C2 GF2 B 10 -1.19 -4.05 -12.27
N2 GF2 B 10 -0.34 -3.60 -13.15
N3 GF2 B 10 -2.47 -3.75 -12.45
C4 GF2 B 10 -3.30 -4.39 -11.58
C5 GF2 B 10 -2.95 -5.25 -10.56
C6 GF2 B 10 -1.54 -5.50 -10.35
O6 GF2 B 10 -0.97 -6.20 -9.52
N7 GF2 B 10 -4.11 -5.76 -9.97
C8 GF2 B 10 -5.09 -5.19 -10.63
N9 GF2 B 10 -4.67 -4.31 -11.59
C1' GF2 B 10 -5.44 -3.50 -12.57
OP2 GF2 B 10 -11.67 -3.79 -11.34
C2' GF2 B 10 -5.82 -4.25 -13.83
OP1 GF2 B 10 -11.73 -1.65 -12.65
C3' GF2 B 10 -7.11 -3.56 -14.24
O3' GF2 B 10 -7.21 -3.21 -15.62
C4' GF2 B 10 -7.26 -2.41 -13.25
O4' GF2 B 10 -6.65 -2.95 -12.07
C5' GF2 B 10 -8.70 -1.96 -13.02
O5' GF2 B 10 -9.57 -2.98 -12.54
HN1 GF2 B 10 0.26 -5.07 -11.25
HN2 GF2 B 10 -0.73 -3.04 -13.89
HN2A GF2 B 10 0.63 -3.91 -13.16
H8 GF2 B 10 -6.13 -5.39 -10.44
H1' GF2 B 10 -4.76 -2.72 -12.90
H2' GF2 B 10 -5.99 -5.31 -13.65
H3' GF2 B 10 -7.92 -4.25 -14.01
H4' GF2 B 10 -6.68 -1.56 -13.61
H5' GF2 B 10 -9.11 -1.56 -13.95
H5'A GF2 B 10 -8.68 -1.14 -12.29
P CFL B 11 -7.33 -4.33 -16.77
O1P CFL B 11 -7.84 -3.64 -17.98
O2P CFL B 11 -8.17 -5.41 -16.17
O5' CFL B 11 -5.83 -4.86 -17.07
C5' CFL B 11 -4.89 -4.03 -17.75
C4' CFL B 11 -3.43 -4.51 -17.92
O4' CFL B 11 -2.74 -4.67 -16.70
C3' CFL B 11 -3.13 -5.80 -18.71
O3' CFL B 11 -1.87 -5.61 -19.42
C2' CFL B 11 -3.02 -6.85 -17.62
C1' CFL B 11 -2.19 -5.99 -16.66
N1 CFL B 11 -2.11 -6.51 -15.29
C2 CFL B 11 -0.87 -6.90 -14.79
O2 CFL B 11 0.16 -6.74 -15.45
N3 CFL B 11 -0.78 -7.49 -13.58
C4 CFL B 11 -1.89 -7.67 -12.88
N4 CFL B 11 -1.73 -8.27 -11.72
C5 CFL B 11 -3.18 -7.23 -13.32
C6 CFL B 11 -3.25 -6.67 -14.55
F CFL B 11 -4.23 -7.26 -17.12
H5'1 CFL B 11 -5.29 -3.82 -18.74
H5'2 CFL B 11 -4.85 -3.08 -17.22
H4' CFL B 11 -2.93 -3.70 -18.46
H3' CFL B 11 -3.97 -6.07 -19.32
H2' CFL B 11 -2.48 -7.74 -17.93
H1' CFL B 11 -1.18 -6.01 -17.08
HN41 CFL B 11 -0.78 -8.52 -11.46
HN42 CFL B 11 -2.51 -8.43 -11.12
H5 CFL B 11 -4.06 -7.32 -12.71
H6 CFL B 11 -4.18 -6.33 -15.01
F GF2 B 12 -2.00 -11.90 -18.06
P GF2 B 12 -1.12 -6.74 -20.30
N1 GF2 B 12 1.10 -12.03 -12.31
C2 GF2 B 12 1.81 -11.80 -13.44
N2 GF2 B 12 3.10 -12.02 -13.33
N3 GF2 B 12 1.32 -11.31 -14.56
C4 GF2 B 12 0.00 -11.01 -14.47
C5 GF2 B 12 -0.83 -11.18 -13.38
C6 GF2 B 12 -0.24 -11.73 -12.18
O6 GF2 B 12 -0.74 -12.02 -11.08
N7 GF2 B 12 -2.14 -10.80 -13.72
C8 GF2 B 12 -2.05 -10.44 -14.97
N9 GF2 B 12 -0.79 -10.56 -15.51
C1' GF2 B 12 -0.27 -10.62 -16.89
OP2 GF2 B 12 -2.10 -7.46 -21.12
C2' GF2 B 12 -1.23 -10.76 -18.07
OP1 GF2 B 12 0.02 -6.01 -20.92
C3' GF2 B 12 -0.13 -10.83 -19.13
O3' GF2 B 12 0.52 -12.08 -19.00
C4' GF2 B 12 0.85 -9.74 -18.66
O4' GF2 B 12 0.58 -9.55 -17.27
C5' GF2 B 12 0.75 -8.40 -19.41
O5' GF2 B 12 -0.48 -7.73 -19.20
HN1 GF2 B 12 1.61 -12.43 -11.54
HN2 GF2 B 12 3.67 -11.77 -14.12
HN2A GF2 B 12 3.44 -12.26 -12.41
H8 GF2 B 12 -2.91 -10.11 -15.53
H1' GF2 B 12 0.33 -11.53 -16.89
H2' GF2 B 12 -1.84 -9.87 -18.23
H3' GF2 B 12 -0.49 -10.76 -20.17
HO3' GF2 B 12 1.29 -12.11 -19.57
H4' GF2 B 12 1.86 -10.13 -18.78
H5' GF2 B 12 0.87 -8.61 -20.48
H5'A GF2 B 12 1.59 -7.76 -19.10
N1 CFZ A 1 3.98 -14.25 -9.62
C2 CFZ A 1 3.27 -13.70 -10.71
O2 CFZ A 1 3.82 -13.58 -11.81
N3 CFZ A 1 1.97 -13.26 -10.52
C4 CFZ A 1 1.44 -13.28 -9.29
N4 CFZ A 1 0.22 -12.83 -9.10
C5 CFZ A 1 2.17 -13.78 -8.16
C6 CFZ A 1 3.43 -14.24 -8.36
C1' CFZ A 1 5.31 -14.88 -9.83
C2' CFZ A 1 6.46 -13.88 -9.92
F2' CFZ A 1 6.62 -13.84 -11.30
C3' CFZ A 1 7.54 -14.45 -9.01
O3' CFZ A 1 8.89 -14.18 -9.39
C4' CFZ A 1 7.12 -15.92 -8.95
O4' CFZ A 1 5.69 -15.80 -8.81
C5' CFZ A 1 7.72 -16.70 -7.78
O5' CFZ A 1 7.25 -16.22 -6.53
HN4 CFZ A 1 -0.33 -12.44 -9.87
HN4A CFZ A 1 -0.15 -12.81 -8.17
H5 CFZ A 1 1.78 -13.81 -7.17
H6 CFZ A 1 3.99 -14.64 -7.54
H1' CFZ A 1 5.26 -15.44 -10.75
H2' CFZ A 1 6.15 -12.89 -9.56
H3' CFZ A 1 7.39 -14.05 -8.01
H4' CFZ A 1 7.37 -16.41 -9.89
H5' CFZ A 1 8.81 -16.61 -7.81
H5'A CFZ A 1 7.45 -17.76 -7.87
HO5' CFZ A 1 6.29 -16.20 -6.56
F GF2 A 2 7.16 -8.16 -13.55
P GF2 A 2 9.59 -12.75 -9.08
N1 GF2 A 2 1.48 -8.10 -13.18
C2 GF2 A 2 2.56 -8.05 -14.01
N2 GF2 A 2 2.43 -7.37 -15.12
N3 GF2 A 2 3.74 -8.60 -13.74
C4 GF2 A 2 3.76 -9.24 -12.54
C5 GF2 A 2 2.73 -9.36 -11.64
C6 GF2 A 2 1.47 -8.77 -11.96
O6 GF2 A 2 0.41 -8.75 -11.33
N7 GF2 A 2 3.17 -10.09 -10.52
C8 GF2 A 2 4.42 -10.35 -10.78
N9 GF2 A 2 4.85 -9.88 -12.00
C1' GF2 A 2 6.19 -9.97 -12.62
OP2 GF2 A 2 9.21 -12.30 -7.72
C2' GF2 A 2 7.07 -8.77 -12.31
OP1 GF2 A 2 11.02 -12.79 -9.44
C3' GF2 A 2 8.33 -9.38 -11.69
O3' GF2 A 2 9.52 -8.62 -11.91
C4' GF2 A 2 8.27 -10.79 -12.25
O4' GF2 A 2 6.88 -11.10 -12.12
C5' GF2 A 2 9.14 -11.80 -11.49
O5' GF2 A 2 8.83 -11.78 -10.11
HN1 GF2 A 2 0.61 -7.63 -13.44
HN2 GF2 A 2 3.22 -7.33 -15.74
HN2A GF2 A 2 1.52 -6.95 -15.36
H8 GF2 A 2 5.06 -10.91 -10.11
H1' GF2 A 2 6.09 -10.02 -13.70
H2' GF2 A 2 6.60 -8.11 -11.60
H3' GF2 A 2 8.17 -9.46 -10.62
H4' GF2 A 2 8.55 -10.79 -13.30
H5' GF2 A 2 10.18 -11.54 -11.64
H5'A GF2 A 2 8.96 -12.80 -11.89
P CFZ A 3 9.84 -7.30 -11.01
N1 CFZ A 3 4.29 -5.21 -12.01
C2 CFZ A 3 2.94 -4.84 -12.11
O2 CFZ A 3 2.56 -4.08 -12.99
N3 CFZ A 3 2.04 -5.29 -11.20
C4 CFZ A 3 2.46 -6.08 -10.22
N4 CFZ A 3 1.54 -6.51 -9.39
C5 CFZ A 3 3.82 -6.49 -10.09
C6 CFZ A 3 4.71 -6.02 -11.00
C1' CFZ A 3 5.27 -4.61 -12.95
O1P CFZ A 3 11.16 -6.75 -11.39
C2' CFZ A 3 5.83 -3.32 -12.38
F2' CFZ A 3 5.61 -2.39 -13.37
O2P CFZ A 3 9.59 -7.63 -9.58
C3' CFZ A 3 7.29 -3.64 -12.02
O3' CFZ A 3 8.16 -2.52 -12.04
C4' CFZ A 3 7.58 -4.73 -13.05
O4' CFZ A 3 6.37 -5.50 -13.09
C5' CFZ A 3 8.80 -5.60 -12.73
O5' CFZ A 3 8.73 -6.24 -11.47
HN4 CFZ A 3 0.58 -6.18 -9.51
HN4A CFZ A 3 1.77 -7.18 -8.68
H5 CFZ A 3 4.14 -7.15 -9.30
H6 CFZ A 3 5.76 -6.26 -10.96
H1' CFZ A 3 4.80 -4.31 -13.86
H2' CFZ A 3 5.21 -3.05 -11.56
H3' CFZ A 3 7.33 -4.12 -11.04
H4' CFZ A 3 7.71 -4.26 -14.02
H5' CFZ A 3 9.69 -4.97 -12.77
H5'A CFZ A 3 8.89 -6.35 -13.52
F GF2 A 4 2.11 1.93 -11.62
P GF2 A 4 8.19 -1.43 -10.83
N1 GF2 A 4 -1.10 -1.75 -8.88
C2 GF2 A 4 -1.02 -0.86 -9.90
N2 GF2 A 4 -2.12 -0.24 -10.26
N3 GF2 A 4 0.10 -0.56 -10.54
C4 GF2 A 4 1.18 -1.25 -10.09
C5 GF2 A 4 1.21 -2.17 -9.06
C6 GF2 A 4 -0.02 -2.45 -8.37
O6 GF2 A 4 -0.25 -3.18 -7.40
N7 GF2 A 4 2.52 -2.65 -8.88
C8 GF2 A 4 3.20 -2.01 -9.80
N9 GF2 A 4 2.46 -1.13 -10.55
C1' GF2 A 4 2.95 -0.14 -11.53
OP2 GF2 A 4 8.16 -2.22 -9.57
C2' GF2 A 4 3.05 1.23 -10.89
OP1 GF2 A 4 9.31 -0.53 -11.07
C3' GF2 A 4 4.54 1.60 -10.98
O3' GF2 A 4 4.77 3.01 -11.10
C4' GF2 A 4 5.04 0.69 -12.09
O4' GF2 A 4 4.27 -0.50 -11.91
C5' GF2 A 4 6.53 0.31 -12.02
O5' GF2 A 4 6.79 -0.61 -10.95
HN1 GF2 A 4 -2.01 -1.94 -8.46
HN2 GF2 A 4 -2.05 0.38 -11.05
HN2A GF2 A 4 -3.02 -0.44 -9.80
H8 GF2 A 4 4.26 -2.13 -9.97
H1' GF2 A 4 2.28 -0.07 -12.39
H2' GF2 A 4 2.75 1.21 -9.85
H3' GF2 A 4 5.03 1.27 -10.06
H4' GF2 A 4 4.81 1.14 -13.06
H5' GF2 A 4 7.13 1.21 -11.88
H5'A GF2 A 4 6.80 -0.15 -12.97
F AF2 A 5 -2.13 4.56 -8.52
P AF2 A 5 4.61 4.03 -9.84
N1 AF2 A 5 -2.62 -0.35 -5.38
C2 AF2 A 5 -3.18 0.61 -6.10
N3 AF2 A 5 -2.58 1.43 -6.97
C4 AF2 A 5 -1.24 1.18 -7.06
C5 AF2 A 5 -0.53 0.24 -6.36
C6 AF2 A 5 -1.30 -0.57 -5.49
N6 AF2 A 5 -0.82 -1.57 -4.77
N7 AF2 A 5 0.84 0.29 -6.69
C8 AF2 A 5 0.88 1.26 -7.57
N9 AF2 A 5 -0.33 1.83 -7.85
C1' AF2 A 5 -0.63 2.92 -8.81
OP2 AF2 A 5 5.24 3.43 -8.65
C2' AF2 A 5 -0.84 4.26 -8.12
OP1 AF2 A 5 5.02 5.37 -10.28
C3' AF2 A 5 0.30 5.14 -8.62
O3' AF2 A 5 -0.04 6.51 -8.73
C4' AF2 A 5 0.67 4.45 -9.94
O4' AF2 A 5 0.50 3.07 -9.64
C5' AF2 A 5 2.11 4.72 -10.39
O5' AF2 A 5 3.03 4.08 -9.52
H2 AF2 A 5 -4.24 0.79 -5.95
H8 AF2 A 5 1.79 1.59 -8.06
H5' AF2 A 5 2.29 5.80 -10.38
H5'A AF2 A 5 2.23 4.36 -11.41
H1' AF2 A 5 -1.54 2.69 -9.37
H2' AF2 A 5 -0.78 4.18 -7.04
H3' AF2 A 5 1.15 5.02 -7.95
H4' AF2 A 5 -0.05 4.76 -10.72
HN6 AF2 A 5 0.13 -1.85 -4.92
HN6A AF2 A 5 -1.45 -2.15 -4.22
F AF2 A 6 -5.69 5.01 -4.02
P AF2 A 6 -0.04 7.49 -7.43
N1 AF2 A 6 -3.61 0.26 -1.52
C2 AF2 A 6 -4.62 1.00 -1.94
N3 AF2 A 6 -4.59 2.01 -2.80
C4 AF2 A 6 -3.33 2.26 -3.25
C5 AF2 A 6 -2.19 1.61 -2.89
C6 AF2 A 6 -2.38 0.54 -1.99
N6 AF2 A 6 -1.41 -0.25 -1.56
N7 AF2 A 6 -1.06 2.17 -3.50
C8 AF2 A 6 -1.58 3.14 -4.20
N9 AF2 A 6 -2.94 3.22 -4.17
C1' AF2 A 6 -3.81 4.16 -4.92
OP2 AF2 A 6 1.25 7.26 -6.72
C2' AF2 A 6 -4.32 5.24 -4.00
OP1 AF2 A 6 -0.42 8.85 -7.84
C3' AF2 A 6 -3.75 6.54 -4.57
O3' AF2 A 6 -4.52 7.69 -4.28
C4' AF2 A 6 -3.55 6.17 -6.03
O4' AF2 A 6 -3.04 4.85 -5.90
C5' AF2 A 6 -2.60 7.08 -6.82
O5' AF2 A 6 -1.22 6.92 -6.48
H2 AF2 A 6 -5.60 0.72 -1.55
H8 AF2 A 6 -0.99 3.83 -4.79
H5' AF2 A 6 -2.89 8.12 -6.67
H5'A AF2 A 6 -2.72 6.87 -7.89
H1' AF2 A 6 -4.67 3.66 -5.36
H2' AF2 A 6 -3.94 5.08 -3.00
H3' AF2 A 6 -2.74 6.67 -4.16
H4' AF2 A 6 -4.52 6.14 -6.53
HN6 AF2 A 6 -0.48 -0.07 -1.90
HN6A AF2 A 6 -1.61 -1.01 -0.92
P TAF A 7 -4.51 8.35 -2.81
OP1 TAF A 7 -5.18 9.67 -2.90
OP2 TAF A 7 -3.08 8.31 -2.36
O5' TAF A 7 -5.37 7.36 -1.88
N1 TAF A 7 -5.12 3.70 0.32
C6 TAF A 7 -3.97 4.20 -0.26
C2 TAF A 7 -5.07 2.57 1.15
O2 TAF A 7 -6.04 2.11 1.73
N3 TAF A 7 -3.82 2.00 1.35
C4 TAF A 7 -2.63 2.47 0.83
O4 TAF A 7 -1.60 1.88 1.10
C5 TAF A 7 -2.75 3.65 -0.02
C5M TAF A 7 -1.51 4.30 -0.62
F2' TAF A 7 -5.20 6.29 1.19
C2' TAF A 7 -6.44 5.68 1.09
C5' TAF A 7 -6.77 7.14 -2.09
C4' TAF A 7 -7.35 6.10 -1.11
O4' TAF A 7 -6.62 4.88 -1.13
C1' TAF A 7 -6.41 4.43 0.20
C3' TAF A 7 -7.40 6.60 0.34
O3' TAF A 7 -8.74 6.59 0.85
H6 TAF A 7 -4.05 5.09 -0.88
H3 TAF A 7 -3.79 1.18 1.95
H71 TAF A 7 -0.93 3.53 -1.15
H72 TAF A 7 -0.89 4.69 0.18
H73 TAF A 7 -1.78 5.09 -1.31
H2' TAF A 7 -6.79 5.42 2.08
H5' TAF A 7 -7.32 8.08 -1.96
H5'' TAF A 7 -6.94 6.80 -3.10
H4' TAF A 7 -8.38 5.88 -1.43
H1' TAF A 7 -7.22 3.77 0.52
H3' TAF A 7 -6.98 7.60 0.37
P UFT A 8 -9.15 7.39 2.23
OP1 UFT A 8 -10.61 7.60 2.28
OP2 UFT A 8 -8.24 8.52 2.38
O5' UFT A 8 -8.79 6.32 3.37
N1 UFT A 8 -5.49 3.16 4.78
C6 UFT A 8 -4.84 4.22 4.16
C2 UFT A 8 -4.74 2.10 5.32
O2 UFT A 8 -5.25 1.15 5.92
N3 UFT A 8 -3.38 2.17 5.17
C4 UFT A 8 -2.67 3.17 4.55
O4 UFT A 8 -1.45 3.12 4.49
C5 UFT A 8 -3.50 4.25 4.02
F2' UFT A 8 -7.40 2.87 7.17
C2' UFT A 8 -7.30 3.91 6.29
C5' UFT A 8 -9.61 5.18 3.61
C4' UFT A 8 -8.91 4.16 4.51
O4' UFT A 8 -7.64 3.81 3.97
C1' UFT A 8 -6.95 3.16 5.01
C3' UFT A 8 -8.57 4.70 5.90
O3' UFT A 8 -9.60 4.71 6.88
H6 UFT A 8 -5.44 5.02 3.77
H5 UFT A 8 -3.01 5.07 3.52
H2' UFT A 8 -6.52 4.61 6.58
H5' UFT A 8 -10.55 5.49 4.08
H5'A UFT A 8 -9.84 4.69 2.65
H4' UFT A 8 -9.53 3.27 4.62
H1' UFT A 8 -7.31 2.14 5.13
H3' UFT A 8 -8.24 5.74 5.75
HN3 UFT A 8 -2.83 1.43 5.61
P CFL A 9 -9.45 5.54 8.27
O1P CFL A 9 -10.77 5.61 8.93
O2P CFL A 9 -8.75 6.81 7.98
O5' CFL A 9 -8.50 4.65 9.23
C5' CFL A 9 -8.94 3.42 9.78
C4' CFL A 9 -7.93 2.74 10.72
O4' CFL A 9 -6.74 2.35 10.03
C3' CFL A 9 -7.50 3.60 11.92
O3' CFL A 9 -7.69 2.88 13.14
C2' CFL A 9 -6.06 3.97 11.61
C1' CFL A 9 -5.60 2.78 10.77
N1 CFL A 9 -4.47 3.05 9.83
C2 CFL A 9 -3.24 2.41 10.03
O2 CFL A 9 -3.07 1.60 10.95
N3 CFL A 9 -2.18 2.69 9.23
C4 CFL A 9 -2.33 3.58 8.27
N4 CFL A 9 -1.27 3.83 7.52
C5 CFL A 9 -3.56 4.23 8.00
C6 CFL A 9 -4.61 3.94 8.80
F CFL A 9 -5.98 5.14 10.90
H5'1 CFL A 9 -9.85 3.59 10.35
H5'2 CFL A 9 -9.19 2.71 8.98
H4' CFL A 9 -8.40 1.83 11.10
H3' CFL A 9 -8.08 4.52 11.92
H2' CFL A 9 -5.45 4.08 12.50
H1' CFL A 9 -5.30 2.04 11.50
HN41 CFL A 9 -0.38 3.37 7.76
HN42 CFL A 9 -1.33 4.45 6.74
H5 CFL A 9 -3.65 4.95 7.19
H6 CFL A 9 -5.59 4.40 8.66
F GF2 A 10 -0.93 4.88 15.42
P GF2 A 10 -7.66 3.57 14.60
N1 GF2 A 10 2.15 4.51 11.10
C2 GF2 A 10 1.91 3.89 12.29
N2 GF2 A 10 2.94 3.43 12.96
N3 GF2 A 10 0.72 3.77 12.85
C4 GF2 A 10 -0.27 4.39 12.13
C5 GF2 A 10 -0.14 5.07 10.95
C6 GF2 A 10 1.17 5.12 10.33
O6 GF2 A 10 1.55 5.65 9.28
N7 GF2 A 10 -1.38 5.64 10.59
C8 GF2 A 10 -2.18 5.27 11.55
N9 GF2 A 10 -1.58 4.50 12.52
C1' GF2 A 10 -2.12 3.96 13.79
OP2 GF2 A 10 -8.34 4.90 14.49
C2' GF2 A 10 -2.21 4.98 14.92
OP1 GF2 A 10 -8.12 2.59 15.61
C3' GF2 A 10 -3.35 4.44 15.77
O3' GF2 A 10 -3.07 4.39 17.17
C4' GF2 A 10 -3.74 3.14 15.06
O4' GF2 A 10 -3.40 3.38 13.71
C5' GF2 A 10 -5.22 2.76 15.21
O5' GF2 A 10 -6.10 3.83 14.85
HN1 GF2 A 10 3.11 4.58 10.76
HN2 GF2 A 10 2.75 3.02 13.85
HN2A GF2 A 10 3.90 3.62 12.65
H8 GF2 A 10 -3.22 5.53 11.57
H1' GF2 A 10 -1.39 3.22 14.14
H2' GF2 A 10 -2.44 5.98 14.55
H3' GF2 A 10 -4.20 5.13 15.64
H4' GF2 A 10 -3.12 2.33 15.46
H5' GF2 A 10 -5.41 2.47 16.24
H5'A GF2 A 10 -5.41 1.89 14.57
P CFL A 11 -2.93 5.73 18.08
O1P CFL A 11 -3.17 5.35 19.47
O2P CFL A 11 -3.76 6.76 17.46
O5' CFL A 11 -1.34 6.16 17.96
C5' CFL A 11 -0.30 5.39 18.56
C4' CFL A 11 1.13 5.92 18.30
O4' CFL A 11 1.49 5.83 16.92
C3' CFL A 11 1.46 7.37 18.72
O3' CFL A 11 2.79 7.39 19.29
C2' CFL A 11 1.35 8.16 17.42
C1' CFL A 11 1.99 7.10 16.51
N1 CFL A 11 1.75 7.30 15.06
C2 CFL A 11 2.83 7.42 14.20
O2 CFL A 11 3.99 7.30 14.59
N3 CFL A 11 2.63 7.69 12.88
C4 CFL A 11 1.40 7.79 12.42
N4 CFL A 11 1.28 8.06 11.15
C5 CFL A 11 0.25 7.59 13.25
C6 CFL A 11 0.47 7.36 14.57
F CFL A 11 0.04 8.48 17.09
H5'1 CFL A 11 -0.46 5.35 19.64
H5'2 CFL A 11 -0.35 4.38 18.18
H4' CFL A 11 1.81 5.26 18.84
H3' CFL A 11 0.69 7.74 19.38
H2' CFL A 11 1.90 9.08 17.41
H1' CFL A 11 3.07 7.18 16.69
HN41 CFL A 11 2.14 8.13 10.60
HN42 CFL A 11 0.37 8.08 10.72
H5 CFL A 11 -0.75 7.62 12.86
H6 CFL A 11 -0.34 7.20 15.28
F GF2 A 12 2.89 13.19 16.27
P GF2 A 12 3.59 8.75 19.67
N1 GF2 A 12 4.16 11.44 10.36
C2 GF2 A 12 5.12 11.32 11.31
N2 GF2 A 12 6.35 11.58 10.96
N3 GF2 A 12 4.91 11.09 12.58
C4 GF2 A 12 3.58 10.99 12.88
C5 GF2 A 12 2.51 11.11 12.03
C6 GF2 A 12 2.80 11.33 10.63
O6 GF2 A 12 2.06 11.45 9.67
N7 GF2 A 12 1.33 11.11 12.78
C8 GF2 A 12 1.72 11.02 14.03
N9 GF2 A 12 3.09 10.93 14.16
C1' GF2 A 12 3.97 11.25 15.28
OP2 GF2 A 12 2.59 9.74 20.15
C2' GF2 A 12 3.48 11.96 16.53
OP1 GF2 A 12 4.75 8.39 20.50
C3' GF2 A 12 4.91 12.09 17.09
O3' GF2 A 12 5.60 13.01 16.25
C4' GF2 A 12 5.52 10.69 16.83
O4' GF2 A 12 4.78 10.17 15.73
C5' GF2 A 12 5.45 9.71 18.00
O5' GF2 A 12 4.12 9.28 18.24
HN1 GF2 A 12 4.46 11.58 9.41
HN2 GF2 A 12 7.03 11.53 11.71
HN2A GF2 A 12 6.52 11.93 10.06
H8 GF2 A 12 1.04 11.05 14.87
H1' GF2 A 12 4.66 11.94 14.80
H2' GF2 A 12 2.85 11.34 17.18
H3' GF2 A 12 4.99 12.52 18.09
HO3' GF2 A 12 6.41 13.28 16.69
H4' GF2 A 12 6.55 10.82 16.51
H5' GF2 A 12 5.83 10.22 18.88
H5'A GF2 A 12 6.07 8.85 17.79
N1 CFZ B 1 7.23 11.96 6.12
C2 CFZ B 1 6.89 11.91 7.48
O2 CFZ B 1 7.77 11.97 8.34
N3 CFZ B 1 5.55 11.76 7.82
C4 CFZ B 1 4.64 11.55 6.85
N4 CFZ B 1 3.37 11.39 7.16
C5 CFZ B 1 5.01 11.49 5.47
C6 CFZ B 1 6.31 11.69 5.15
C1' CFZ B 1 8.62 12.33 5.72
C2' CFZ B 1 9.59 11.16 5.79
F2' CFZ B 1 10.18 11.39 7.02
C3' CFZ B 1 10.37 11.29 4.48
O3' CFZ B 1 11.72 10.89 4.54
C4' CFZ B 1 10.13 12.75 4.11
O4' CFZ B 1 8.74 12.89 4.42
C5' CFZ B 1 10.42 13.09 2.64
O5' CFZ B 1 9.50 12.44 1.78
HN4 CFZ B 1 3.03 11.41 8.12
HN4A CFZ B 1 2.73 11.19 6.42
H5 CFZ B 1 4.33 11.31 4.67
H6 CFZ B 1 6.62 11.68 4.11
H1' CFZ B 1 8.96 13.08 6.42
H2' CFZ B 1 9.06 10.20 5.81
H3' CFZ B 1 9.86 10.70 3.72
H4' CFZ B 1 10.75 13.40 4.75
H5' CFZ B 1 10.37 14.17 2.51
H5'A CFZ B 1 11.43 12.76 2.40
HO5' CFZ B 1 8.61 12.65 2.09
F GF2 B 2 10.56 6.37 10.48
P GF2 B 2 12.13 9.32 4.42
N1 GF2 B 2 5.08 7.98 11.46
C2 GF2 B 2 6.31 7.86 12.03
N2 GF2 B 2 6.36 7.63 13.31
N3 GF2 B 2 7.46 7.96 11.37
C4 GF2 B 2 7.28 8.14 10.03
C5 GF2 B 2 6.09 8.28 9.35
C6 GF2 B 2 4.87 8.22 10.11
O6 GF2 B 2 3.70 8.34 9.74
N7 GF2 B 2 6.34 8.47 7.99
C8 GF2 B 2 7.64 8.41 7.89
N9 GF2 B 2 8.28 8.24 9.09
C1' GF2 B 2 9.73 8.12 9.36
OP2 GF2 B 2 11.32 8.72 3.33
C2' GF2 B 2 10.23 6.70 9.18
OP1 GF2 B 2 13.61 9.24 4.37
C3' GF2 B 2 11.34 6.80 8.14
O3' GF2 B 2 12.38 5.85 8.32
C4' GF2 B 2 11.71 8.28 8.24
O4' GF2 B 2 10.45 8.92 8.44
C5' GF2 B 2 12.42 8.84 7.00
O5' GF2 B 2 11.63 8.72 5.83
HN1 GF2 B 2 4.26 7.89 12.04
HN2 GF2 B 2 7.26 7.51 13.73
HN2A GF2 B 2 5.49 7.53 13.86
H8 GF2 B 2 8.18 8.49 6.95
H1' GF2 B 2 9.94 8.40 10.39
H2' GF2 B 2 9.44 6.04 8.82
H3' GF2 B 2 10.90 6.66 7.15
H4' GF2 B 2 12.34 8.43 9.12
H5' GF2 B 2 13.35 8.29 6.86
H5'A GF2 B 2 12.66 9.89 7.18
P CFZ B 3 12.19 4.29 7.88
N1 CFZ B 3 7.08 4.03 10.55
C2 CFZ B 3 5.79 4.26 11.02
O2 CFZ B 3 5.48 4.02 12.19
N3 CFZ B 3 4.84 4.76 10.19
C4 CFZ B 3 5.14 4.99 8.92
N4 CFZ B 3 4.16 5.45 8.17
C5 CFZ B 3 6.45 4.78 8.39
C6 CFZ B 3 7.40 4.29 9.24
C1' CFZ B 3 8.08 3.37 11.44
O1P CFZ B 3 13.46 3.56 8.08
C2' CFZ B 3 8.15 1.88 11.20
F2' CFZ B 3 7.94 1.31 12.44
O2P CFZ B 3 11.55 4.25 6.56
C3' CFZ B 3 9.53 1.68 10.54
O3' CFZ B 3 10.10 0.41 10.78
C4' CFZ B 3 10.30 2.87 11.09
O4' CFZ B 3 9.35 3.92 11.16
C5' CFZ B 3 11.50 3.29 10.25
O5' CFZ B 3 11.12 3.70 8.94
HN4 CFZ B 3 3.24 5.58 8.60
HN4A CFZ B 3 4.33 5.68 7.22
H5 CFZ B 3 6.70 5.00 7.36
H6 CFZ B 3 8.42 4.11 8.92
H1' CFZ B 3 7.75 3.46 12.47
H2' CFZ B 3 7.32 1.64 10.60
H3' CFZ B 3 9.43 1.83 9.45
H4' CFZ B 3 10.62 2.63 12.10
H5' CFZ B 3 12.19 2.45 10.17
H5'A CFZ B 3 12.01 4.13 10.75
F GF2 B 4 3.33 -2.67 12.17
P GF2 B 4 9.66 -0.92 9.96
N1 GF2 B 4 0.37 1.59 9.87
C2 GF2 B 4 0.47 0.76 10.93
N2 GF2 B 4 -0.63 0.44 11.57
N3 GF2 B 4 1.61 0.22 11.35
C4 GF2 B 4 2.69 0.59 10.60
C5 GF2 B 4 2.70 1.44 9.51
C6 GF2 B 4 1.43 1.98 9.08
O6 GF2 B 4 1.18 2.71 8.12
N7 GF2 B 4 3.98 1.58 9.00
C8 GF2 B 4 4.71 0.82 9.78
N9 GF2 B 4 4.00 0.19 10.77
C1' GF2 B 4 4.48 -0.80 11.74
OP2 GF2 B 4 9.60 -0.53 8.54
C2' GF2 B 4 4.25 -2.23 11.25
OP1 GF2 B 4 10.56 -2.01 10.37
C3' GF2 B 4 5.64 -2.87 11.19
O3' GF2 B 4 5.62 -4.26 11.53
C4' GF2 B 4 6.45 -1.94 12.11
O4' GF2 B 4 5.88 -0.65 11.88
C5' GF2 B 4 7.95 -1.86 11.77
O5' GF2 B 4 8.17 -1.25 10.50
HN1 GF2 B 4 -0.55 1.95 9.62
HN2 GF2 B 4 -0.55 -0.17 12.35
HN2A GF2 B 4 -1.54 0.86 11.29
H8 GF2 B 4 5.77 0.67 9.65
H1' GF2 B 4 3.97 -0.69 12.70
H2' GF2 B 4 3.81 -2.24 10.25
H3' GF2 B 4 6.04 -2.75 10.17
H4' GF2 B 4 6.31 -2.24 13.15
H5' GF2 B 4 8.36 -2.87 11.78
H5'A GF2 B 4 8.45 -1.29 12.54
F AF2 B 5 -1.77 -4.68 9.85
P AF2 B 5 5.12 -5.43 10.52
N1 AF2 B 5 -1.86 0.30 6.67
C2 AF2 B 5 -2.46 -0.49 7.55
N3 AF2 B 5 -1.91 -1.40 8.36
C4 AF2 B 5 -0.57 -1.44 8.22
C5 AF2 B 5 0.20 -0.69 7.35
C6 AF2 B 5 -0.53 0.22 6.56
N6 AF2 B 5 0.02 1.06 5.70
N7 AF2 B 5 1.56 -1.03 7.46
C8 AF2 B 5 1.56 -1.96 8.38
N9 AF2 B 5 0.33 -2.26 8.89
C1' AF2 B 5 0.00 -3.27 9.92
OP2 AF2 B 5 5.76 -5.24 9.20
C2' AF2 B 5 -0.51 -4.56 9.27
OP1 AF2 B 5 5.27 -6.72 11.21
C3' AF2 B 5 0.55 -5.60 9.62
O3' AF2 B 5 0.08 -6.94 9.66
C4' AF2 B 5 1.15 -5.02 10.89
O4' AF2 B 5 1.20 -3.63 10.59
C5' AF2 B 5 2.55 -5.56 11.26
O5' AF2 B 5 3.53 -5.19 10.29
H2 AF2 B 5 -3.55 -0.41 7.58
H8 AF2 B 5 2.46 -2.46 8.71
H5' AF2 B 5 2.51 -6.64 11.36
H5'A AF2 B 5 2.85 -5.14 12.23
H1' AF2 B 5 -0.77 -2.92 10.60
H2' AF2 B 5 -0.62 -4.46 8.20
H3' AF2 B 5 1.35 -5.52 8.86
H4' AF2 B 5 0.47 -5.19 11.73
HN6 AF2 B 5 1.03 1.12 5.67
HN6A AF2 B 5 -0.57 1.76 5.23
F AF2 B 6 -6.06 -4.81 5.96
P AF2 B 6 -0.14 -7.79 8.29
N1 AF2 B 6 -3.59 -0.31 3.13
C2 AF2 B 6 -4.66 -0.88 3.71
N3 AF2 B 6 -4.67 -1.90 4.57
C4 AF2 B 6 -3.42 -2.37 4.83
C5 AF2 B 6 -2.24 -1.90 4.32
C6 AF2 B 6 -2.39 -0.80 3.44
N6 AF2 B 6 -1.35 -0.22 2.86
N7 AF2 B 6 -1.15 -2.64 4.77
C8 AF2 B 6 -1.70 -3.51 5.55
N9 AF2 B 6 -3.07 -3.41 5.66
C1' AF2 B 6 -3.98 -4.24 6.50
OP2 AF2 B 6 1.04 -7.54 7.42
C2' AF2 B 6 -4.78 -5.24 5.68
OP1 AF2 B 6 -0.51 -9.18 8.61
C3' AF2 B 6 -4.34 -6.62 6.17
O3' AF2 B 6 -5.40 -7.57 6.12
C4' AF2 B 6 -3.79 -6.28 7.56
O4' AF2 B 6 -3.17 -5.02 7.36
C5' AF2 B 6 -2.75 -7.26 8.16
O5' AF2 B 6 -1.45 -7.12 7.59
H2 AF2 B 6 -5.62 -0.50 3.41
H8 AF2 B 6 -1.15 -4.28 6.08
H5' AF2 B 6 -3.10 -8.28 8.02
H5'A AF2 B 6 -2.70 -7.06 9.23
H1' AF2 B 6 -4.67 -3.61 7.04
H2' AF2 B 6 -4.57 -5.15 4.62
H3' AF2 B 6 -3.50 -6.96 5.56
H4' AF2 B 6 -4.63 -6.18 8.25
HN6 AF2 B 6 -0.43 -0.55 3.08
HN6A AF2 B 6 -1.49 0.57 2.22
P TAF B 7 -5.88 -8.25 4.72
OP1 TAF B 7 -7.04 -9.13 5.03
OP2 TAF B 7 -4.67 -8.83 4.10
O5' TAF B 7 -6.44 -7.03 3.80
N1 TAF B 7 -5.46 -3.27 1.62
C6 TAF B 7 -4.40 -4.11 1.92
C2 TAF B 7 -5.27 -2.14 0.81
O2 TAF B 7 -6.18 -1.38 0.49
N3 TAF B 7 -3.99 -1.91 0.35
C4 TAF B 7 -2.88 -2.69 0.64
O4 TAF B 7 -1.81 -2.34 0.18
C5 TAF B 7 -3.15 -3.85 1.48
C5M TAF B 7 -2.04 -4.82 1.85
F2' TAF B 7 -6.54 -5.39 0.42
C2' TAF B 7 -7.48 -4.56 1.01
C5' TAF B 7 -7.73 -6.46 4.07
C4' TAF B 7 -8.02 -5.16 3.29
O4' TAF B 7 -6.89 -4.29 3.27
C1' TAF B 7 -6.85 -3.62 2.03
C3' TAF B 7 -8.48 -5.38 1.85
O3' TAF B 7 -9.84 -4.98 1.67
H6 TAF B 7 -4.63 -5.00 2.50
H3 TAF B 7 -3.86 -1.10 -0.24
H71 TAF B 7 -1.16 -4.63 1.24
H72 TAF B 7 -2.37 -5.85 1.69
H73 TAF B 7 -1.77 -4.69 2.90
H2' TAF B 7 -7.97 -3.93 0.29
H5' TAF B 7 -8.51 -7.19 3.82
H5'' TAF B 7 -7.81 -6.24 5.13
H4' TAF B 7 -8.83 -4.64 3.83
H1' TAF B 7 -7.45 -2.71 2.06
H3' TAF B 7 -8.35 -6.43 1.60
P UFT B 8 -10.74 -5.45 0.38
OP1 UFT B 8 -12.16 -5.13 0.64
OP2 UFT B 8 -10.39 -6.82 0.01
O5' UFT B 8 -10.23 -4.47 -0.79
N1 UFT B 8 -6.32 -2.39 -2.86
C6 UFT B 8 -5.87 -3.58 -2.30
C2 UFT B 8 -5.46 -1.61 -3.62
O2 UFT B 8 -5.82 -0.59 -4.21
N3 UFT B 8 -4.15 -2.02 -3.70
C4 UFT B 8 -3.61 -3.13 -3.13
O4 UFT B 8 -2.43 -3.38 -3.30
C5 UFT B 8 -4.57 -3.95 -2.40
F2' UFT B 8 -8.57 -1.11 -4.61
C2' UFT B 8 -8.60 -2.28 -3.89
C5' UFT B 8 -10.58 -3.09 -0.79
C4' UFT B 8 -9.75 -2.29 -1.79
O4' UFT B 8 -8.36 -2.52 -1.58
C1' UFT B 8 -7.73 -1.92 -2.69
C3' UFT B 8 -9.95 -2.69 -3.25
O3' UFT B 8 -11.09 -2.14 -3.89
H6 UFT B 8 -6.56 -4.19 -1.74
H5 UFT B 8 -4.23 -4.85 -1.93
H2' UFT B 8 -8.20 -3.11 -4.47
H5' UFT B 8 -11.64 -2.99 -1.03
H5'A UFT B 8 -10.41 -2.68 0.20
H4' UFT B 8 -9.98 -1.23 -1.68
H1' UFT B 8 -7.72 -0.84 -2.57
H3' UFT B 8 -10.01 -3.78 -3.28
HN3 UFT B 8 -3.55 -1.44 -4.26
P CFL B 9 -11.66 -2.70 -5.31
O1P CFL B 9 -12.88 -1.95 -5.65
O2P CFL B 9 -11.72 -4.17 -5.24
O5' CFL B 9 -10.56 -2.27 -6.43
C5' CFL B 9 -10.48 -0.93 -6.87
C4' CFL B 9 -9.33 -0.59 -7.86
O4' CFL B 9 -8.03 -0.78 -7.33
C3' CFL B 9 -9.40 -1.36 -9.19
O3' CFL B 9 -9.74 -0.46 -10.25
C2' CFL B 9 -8.05 -2.05 -9.31
C1' CFL B 9 -7.17 -1.24 -8.36
N1 CFL B 9 -6.01 -1.98 -7.79
C2 CFL B 9 -4.72 -1.71 -8.25
O2 CFL B 9 -4.51 -0.87 -9.12
N3 CFL B 9 -3.65 -2.39 -7.74
C4 CFL B 9 -3.85 -3.31 -6.83
N4 CFL B 9 -2.77 -3.90 -6.36
C5 CFL B 9 -5.15 -3.64 -6.32
C6 CFL B 9 -6.20 -2.95 -6.82
F CFL B 9 -8.15 -3.34 -8.84
H5'1 CFL B 9 -11.41 -0.67 -7.36
H5'2 CFL B 9 -10.38 -0.26 -6.01
H4' CFL B 9 -9.44 0.47 -8.09
H3' CFL B 9 -10.16 -2.14 -9.09
H2' CFL B 9 -7.67 -2.05 -10.32
H1' CFL B 9 -6.77 -0.41 -8.94
HN41 CFL B 9 -1.88 -3.64 -6.76
HN42 CFL B 9 -2.84 -4.55 -5.59
H5 CFL B 9 -5.30 -4.39 -5.55
H6 CFL B 9 -7.21 -3.14 -6.50
F GF2 B 10 -4.39 -2.88 -14.76
P GF2 B 10 -10.32 -0.98 -11.67
N1 GF2 B 10 -0.59 -4.22 -11.30
C2 GF2 B 10 -0.90 -3.36 -12.32
N2 GF2 B 10 0.05 -3.03 -13.16
N3 GF2 B 10 -2.12 -2.90 -12.55
C4 GF2 B 10 -3.06 -3.40 -11.70
C5 GF2 B 10 -2.86 -4.30 -10.68
C6 GF2 B 10 -1.51 -4.72 -10.41
O6 GF2 B 10 -1.09 -5.50 -9.55
N7 GF2 B 10 -4.11 -4.64 -10.11
C8 GF2 B 10 -4.97 -3.94 -10.79
N9 GF2 B 10 -4.41 -3.16 -11.77
C1' GF2 B 10 -5.03 -2.24 -12.75
OP2 GF2 B 10 -11.13 -2.17 -11.39
C2' GF2 B 10 -5.54 -2.92 -14.01
OP1 GF2 B 10 -10.93 0.16 -12.39
C3' GF2 B 10 -6.71 -2.03 -14.44
O3' GF2 B 10 -6.66 -1.61 -15.80
C4' GF2 B 10 -6.72 -0.92 -13.38
O4' GF2 B 10 -6.12 -1.52 -12.23
C5' GF2 B 10 -8.11 -0.37 -13.02
O5' GF2 B 10 -8.98 -1.38 -12.49
HN1 GF2 B 10 0.36 -4.56 -11.23
HN2 GF2 B 10 -0.23 -2.47 -13.94
HN2A GF2 B 10 0.98 -3.43 -13.09
H8 GF2 B 10 -6.03 -3.97 -10.61
H1' GF2 B 10 -4.25 -1.56 -13.08
H2' GF2 B 10 -5.88 -3.95 -13.82
H3' GF2 B 10 -7.62 -2.60 -14.30
H4' GF2 B 10 -6.08 -0.10 -13.73
H5' GF2 B 10 -8.57 0.06 -13.91
H5'A GF2 B 10 -7.98 0.43 -12.30
P CFL B 11 -6.94 -2.61 -17.04
O1P CFL B 11 -7.21 -1.78 -18.23
O2P CFL B 11 -7.97 -3.56 -16.58
O5' CFL B 11 -5.55 -3.42 -17.31
C5' CFL B 11 -4.43 -2.79 -17.93
C4' CFL B 11 -3.16 -3.66 -18.08
O4' CFL B 11 -2.54 -3.92 -16.83
C3' CFL B 11 -3.28 -5.02 -18.78
O3' CFL B 11 -2.12 -5.19 -19.64
C2' CFL B 11 -3.32 -6.02 -17.64
C1' CFL B 11 -2.28 -5.31 -16.76
N1 CFL B 11 -2.26 -5.78 -15.36
C2 CFL B 11 -1.07 -6.31 -14.84
O2 CFL B 11 -0.04 -6.32 -15.50
N3 CFL B 11 -1.06 -6.87 -13.62
C4 CFL B 11 -2.16 -6.85 -12.89
N4 CFL B 11 -2.07 -7.44 -11.73
C5 CFL B 11 -3.38 -6.24 -13.33
C6 CFL B 11 -3.38 -5.72 -14.58
F CFL B 11 -4.56 -6.19 -17.05
H5'1 CFL B 11 -4.73 -2.45 -18.93
H5'2 CFL B 11 -4.16 -1.91 -17.36
H4' CFL B 11 -2.45 -3.05 -18.66
H3' CFL B 11 -4.22 -5.09 -19.29
H2' CFL B 11 -2.98 -7.00 -17.91
H1' CFL B 11 -1.31 -5.57 -17.21
HN41 CFL B 11 -1.18 -7.88 -11.50
HN42 CFL B 11 -2.85 -7.45 -11.10
H5 CFL B 11 -4.26 -6.17 -12.72
H6 CFL B 11 -4.26 -5.25 -15.03
F GF2 B 12 -3.51 -11.06 -17.46
P GF2 B 12 -1.74 -6.56 -20.43
N1 GF2 B 12 0.15 -11.86 -12.37
C2 GF2 B 12 0.82 -11.62 -13.53
N2 GF2 B 12 1.92 -12.27 -13.76
N3 GF2 B 12 0.34 -10.91 -14.54
C4 GF2 B 12 -0.92 -10.42 -14.31
C5 GF2 B 12 -1.70 -10.62 -13.18
C6 GF2 B 12 -1.12 -11.37 -12.09
O6 GF2 B 12 -1.57 -11.69 -11.00
N7 GF2 B 12 -2.97 -10.07 -13.41
C8 GF2 B 12 -2.93 -9.62 -14.64
N9 GF2 B 12 -1.72 -9.85 -15.25
C1' GF2 B 12 -1.41 -10.08 -16.67
OP2 GF2 B 12 -2.99 -7.14 -20.94
C2' GF2 B 12 -2.53 -10.13 -17.72
OP1 GF2 B 12 -0.62 -6.25 -21.34
C3' GF2 B 12 -1.57 -10.60 -18.82
O3' GF2 B 12 -1.21 -11.94 -18.51
C4' GF2 B 12 -0.31 -9.72 -18.59
O4' GF2 B 12 -0.40 -9.29 -17.24
C5' GF2 B 12 -0.16 -8.50 -19.51
O5' GF2 B 12 -1.17 -7.53 -19.27
HN1 GF2 B 12 0.64 -12.37 -11.64
HN2 GF2 B 12 2.32 -12.09 -14.67
HN2A GF2 B 12 2.11 -13.08 -13.21
H8 GF2 B 12 -3.77 -9.16 -15.15
H1' GF2 B 12 -1.01 -11.10 -16.62
H2' GF2 B 12 -2.94 -9.15 -17.97
H3' GF2 B 12 -1.99 -10.64 -19.83
HO3' GF2 B 12 -0.69 -12.30 -19.23
H4' GF2 B 12 0.57 -10.35 -18.69
H5' GF2 B 12 -0.22 -8.85 -20.54
H5'A GF2 B 12 0.81 -8.05 -19.34
N1 CFZ A 1 4.44 -13.04 -8.61
C2 CFZ A 1 3.65 -13.04 -9.80
O2 CFZ A 1 4.08 -13.53 -10.85
N3 CFZ A 1 2.39 -12.50 -9.72
C4 CFZ A 1 1.92 -11.99 -8.56
N4 CFZ A 1 0.68 -11.53 -8.48
C5 CFZ A 1 2.72 -12.01 -7.39
C6 CFZ A 1 3.97 -12.52 -7.45
C1' CFZ A 1 5.83 -13.59 -8.64
C2' CFZ A 1 6.89 -12.55 -8.96
F2' CFZ A 1 7.10 -12.81 -10.29
C3' CFZ A 1 8.00 -12.81 -7.91
O3' CFZ A 1 9.33 -12.52 -8.32
C4' CFZ A 1 7.67 -14.25 -7.52
O4' CFZ A 1 6.24 -14.21 -7.43
C5' CFZ A 1 8.28 -14.72 -6.19
O5' CFZ A 1 7.72 -14.01 -5.09
HN4 CFZ A 1 0.03 -11.53 -9.27
HN4A CFZ A 1 0.38 -11.16 -7.61
H5 CFZ A 1 2.39 -11.65 -6.44
H6 CFZ A 1 4.59 -12.55 -6.57
H1' CFZ A 1 5.88 -14.34 -9.40
H2' CFZ A 1 6.50 -11.54 -8.83
H3' CFZ A 1 7.76 -12.20 -7.04
H4' CFZ A 1 7.99 -14.92 -8.32
H5' CFZ A 1 9.35 -14.55 -6.21
H5'A CFZ A 1 8.09 -15.78 -6.07
HO5' CFZ A 1 6.76 -14.08 -5.16
F GF2 A 2 7.26 -7.62 -13.61
P GF2 A 2 9.88 -10.98 -8.31
N1 GF2 A 2 1.55 -8.25 -13.02
C2 GF2 A 2 2.59 -8.25 -13.90
N2 GF2 A 2 2.35 -7.88 -15.13
N3 GF2 A 2 3.85 -8.55 -13.59
C4 GF2 A 2 3.99 -8.87 -12.27
C5 GF2 A 2 3.01 -8.91 -11.30
C6 GF2 A 2 1.66 -8.59 -11.69
O6 GF2 A 2 0.63 -8.59 -11.01
N7 GF2 A 2 3.57 -9.28 -10.08
C8 GF2 A 2 4.84 -9.43 -10.34
N9 GF2 A 2 5.17 -9.21 -11.65
C1' GF2 A 2 6.48 -9.30 -12.33
OP2 GF2 A 2 9.38 -10.29 -7.10
C2' GF2 A 2 7.26 -8.00 -12.28
OP1 GF2 A 2 11.32 -10.87 -8.65
C3' GF2 A 2 8.57 -8.40 -11.62
O3' GF2 A 2 9.71 -7.67 -12.07
C4' GF2 A 2 8.61 -9.90 -11.87
O4' GF2 A 2 7.26 -10.29 -11.68
C5' GF2 A 2 9.52 -10.63 -10.88
O5' GF2 A 2 9.13 -10.32 -9.55
HN1 GF2 A 2 0.62 -7.98 -13.34
HN2 GF2 A 2 3.13 -7.84 -15.77
HN2A GF2 A 2 1.40 -7.62 -15.42
H8 GF2 A 2 5.58 -9.71 -9.60
H1' GF2 A 2 6.32 -9.53 -13.39
H2' GF2 A 2 6.75 -7.26 -11.67
H3' GF2 A 2 8.44 -8.24 -10.55
H4' GF2 A 2 8.93 -10.10 -12.90
H5' GF2 A 2 10.55 -10.32 -11.05
H5'A GF2 A 2 9.45 -11.70 -11.04
P CFZ A 3 10.05 -6.21 -11.47
N1 CFZ A 3 4.31 -4.83 -12.42
C2 CFZ A 3 2.92 -4.76 -12.54
O2 CFZ A 3 2.38 -4.29 -13.54
N3 CFZ A 3 2.12 -5.18 -11.52
C4 CFZ A 3 2.67 -5.64 -10.41
N4 CFZ A 3 1.86 -6.03 -9.47
C5 CFZ A 3 4.09 -5.74 -10.25
C6 CFZ A 3 4.87 -5.32 -11.27
C1' CFZ A 3 5.17 -4.21 -13.47
O1P CFZ A 3 11.30 -5.76 -12.11
C2' CFZ A 3 5.54 -2.79 -13.11
F2' CFZ A 3 5.08 -2.06 -14.18
O2P CFZ A 3 10.04 -6.43 -10.01
C3' CFZ A 3 7.05 -2.80 -12.83
O3' CFZ A 3 7.70 -1.57 -13.13
C4' CFZ A 3 7.46 -4.03 -13.65
O4' CFZ A 3 6.38 -4.95 -13.51
C5' CFZ A 3 8.79 -4.72 -13.26
O5' CFZ A 3 8.82 -5.25 -11.93
HN4 CFZ A 3 0.85 -5.94 -9.63
HN4A CFZ A 3 2.22 -6.44 -8.63
H5 CFZ A 3 4.54 -6.14 -9.35
H6 CFZ A 3 5.96 -5.36 -11.22
H1' CFZ A 3 4.64 -4.14 -14.39
H2' CFZ A 3 4.93 -2.52 -12.27
H3' CFZ A 3 7.23 -3.06 -11.79
H4' CFZ A 3 7.51 -3.73 -14.69
H5' CFZ A 3 9.60 -4.01 -13.38
H5'A CFZ A 3 8.95 -5.54 -13.97
F GF2 A 4 1.09 2.11 -12.52
P GF2 A 4 7.55 -0.28 -12.15
N1 GF2 A 4 -1.72 -1.65 -9.59
C2 GF2 A 4 -1.73 -0.81 -10.66
N2 GF2 A 4 -2.88 -0.28 -11.01
N3 GF2 A 4 -0.66 -0.46 -11.36
C4 GF2 A 4 0.48 -1.07 -10.91
C5 GF2 A 4 0.61 -1.93 -9.84
C6 GF2 A 4 -0.58 -2.26 -9.08
O6 GF2 A 4 -0.72 -2.95 -8.08
N7 GF2 A 4 1.94 -2.35 -9.71
C8 GF2 A 4 2.56 -1.70 -10.67
N9 GF2 A 4 1.74 -0.89 -11.41
C1' GF2 A 4 2.12 0.11 -12.45
OP2 GF2 A 4 7.70 -0.65 -10.74
C2' GF2 A 4 2.14 1.51 -11.85
OP1 GF2 A 4 8.33 0.89 -12.61
C3' GF2 A 4 3.56 2.01 -12.09
O3' GF2 A 4 3.67 3.43 -12.25
C4' GF2 A 4 4.01 1.12 -13.24
O4' GF2 A 4 3.43 -0.13 -12.89
C5' GF2 A 4 5.53 0.94 -13.37
O5' GF2 A 4 6.04 0.26 -12.22
HN1 GF2 A 4 -2.60 -1.87 -9.12
HN2 GF2 A 4 -2.88 0.32 -11.81
HN2A GF2 A 4 -3.74 -0.51 -10.51
H8 GF2 A 4 3.61 -1.78 -10.86
H1' GF2 A 4 1.40 0.11 -13.26
H2' GF2 A 4 1.94 1.50 -10.78
H3' GF2 A 4 4.16 1.73 -11.22
H4' GF2 A 4 3.60 1.49 -14.19
H5' GF2 A 4 6.01 1.92 -13.46
H5'A GF2 A 4 5.75 0.36 -14.25
F AF2 A 5 -3.16 4.58 -9.28
P AF2 A 5 3.56 4.42 -10.97
N1 AF2 A 5 -3.18 -0.26 -5.98
C2 AF2 A 5 -3.84 0.62 -6.72
N3 AF2 A 5 -3.35 1.43 -7.65
C4 AF2 A 5 -2.01 1.28 -7.80
C5 AF2 A 5 -1.19 0.43 -7.10
C6 AF2 A 5 -1.86 -0.38 -6.16
N6 AF2 A 5 -1.26 -1.30 -5.41
N7 AF2 A 5 0.15 0.57 -7.50
C8 AF2 A 5 0.09 1.49 -8.42
N9 AF2 A 5 -1.18 1.98 -8.65
C1' AF2 A 5 -1.57 3.03 -9.61
OP2 AF2 A 5 4.35 3.84 -9.87
C2' AF2 A 5 -1.85 4.36 -8.92
OP1 AF2 A 5 3.80 5.84 -11.34
C3' AF2 A 5 -0.76 5.31 -9.46
O3' AF2 A 5 -1.14 6.69 -9.49
C4' AF2 A 5 -0.42 4.64 -10.80
O4' AF2 A 5 -0.48 3.26 -10.48
C5' AF2 A 5 0.98 4.97 -11.33
O5' AF2 A 5 2.02 4.45 -10.49
H2 AF2 A 5 -4.90 0.71 -6.52
H8 AF2 A 5 0.96 1.86 -8.95
H5' AF2 A 5 1.08 6.05 -11.43
H5'A AF2 A 5 1.08 4.54 -12.33
H1' AF2 A 5 -2.48 2.73 -10.15
H2' AF2 A 5 -1.75 4.29 -7.84
H3' AF2 A 5 0.11 5.20 -8.83
H4' AF2 A 5 -1.17 4.89 -11.54
HN6 AF2 A 5 -0.29 -1.50 -5.61
HN6A AF2 A 5 -1.81 -1.91 -4.80
F AF2 A 6 -6.52 4.89 -4.54
P AF2 A 6 -1.14 7.60 -8.12
N1 AF2 A 6 -4.06 0.33 -2.05
C2 AF2 A 6 -5.14 0.98 -2.47
N3 AF2 A 6 -5.21 1.95 -3.37
C4 AF2 A 6 -3.99 2.28 -3.87
C5 AF2 A 6 -2.79 1.73 -3.53
C6 AF2 A 6 -2.87 0.69 -2.58
N6 AF2 A 6 -1.83 -0.01 -2.15
N7 AF2 A 6 -1.73 2.34 -4.21
C8 AF2 A 6 -2.34 3.23 -4.94
N9 AF2 A 6 -3.71 3.23 -4.83
C1' AF2 A 6 -4.66 4.13 -5.53
OP2 AF2 A 6 0.19 7.37 -7.50
C2' AF2 A 6 -5.18 5.19 -4.59
OP1 AF2 A 6 -1.54 8.99 -8.43
C3' AF2 A 6 -4.70 6.52 -5.20
O3' AF2 A 6 -5.52 7.65 -4.88
C4' AF2 A 6 -4.57 6.13 -6.67
O4' AF2 A 6 -3.99 4.83 -6.56
C5' AF2 A 6 -3.67 7.06 -7.51
O5' AF2 A 6 -2.28 6.95 -7.19
H2 AF2 A 6 -6.08 0.64 -2.03
H8 AF2 A 6 -1.82 3.92 -5.60
H5' AF2 A 6 -4.00 8.09 -7.38
H5'A AF2 A 6 -3.81 6.80 -8.56
H1' AF2 A 6 -5.52 3.57 -5.91
H2' AF2 A 6 -4.73 5.06 -3.62
H3' AF2 A 6 -3.70 6.71 -4.83
H4' AF2 A 6 -5.55 6.06 -7.12
HN6 AF2 A 6 -0.93 0.18 -2.56
HN6A AF2 A 6 -1.97 -0.75 -1.46
P TAF A 7 -5.51 8.27 -3.39
OP1 TAF A 7 -6.34 9.49 -3.28
OP2 TAF A 7 -4.14 8.35 -2.87
O5' TAF A 7 -6.25 7.22 -2.42
N1 TAF A 7 -5.62 3.61 -0.16
C6 TAF A 7 -4.52 4.14 -0.81
C2 TAF A 7 -5.50 2.54 0.73
O2 TAF A 7 -6.44 2.07 1.36
N3 TAF A 7 -4.22 2.04 0.92
C4 TAF A 7 -3.07 2.53 0.35
O4 TAF A 7 -2.00 2.02 0.65
C5 TAF A 7 -3.27 3.65 -0.57
C5M TAF A 7 -2.08 4.30 -1.24
F2' TAF A 7 -5.78 6.26 0.55
C2' TAF A 7 -6.99 5.58 0.60
C5' TAF A 7 -7.63 6.91 -2.56
C4' TAF A 7 -8.09 5.86 -1.54
O4' TAF A 7 -7.26 4.70 -1.58
C1' TAF A 7 -6.95 4.30 -0.25
C3' TAF A 7 -8.04 6.41 -0.11
O3' TAF A 7 -9.33 6.47 0.53
H6 TAF A 7 -4.67 4.97 -1.47
H3 TAF A 7 -4.13 1.27 1.57
H71 TAF A 7 -1.49 3.55 -1.76
H72 TAF A 7 -1.45 4.75 -0.47
H73 TAF A 7 -2.40 5.07 -1.95
H2' TAF A 7 -7.24 5.35 1.62
H5' TAF A 7 -8.23 7.81 -2.42
H5'' TAF A 7 -7.83 6.55 -3.55
H4' TAF A 7 -9.10 5.56 -1.77
H1' TAF A 7 -7.71 3.61 0.13
H3' TAF A 7 -7.64 7.42 -0.14
P UFT A 8 -9.53 7.32 1.90
OP1 UFT A 8 -10.95 7.61 2.17
OP2 UFT A 8 -8.55 8.42 1.92
O5' UFT A 8 -9.13 6.29 3.06
N1 UFT A 8 -5.60 3.34 4.41
C6 UFT A 8 -4.99 4.34 3.66
C2 UFT A 8 -4.83 2.33 5.01
O2 UFT A 8 -5.31 1.43 5.68
N3 UFT A 8 -3.47 2.40 4.83
C4 UFT A 8 -2.79 3.36 4.13
O4 UFT A 8 -1.56 3.33 4.09
C5 UFT A 8 -3.64 4.35 3.51
F2' UFT A 8 -7.38 3.18 6.89
C2' UFT A 8 -7.40 4.16 5.93
C5' UFT A 8 -9.86 5.09 3.26
C4' UFT A 8 -9.08 4.16 4.20
O4' UFT A 8 -7.80 3.89 3.64
C1' UFT A 8 -7.06 3.34 4.70
C3' UFT A 8 -8.76 4.79 5.55
O3' UFT A 8 -9.78 4.74 6.55
H6 UFT A 8 -5.61 5.09 3.20
H5 UFT A 8 -3.18 5.13 2.91
H2' UFT A 8 -6.67 4.94 6.13
H5' UFT A 8 -10.84 5.30 3.68
H5'A UFT A 8 -9.99 4.58 2.31
H4' UFT A 8 -9.64 3.23 4.35
H1' UFT A 8 -7.39 2.32 4.90
H3' UFT A 8 -8.55 5.85 5.37
HN3 UFT A 8 -2.92 1.70 5.31
P CFL A 9 -9.75 5.67 7.87
O1P CFL A 9 -11.06 5.59 8.56
O2P CFL A 9 -9.25 6.99 7.45
O5' CFL A 9 -8.68 4.99 8.87
C5' CFL A 9 -8.95 3.73 9.48
C4' CFL A 9 -7.86 3.19 10.42
O4' CFL A 9 -6.69 2.78 9.74
C3' CFL A 9 -7.45 4.19 11.51
O3' CFL A 9 -7.74 3.70 12.82
C2' CFL A 9 -5.98 4.50 11.21
C1' CFL A 9 -5.55 3.25 10.45
N1 CFL A 9 -4.42 3.45 9.50
C2 CFL A 9 -3.19 2.84 9.75
O2 CFL A 9 -3.03 2.12 10.73
N3 CFL A 9 -2.14 3.05 8.92
C4 CFL A 9 -2.29 3.81 7.85
N4 CFL A 9 -1.24 3.97 7.09
C5 CFL A 9 -3.54 4.41 7.51
C6 CFL A 9 -4.59 4.21 8.36
F CFL A 9 -5.90 5.60 10.40
H5'1 CFL A 9 -9.88 3.82 10.05
H5'2 CFL A 9 -9.13 2.99 8.70
H4' CFL A 9 -8.27 2.32 10.92
H3' CFL A 9 -8.00 5.10 11.33
H2' CFL A 9 -5.40 4.66 12.11
H1' CFL A 9 -5.25 2.56 11.22
HN41 CFL A 9 -0.36 3.56 7.41
HN42 CFL A 9 -1.31 4.45 6.20
H5 CFL A 9 -3.67 5.03 6.64
H6 CFL A 9 -5.56 4.65 8.17
F GF2 A 10 -0.79 4.45 15.45
P GF2 A 10 -7.70 4.68 14.10
N1 GF2 A 10 2.43 4.47 11.18
C2 GF2 A 10 2.10 3.80 12.31
N2 GF2 A 10 3.06 3.24 12.99
N3 GF2 A 10 0.86 3.73 12.83
C4 GF2 A 10 -0.05 4.46 12.12
C5 GF2 A 10 0.19 5.19 10.97
C6 GF2 A 10 1.52 5.20 10.41
O6 GF2 A 10 1.97 5.76 9.42
N7 GF2 A 10 -0.99 5.86 10.59
C8 GF2 A 10 -1.86 5.50 11.50
N9 GF2 A 10 -1.36 4.66 12.46
C1' GF2 A 10 -2.05 4.06 13.64
OP2 GF2 A 10 -8.13 6.01 13.59
C2' GF2 A 10 -1.97 4.91 14.91
OP1 GF2 A 10 -8.50 4.05 15.18
C3' GF2 A 10 -3.28 4.57 15.63
O3' GF2 A 10 -3.15 4.28 17.03
C4' GF2 A 10 -3.91 3.49 14.77
O4' GF2 A 10 -3.43 3.81 13.45
C5' GF2 A 10 -5.45 3.42 14.83
O5' GF2 A 10 -6.13 4.66 14.54
HN1 GF2 A 10 3.40 4.51 10.90
HN2 GF2 A 10 2.81 2.78 13.84
HN2A GF2 A 10 4.05 3.38 12.73
H8 GF2 A 10 -2.88 5.86 11.50
H1' GF2 A 10 -1.49 3.16 13.88
H2' GF2 A 10 -1.93 5.98 14.69
H3' GF2 A 10 -3.92 5.44 15.52
H4' GF2 A 10 -3.50 2.52 15.07
H5' GF2 A 10 -5.74 3.06 15.81
H5'A GF2 A 10 -5.76 2.67 14.11
P CFL A 11 -2.84 5.44 18.12
O1P CFL A 11 -3.10 4.85 19.47
O2P CFL A 11 -3.66 6.60 17.72
O5' CFL A 11 -1.27 5.79 18.05
C5' CFL A 11 -0.29 4.88 18.55
C4' CFL A 11 1.20 5.25 18.40
O4' CFL A 11 1.63 5.20 17.06
C3' CFL A 11 1.66 6.61 18.96
O3' CFL A 11 2.89 6.42 19.68
C2' CFL A 11 1.80 7.46 17.71
C1' CFL A 11 2.36 6.39 16.78
N1 CFL A 11 2.24 6.74 15.34
C2 CFL A 11 3.41 6.93 14.60
O2 CFL A 11 4.53 6.74 15.08
N3 CFL A 11 3.33 7.34 13.32
C4 CFL A 11 2.15 7.56 12.79
N4 CFL A 11 2.14 8.00 11.55
C5 CFL A 11 0.92 7.32 13.48
C6 CFL A 11 1.02 6.91 14.77
F CFL A 11 0.60 8.00 17.29
H5'1 CFL A 11 -0.49 4.73 19.61
H5'2 CFL A 11 -0.44 3.92 18.05
H4' CFL A 11 1.74 4.48 18.94
H3' CFL A 11 0.86 7.05 19.56
H2' CFL A 11 2.51 8.29 17.82
H1' CFL A 11 3.42 6.27 17.04
HN41 CFL A 11 3.05 8.11 11.10
HN42 CFL A 11 1.28 8.16 11.06
H5 CFL A 11 -0.05 7.47 13.03
H6 CFL A 11 0.15 6.74 15.40
F GF2 A 12 4.05 12.51 17.54
P GF2 A 12 3.72 7.63 20.36
N1 GF2 A 12 5.40 11.27 11.46
C2 GF2 A 12 6.30 11.14 12.44
N2 GF2 A 12 7.53 11.36 12.10
N3 GF2 A 12 6.03 10.85 13.70
C4 GF2 A 12 4.70 10.69 13.93
C5 GF2 A 12 3.67 10.82 13.02
C6 GF2 A 12 4.03 11.13 11.64
O6 GF2 A 12 3.34 11.30 10.65
N7 GF2 A 12 2.45 10.67 13.68
C8 GF2 A 12 2.78 10.48 14.93
N9 GF2 A 12 4.13 10.48 15.15
C1' GF2 A 12 4.98 10.57 16.38
OP2 GF2 A 12 2.72 8.50 20.99
C2' GF2 A 12 4.45 11.19 17.66
OP1 GF2 A 12 4.74 6.99 21.22
C3' GF2 A 12 5.77 11.05 18.44
O3' GF2 A 12 6.69 11.97 17.86
C4' GF2 A 12 6.23 9.63 18.04
O4' GF2 A 12 5.60 9.37 16.78
C5' GF2 A 12 5.85 8.54 19.05
O5' GF2 A 12 4.45 8.42 19.17
HN1 GF2 A 12 5.75 11.48 10.54
HN2 GF2 A 12 8.22 11.30 12.82
HN2A GF2 A 12 7.70 11.59 11.13
H8 GF2 A 12 2.03 10.34 15.70
H1' GF2 A 12 5.79 11.24 16.06
H2' GF2 A 12 3.66 10.58 18.12
H3' GF2 A 12 5.71 11.28 19.49
HO3' GF2 A 12 7.53 11.91 18.34
H4' GF2 A 12 7.31 9.64 17.91
H5' GF2 A 12 6.27 8.83 20.02
H5'A GF2 A 12 6.30 7.59 18.75
N1 CFZ B 1 8.92 12.18 7.57
C2 CFZ B 1 8.48 12.04 8.90
O2 CFZ B 1 9.31 12.09 9.82
N3 CFZ B 1 7.14 11.84 9.14
C4 CFZ B 1 6.29 11.74 8.10
N4 CFZ B 1 4.99 11.54 8.30
C5 CFZ B 1 6.74 11.85 6.75
C6 CFZ B 1 8.05 12.07 6.53
C1' CFZ B 1 10.35 12.45 7.28
C2' CFZ B 1 11.22 11.19 7.30
F2' CFZ B 1 11.74 11.27 8.58
C3' CFZ B 1 12.10 11.36 6.05
O3' CFZ B 1 13.40 10.78 6.15
C4' CFZ B 1 12.01 12.87 5.81
O4' CFZ B 1 10.62 13.10 6.04
C5' CFZ B 1 12.41 13.30 4.39
O5' CFZ B 1 11.47 12.83 3.43
HN4 CFZ B 1 4.56 11.43 9.22
HN4A CFZ B 1 4.41 11.43 7.49
H5 CFZ B 1 6.08 11.79 5.91
H6 CFZ B 1 8.41 12.16 5.51
H1' CFZ B 1 10.72 13.11 8.06
H2' CFZ B 1 10.61 10.30 7.21
H3' CFZ B 1 11.58 10.89 5.23
H4' CFZ B 1 12.63 13.39 6.53
H5' CFZ B 1 12.43 14.39 4.36
H5'A CFZ B 1 13.40 12.92 4.16
HO5' CFZ B 1 10.59 13.07 3.74
F GF2 B 2 11.32 5.84 11.40
P GF2 B 2 13.62 9.20 5.92
N1 GF2 B 2 5.93 7.68 12.21
C2 GF2 B 2 7.10 7.44 12.87
N2 GF2 B 2 7.03 7.05 14.11
N3 GF2 B 2 8.30 7.56 12.31
C4 GF2 B 2 8.24 7.95 11.00
C5 GF2 B 2 7.11 8.22 10.26
C6 GF2 B 2 5.83 8.08 10.90
O6 GF2 B 2 4.71 8.31 10.45
N7 GF2 B 2 7.48 8.57 8.96
C8 GF2 B 2 8.78 8.48 8.95
N9 GF2 B 2 9.31 8.11 10.16
C1' GF2 B 2 10.71 7.81 10.50
OP2 GF2 B 2 12.81 8.77 4.76
C2' GF2 B 2 11.07 6.36 10.15
OP1 GF2 B 2 15.05 8.83 5.97
C3' GF2 B 2 12.21 6.47 9.15
O3' GF2 B 2 13.11 5.37 9.16
C4' GF2 B 2 12.75 7.85 9.52
O4' GF2 B 2 11.58 8.62 9.72
C5' GF2 B 2 13.63 8.51 8.45
O5' GF2 B 2 12.96 8.52 7.21
HN1 GF2 B 2 5.05 7.53 12.70
HN2 GF2 B 2 7.90 6.86 14.58
HN2A GF2 B 2 6.12 6.93 14.57
H8 GF2 B 2 9.39 8.68 8.09
H1' GF2 B 2 10.88 7.93 11.57
H2' GF2 B 2 10.23 5.84 9.69
H3' GF2 B 2 11.77 6.56 8.16
H4' GF2 B 2 13.31 7.79 10.46
H5' GF2 B 2 14.56 7.94 8.38
H5'A GF2 B 2 13.87 9.52 8.76
P CFZ B 3 12.71 3.93 8.51
N1 CFZ B 3 7.40 3.97 10.90
C2 CFZ B 3 6.08 4.12 11.29
O2 CFZ B 3 5.67 3.70 12.38
N3 CFZ B 3 5.18 4.72 10.46
C4 CFZ B 3 5.60 5.14 9.28
N4 CFZ B 3 4.69 5.71 8.52
C5 CFZ B 3 6.94 5.00 8.83
C6 CFZ B 3 7.82 4.39 9.67
C1' CFZ B 3 8.32 3.18 11.78
O1P CFZ B 3 13.86 3.01 8.60
C2' CFZ B 3 8.28 1.72 11.44
F2' CFZ B 3 7.94 1.11 12.62
O2P CFZ B 3 12.11 4.17 7.19
C3' CFZ B 3 9.66 1.45 10.84
O3' CFZ B 3 10.13 0.11 11.00
C4' CFZ B 3 10.51 2.50 11.51
O4' CFZ B 3 9.65 3.64 11.56
C5' CFZ B 3 11.81 2.81 10.74
O5' CFZ B 3 11.54 3.29 9.42
HN4 CFZ B 3 3.73 5.78 8.89
HN4A CFZ B 3 4.94 6.11 7.65
H5 CFZ B 3 7.28 5.34 7.86
H6 CFZ B 3 8.86 4.23 9.42
H1' CFZ B 3 8.00 3.23 12.80
H2' CFZ B 3 7.46 1.58 10.77
H3' CFZ B 3 9.63 1.68 9.78
H4' CFZ B 3 10.74 2.20 12.52
H5' CFZ B 3 12.42 1.91 10.68
H5'A CFZ B 3 12.37 3.56 11.29
F GF2 B 4 3.06 -2.36 12.18
P GF2 B 4 9.64 -1.07 10.04
N1 GF2 B 4 0.32 1.83 9.66
C2 GF2 B 4 0.38 1.02 10.74
N2 GF2 B 4 -0.75 0.75 11.36
N3 GF2 B 4 1.51 0.47 11.21
C4 GF2 B 4 2.61 0.83 10.50
C5 GF2 B 4 2.66 1.65 9.38
C6 GF2 B 4 1.41 2.18 8.88
O6 GF2 B 4 1.19 2.89 7.90
N7 GF2 B 4 3.98 1.79 8.94
C8 GF2 B 4 4.66 1.06 9.79
N9 GF2 B 4 3.90 0.43 10.74
C1' GF2 B 4 4.34 -0.58 11.73
OP2 GF2 B 4 9.74 -0.48 8.67
C2' GF2 B 4 4.00 -1.98 11.24
OP1 GF2 B 4 10.41 -2.28 10.37
C3' GF2 B 4 5.35 -2.70 11.16
O3' GF2 B 4 5.27 -4.09 11.46
C4' GF2 B 4 6.24 -1.84 12.05
O4' GF2 B 4 5.75 -0.53 11.84
C5' GF2 B 4 7.74 -1.89 11.71
O5' GF2 B 4 8.08 -1.29 10.46
HN1 GF2 B 4 -0.58 2.23 9.38
HN2 GF2 B 4 -0.68 0.16 12.17
HN2A GF2 B 4 -1.61 1.20 11.08
H8 GF2 B 4 5.74 0.92 9.74
H1' GF2 B 4 3.84 -0.43 12.68
H2' GF2 B 4 3.54 -1.97 10.26
H3' GF2 B 4 5.73 -2.59 10.14
H4' GF2 B 4 6.08 -2.13 13.09
H5' GF2 B 4 8.06 -2.94 11.71
H5'A GF2 B 4 8.28 -1.38 12.51
F AF2 B 5 -2.14 -4.13 9.89
P AF2 B 5 4.62 -5.14 10.41
N1 AF2 B 5 -1.97 0.59 6.40
C2 AF2 B 5 -2.62 -0.16 7.29
N3 AF2 B 5 -2.11 -1.04 8.15
C4 AF2 B 5 -0.76 -1.12 8.04
C5 AF2 B 5 0.05 -0.43 7.17
C6 AF2 B 5 -0.64 0.47 6.33
N6 AF2 B 5 -0.07 1.28 5.45
N7 AF2 B 5 1.39 -0.78 7.34
C8 AF2 B 5 1.35 -1.67 8.29
N9 AF2 B 5 0.08 -1.93 8.78
C1' AF2 B 5 -0.29 -2.87 9.86
OP2 AF2 B 5 5.15 -4.93 9.06
C2' AF2 B 5 -0.89 -4.16 9.32
OP1 AF2 B 5 4.71 -6.53 10.90
C3' AF2 B 5 0.09 -5.26 9.74
O3' AF2 B 5 -0.50 -6.54 9.95
C4' AF2 B 5 0.75 -4.61 10.95
O4' AF2 B 5 0.89 -3.25 10.54
C5' AF2 B 5 2.13 -5.19 11.29
O5' AF2 B 5 3.06 -4.86 10.27
H2 AF2 B 5 -3.70 -0.06 7.28
H8 AF2 B 5 2.23 -2.17 8.69
H5' AF2 B 5 2.06 -6.28 11.39
H5'A AF2 B 5 2.47 -4.77 12.24
H1' AF2 B 5 -1.02 -2.42 10.52
H2' AF2 B 5 -0.97 -4.14 8.23
H3' AF2 B 5 0.86 -5.34 8.97
H4' AF2 B 5 0.09 -4.69 11.82
HN6 AF2 B 5 0.94 1.34 5.46
HN6A AF2 B 5 -0.63 1.97 4.96
F AF2 B 6 -6.22 -4.32 5.83
P AF2 B 6 -0.79 -7.55 8.72
N1 AF2 B 6 -3.80 -0.11 2.80
C2 AF2 B 6 -4.84 -0.65 3.43
N3 AF2 B 6 -4.83 -1.60 4.36
C4 AF2 B 6 -3.58 -2.03 4.64
C5 AF2 B 6 -2.41 -1.60 4.08
C6 AF2 B 6 -2.57 -0.56 3.13
N6 AF2 B 6 -1.56 0.01 2.50
N7 AF2 B 6 -1.31 -2.30 4.58
C8 AF2 B 6 -1.85 -3.12 5.43
N9 AF2 B 6 -3.22 -3.01 5.55
C1' AF2 B 6 -4.14 -3.75 6.43
OP2 AF2 B 6 0.43 -7.57 7.87
C2' AF2 B 6 -4.93 -4.79 5.66
OP1 AF2 B 6 -1.35 -8.82 9.24
C3' AF2 B 6 -4.54 -6.12 6.32
O3' AF2 B 6 -5.56 -7.11 6.27
C4' AF2 B 6 -4.13 -5.65 7.70
O4' AF2 B 6 -3.38 -4.48 7.39
C5' AF2 B 6 -3.27 -6.66 8.48
O5' AF2 B 6 -1.98 -6.82 7.90
H2 AF2 B 6 -5.82 -0.29 3.13
H8 AF2 B 6 -1.28 -3.83 6.03
H5' AF2 B 6 -3.78 -7.63 8.51
H5'A AF2 B 6 -3.16 -6.32 9.50
H1' AF2 B 6 -4.85 -3.07 6.90
H2' AF2 B 6 -4.66 -4.84 4.61
H3' AF2 B 6 -3.65 -6.48 5.83
H4' AF2 B 6 -5.02 -5.39 8.30
HN6 AF2 B 6 -0.63 -0.28 2.73
HN6A AF2 B 6 -1.76 0.74 1.81
P TAF B 7 -5.89 -7.91 4.92
OP1 TAF B 7 -6.93 -8.89 5.26
OP2 TAF B 7 -4.56 -8.41 4.48
O5' TAF B 7 -6.48 -6.82 3.85
N1 TAF B 7 -5.66 -3.02 1.39
C6 TAF B 7 -4.54 -3.75 1.75
C2 TAF B 7 -5.56 -1.96 0.47
O2 TAF B 7 -6.52 -1.29 0.12
N3 TAF B 7 -4.31 -1.69 -0.03
C4 TAF B 7 -3.16 -2.38 0.27
O4 TAF B 7 -2.11 -2.04 -0.28
C5 TAF B 7 -3.32 -3.48 1.23
C5M TAF B 7 -2.13 -4.32 1.66
F2' TAF B 7 -6.68 -5.14 0.18
C2' TAF B 7 -7.65 -4.41 0.86
C5' TAF B 7 -7.76 -6.24 4.05
C4' TAF B 7 -8.08 -5.02 3.17
O4' TAF B 7 -6.99 -4.11 3.10
C1' TAF B 7 -7.01 -3.43 1.85
C3' TAF B 7 -8.51 -5.34 1.73
O3' TAF B 7 -9.92 -5.16 1.54
H6 TAF B 7 -4.69 -4.59 2.43
H3 TAF B 7 -4.24 -0.94 -0.70
H71 TAF B 7 -1.76 -4.89 0.81
H72 TAF B 7 -2.40 -4.99 2.47
H73 TAF B 7 -1.33 -3.65 2.00
H2' TAF B 7 -8.23 -3.81 0.19
H5' TAF B 7 -8.52 -7.02 3.88
H5'' TAF B 7 -7.85 -5.93 5.09
H4' TAF B 7 -8.92 -4.51 3.65
H1' TAF B 7 -7.65 -2.54 1.91
H3' TAF B 7 -8.23 -6.38 1.52
P UFT B 8 -10.72 -5.70 0.22
OP1 UFT B 8 -12.17 -5.52 0.34
OP2 UFT B 8 -10.25 -7.06 -0.17
O5' UFT B 8 -10.30 -4.80 -1.03
N1 UFT B 8 -6.58 -2.58 -3.28
C6 UFT B 8 -5.99 -3.65 -2.66
C2 UFT B 8 -5.82 -1.73 -4.09
O2 UFT B 8 -6.29 -0.78 -4.70
N3 UFT B 8 -4.47 -1.99 -4.18
C4 UFT B 8 -3.80 -3.02 -3.56
O4 UFT B 8 -2.60 -3.14 -3.74
C5 UFT B 8 -4.66 -3.88 -2.76
F2' UFT B 8 -8.84 -1.96 -5.25
C2' UFT B 8 -8.80 -2.98 -4.34
C5' UFT B 8 -10.80 -3.48 -1.20
C4' UFT B 8 -10.04 -2.77 -2.31
O4' UFT B 8 -8.64 -2.78 -2.03
C1' UFT B 8 -8.04 -2.30 -3.20
C3' UFT B 8 -10.12 -3.43 -3.70
O3' UFT B 8 -11.29 -3.20 -4.48
H6 UFT B 8 -6.61 -4.32 -2.06
H5 UFT B 8 -4.20 -4.72 -2.25
H2' UFT B 8 -8.26 -3.84 -4.74
H5' UFT B 8 -11.86 -3.52 -1.44
H5'A UFT B 8 -10.67 -2.92 -0.27
H4' UFT B 8 -10.40 -1.74 -2.39
H1' UFT B 8 -8.20 -1.22 -3.26
H3' UFT B 8 -10.03 -4.50 -3.53
HN3 UFT B 8 -3.94 -1.39 -4.79
P CFL B 9 -11.55 -4.01 -5.86
O1P CFL B 9 -12.94 -3.79 -6.31
O2P CFL B 9 -11.07 -5.40 -5.67
O5' CFL B 9 -10.64 -3.30 -6.99
C5' CFL B 9 -10.90 -1.94 -7.37
C4' CFL B 9 -9.92 -1.34 -8.40
O4' CFL B 9 -8.61 -1.23 -7.89
C3' CFL B 9 -9.86 -2.08 -9.73
O3' CFL B 9 -10.22 -1.23 -10.83
C2' CFL B 9 -8.43 -2.59 -9.80
C1' CFL B 9 -7.68 -1.64 -8.88
N1 CFL B 9 -6.47 -2.24 -8.24
C2 CFL B 9 -5.21 -1.87 -8.73
O2 CFL B 9 -5.09 -1.04 -9.63
N3 CFL B 9 -4.09 -2.43 -8.22
C4 CFL B 9 -4.19 -3.34 -7.27
N4 CFL B 9 -3.06 -3.82 -6.81
C5 CFL B 9 -5.45 -3.76 -6.73
C6 CFL B 9 -6.57 -3.18 -7.26
F CFL B 9 -8.35 -3.87 -9.30
H5'1 CFL B 9 -11.90 -1.88 -7.80
H5'2 CFL B 9 -10.89 -1.32 -6.49
H4' CFL B 9 -10.27 -0.33 -8.60
H3' CFL B 9 -10.51 -2.96 -9.69
H2' CFL B 9 -8.03 -2.57 -10.80
H1' CFL B 9 -7.37 -0.80 -9.48
HN41 CFL B 9 -2.21 -3.50 -7.27
HN42 CFL B 9 -3.06 -4.49 -6.07
H5 CFL B 9 -5.54 -4.50 -5.95
H6 CFL B 9 -7.57 -3.46 -6.93
F GF2 B 10 -4.74 -4.00 -15.00
P GF2 B 10 -10.72 -1.82 -12.26
N1 GF2 B 10 -0.63 -4.46 -11.64
C2 GF2 B 10 -1.05 -3.70 -12.69
N2 GF2 B 10 -0.16 -3.34 -13.58
N3 GF2 B 10 -2.32 -3.36 -12.90
C4 GF2 B 10 -3.18 -3.90 -11.98
C5 GF2 B 10 -2.87 -4.68 -10.90
C6 GF2 B 10 -1.47 -4.98 -10.67
O6 GF2 B 10 -0.93 -5.64 -9.77
N7 GF2 B 10 -4.04 -5.09 -10.25
C8 GF2 B 10 -4.99 -4.51 -10.94
N9 GF2 B 10 -4.54 -3.78 -12.00
C1' GF2 B 10 -5.29 -3.05 -13.06
OP2 GF2 B 10 -11.54 -3.01 -11.99
C2' GF2 B 10 -5.83 -3.96 -14.15
OP1 GF2 B 10 -11.27 -0.71 -13.06
C3' GF2 B 10 -7.08 -3.21 -14.62
O3' GF2 B 10 -7.23 -3.06 -16.02
C4' GF2 B 10 -7.06 -1.91 -13.80
O4' GF2 B 10 -6.38 -2.30 -12.60
C5' GF2 B 10 -8.45 -1.33 -13.52
O5' GF2 B 10 -9.35 -2.28 -12.97
HN1 GF2 B 10 0.35 -4.71 -11.59
HN2 GF2 B 10 -0.51 -2.83 -14.36
HN2A GF2 B 10 0.79 -3.69 -13.54
H8 GF2 B 10 -6.04 -4.62 -10.69
H1' GF2 B 10 -4.57 -2.42 -13.56
H2' GF2 B 10 -6.11 -4.95 -13.79
H3' GF2 B 10 -7.92 -3.79 -14.25
H4' GF2 B 10 -6.46 -1.17 -14.32
H5' GF2 B 10 -8.86 -0.95 -14.46
H5'A GF2 B 10 -8.34 -0.50 -12.83
P CFL B 11 -7.53 -4.31 -17.00
O1P CFL B 11 -8.08 -3.74 -18.23
O2P CFL B 11 -8.43 -5.18 -16.20
O5' CFL B 11 -6.12 -5.06 -17.31
C5' CFL B 11 -5.14 -4.44 -18.14
C4' CFL B 11 -3.76 -5.12 -18.30
O4' CFL B 11 -3.04 -5.17 -17.09
C3' CFL B 11 -3.71 -6.55 -18.89
O3' CFL B 11 -2.60 -6.64 -19.81
C2' CFL B 11 -3.55 -7.41 -17.65
C1' CFL B 11 -2.59 -6.50 -16.89
N1 CFL B 11 -2.48 -6.80 -15.44
C2 CFL B 11 -1.24 -7.16 -14.91
O2 CFL B 11 -0.23 -7.20 -15.61
N3 CFL B 11 -1.13 -7.51 -13.61
C4 CFL B 11 -2.21 -7.47 -12.84
N4 CFL B 11 -2.03 -7.82 -11.59
C5 CFL B 11 -3.49 -7.04 -13.31
C6 CFL B 11 -3.58 -6.73 -14.63
F CFL B 11 -4.76 -7.64 -17.00
H5'1 CFL B 11 -5.58 -4.30 -19.13
H5'2 CFL B 11 -4.95 -3.44 -17.73
H4' CFL B 11 -3.20 -4.48 -18.99
H3' CFL B 11 -4.67 -6.80 -19.33
H2' CFL B 11 -3.12 -8.38 -17.83
H1' CFL B 11 -1.61 -6.66 -17.35
HN41 CFL B 11 -1.08 -8.07 -11.31
HN42 CFL B 11 -2.79 -7.75 -10.93
H5 CFL B 11 -4.34 -6.96 -12.67
H6 CFL B 11 -4.51 -6.41 -15.10
F GF2 B 12 -2.84 -12.58 -17.21
P GF2 B 12 -2.09 -8.03 -20.49
N1 GF2 B 12 0.42 -11.68 -11.69
C2 GF2 B 12 1.11 -11.67 -12.85
N2 GF2 B 12 2.39 -11.92 -12.74
N3 GF2 B 12 0.61 -11.38 -14.04
C4 GF2 B 12 -0.72 -11.02 -13.97
C5 GF2 B 12 -1.51 -10.98 -12.84
C6 GF2 B 12 -0.90 -11.33 -11.58
O6 GF2 B 12 -1.38 -11.39 -10.44
N7 GF2 B 12 -2.82 -10.63 -13.22
C8 GF2 B 12 -2.76 -10.50 -14.52
N9 GF2 B 12 -1.52 -10.75 -15.05
C1' GF2 B 12 -1.06 -11.09 -16.42
OP2 GF2 B 12 -3.26 -8.78 -20.98
C2' GF2 B 12 -2.06 -11.47 -17.51
OP1 GF2 B 12 -1.06 -7.74 -21.51
C3' GF2 B 12 -1.01 -11.79 -18.58
O3' GF2 B 12 -0.35 -12.98 -18.20
C4' GF2 B 12 0.00 -10.63 -18.38
O4' GF2 B 12 -0.23 -10.15 -17.06
C5' GF2 B 12 -0.12 -9.49 -19.41
O5' GF2 B 12 -1.41 -8.89 -19.32
HN1 GF2 B 12 0.94 -11.94 -10.86
HN2 GF2 B 12 2.94 -11.83 -13.58
HN2A GF2 B 12 2.76 -11.95 -11.81
H8 GF2 B 12 -3.63 -10.25 -15.10
H1' GF2 B 12 -0.45 -11.99 -16.26
H2' GF2 B 12 -2.68 -10.63 -17.81
H3' GF2 B 12 -1.43 -11.94 -19.58
HO3' GF2 B 12 0.35 -13.16 -18.83
H4' GF2 B 12 1.02 -11.04 -18.44
H5' GF2 B 12 0.01 -9.92 -20.41
H5'A GF2 B 12 0.65 -8.75 -19.25
N1 CFZ A 1 4.09 -14.00 -9.62
C2 CFZ A 1 3.24 -13.76 -10.73
O2 CFZ A 1 3.60 -14.09 -11.87
N3 CFZ A 1 2.01 -13.17 -10.51
C4 CFZ A 1 1.63 -12.88 -9.25
N4 CFZ A 1 0.42 -12.38 -9.04
C5 CFZ A 1 2.46 -13.14 -8.13
C6 CFZ A 1 3.68 -13.67 -8.35
C1' CFZ A 1 5.43 -14.60 -9.80
C2' CFZ A 1 6.53 -13.55 -9.99
F2' CFZ A 1 6.70 -13.60 -11.35
C3' CFZ A 1 7.62 -14.04 -9.02
O3' CFZ A 1 8.96 -13.78 -9.41
C4' CFZ A 1 7.26 -15.51 -8.86
O4' CFZ A 1 5.85 -15.43 -8.73
C5' CFZ A 1 7.91 -16.19 -7.65
O5' CFZ A 1 7.42 -15.66 -6.44
HN4 CFZ A 1 -0.24 -12.18 -9.78
HN4A CFZ A 1 0.16 -12.17 -8.10
H5 CFZ A 1 2.19 -12.94 -7.13
H6 CFZ A 1 4.34 -13.87 -7.52
H1' CFZ A 1 5.41 -15.20 -10.69
H2' CFZ A 1 6.19 -12.56 -9.69
H3' CFZ A 1 7.45 -13.57 -8.05
H4' CFZ A 1 7.54 -16.05 -9.77
H5' CFZ A 1 8.99 -16.06 -7.70
H5'A CFZ A 1 7.69 -17.26 -7.70
HO5' CFZ A 1 6.46 -15.68 -6.48
F GF2 A 2 7.24 -7.97 -13.95
P GF2 A 2 9.59 -12.30 -9.28
N1 GF2 A 2 1.47 -8.36 -13.44
C2 GF2 A 2 2.49 -8.32 -14.33
N2 GF2 A 2 2.25 -7.79 -15.51
N3 GF2 A 2 3.72 -8.74 -14.09
C4 GF2 A 2 3.86 -9.24 -12.82
C5 GF2 A 2 2.89 -9.34 -11.85
C6 GF2 A 2 1.57 -8.88 -12.16
O6 GF2 A 2 0.55 -8.89 -11.48
N7 GF2 A 2 3.43 -9.93 -10.70
C8 GF2 A 2 4.69 -10.12 -11.00
N9 GF2 A 2 5.03 -9.72 -12.27
C1' GF2 A 2 6.33 -9.78 -12.97
OP2 GF2 A 2 9.19 -11.65 -8.03
C2' GF2 A 2 7.18 -8.55 -12.70
OP1 GF2 A 2 11.03 -12.27 -9.61
C3' GF2 A 2 8.46 -9.10 -12.08
O3' GF2 A 2 9.63 -8.34 -12.35
C4' GF2 A 2 8.43 -10.54 -12.60
O4' GF2 A 2 7.06 -10.89 -12.48
C5' GF2 A 2 9.29 -11.50 -11.77
O5' GF2 A 2 8.89 -11.43 -10.41
HN1 GF2 A 2 0.55 -8.00 -13.71
HN2 GF2 A 2 3.01 -7.75 -16.17
HN2A GF2 A 2 1.30 -7.46 -15.73
H8 GF2 A 2 5.41 -10.54 -10.32
H1' GF2 A 2 6.18 -9.83 -14.04
H2' GF2 A 2 6.70 -7.88 -12.01
H3' GF2 A 2 8.31 -9.14 -11.00
H4' GF2 A 2 8.75 -10.56 -13.64
H5' GF2 A 2 10.34 -11.22 -11.87
H5'A GF2 A 2 9.16 -12.52 -12.15
P CFZ A 3 9.93 -6.93 -11.61
N1 CFZ A 3 4.35 -5.29 -12.36
C2 CFZ A 3 2.97 -5.10 -12.45
O2 CFZ A 3 2.48 -4.47 -13.39
N3 CFZ A 3 2.16 -5.57 -11.48
C4 CFZ A 3 2.68 -6.21 -10.44
N4 CFZ A 3 1.83 -6.65 -9.54
C5 CFZ A 3 4.08 -6.44 -10.31
C6 CFZ A 3 4.88 -5.95 -11.29
C1' CFZ A 3 5.23 -4.60 -13.34
O1P CFZ A 3 11.20 -6.36 -12.05
C2' CFZ A 3 5.65 -3.26 -12.82
F2' CFZ A 3 5.25 -2.37 -13.80
O2P CFZ A 3 9.72 -7.08 -10.14
C3' CFZ A 3 7.15 -3.40 -12.53
O3' CFZ A 3 7.87 -2.17 -12.57
C4' CFZ A 3 7.52 -4.48 -13.56
O4' CFZ A 3 6.41 -5.37 -13.49
C5' CFZ A 3 8.82 -5.23 -13.30
O5' CFZ A 3 8.79 -5.88 -12.04
HN4 CFZ A 3 0.83 -6.44 -9.68
HN4A CFZ A 3 2.15 -7.22 -8.79
H5 CFZ A 3 4.50 -6.97 -9.47
H6 CFZ A 3 5.96 -6.06 -11.27
H1' CFZ A 3 4.70 -4.39 -14.25
H2' CFZ A 3 5.05 -3.05 -11.96
H3' CFZ A 3 7.28 -3.86 -11.55
H4' CFZ A 3 7.54 -4.02 -14.54
H5' CFZ A 3 9.66 -4.55 -13.35
H5'A CFZ A 3 8.95 -5.97 -14.09
F GF2 A 4 1.54 1.89 -12.04
P GF2 A 4 7.78 -1.12 -11.35
N1 GF2 A 4 -1.62 -1.90 -9.28
C2 GF2 A 4 -1.57 -1.02 -10.32
N2 GF2 A 4 -2.69 -0.44 -10.68
N3 GF2 A 4 -0.46 -0.69 -10.99
C4 GF2 A 4 0.63 -1.37 -10.54
C5 GF2 A 4 0.71 -2.27 -9.51
C6 GF2 A 4 -0.50 -2.56 -8.78
O6 GF2 A 4 -0.70 -3.28 -7.80
N7 GF2 A 4 2.02 -2.74 -9.37
C8 GF2 A 4 2.67 -2.13 -10.32
N9 GF2 A 4 1.91 -1.25 -11.04
C1' GF2 A 4 2.38 -0.22 -12.01
OP2 GF2 A 4 7.85 -1.90 -10.11
C2' GF2 A 4 2.45 1.14 -11.32
OP1 GF2 A 4 8.73 -0.01 -11.56
C3' GF2 A 4 3.93 1.50 -11.35
O3' GF2 A 4 4.19 2.91 -11.28
C4' GF2 A 4 4.42 0.69 -12.56
O4' GF2 A 4 3.70 -0.53 -12.39
C5' GF2 A 4 5.93 0.39 -12.56
O5' GF2 A 4 6.32 -0.42 -11.43
HN1 GF2 A 4 -2.51 -2.09 -8.84
HN2 GF2 A 4 -2.64 0.19 -11.46
HN2A GF2 A 4 -3.57 -0.66 -10.20
H8 GF2 A 4 3.73 -2.26 -10.51
H1' GF2 A 4 1.70 -0.13 -12.85
H2' GF2 A 4 2.13 1.09 -10.29
H3' GF2 A 4 4.40 1.03 -10.50
H4' GF2 A 4 4.12 1.18 -13.49
H5' GF2 A 4 6.47 1.33 -12.58
H5'A GF2 A 4 6.16 -0.14 -13.47
F AF2 A 5 -2.74 4.53 -8.91
P AF2 A 5 3.99 3.69 -9.86
N1 AF2 A 5 -3.06 -0.43 -5.72
C2 AF2 A 5 -3.66 0.50 -6.45
N3 AF2 A 5 -3.11 1.32 -7.34
C4 AF2 A 5 -1.77 1.11 -7.45
C5 AF2 A 5 -1.00 0.20 -6.77
C6 AF2 A 5 -1.73 -0.61 -5.88
N6 AF2 A 5 -1.20 -1.58 -5.16
N7 AF2 A 5 0.35 0.30 -7.13
C8 AF2 A 5 0.34 1.27 -8.01
N9 AF2 A 5 -0.89 1.80 -8.27
C1' AF2 A 5 -1.23 2.89 -9.22
OP2 AF2 A 5 4.41 2.74 -8.79
C2' AF2 A 5 -1.47 4.20 -8.49
OP1 AF2 A 5 4.59 5.03 -9.92
C3' AF2 A 5 -0.28 5.07 -8.90
O3' AF2 A 5 -0.50 6.49 -8.80
C4' AF2 A 5 0.13 4.48 -10.25
O4' AF2 A 5 -0.10 3.09 -10.05
C5' AF2 A 5 1.61 4.67 -10.59
O5' AF2 A 5 2.42 3.96 -9.65
H2 AF2 A 5 -4.74 0.62 -6.28
H8 AF2 A 5 1.24 1.63 -8.51
H5' AF2 A 5 1.85 5.73 -10.61
H5'A AF2 A 5 1.78 4.28 -11.59
H1' AF2 A 5 -2.14 2.65 -9.78
H2' AF2 A 5 -1.44 4.08 -7.41
H3' AF2 A 5 0.51 4.80 -8.21
H4' AF2 A 5 -0.52 4.86 -11.04
HN6 AF2 A 5 -0.25 -1.85 -5.35
HN6A AF2 A 5 -1.80 -2.19 -4.59
F AF2 A 6 -6.27 4.82 -4.33
P AF2 A 6 -0.47 7.20 -7.34
N1 AF2 A 6 -3.92 0.16 -1.82
C2 AF2 A 6 -4.98 0.85 -2.23
N3 AF2 A 6 -5.01 1.87 -3.10
C4 AF2 A 6 -3.77 2.16 -3.57
C5 AF2 A 6 -2.59 1.55 -3.24
C6 AF2 A 6 -2.73 0.48 -2.32
N6 AF2 A 6 -1.72 -0.27 -1.90
N7 AF2 A 6 -1.50 2.16 -3.88
C8 AF2 A 6 -2.08 3.10 -4.58
N9 AF2 A 6 -3.45 3.13 -4.50
C1' AF2 A 6 -4.38 4.03 -5.23
OP2 AF2 A 6 0.80 6.70 -6.73
C2' AF2 A 6 -4.92 5.09 -4.30
OP1 AF2 A 6 -0.72 8.65 -7.41
C3' AF2 A 6 -4.38 6.41 -4.84
O3' AF2 A 6 -5.17 7.57 -4.57
C4' AF2 A 6 -4.13 6.05 -6.30
O4' AF2 A 6 -3.63 4.73 -6.20
C5' AF2 A 6 -3.08 6.91 -7.01
O5' AF2 A 6 -1.74 6.66 -6.53
H2 AF2 A 6 -5.93 0.53 -1.81
H8 AF2 A 6 -1.54 3.81 -5.18
H5' AF2 A 6 -3.36 7.96 -6.90
H5'A AF2 A 6 -3.13 6.70 -8.08
H1' AF2 A 6 -5.22 3.49 -5.65
H2' AF2 A 6 -4.53 4.93 -3.31
H3' AF2 A 6 -3.40 6.56 -4.39
H4' AF2 A 6 -5.08 6.07 -6.85
HN6 AF2 A 6 -0.80 -0.09 -2.28
HN6A AF2 A 6 -1.89 -1.03 -1.25
P TAF A 7 -5.18 8.24 -3.09
OP1 TAF A 7 -6.05 9.44 -3.08
OP2 TAF A 7 -3.77 8.35 -2.68
O5' TAF A 7 -5.95 7.16 -2.18
N1 TAF A 7 -5.52 3.64 -0.03
C6 TAF A 7 -4.43 4.23 -0.62
C2 TAF A 7 -5.38 2.53 0.81
O2 TAF A 7 -6.32 2.02 1.42
N3 TAF A 7 -4.12 2.04 0.96
C4 TAF A 7 -2.96 2.57 0.42
O4 TAF A 7 -1.89 2.04 0.68
C5 TAF A 7 -3.18 3.75 -0.42
C5M TAF A 7 -2.00 4.46 -1.06
F2' TAF A 7 -5.78 6.26 0.86
C2' TAF A 7 -6.96 5.55 0.75
C5' TAF A 7 -7.32 6.88 -2.39
C4' TAF A 7 -7.92 5.86 -1.42
O4' TAF A 7 -7.17 4.65 -1.44
C1' TAF A 7 -6.87 4.28 -0.10
C3' TAF A 7 -7.97 6.41 0.01
O3' TAF A 7 -9.28 6.44 0.60
H6 TAF A 7 -4.58 5.11 -1.24
H3 TAF A 7 -4.01 1.22 1.56
H71 TAF A 7 -2.34 5.29 -1.69
H72 TAF A 7 -1.43 3.76 -1.66
H73 TAF A 7 -1.35 4.85 -0.27
H2' TAF A 7 -7.29 5.31 1.75
H5' TAF A 7 -7.90 7.81 -2.29
H5'' TAF A 7 -7.49 6.54 -3.41
H4' TAF A 7 -8.94 5.64 -1.75
H1' TAF A 7 -7.62 3.58 0.25
H3' TAF A 7 -7.58 7.41 -0.01
P UFT A 8 -9.57 7.24 1.98
OP1 UFT A 8 -11.00 7.51 2.14
OP2 UFT A 8 -8.58 8.34 2.06
O5' UFT A 8 -9.17 6.21 3.15
N1 UFT A 8 -5.49 3.31 4.37
C6 UFT A 8 -4.92 4.34 3.64
C2 UFT A 8 -4.69 2.32 4.94
O2 UFT A 8 -5.14 1.41 5.64
N3 UFT A 8 -3.34 2.42 4.74
C4 UFT A 8 -2.69 3.40 4.04
O4 UFT A 8 -1.46 3.40 4.00
C5 UFT A 8 -3.57 4.40 3.45
F2' UFT A 8 -7.22 3.07 6.87
C2' UFT A 8 -7.29 4.05 5.91
C5' UFT A 8 -9.82 4.95 3.27
C4' UFT A 8 -8.99 4.02 4.18
O4' UFT A 8 -7.71 3.80 3.60
C1' UFT A 8 -6.94 3.26 4.66
C3' UFT A 8 -8.65 4.63 5.53
O3' UFT A 8 -9.68 4.55 6.50
H6 UFT A 8 -5.55 5.09 3.20
H5 UFT A 8 -3.13 5.19 2.87
H2' UFT A 8 -6.57 4.86 6.10
H5' UFT A 8 -10.82 5.08 3.71
H5'A UFT A 8 -9.94 4.47 2.30
H4' UFT A 8 -9.51 3.07 4.32
H1' UFT A 8 -7.24 2.24 4.87
H3' UFT A 8 -8.46 5.70 5.34
HN3 UFT A 8 -2.77 1.72 5.20
P CFL A 9 -9.69 5.45 7.82
O1P CFL A 9 -11.02 5.28 8.42
O2P CFL A 9 -9.30 6.80 7.32
O5' CFL A 9 -8.57 4.83 8.82
C5' CFL A 9 -8.81 3.57 9.46
C4' CFL A 9 -7.71 3.03 10.40
O4' CFL A 9 -6.53 2.63 9.71
C3' CFL A 9 -7.30 3.94 11.57
O3' CFL A 9 -7.48 3.25 12.82
C2' CFL A 9 -5.86 4.31 11.24
C1' CFL A 9 -5.39 3.08 10.44
N1 CFL A 9 -4.26 3.32 9.48
C2 CFL A 9 -3.02 2.72 9.67
O2 CFL A 9 -2.81 1.94 10.60
N3 CFL A 9 -1.98 2.98 8.83
C4 CFL A 9 -2.17 3.80 7.81
N4 CFL A 9 -1.14 4.01 7.03
C5 CFL A 9 -3.44 4.39 7.53
C6 CFL A 9 -4.46 4.13 8.39
F CFL A 9 -5.80 5.42 10.44
H5'1 CFL A 9 -9.73 3.65 10.04
H5'2 CFL A 9 -8.98 2.82 8.69
H4' CFL A 9 -8.12 2.11 10.84
H3' CFL A 9 -7.89 4.86 11.54
H2' CFL A 9 -5.23 4.47 12.11
H1' CFL A 9 -5.07 2.37 11.19
HN41 CFL A 9 -0.25 3.60 7.29
HN42 CFL A 9 -1.24 4.55 6.20
H5 CFL A 9 -3.60 5.05 6.68
H6 CFL A 9 -5.46 4.56 8.25
F GF2 A 10 -0.60 4.56 15.25
P GF2 A 10 -7.37 3.97 14.27
N1 GF2 A 10 2.59 4.49 11.06
C2 GF2 A 10 2.26 3.81 12.18
N2 GF2 A 10 3.22 3.24 12.88
N3 GF2 A 10 1.03 3.71 12.67
C4 GF2 A 10 0.12 4.41 11.96
C5 GF2 A 10 0.35 5.17 10.82
C6 GF2 A 10 1.68 5.20 10.30
O6 GF2 A 10 2.14 5.78 9.30
N7 GF2 A 10 -0.85 5.79 10.44
C8 GF2 A 10 -1.73 5.39 11.32
N9 GF2 A 10 -1.20 4.55 12.28
C1' GF2 A 10 -1.82 3.93 13.47
OP2 GF2 A 10 -7.86 5.36 14.16
C2' GF2 A 10 -1.84 4.82 14.70
OP1 GF2 A 10 -7.91 3.07 15.32
C3' GF2 A 10 -3.06 4.28 15.43
O3' GF2 A 10 -2.90 4.01 16.83
C4' GF2 A 10 -3.52 3.09 14.58
O4' GF2 A 10 -3.13 3.48 13.27
C5' GF2 A 10 -5.03 2.82 14.70
O5' GF2 A 10 -5.78 4.01 14.48
HN1 GF2 A 10 3.57 4.57 10.81
HN2 GF2 A 10 2.94 2.78 13.72
HN2A GF2 A 10 4.20 3.38 12.64
H8 GF2 A 10 -2.77 5.69 11.31
H1' GF2 A 10 -1.17 3.10 13.75
H2' GF2 A 10 -1.98 5.87 14.46
H3' GF2 A 10 -3.84 5.05 15.33
H4' GF2 A 10 -2.98 2.19 14.89
H5' GF2 A 10 -5.25 2.43 15.69
H5'A GF2 A 10 -5.31 2.07 13.96
P CFL A 11 -2.89 5.19 17.91
O1P CFL A 11 -3.22 4.53 19.19
O2P CFL A 11 -3.86 6.19 17.42
O5' CFL A 11 -1.40 5.80 17.95
C5' CFL A 11 -0.29 5.08 18.52
C4' CFL A 11 1.08 5.77 18.42
O4' CFL A 11 1.59 5.76 17.08
C3' CFL A 11 1.18 7.23 18.89
O3' CFL A 11 2.37 7.39 19.68
C2' CFL A 11 1.20 8.04 17.60
C1' CFL A 11 2.04 7.07 16.77
N1 CFL A 11 2.00 7.28 15.31
C2 CFL A 11 3.19 7.50 14.61
O2 CFL A 11 4.28 7.45 15.18
N3 CFL A 11 3.17 7.77 13.29
C4 CFL A 11 2.01 7.80 12.66
N4 CFL A 11 2.07 8.07 11.38
C5 CFL A 11 0.77 7.50 13.30
C6 CFL A 11 0.81 7.25 14.63
F CFL A 11 -0.06 8.27 17.08
H5'1 CFL A 11 -0.49 4.89 19.57
H5'2 CFL A 11 -0.21 4.11 18.02
H4' CFL A 11 1.76 5.18 19.02
H3' CFL A 11 0.27 7.50 19.42
H2' CFL A 11 1.68 9.00 17.68
H1' CFL A 11 3.07 7.23 17.10
HN41 CFL A 11 3.00 8.23 10.97
HN42 CFL A 11 1.23 8.09 10.82
H5 CFL A 11 -0.17 7.47 12.77
H6 CFL A 11 -0.08 7.03 15.21
F GF2 A 12 2.00 13.23 17.02
P GF2 A 12 2.86 8.79 20.34
N1 GF2 A 12 4.86 11.40 11.36
C2 GF2 A 12 5.63 11.34 12.46
N2 GF2 A 12 6.91 11.34 12.25
N3 GF2 A 12 5.17 11.26 13.70
C4 GF2 A 12 3.82 11.16 13.76
C5 GF2 A 12 2.93 11.14 12.70
C6 GF2 A 12 3.48 11.28 11.37
O6 GF2 A 12 2.94 11.33 10.26
N7 GF2 A 12 1.63 11.02 13.19
C8 GF2 A 12 1.76 11.02 14.49
N9 GF2 A 12 3.07 11.16 14.91
C1' GF2 A 12 3.67 11.66 16.18
OP2 GF2 A 12 1.64 9.53 20.74
C2' GF2 A 12 2.79 12.14 17.32
OP1 GF2 A 12 3.92 8.50 21.33
C3' GF2 A 12 3.93 12.51 18.25
O3' GF2 A 12 4.58 13.65 17.71
C4' GF2 A 12 4.90 11.31 18.08
O4' GF2 A 12 4.58 10.76 16.80
C5' GF2 A 12 4.77 10.21 19.15
O5' GF2 A 12 3.51 9.56 19.08
HN1 GF2 A 12 5.34 11.58 10.50
HN2 GF2 A 12 7.49 11.20 13.06
HN2A GF2 A 12 7.23 11.29 11.29
H8 GF2 A 12 0.91 10.96 15.16
H1' GF2 A 12 4.24 12.52 15.86
H2' GF2 A 12 2.19 11.33 17.76
H3' GF2 A 12 3.64 12.76 19.28
HO3' GF2 A 12 5.40 13.82 18.20
H4' GF2 A 12 5.92 11.67 18.07
H5' GF2 A 12 4.89 10.68 20.13
H5'A GF2 A 12 5.57 9.47 19.02
N1 CFZ B 1 8.76 12.66 8.10
C2 CFZ B 1 8.09 12.57 9.34
O2 CFZ B 1 8.67 12.85 10.39
N3 CFZ B 1 6.77 12.16 9.33
C4 CFZ B 1 6.15 11.89 8.17
N4 CFZ B 1 4.87 11.55 8.17
C5 CFZ B 1 6.83 12.00 6.92
C6 CFZ B 1 8.13 12.38 6.92
C1' CFZ B 1 10.20 13.02 8.05
C2' CFZ B 1 11.12 11.81 8.01
F2' CFZ B 1 11.48 11.73 9.34
C3' CFZ B 1 12.14 12.21 6.93
O3' CFZ B 1 13.45 11.71 7.12
C4' CFZ B 1 11.98 13.72 6.88
O4' CFZ B 1 10.56 13.86 6.96
C5' CFZ B 1 12.54 14.36 5.60
O5' CFZ B 1 11.82 13.96 4.45
HN4 CFZ B 1 4.30 11.49 9.01
HN4A CFZ B 1 4.47 11.29 7.28
H5 CFZ B 1 6.38 11.83 5.97
H6 CFZ B 1 8.67 12.48 6.00
H1' CFZ B 1 10.43 13.57 8.95
H2' CFZ B 1 10.59 10.91 7.71
H3' CFZ B 1 11.77 11.82 5.98
H4' CFZ B 1 12.46 14.17 7.74
H5' CFZ B 1 12.48 15.46 5.70
H5'A CFZ B 1 13.59 14.09 5.49
HO5' CFZ B 1 10.90 14.16 4.60
F GF2 B 2 11.34 6.05 11.60
P GF2 B 2 13.80 10.17 6.81
N1 GF2 B 2 5.82 7.90 12.25
C2 GF2 B 2 6.95 7.68 12.97
N2 GF2 B 2 6.82 7.36 14.24
N3 GF2 B 2 8.19 7.78 12.48
C4 GF2 B 2 8.21 8.16 11.18
C5 GF2 B 2 7.12 8.41 10.37
C6 GF2 B 2 5.81 8.27 10.92
O6 GF2 B 2 4.71 8.44 10.39
N7 GF2 B 2 7.56 8.79 9.09
C8 GF2 B 2 8.86 8.74 9.18
N9 GF2 B 2 9.33 8.35 10.41
C1' GF2 B 2 10.71 8.06 10.85
OP2 GF2 B 2 13.14 9.71 5.56
C2' GF2 B 2 11.15 6.67 10.39
OP1 GF2 B 2 15.25 9.91 6.88
C3' GF2 B 2 12.35 6.88 9.47
O3' GF2 B 2 13.23 5.76 9.35
C4' GF2 B 2 12.83 8.22 10.07
O4' GF2 B 2 11.62 8.94 10.23
C5' GF2 B 2 13.76 9.06 9.18
O5' GF2 B 2 13.12 9.28 7.94
HN1 GF2 B 2 4.92 7.81 12.71
HN2 GF2 B 2 7.65 7.22 14.76
HN2A GF2 B 2 5.89 7.35 14.67
H8 GF2 B 2 9.53 8.98 8.35
H1' GF2 B 2 10.78 8.09 11.93
H2' GF2 B 2 10.35 6.17 9.85
H3' GF2 B 2 11.96 7.12 8.47
H4' GF2 B 2 13.31 8.04 11.04
H5' GF2 B 2 14.71 8.54 9.04
H5'A GF2 B 2 13.95 10.01 9.68
P CFZ B 3 12.78 4.38 8.57
N1 CFZ B 3 7.55 4.11 10.84
C2 CFZ B 3 6.20 4.20 11.19
O2 CFZ B 3 5.80 3.71 12.23
N3 CFZ B 3 5.32 4.80 10.35
C4 CFZ B 3 5.75 5.31 9.22
N4 CFZ B 3 4.85 5.88 8.45
C5 CFZ B 3 7.13 5.26 8.82
C6 CFZ B 3 7.99 4.63 9.65
C1' CFZ B 3 8.44 3.27 11.69
O1P CFZ B 3 13.82 3.32 8.59
C2' CFZ B 3 8.49 1.85 11.18
F2' CFZ B 3 8.22 1.07 12.28
O2P CFZ B 3 12.14 4.73 7.29
C3' CFZ B 3 9.88 1.75 10.55
O3' CFZ B 3 10.45 0.44 10.49
C4' CFZ B 3 10.65 2.74 11.42
O4' CFZ B 3 9.75 3.81 11.61
C5' CFZ B 3 11.93 3.21 10.76
O5' CFZ B 3 11.64 3.76 9.48
HN4 CFZ B 3 3.89 5.92 8.83
HN4A CFZ B 3 5.13 6.47 7.70
H5 CFZ B 3 7.47 5.68 7.89
H6 CFZ B 3 9.04 4.51 9.42
H1' CFZ B 3 8.05 3.19 12.68
H2' CFZ B 3 7.67 1.73 10.51
H3' CFZ B 3 9.84 2.16 9.54
H4' CFZ B 3 10.86 2.27 12.38
H5' CFZ B 3 12.63 2.37 10.68
H5'A CFZ B 3 12.42 3.96 11.39
F GF2 B 4 3.53 -2.30 11.77
P GF2 B 4 9.98 -0.63 9.40
N1 GF2 B 4 0.59 1.89 9.41
C2 GF2 B 4 0.71 1.06 10.49
N2 GF2 B 4 -0.38 0.75 11.15
N3 GF2 B 4 1.86 0.54 10.91
C4 GF2 B 4 2.94 0.94 10.16
C5 GF2 B 4 2.92 1.75 9.05
C6 GF2 B 4 1.65 2.25 8.59
O6 GF2 B 4 1.42 2.93 7.59
N7 GF2 B 4 4.21 1.93 8.53
C8 GF2 B 4 4.95 1.22 9.37
N9 GF2 B 4 4.24 0.56 10.34
C1' GF2 B 4 4.75 -0.49 11.27
OP2 GF2 B 4 10.00 0.15 8.13
C2' GF2 B 4 4.37 -1.87 10.77
OP1 GF2 B 4 10.88 -1.78 9.53
C3' GF2 B 4 5.71 -2.58 10.54
O3' GF2 B 4 5.64 -3.98 10.79
C4' GF2 B 4 6.66 -1.76 11.41
O4' GF2 B 4 6.15 -0.44 11.25
C5' GF2 B 4 8.16 -1.78 10.98
O5' GF2 B 4 8.45 -1.04 9.79
HN1 GF2 B 4 -0.34 2.24 9.18
HN2 GF2 B 4 -0.27 0.16 11.95
HN2A GF2 B 4 -1.29 1.16 10.90
H8 GF2 B 4 6.03 1.13 9.32
H1' GF2 B 4 4.33 -0.36 12.27
H2' GF2 B 4 3.82 -1.83 9.83
H3' GF2 B 4 6.01 -2.43 9.50
H4' GF2 B 4 6.58 -2.09 12.44
H5' GF2 B 4 8.48 -2.82 10.86
H5'A GF2 B 4 8.73 -1.36 11.81
F AF2 B 5 -1.92 -4.10 9.84
P AF2 B 5 4.88 -5.01 9.79
N1 AF2 B 5 -1.89 0.62 6.30
C2 AF2 B 5 -2.51 -0.12 7.20
N3 AF2 B 5 -1.97 -1.00 8.05
C4 AF2 B 5 -0.61 -1.08 7.90
C5 AF2 B 5 0.16 -0.38 7.00
C6 AF2 B 5 -0.56 0.50 6.18
N6 AF2 B 5 -0.02 1.29 5.26
N7 AF2 B 5 1.51 -0.73 7.10
C8 AF2 B 5 1.50 -1.63 8.06
N9 AF2 B 5 0.26 -1.87 8.61
C1' AF2 B 5 -0.08 -2.81 9.71
OP2 AF2 B 5 5.20 -4.71 8.39
C2' AF2 B 5 -0.71 -4.08 9.17
OP1 AF2 B 5 5.03 -6.41 10.23
C3' AF2 B 5 0.32 -5.17 9.48
O3' AF2 B 5 -0.23 -6.48 9.59
C4' AF2 B 5 1.04 -4.58 10.69
O4' AF2 B 5 1.13 -3.20 10.33
C5' AF2 B 5 2.47 -5.13 10.90
O5' AF2 B 5 3.30 -4.74 9.82
H2 AF2 B 5 -3.59 -0.01 7.23
H8 AF2 B 5 2.38 -2.14 8.41
H5' AF2 B 5 2.43 -6.23 10.98
H5'A AF2 B 5 2.86 -4.73 11.83
H1' AF2 B 5 -0.79 -2.36 10.41
H2' AF2 B 5 -0.87 -4.04 8.10
H3' AF2 B 5 1.04 -5.16 8.67
H4' AF2 B 5 0.45 -4.71 11.59
HN6 AF2 B 5 0.97 1.30 5.16
HN6A AF2 B 5 -0.61 1.97 4.77
F AF2 B 6 -6.30 -4.15 6.02
P AF2 B 6 -0.59 -7.34 8.26
N1 AF2 B 6 -3.76 -0.14 2.76
C2 AF2 B 6 -4.82 -0.65 3.39
N3 AF2 B 6 -4.82 -1.58 4.32
C4 AF2 B 6 -3.57 -2.03 4.61
C5 AF2 B 6 -2.40 -1.63 4.03
C6 AF2 B 6 -2.55 -0.61 3.07
N6 AF2 B 6 -1.53 -0.07 2.42
N7 AF2 B 6 -1.31 -2.36 4.53
C8 AF2 B 6 -1.87 -3.16 5.40
N9 AF2 B 6 -3.22 -2.98 5.54
C1' AF2 B 6 -4.15 -3.64 6.50
OP2 AF2 B 6 0.53 -7.11 7.30
C2' AF2 B 6 -5.04 -4.66 5.80
OP1 AF2 B 6 -0.98 -8.72 8.60
C3' AF2 B 6 -4.62 -5.97 6.44
O3' AF2 B 6 -5.60 -6.99 6.41
C4' AF2 B 6 -4.09 -5.54 7.80
O4' AF2 B 6 -3.38 -4.36 7.44
C5' AF2 B 6 -3.13 -6.58 8.40
O5' AF2 B 6 -1.93 -6.67 7.64
H2 AF2 B 6 -5.79 -0.27 3.08
H8 AF2 B 6 -1.31 -3.87 5.98
H5' AF2 B 6 -3.62 -7.55 8.46
H5'A AF2 B 6 -2.89 -6.28 9.42
H1' AF2 B 6 -4.81 -2.90 6.96
H2' AF2 B 6 -4.83 -4.73 4.75
H3' AF2 B 6 -3.75 -6.30 5.87
H4' AF2 B 6 -4.90 -5.32 8.48
HN6 AF2 B 6 -0.61 -0.41 2.62
HN6A AF2 B 6 -1.70 0.67 1.75
P TAF B 7 -5.88 -7.82 5.06
OP1 TAF B 7 -6.89 -8.85 5.36
OP2 TAF B 7 -4.52 -8.22 4.60
O5' TAF B 7 -6.52 -6.75 4.02
N1 TAF B 7 -5.65 -3.18 1.52
C6 TAF B 7 -4.58 -3.97 1.88
C2 TAF B 7 -5.49 -2.14 0.59
O2 TAF B 7 -6.42 -1.43 0.21
N3 TAF B 7 -4.23 -1.94 0.09
C4 TAF B 7 -3.11 -2.67 0.41
O4 TAF B 7 -2.04 -2.37 -0.11
C5 TAF B 7 -3.34 -3.75 1.38
C5M TAF B 7 -2.20 -4.65 1.80
F2' TAF B 7 -6.70 -5.34 0.38
C2' TAF B 7 -7.65 -4.55 1.00
C5' TAF B 7 -7.82 -6.20 4.24
C4' TAF B 7 -8.17 -5.03 3.31
O4' TAF B 7 -7.07 -4.12 3.24
C1' TAF B 7 -7.03 -3.53 1.95
C3' TAF B 7 -8.57 -5.41 1.87
O3' TAF B 7 -9.96 -5.21 1.60
H6 TAF B 7 -4.76 -4.78 2.58
H3 TAF B 7 -4.12 -1.17 -0.56
H71 TAF B 7 -1.39 -4.04 2.21
H72 TAF B 7 -1.82 -5.18 0.92
H73 TAF B 7 -2.52 -5.37 2.55
H2' TAF B 7 -8.20 -3.96 0.28
H5' TAF B 7 -8.58 -6.97 4.15
H5'' TAF B 7 -7.88 -5.83 5.27
H4' TAF B 7 -9.02 -4.49 3.76
H1' TAF B 7 -7.65 -2.62 1.93
H3' TAF B 7 -8.32 -6.46 1.73
P UFT B 8 -10.71 -5.82 0.27
OP1 UFT B 8 -12.17 -5.71 0.42
OP2 UFT B 8 -10.11 -7.12 -0.07
O5' UFT B 8 -10.33 -4.85 -0.96
N1 UFT B 8 -6.58 -2.59 -3.04
C6 UFT B 8 -6.06 -3.74 -2.46
C2 UFT B 8 -5.78 -1.78 -3.84
O2 UFT B 8 -6.20 -0.79 -4.43
N3 UFT B 8 -4.46 -2.14 -3.96
C4 UFT B 8 -3.85 -3.22 -3.38
O4 UFT B 8 -2.67 -3.43 -3.60
C5 UFT B 8 -4.75 -4.05 -2.60
F2' UFT B 8 -8.83 -1.80 -5.00
C2' UFT B 8 -8.79 -2.84 -4.12
C5' UFT B 8 -10.82 -3.52 -1.01
C4' UFT B 8 -10.03 -2.70 -2.05
O4' UFT B 8 -8.64 -2.75 -1.78
C1' UFT B 8 -8.02 -2.24 -2.94
C3' UFT B 8 -10.07 -3.29 -3.45
O3' UFT B 8 -11.28 -3.08 -4.18
H6 UFT B 8 -6.71 -4.38 -1.88
H5 UFT B 8 -4.35 -4.94 -2.13
H2' UFT B 8 -8.28 -3.70 -4.54
H5' UFT B 8 -11.88 -3.52 -1.28
H5'A UFT B 8 -10.70 -3.04 -0.04
H4' UFT B 8 -10.39 -1.67 -2.07
H1' UFT B 8 -8.13 -1.16 -2.97
H3' UFT B 8 -9.95 -4.36 -3.32
HN3 UFT B 8 -3.90 -1.54 -4.56
P CFL B 9 -11.61 -3.93 -5.51
O1P CFL B 9 -13.02 -3.66 -5.86
O2P CFL B 9 -11.20 -5.32 -5.15
O5' CFL B 9 -10.66 -3.30 -6.69
C5' CFL B 9 -10.90 -1.97 -7.17
C4' CFL B 9 -9.92 -1.37 -8.20
O4' CFL B 9 -8.59 -1.25 -7.70
C3' CFL B 9 -9.84 -2.04 -9.59
O3' CFL B 9 -10.18 -1.10 -10.63
C2' CFL B 9 -8.41 -2.54 -9.65
C1' CFL B 9 -7.65 -1.62 -8.68
N1 CFL B 9 -6.45 -2.26 -8.05
C2 CFL B 9 -5.18 -1.93 -8.52
O2 CFL B 9 -5.01 -1.09 -9.41
N3 CFL B 9 -4.08 -2.54 -8.01
C4 CFL B 9 -4.24 -3.46 -7.07
N4 CFL B 9 -3.13 -4.02 -6.63
C5 CFL B 9 -5.52 -3.82 -6.54
C6 CFL B 9 -6.60 -3.20 -7.07
F CFL B 9 -8.34 -3.83 -9.17
H5'1 CFL B 9 -11.90 -1.94 -7.60
H5'2 CFL B 9 -10.91 -1.31 -6.31
H4' CFL B 9 -10.26 -0.35 -8.37
H3' CFL B 9 -10.51 -2.90 -9.60
H2' CFL B 9 -7.97 -2.50 -10.64
H1' CFL B 9 -7.32 -0.76 -9.24
HN41 CFL B 9 -2.25 -3.74 -7.06
HN42 CFL B 9 -3.17 -4.67 -5.86
H5 CFL B 9 -5.64 -4.57 -5.77
H6 CFL B 9 -7.61 -3.44 -6.75
F GF2 B 10 -4.47 -3.51 -14.85
P GF2 B 10 -10.40 -1.47 -12.20
N1 GF2 B 10 -0.54 -4.67 -11.57
C2 GF2 B 10 -0.92 -3.85 -12.58
N2 GF2 B 10 -0.04 -3.49 -13.47
N3 GF2 B 10 -2.16 -3.41 -12.75
C4 GF2 B 10 -3.03 -3.93 -11.84
C5 GF2 B 10 -2.77 -4.79 -10.81
C6 GF2 B 10 -1.39 -5.19 -10.61
O6 GF2 B 10 -0.89 -5.92 -9.75
N7 GF2 B 10 -3.96 -5.14 -10.17
C8 GF2 B 10 -4.89 -4.46 -10.82
N9 GF2 B 10 -4.39 -3.69 -11.84
C1' GF2 B 10 -5.04 -2.80 -12.81
OP2 GF2 B 10 -11.08 -2.76 -12.38
C2' GF2 B 10 -5.58 -3.50 -14.04
OP1 GF2 B 10 -10.89 -0.29 -12.93
C3' GF2 B 10 -6.74 -2.59 -14.41
O3' GF2 B 10 -6.87 -2.25 -15.78
C4' GF2 B 10 -6.66 -1.42 -13.42
O4' GF2 B 10 -6.11 -2.03 -12.28
C5' GF2 B 10 -8.02 -0.78 -13.13
O5' GF2 B 10 -8.94 -1.79 -12.78
HN1 GF2 B 10 0.43 -4.99 -11.53
HN2 GF2 B 10 -0.38 -2.94 -14.25
HN2A GF2 B 10 0.91 -3.88 -13.46
H8 GF2 B 10 -5.94 -4.50 -10.57
H1' GF2 B 10 -4.27 -2.15 -13.20
H2' GF2 B 10 -5.94 -4.51 -13.82
H3' GF2 B 10 -7.62 -3.16 -14.12
H4' GF2 B 10 -5.98 -0.66 -13.81
H5' GF2 B 10 -8.39 -0.25 -14.02
H5'A GF2 B 10 -7.92 -0.07 -12.31
P CFL B 11 -7.42 -3.31 -16.85
O1P CFL B 11 -7.81 -2.57 -18.06
O2P CFL B 11 -8.47 -4.09 -16.11
O5' CFL B 11 -6.13 -4.24 -17.20
C5' CFL B 11 -5.06 -3.69 -17.99
C4' CFL B 11 -3.76 -4.50 -18.22
O4' CFL B 11 -3.00 -4.70 -17.04
C3' CFL B 11 -3.85 -5.89 -18.88
O3' CFL B 11 -2.75 -6.04 -19.81
C2' CFL B 11 -3.76 -6.84 -17.72
C1' CFL B 11 -2.68 -6.08 -16.95
N1 CFL B 11 -2.55 -6.49 -15.53
C2 CFL B 11 -1.32 -6.97 -15.07
O2 CFL B 11 -0.33 -7.00 -15.78
N3 CFL B 11 -1.21 -7.44 -13.80
C4 CFL B 11 -2.27 -7.40 -13.01
N4 CFL B 11 -2.07 -7.90 -11.81
C5 CFL B 11 -3.51 -6.84 -13.41
C6 CFL B 11 -3.61 -6.39 -14.68
F CFL B 11 -4.97 -6.98 -17.04
H5'1 CFL B 11 -5.46 -3.42 -18.96
H5'2 CFL B 11 -4.75 -2.76 -17.50
H4' CFL B 11 -3.15 -3.88 -18.87
H3' CFL B 11 -4.83 -6.02 -19.34
H2' CFL B 11 -3.44 -7.83 -17.97
H1' CFL B 11 -1.74 -6.32 -17.45
HN41 CFL B 11 -1.14 -8.25 -11.59
HN42 CFL B 11 -2.82 -7.89 -11.13
H5 CFL B 11 -4.35 -6.75 -12.73
H6 CFL B 11 -4.53 -5.96 -15.09
F GF2 B 12 -3.74 -11.97 -17.57
P GF2 B 12 -2.38 -7.43 -20.58
N1 GF2 B 12 0.09 -11.90 -12.25
C2 GF2 B 12 0.70 -11.84 -13.44
N2 GF2 B 12 1.98 -12.13 -13.43
N3 GF2 B 12 0.15 -11.42 -14.57
C4 GF2 B 12 -1.14 -11.00 -14.39
C5 GF2 B 12 -1.86 -10.98 -13.21
C6 GF2 B 12 -1.22 -11.47 -12.02
O6 GF2 B 12 -1.62 -11.61 -10.87
N7 GF2 B 12 -3.15 -10.50 -13.46
C8 GF2 B 12 -3.16 -10.26 -14.75
N9 GF2 B 12 -1.99 -10.58 -15.39
C1' GF2 B 12 -1.68 -10.91 -16.81
OP2 GF2 B 12 -3.65 -8.09 -20.95
C2' GF2 B 12 -2.79 -10.99 -17.84
OP1 GF2 B 12 -1.37 -7.13 -21.62
C3' GF2 B 12 -1.89 -11.39 -19.00
O3' GF2 B 12 -1.46 -12.72 -18.77
C4' GF2 B 12 -0.67 -10.47 -18.80
O4' GF2 B 12 -0.72 -10.08 -17.43
C5' GF2 B 12 -0.62 -9.22 -19.71
O5' GF2 B 12 -1.68 -8.32 -19.44
HN1 GF2 B 12 0.62 -12.27 -11.47
HN2 GF2 B 12 2.47 -11.97 -14.30
HN2A GF2 B 12 2.42 -12.23 -12.53
H8 GF2 B 12 -4.03 -9.85 -15.25
H1' GF2 B 12 -1.24 -11.90 -16.75
H2' GF2 B 12 -3.26 -10.03 -18.04
H3' GF2 B 12 -2.37 -11.38 -19.99
HO3' GF2 B 12 -0.66 -12.91 -19.28
H4' GF2 B 12 0.24 -11.06 -18.98
H5' GF2 B 12 -0.68 -9.57 -20.75
H5'A GF2 B 12 0.33 -8.71 -19.57
N1 CFZ A 1 5.62 -13.15 -8.40
C2 CFZ A 1 4.99 -12.86 -9.64
O2 CFZ A 1 5.64 -12.94 -10.69
N3 CFZ A 1 3.66 -12.48 -9.64
C4 CFZ A 1 3.00 -12.38 -8.47
N4 CFZ A 1 1.72 -12.03 -8.43
C5 CFZ A 1 3.63 -12.71 -7.22
C6 CFZ A 1 4.91 -13.08 -7.23
C1' CFZ A 1 7.05 -13.51 -8.36
C2' CFZ A 1 7.98 -12.28 -8.36
F2' CFZ A 1 8.25 -12.20 -9.71
C3' CFZ A 1 9.07 -12.64 -7.33
O3' CFZ A 1 10.38 -12.14 -7.60
C4' CFZ A 1 8.91 -14.16 -7.27
O4' CFZ A 1 7.48 -14.31 -7.27
C5' CFZ A 1 9.51 -14.84 -6.05
O5' CFZ A 1 8.82 -14.47 -4.87
HN4 CFZ A 1 1.17 -11.79 -9.26
HN4A CFZ A 1 1.28 -11.96 -7.55
H5 CFZ A 1 3.12 -12.67 -6.29
H6 CFZ A 1 5.41 -13.32 -6.30
H1' CFZ A 1 7.26 -14.08 -9.25
H2' CFZ A 1 7.44 -11.39 -8.04
H3' CFZ A 1 8.74 -12.26 -6.36
H4' CFZ A 1 9.33 -14.60 -8.19
H5' CFZ A 1 10.57 -14.55 -5.96
H5'A CFZ A 1 9.46 -15.92 -6.16
HO5' CFZ A 1 7.88 -14.57 -5.06
F GF2 A 2 7.86 -6.46 -11.87
P GF2 A 2 10.78 -10.60 -7.27
N1 GF2 A 2 2.32 -7.56 -12.22
C2 GF2 A 2 3.44 -7.35 -12.96
N2 GF2 A 2 3.30 -6.79 -14.13
N3 GF2 A 2 4.67 -7.67 -12.56
C4 GF2 A 2 4.70 -8.24 -11.33
C5 GF2 A 2 3.62 -8.51 -10.51
C6 GF2 A 2 2.30 -8.14 -10.97
O6 GF2 A 2 1.21 -8.28 -10.43
N7 GF2 A 2 4.06 -9.12 -9.32
C8 GF2 A 2 5.35 -9.18 -9.46
N9 GF2 A 2 5.82 -8.66 -10.65
C1' GF2 A 2 7.22 -8.46 -11.09
OP2 GF2 A 2 10.27 -10.20 -5.95
C2' GF2 A 2 7.77 -7.11 -10.66
OP1 GF2 A 2 12.20 -10.33 -7.58
C3' GF2 A 2 9.05 -7.44 -9.90
O3' GF2 A 2 10.06 -6.42 -9.94
C4' GF2 A 2 9.37 -8.81 -10.50
O4' GF2 A 2 8.09 -9.43 -10.52
C5' GF2 A 2 10.37 -9.62 -9.68
O5' GF2 A 2 9.96 -9.73 -8.33
HN1 GF2 A 2 1.42 -7.26 -12.60
HN2 GF2 A 2 4.14 -6.63 -14.67
HN2A GF2 A 2 2.37 -6.54 -14.48
H8 GF2 A 2 6.03 -9.60 -8.72
H1' GF2 A 2 7.25 -8.49 -12.18
H2' GF2 A 2 7.08 -6.59 -10.00
H3' GF2 A 2 8.77 -7.61 -8.85
H4' GF2 A 2 9.75 -8.68 -11.51
H5' GF2 A 2 11.34 -9.14 -9.73
H5'A GF2 A 2 10.45 -10.62 -10.12
P CFZ A 3 9.92 -5.05 -9.10
N1 CFZ A 3 4.56 -4.02 -11.04
C2 CFZ A 3 3.18 -3.99 -11.28
O2 CFZ A 3 2.73 -3.42 -12.27
N3 CFZ A 3 2.32 -4.58 -10.42
C4 CFZ A 3 2.79 -5.18 -9.34
N4 CFZ A 3 1.91 -5.73 -8.55
C5 CFZ A 3 4.19 -5.26 -9.06
C6 CFZ A 3 5.04 -4.66 -9.93
C1' CFZ A 3 5.47 -3.28 -11.95
O1P CFZ A 3 11.16 -4.26 -9.21
C2' CFZ A 3 5.73 -1.86 -11.51
F2' CFZ A 3 5.58 -1.10 -12.64
O2P CFZ A 3 9.47 -5.45 -7.74
C3' CFZ A 3 7.13 -1.86 -10.88
O3' CFZ A 3 7.82 -0.58 -10.87
C4' CFZ A 3 7.77 -2.95 -11.74
O4' CFZ A 3 6.74 -3.92 -11.98
C5' CFZ A 3 9.00 -3.63 -11.13
O5' CFZ A 3 8.77 -4.19 -9.84
HN4 CFZ A 3 0.91 -5.63 -8.78
HN4A CFZ A 3 2.21 -6.28 -7.75
H5 CFZ A 3 4.59 -5.77 -8.19
H6 CFZ A 3 6.12 -4.66 -9.78
H1' CFZ A 3 5.01 -3.17 -12.92
H2' CFZ A 3 4.92 -1.62 -10.86
H3' CFZ A 3 7.07 -2.25 -9.86
H4' CFZ A 3 8.04 -2.53 -12.71
H5' CFZ A 3 9.80 -2.90 -11.07
H5'A CFZ A 3 9.33 -4.42 -11.81
F GF2 A 4 1.13 2.77 -11.78
P GF2 A 4 7.45 0.59 -9.82
N1 GF2 A 4 -1.68 -1.34 -9.05
C2 GF2 A 4 -1.67 -0.50 -10.12
N2 GF2 A 4 -2.82 -0.13 -10.60
N3 GF2 A 4 -0.56 -0.04 -10.69
C4 GF2 A 4 0.58 -0.47 -10.08
C5 GF2 A 4 0.67 -1.32 -8.99
C6 GF2 A 4 -0.54 -1.79 -8.39
O6 GF2 A 4 -0.73 -2.51 -7.41
N7 GF2 A 4 2.02 -1.53 -8.65
C8 GF2 A 4 2.67 -0.78 -9.51
N9 GF2 A 4 1.87 -0.12 -10.40
C1' GF2 A 4 2.27 0.88 -11.42
OP2 GF2 A 4 7.49 -0.08 -8.51
C2' GF2 A 4 2.08 2.30 -10.92
OP1 GF2 A 4 8.33 1.76 -10.02
C3' GF2 A 4 3.50 2.90 -10.90
O3' GF2 A 4 3.54 4.29 -11.21
C4' GF2 A 4 4.28 1.95 -11.82
O4' GF2 A 4 3.66 0.69 -11.64
C5' GF2 A 4 5.76 1.79 -11.45
O5' GF2 A 4 5.97 1.10 -10.20
HN1 GF2 A 4 -2.57 -1.63 -8.66
HN2 GF2 A 4 -2.79 0.46 -11.41
HN2A GF2 A 4 -3.70 -0.43 -10.17
H8 GF2 A 4 3.74 -0.68 -9.52
H1' GF2 A 4 1.69 0.76 -12.34
H2' GF2 A 4 1.69 2.32 -9.91
H3' GF2 A 4 3.90 2.74 -9.90
H4' GF2 A 4 4.17 2.29 -12.85
H5' GF2 A 4 6.23 2.76 -11.43
H5'A GF2 A 4 6.24 1.23 -12.25
F AF2 A 5 -3.65 4.91 -8.77
P AF2 A 5 3.23 5.40 -10.08
N1 AF2 A 5 -3.65 0.04 -5.55
C2 AF2 A 5 -4.31 0.91 -6.31
N3 AF2 A 5 -3.80 1.76 -7.21
C4 AF2 A 5 -2.44 1.67 -7.28
C5 AF2 A 5 -1.63 0.84 -6.54
C6 AF2 A 5 -2.32 -0.02 -5.66
N6 AF2 A 5 -1.73 -0.94 -4.91
N7 AF2 A 5 -0.28 1.04 -6.86
C8 AF2 A 5 -0.33 1.98 -7.76
N9 AF2 A 5 -1.60 2.42 -8.08
C1' AF2 A 5 -1.96 3.48 -9.04
OP2 AF2 A 5 4.13 5.05 -8.96
C2' AF2 A 5 -2.35 4.77 -8.34
OP1 AF2 A 5 3.35 6.77 -10.65
C3' AF2 A 5 -1.31 5.79 -8.79
O3' AF2 A 5 -1.82 7.12 -8.84
C4' AF2 A 5 -0.81 5.16 -10.10
O4' AF2 A 5 -0.81 3.77 -9.81
C5' AF2 A 5 0.60 5.61 -10.56
O5' AF2 A 5 1.66 5.23 -9.66
H2 AF2 A 5 -5.38 0.94 -6.17
H8 AF2 A 5 0.54 2.40 -8.23
H5' AF2 A 5 0.59 6.70 -10.69
H5'A AF2 A 5 0.78 5.16 -11.54
H1' AF2 A 5 -2.80 3.15 -9.65
H2' AF2 A 5 -2.31 4.68 -7.26
H3' AF2 A 5 -0.47 5.76 -8.09
H4' AF2 A 5 -1.53 5.38 -10.89
HN6 AF2 A 5 -0.75 -1.12 -5.06
HN6A AF2 A 5 -2.28 -1.59 -4.35
F AF2 A 6 -7.23 4.88 -4.10
P AF2 A 6 -2.02 8.04 -7.50
N1 AF2 A 6 -4.65 0.50 -1.64
C2 AF2 A 6 -5.75 1.12 -2.09
N3 AF2 A 6 -5.81 2.11 -2.98
C4 AF2 A 6 -4.59 2.49 -3.43
C5 AF2 A 6 -3.39 1.97 -3.05
C6 AF2 A 6 -3.46 0.91 -2.12
N6 AF2 A 6 -2.42 0.23 -1.67
N7 AF2 A 6 -2.33 2.65 -3.68
C8 AF2 A 6 -2.95 3.53 -4.42
N9 AF2 A 6 -4.31 3.46 -4.36
C1' AF2 A 6 -5.30 4.30 -5.09
OP2 AF2 A 6 -0.76 7.98 -6.73
C2' AF2 A 6 -5.93 5.31 -4.16
OP1 AF2 A 6 -2.55 9.36 -7.89
C3' AF2 A 6 -5.57 6.65 -4.80
O3' AF2 A 6 -6.50 7.69 -4.55
C4' AF2 A 6 -5.35 6.27 -6.25
O4' AF2 A 6 -4.64 5.05 -6.09
C5' AF2 A 6 -4.53 7.31 -7.04
O5' AF2 A 6 -3.17 7.36 -6.59
H2 AF2 A 6 -6.68 0.74 -1.71
H8 AF2 A 6 -2.43 4.24 -5.05
H5' AF2 A 6 -4.98 8.29 -6.93
H5'A AF2 A 6 -4.56 7.04 -8.09
H1' AF2 A 6 -6.11 3.70 -5.48
H2' AF2 A 6 -5.46 5.24 -3.18
H3' AF2 A 6 -4.60 6.92 -4.41
H4' AF2 A 6 -6.31 6.11 -6.74
HN6 AF2 A 6 -1.51 0.47 -2.04
HN6A AF2 A 6 -2.56 -0.55 -1.03
P TAF A 7 -6.47 8.49 -3.16
OP1 TAF A 7 -7.43 9.60 -3.25
OP2 TAF A 7 -5.02 8.78 -2.95
O5' TAF A 7 -7.01 7.41 -2.08
N1 TAF A 7 -6.31 3.66 0.29
C6 TAF A 7 -5.22 4.22 -0.34
C2 TAF A 7 -6.17 2.57 1.16
O2 TAF A 7 -7.09 2.07 1.78
N3 TAF A 7 -4.89 2.09 1.34
C4 TAF A 7 -3.74 2.64 0.81
O4 TAF A 7 -2.65 2.17 1.13
C5 TAF A 7 -3.96 3.77 -0.09
C5M TAF A 7 -2.78 4.48 -0.73
F2' TAF A 7 -6.51 6.25 1.13
C2' TAF A 7 -7.72 5.58 1.10
C5' TAF A 7 -8.38 6.96 -2.10
C4' TAF A 7 -8.77 5.91 -1.04
O4' TAF A 7 -7.92 4.77 -1.10
C1' TAF A 7 -7.65 4.32 0.21
C3' TAF A 7 -8.76 6.46 0.40
O3' TAF A 7 -10.05 6.46 1.04
H6 TAF A 7 -5.40 5.07 -0.99
H3 TAF A 7 -4.77 1.29 1.96
H71 TAF A 7 -3.11 5.22 -1.47
H72 TAF A 7 -2.12 3.75 -1.21
H73 TAF A 7 -2.20 4.98 0.04
H2' TAF A 7 -8.01 5.31 2.11
H5' TAF A 7 -9.04 7.83 -1.98
H5'' TAF A 7 -8.61 6.55 -3.08
H4' TAF A 7 -9.78 5.57 -1.26
H1' TAF A 7 -8.41 3.62 0.55
H3' TAF A 7 -8.37 7.47 0.37
P UFT A 8 -10.36 7.27 2.42
OP1 UFT A 8 -11.80 7.40 2.67
OP2 UFT A 8 -9.52 8.48 2.50
O5' UFT A 8 -9.84 6.33 3.60
N1 UFT A 8 -6.20 3.32 4.75
C6 UFT A 8 -5.59 4.31 3.98
C2 UFT A 8 -5.44 2.29 5.31
O2 UFT A 8 -5.91 1.40 5.99
N3 UFT A 8 -4.08 2.34 5.10
C4 UFT A 8 -3.39 3.32 4.44
O4 UFT A 8 -2.17 3.34 4.47
C5 UFT A 8 -4.25 4.33 3.81
F2' UFT A 8 -7.67 3.48 7.42
C2' UFT A 8 -7.75 4.37 6.38
C5' UFT A 8 -10.53 5.16 3.97
C4' UFT A 8 -9.64 4.30 4.87
O4' UFT A 8 -8.45 3.93 4.18
C1' UFT A 8 -7.61 3.43 5.19
C3' UFT A 8 -9.09 5.06 6.09
O3' UFT A 8 -9.96 5.23 7.20
H6 UFT A 8 -6.21 5.06 3.52
H5 UFT A 8 -3.79 5.10 3.22
H2' UFT A 8 -6.96 5.11 6.42
H5' UFT A 8 -11.45 5.41 4.49
H5'A UFT A 8 -10.78 4.57 3.07
H4' UFT A 8 -10.18 3.42 5.21
H1' UFT A 8 -7.97 2.45 5.53
H3' UFT A 8 -8.83 6.05 5.73
HN3 UFT A 8 -3.54 1.62 5.56
P CFL A 9 -9.62 6.28 8.38
O1P CFL A 9 -10.87 6.52 9.14
O2P CFL A 9 -8.96 7.43 7.72
O5' CFL A 9 -8.58 5.52 9.37
C5' CFL A 9 -8.97 4.35 10.11
C4' CFL A 9 -7.89 3.74 11.04
O4' CFL A 9 -6.82 3.18 10.28
C3' CFL A 9 -7.29 4.76 12.03
O3' CFL A 9 -7.46 4.46 13.43
C2' CFL A 9 -5.85 4.89 11.56
C1' CFL A 9 -5.58 3.57 10.84
N1 CFL A 9 -4.52 3.60 9.79
C2 CFL A 9 -3.31 2.93 10.00
O2 CFL A 9 -3.12 2.25 11.02
N3 CFL A 9 -2.30 3.01 9.10
C4 CFL A 9 -2.49 3.71 8.00
N4 CFL A 9 -1.49 3.74 7.14
C5 CFL A 9 -3.73 4.36 7.68
C6 CFL A 9 -4.72 4.28 8.62
F CFL A 9 -5.75 5.94 10.66
H5'1 CFL A 9 -9.83 4.60 10.73
H5'2 CFL A 9 -9.30 3.58 9.41
H4' CFL A 9 -8.35 2.93 11.60
H3' CFL A 9 -7.78 5.69 11.80
H2' CFL A 9 -5.14 5.06 12.36
H1' CFL A 9 -5.27 2.88 11.62
HN41 CFL A 9 -0.64 3.23 7.42
HN42 CFL A 9 -1.70 3.79 6.14
H5 CFL A 9 -3.90 4.90 6.77
H6 CFL A 9 -5.68 4.76 8.46
F GF2 A 10 -0.31 4.94 15.19
P GF2 A 10 -7.06 5.55 14.58
N1 GF2 A 10 2.37 4.05 10.82
C2 GF2 A 10 2.09 3.56 12.05
N2 GF2 A 10 3.04 3.00 12.75
N3 GF2 A 10 0.90 3.66 12.65
C4 GF2 A 10 0.00 4.40 11.93
C5 GF2 A 10 0.20 4.97 10.69
C6 GF2 A 10 1.47 4.77 10.04
O6 GF2 A 10 1.86 5.17 8.94
N7 GF2 A 10 -0.95 5.71 10.34
C8 GF2 A 10 -1.75 5.55 11.36
N9 GF2 A 10 -1.25 4.75 12.35
C1' GF2 A 10 -1.81 4.35 13.66
OP2 GF2 A 10 -7.23 6.90 13.97
C2' GF2 A 10 -1.56 5.34 14.79
OP1 GF2 A 10 -7.63 5.27 15.93
C3' GF2 A 10 -2.73 5.06 15.73
O3' GF2 A 10 -2.36 4.84 17.09
C4' GF2 A 10 -3.50 3.95 15.04
O4' GF2 A 10 -3.19 4.10 13.65
C5' GF2 A 10 -5.02 4.04 15.25
O5' GF2 A 10 -5.50 5.30 14.78
HN1 GF2 A 10 3.31 3.96 10.47
HN2 GF2 A 10 2.81 2.72 13.68
HN2A GF2 A 10 4.01 2.99 12.41
H8 GF2 A 10 -2.74 5.98 11.41
H1' GF2 A 10 -1.25 3.46 13.96
H2' GF2 A 10 -1.59 6.38 14.45
H3' GF2 A 10 -3.36 5.96 15.69
H4' GF2 A 10 -3.15 2.97 15.40
H5' GF2 A 10 -5.25 3.91 16.30
H5'A GF2 A 10 -5.50 3.23 14.69
P CFL A 11 -1.84 6.05 18.03
O1P CFL A 11 -1.99 5.58 19.43
O2P CFL A 11 -2.60 7.25 17.60
O5' CFL A 11 -0.26 6.25 17.72
C5' CFL A 11 0.73 5.34 18.21
C4' CFL A 11 2.20 5.56 17.76
O4' CFL A 11 2.36 5.38 16.36
C3' CFL A 11 2.87 6.91 18.09
O3' CFL A 11 4.25 6.68 18.46
C2' CFL A 11 2.74 7.69 16.81
C1' CFL A 11 3.06 6.52 15.87
N1 CFL A 11 2.72 6.77 14.46
C2 CFL A 11 3.74 6.73 13.50
O2 CFL A 11 4.88 6.43 13.80
N3 CFL A 11 3.48 7.07 12.22
C4 CFL A 11 2.24 7.40 11.87
N4 CFL A 11 2.09 7.72 10.62
C5 CFL A 11 1.15 7.41 12.80
C6 CFL A 11 1.44 7.11 14.09
F CFL A 11 1.50 8.26 16.63
H5'1 CFL A 11 0.70 5.35 19.30
H5'2 CFL A 11 0.45 4.32 17.90
H4' CFL A 11 2.78 4.77 18.26
H3' CFL A 11 2.30 7.44 18.84
H2' CFL A 11 3.46 8.49 16.69
H1' CFL A 11 4.14 6.39 15.94
HN41 CFL A 11 2.92 7.65 10.03
HN42 CFL A 11 1.18 7.98 10.27
H5 CFL A 11 0.15 7.64 12.50
H6 CFL A 11 0.69 7.10 14.88
F GF2 A 12 5.44 12.63 15.54
P GF2 A 12 5.33 7.86 18.77
N1 GF2 A 12 5.57 10.69 9.31
C2 GF2 A 12 6.59 10.75 10.18
N2 GF2 A 12 7.78 10.58 9.67
N3 GF2 A 12 6.48 10.76 11.50
C4 GF2 A 12 5.17 10.69 11.91
C5 GF2 A 12 4.05 10.64 11.12
C6 GF2 A 12 4.23 10.66 9.68
O6 GF2 A 12 3.42 10.64 8.77
N7 GF2 A 12 2.92 10.58 11.96
C8 GF2 A 12 3.40 10.55 13.17
N9 GF2 A 12 4.79 10.58 13.22
C1' GF2 A 12 5.81 10.56 14.28
OP2 GF2 A 12 4.61 8.91 19.52
C2' GF2 A 12 5.63 11.26 15.63
OP1 GF2 A 12 6.54 7.23 19.35
C3' GF2 A 12 7.05 10.89 16.12
O3' GF2 A 12 7.98 11.66 15.38
C4' GF2 A 12 7.22 9.43 15.65
O4' GF2 A 12 6.27 9.25 14.61
C5' GF2 A 12 7.01 8.37 16.76
O5' GF2 A 12 5.72 8.46 17.32
HN1 GF2 A 12 5.82 10.65 8.33
HN2 GF2 A 12 7.78 10.24 8.73
HN2A GF2 A 12 8.54 10.55 10.32
H8 GF2 A 12 2.77 10.47 14.04
H1' GF2 A 12 6.65 11.07 13.82
H2' GF2 A 12 4.86 10.79 16.24
H3' GF2 A 12 7.26 11.11 17.17
HO3' GF2 A 12 8.86 11.54 15.72
H4' GF2 A 12 8.22 9.30 15.24
H5' GF2 A 12 7.76 8.55 17.53
H5'A GF2 A 12 7.17 7.37 16.35
N1 CFZ B 1 8.50 10.46 4.92
C2 CFZ B 1 8.24 10.56 6.30
O2 CFZ B 1 9.19 10.64 7.09
N3 CFZ B 1 6.92 10.57 6.73
C4 CFZ B 1 5.94 10.50 5.83
N4 CFZ B 1 4.67 10.55 6.21
C5 CFZ B 1 6.20 10.41 4.42
C6 CFZ B 1 7.48 10.38 4.02
C1' CFZ B 1 9.90 10.46 4.43
C2' CFZ B 1 10.59 9.11 4.60
F2' CFZ B 1 11.30 9.35 5.76
C3' CFZ B 1 11.28 8.92 3.25
O3' CFZ B 1 12.50 8.20 3.29
C4' CFZ B 1 11.35 10.35 2.72
O4' CFZ B 1 10.06 10.82 3.06
C5' CFZ B 1 11.60 10.45 1.21
O5' CFZ B 1 10.47 9.98 0.49
HN4 CFZ B 1 4.37 10.57 7.19
HN4A CFZ B 1 3.97 10.54 5.50
H5 CFZ B 1 5.43 10.38 3.68
H6 CFZ B 1 7.71 10.31 2.96
H1' CFZ B 1 10.45 11.19 5.01
H2' CFZ B 1 9.87 8.31 4.76
H3' CFZ B 1 10.59 8.38 2.60
H4' CFZ B 1 12.14 10.89 3.26
H5' CFZ B 1 11.78 11.50 0.95
H5'A CFZ B 1 12.48 9.87 0.94
HO5' CFZ B 1 9.70 10.33 0.94
F GF2 B 2 11.04 4.75 9.80
P GF2 B 2 12.51 6.59 3.35
N1 GF2 B 2 5.96 7.14 10.84
C2 GF2 B 2 7.20 6.91 11.35
N2 GF2 B 2 7.31 6.68 12.63
N3 GF2 B 2 8.32 6.80 10.61
C4 GF2 B 2 8.07 6.94 9.28
C5 GF2 B 2 6.87 7.18 8.67
C6 GF2 B 2 5.69 7.32 9.49
O6 GF2 B 2 4.53 7.56 9.18
N7 GF2 B 2 7.05 7.23 7.27
C8 GF2 B 2 8.32 6.98 7.11
N9 GF2 B 2 9.01 6.81 8.29
C1' GF2 B 2 10.45 6.48 8.50
OP2 GF2 B 2 11.42 6.11 2.47
C2' GF2 B 2 10.69 4.98 8.49
OP1 GF2 B 2 13.90 6.13 3.14
C3' GF2 B 2 11.72 4.76 7.38
O3' GF2 B 2 12.59 3.64 7.61
C4' GF2 B 2 12.34 6.15 7.28
O4' GF2 B 2 11.21 7.01 7.45
C5' GF2 B 2 13.01 6.43 5.93
O5' GF2 B 2 12.08 6.30 4.87
HN1 GF2 B 2 5.16 7.11 11.45
HN2 GF2 B 2 8.21 6.45 13.00
HN2A GF2 B 2 6.45 6.63 13.20
H8 GF2 B 2 8.80 6.93 6.14
H1' GF2 B 2 10.77 6.85 9.47
H2' GF2 B 2 9.78 4.43 8.25
H3' GF2 B 2 11.18 4.58 6.45
H4' GF2 B 2 13.06 6.30 8.08
H5' GF2 B 2 13.82 5.72 5.78
H5'A GF2 B 2 13.42 7.44 5.94
P CFZ B 3 12.09 2.10 7.40
N1 CFZ B 3 7.20 2.91 10.24
C2 CFZ B 3 5.94 3.29 10.71
O2 CFZ B 3 5.60 3.06 11.86
N3 CFZ B 3 5.05 3.90 9.88
C4 CFZ B 3 5.39 4.09 8.62
N4 CFZ B 3 4.49 4.69 7.87
C5 CFZ B 3 6.66 3.70 8.08
C6 CFZ B 3 7.53 3.10 8.93
C1' CFZ B 3 8.12 2.20 11.16
O1P CFZ B 3 13.19 1.14 7.62
C2' CFZ B 3 8.01 0.70 11.00
F2' CFZ B 3 7.72 0.24 12.26
O2P CFZ B 3 11.30 1.97 6.17
C3' CFZ B 3 9.33 0.28 10.36
O3' CFZ B 3 9.76 -1.04 10.70
C4' CFZ B 3 10.26 1.39 10.82
O4' CFZ B 3 9.45 2.56 10.82
C5' CFZ B 3 11.47 1.58 9.92
O5' CFZ B 3 11.05 1.83 8.59
HN4 CFZ B 3 3.60 4.93 8.30
HN4A CFZ B 3 4.72 4.93 6.93
H5 CFZ B 3 6.92 3.87 7.05
H6 CFZ B 3 8.51 2.77 8.61
H1' CFZ B 3 7.85 2.38 12.18
H2' CFZ B 3 7.14 0.53 10.40
H3' CFZ B 3 9.25 0.36 9.28
H4' CFZ B 3 10.57 1.18 11.84
H5' CFZ B 3 12.08 0.67 9.94
H5'A CFZ B 3 12.08 2.41 10.28
F GF2 B 4 2.54 -2.72 12.14
P GF2 B 4 9.21 -2.31 9.90
N1 GF2 B 4 0.11 1.58 9.61
C2 GF2 B 4 0.17 0.82 10.74
N2 GF2 B 4 -0.92 0.69 11.44
N3 GF2 B 4 1.26 0.18 11.15
C4 GF2 B 4 2.34 0.40 10.34
C5 GF2 B 4 2.39 1.14 9.18
C6 GF2 B 4 1.17 1.78 8.75
O6 GF2 B 4 0.94 2.47 7.75
N7 GF2 B 4 3.69 1.12 8.66
C8 GF2 B 4 4.36 0.37 9.49
N9 GF2 B 4 3.60 -0.12 10.53
C1' GF2 B 4 3.99 -1.12 11.55
OP2 GF2 B 4 9.38 -1.98 8.46
C2' GF2 B 4 3.49 -2.51 11.18
OP1 GF2 B 4 9.88 -3.51 10.44
C3' GF2 B 4 4.77 -3.37 11.13
O3' GF2 B 4 4.56 -4.73 11.55
C4' GF2 B 4 5.75 -2.54 11.96
O4' GF2 B 4 5.40 -1.20 11.61
C5' GF2 B 4 7.23 -2.79 11.63
O5' GF2 B 4 7.64 -2.37 10.31
HN1 GF2 B 4 -0.77 2.04 9.39
HN2 GF2 B 4 -0.83 0.14 12.28
HN2A GF2 B 4 -1.76 1.22 11.24
H8 GF2 B 4 5.41 0.12 9.41
H1' GF2 B 4 3.55 -0.86 12.52
H2' GF2 B 4 3.03 -2.52 10.20
H3' GF2 B 4 5.14 -3.38 10.11
H4' GF2 B 4 5.56 -2.71 13.01
H5' GF2 B 4 7.45 -3.85 11.76
H5'A GF2 B 4 7.82 -2.24 12.38
F AF2 B 5 -2.87 -4.42 9.94
P AF2 B 5 3.81 -5.82 10.62
N1 AF2 B 5 -2.63 0.46 6.64
C2 AF2 B 5 -3.28 -0.26 7.55
N3 AF2 B 5 -2.79 -1.19 8.36
C4 AF2 B 5 -1.45 -1.35 8.21
C5 AF2 B 5 -0.64 -0.68 7.31
C6 AF2 B 5 -1.31 0.27 6.51
N6 AF2 B 5 -0.73 1.05 5.61
N7 AF2 B 5 0.69 -1.11 7.42
C8 AF2 B 5 0.63 -2.01 8.37
N9 AF2 B 5 -0.62 -2.21 8.89
C1' AF2 B 5 -1.00 -3.17 9.96
OP2 AF2 B 5 4.32 -5.79 9.23
C2' AF2 B 5 -1.60 -4.46 9.41
OP1 AF2 B 5 3.77 -7.14 11.27
C3' AF2 B 5 -0.65 -5.57 9.87
O3' AF2 B 5 -1.26 -6.86 10.03
C4' AF2 B 5 -0.01 -4.92 11.08
O4' AF2 B 5 0.17 -3.57 10.65
C5' AF2 B 5 1.34 -5.53 11.49
O5' AF2 B 5 2.29 -5.37 10.44
H2 AF2 B 5 -4.35 -0.08 7.61
H8 AF2 B 5 1.51 -2.54 8.72
H5' AF2 B 5 1.21 -6.59 11.70
H5'A AF2 B 5 1.71 -5.03 12.38
H1' AF2 B 5 -1.73 -2.73 10.63
H2' AF2 B 5 -1.65 -4.44 8.31
H3' AF2 B 5 0.14 -5.65 9.11
H4' AF2 B 5 -0.70 -4.96 11.93
HN6 AF2 B 5 0.28 1.05 5.58
HN6A AF2 B 5 -1.30 1.72 5.10
F AF2 B 6 -6.84 -4.50 5.86
P AF2 B 6 -1.48 -7.88 8.78
N1 AF2 B 6 -4.47 -0.15 3.12
C2 AF2 B 6 -5.50 -0.73 3.72
N3 AF2 B 6 -5.49 -1.73 4.59
C4 AF2 B 6 -4.22 -2.17 4.84
C5 AF2 B 6 -3.06 -1.69 4.29
C6 AF2 B 6 -3.25 -0.59 3.41
N6 AF2 B 6 -2.24 0.02 2.82
N7 AF2 B 6 -1.95 -2.41 4.74
C8 AF2 B 6 -2.48 -3.29 5.55
N9 AF2 B 6 -3.85 -3.19 5.67
C1' AF2 B 6 -4.75 -4.00 6.51
OP2 AF2 B 6 -0.22 -7.87 8.00
C2' AF2 B 6 -5.57 -4.98 5.69
OP1 AF2 B 6 -2.04 -9.15 9.25
C3' AF2 B 6 -5.20 -6.34 6.29
O3' AF2 B 6 -6.21 -7.32 6.17
C4' AF2 B 6 -4.77 -5.95 7.69
O4' AF2 B 6 -4.00 -4.79 7.41
C5' AF2 B 6 -3.95 -7.00 8.44
O5' AF2 B 6 -2.65 -7.19 7.88
H2 AF2 B 6 -6.49 -0.37 3.43
H8 AF2 B 6 -1.90 -4.03 6.09
H5' AF2 B 6 -4.50 -7.95 8.46
H5'A AF2 B 6 -3.85 -6.67 9.48
H1' AF2 B 6 -5.46 -3.36 7.03
H2' AF2 B 6 -5.27 -4.98 4.63
H3' AF2 B 6 -4.30 -6.68 5.78
H4' AF2 B 6 -5.66 -5.69 8.27
HN6 AF2 B 6 -1.30 -0.30 2.99
HN6A AF2 B 6 -2.43 0.79 2.17
P TAF B 7 -6.48 -8.06 4.77
OP1 TAF B 7 -7.51 -9.07 4.99
OP2 TAF B 7 -5.10 -8.49 4.39
O5' TAF B 7 -7.08 -6.90 3.79
N1 TAF B 7 -6.29 -3.02 1.55
C6 TAF B 7 -5.20 -3.79 1.87
C2 TAF B 7 -6.17 -1.91 0.71
O2 TAF B 7 -7.12 -1.21 0.35
N3 TAF B 7 -4.90 -1.61 0.26
C4 TAF B 7 -3.75 -2.32 0.55
O4 TAF B 7 -2.69 -1.92 0.06
C5 TAF B 7 -3.95 -3.49 1.40
C5M TAF B 7 -2.78 -4.38 1.75
F2' TAF B 7 -7.26 -5.14 0.28
C2' TAF B 7 -8.26 -4.41 0.92
C5' TAF B 7 -8.39 -6.35 4.00
C4' TAF B 7 -8.77 -5.08 3.19
O4' TAF B 7 -7.68 -4.14 3.17
C1' TAF B 7 -7.66 -3.45 1.94
C3' TAF B 7 -9.18 -5.34 1.72
O3' TAF B 7 -10.59 -5.14 1.44
H6 TAF B 7 -5.35 -4.67 2.48
H3 TAF B 7 -4.81 -0.81 -0.37
H71 TAF B 7 -2.33 -4.76 0.83
H72 TAF B 7 -3.10 -5.22 2.38
H73 TAF B 7 -2.03 -3.79 2.27
H2' TAF B 7 -8.79 -3.78 0.22
H5' TAF B 7 -9.14 -7.11 3.82
H5'' TAF B 7 -8.48 -6.07 5.06
H4' TAF B 7 -9.61 -4.61 3.68
H1' TAF B 7 -8.30 -2.56 2.00
H3' TAF B 7 -8.91 -6.37 1.50
P UFT B 8 -11.30 -5.75 0.08
OP1 UFT B 8 -12.76 -5.61 0.07
OP2 UFT B 8 -10.72 -7.07 -0.21
O5' UFT B 8 -10.86 -4.80 -1.12
N1 UFT B 8 -7.12 -2.39 -3.07
C6 UFT B 8 -6.55 -3.48 -2.46
C2 UFT B 8 -6.33 -1.51 -3.82
O2 UFT B 8 -6.79 -0.56 -4.44
N3 UFT B 8 -4.98 -1.76 -3.85
C4 UFT B 8 -4.33 -2.80 -3.24
O4 UFT B 8 -3.12 -2.91 -3.39
C5 UFT B 8 -5.21 -3.70 -2.51
F2' UFT B 8 -9.33 -1.73 -5.12
C2' UFT B 8 -9.28 -2.79 -4.24
C5' UFT B 8 -11.38 -3.47 -1.22
C4' UFT B 8 -10.61 -2.69 -2.28
O4' UFT B 8 -9.23 -2.67 -1.92
C1' UFT B 8 -8.59 -2.13 -3.05
C3' UFT B 8 -10.61 -3.30 -3.68
O3' UFT B 8 -11.77 -3.12 -4.52
H6 UFT B 8 -7.18 -4.17 -1.91
H5 UFT B 8 -4.77 -4.55 -2.01
H2' UFT B 8 -8.70 -3.62 -4.65
H5' UFT B 8 -12.43 -3.50 -1.48
H5'A UFT B 8 -11.27 -2.96 -0.26
H4' UFT B 8 -11.00 -1.67 -2.32
H1' UFT B 8 -8.77 -1.06 -3.08
H3' UFT B 8 -10.48 -4.38 -3.54
HN3 UFT B 8 -4.43 -1.12 -4.41
P CFL B 9 -11.95 -3.92 -5.92
O1P CFL B 9 -13.29 -3.64 -6.50
O2P CFL B 9 -11.55 -5.32 -5.68
O5' CFL B 9 -10.91 -3.26 -6.96
C5' CFL B 9 -11.11 -1.91 -7.42
C4' CFL B 9 -10.02 -1.36 -8.36
O4' CFL B 9 -8.74 -1.26 -7.76
C3' CFL B 9 -9.87 -2.19 -9.65
O3' CFL B 9 -10.26 -1.45 -10.82
C2' CFL B 9 -8.42 -2.63 -9.64
C1' CFL B 9 -7.75 -1.63 -8.70
N1 CFL B 9 -6.52 -2.14 -8.03
C2 CFL B 9 -5.26 -1.74 -8.49
O2 CFL B 9 -5.15 -0.96 -9.42
N3 CFL B 9 -4.14 -2.24 -7.93
C4 CFL B 9 -4.24 -3.12 -6.94
N4 CFL B 9 -3.11 -3.55 -6.42
C5 CFL B 9 -5.50 -3.56 -6.43
C6 CFL B 9 -6.62 -3.04 -7.00
F CFL B 9 -8.33 -3.90 -9.10
H5'1 CFL B 9 -12.07 -1.86 -7.94
H5'2 CFL B 9 -11.18 -1.26 -6.56
H4' CFL B 9 -10.34 -0.36 -8.65
H3' CFL B 9 -10.47 -3.09 -9.55
H2' CFL B 9 -7.96 -2.64 -10.62
H1' CFL B 9 -7.46 -0.78 -9.30
HN41 CFL B 9 -2.24 -3.19 -6.81
HN42 CFL B 9 -3.12 -4.12 -5.60
H5 CFL B 9 -5.58 -4.27 -5.61
H6 CFL B 9 -7.62 -3.34 -6.67
F GF2 B 10 -4.18 -3.51 -14.61
P GF2 B 10 -10.60 -2.18 -12.22
N1 GF2 B 10 -0.45 -4.07 -10.86
C2 GF2 B 10 -0.82 -3.36 -11.95
N2 GF2 B 10 0.11 -2.95 -12.77
N3 GF2 B 10 -2.08 -3.10 -12.29
C4 GF2 B 10 -2.98 -3.68 -11.45
C5 GF2 B 10 -2.72 -4.46 -10.35
C6 GF2 B 10 -1.34 -4.68 -9.99
O6 GF2 B 10 -0.85 -5.32 -9.06
N7 GF2 B 10 -3.93 -4.95 -9.83
C8 GF2 B 10 -4.85 -4.41 -10.61
N9 GF2 B 10 -4.34 -3.62 -11.59
C1' GF2 B 10 -5.02 -2.86 -12.67
OP2 GF2 B 10 -11.29 -3.43 -11.84
C2' GF2 B 10 -5.35 -3.69 -13.91
OP1 GF2 B 10 -11.26 -1.22 -13.12
C3' GF2 B 10 -6.61 -3.01 -14.42
O3' GF2 B 10 -6.61 -2.73 -15.82
C4' GF2 B 10 -6.82 -1.82 -13.49
O4' GF2 B 10 -6.24 -2.27 -12.27
C5' GF2 B 10 -8.30 -1.41 -13.31
O5' GF2 B 10 -9.13 -2.49 -12.85
HN1 GF2 B 10 0.54 -4.25 -10.70
HN2 GF2 B 10 -0.21 -2.47 -13.60
HN2A GF2 B 10 1.10 -3.15 -12.61
H8 GF2 B 10 -5.91 -4.59 -10.47
H1' GF2 B 10 -4.31 -2.11 -12.99
H2' GF2 B 10 -5.53 -4.73 -13.67
H3' GF2 B 10 -7.43 -3.70 -14.21
H4' GF2 B 10 -6.25 -0.97 -13.87
H5' GF2 B 10 -8.67 -1.03 -14.25
H5'A GF2 B 10 -8.32 -0.60 -12.57
P CFL B 11 -6.69 -3.90 -16.92
O1P CFL B 11 -7.10 -3.29 -18.19
O2P CFL B 11 -7.60 -4.91 -16.31
O5' CFL B 11 -5.16 -4.47 -17.09
C5' CFL B 11 -4.15 -3.66 -17.73
C4' CFL B 11 -2.68 -4.15 -17.76
O4' CFL B 11 -2.10 -4.24 -16.45
C3' CFL B 11 -2.37 -5.50 -18.44
O3' CFL B 11 -1.15 -5.39 -19.20
C2' CFL B 11 -2.25 -6.46 -17.27
C1' CFL B 11 -1.50 -5.52 -16.33
N1 CFL B 11 -1.52 -5.97 -14.91
C2 CFL B 11 -0.33 -6.31 -14.29
O2 CFL B 11 0.76 -6.17 -14.85
N3 CFL B 11 -0.33 -6.82 -13.03
C4 CFL B 11 -1.48 -6.98 -12.40
N4 CFL B 11 -1.40 -7.50 -11.21
C5 CFL B 11 -2.74 -6.59 -12.98
C6 CFL B 11 -2.71 -6.10 -14.25
F CFL B 11 -3.48 -6.88 -16.81
H5'1 CFL B 11 -4.45 -3.50 -18.77
H5'2 CFL B 11 -4.14 -2.68 -17.26
H4' CFL B 11 -2.11 -3.39 -18.29
H3' CFL B 11 -3.22 -5.81 -19.03
H2' CFL B 11 -1.68 -7.34 -17.48
H1' CFL B 11 -0.46 -5.51 -16.67
HN41 CFL B 11 -0.48 -7.76 -10.87
HN42 CFL B 11 -2.23 -7.63 -10.65
H5 CFL B 11 -3.67 -6.67 -12.45
H6 CFL B 11 -3.61 -5.82 -14.78
F GF2 B 12 -1.30 -11.50 -17.48
P GF2 B 12 -0.45 -6.65 -19.98
N1 GF2 B 12 1.75 -11.40 -11.62
C2 GF2 B 12 2.48 -11.29 -12.75
N2 GF2 B 12 3.73 -11.66 -12.65
N3 GF2 B 12 2.04 -10.87 -13.93
C4 GF2 B 12 0.72 -10.50 -13.88
C5 GF2 B 12 -0.13 -10.57 -12.79
C6 GF2 B 12 0.41 -11.07 -11.55
O6 GF2 B 12 -0.13 -11.30 -10.47
N7 GF2 B 12 -1.41 -10.16 -13.18
C8 GF2 B 12 -1.30 -9.87 -14.45
N9 GF2 B 12 -0.03 -10.08 -14.96
C1' GF2 B 12 0.48 -10.24 -16.35
OP2 GF2 B 12 -1.54 -7.50 -20.49
C2' GF2 B 12 -0.49 -10.39 -17.53
OP1 GF2 B 12 0.58 -6.10 -20.89
C3' GF2 B 12 0.60 -10.52 -18.60
O3' GF2 B 12 1.23 -11.78 -18.44
C4' GF2 B 12 1.62 -9.45 -18.18
O4' GF2 B 12 1.39 -9.24 -16.79
C5' GF2 B 12 1.53 -8.12 -18.96
O5' GF2 B 12 0.29 -7.45 -18.78
HN1 GF2 B 12 2.22 -11.75 -10.80
HN2 GF2 B 12 4.29 -11.59 -13.47
HN2A GF2 B 12 4.04 -11.96 -11.74
H8 GF2 B 12 -2.15 -9.52 -15.01
H1' GF2 B 12 1.05 -11.18 -16.30
H2' GF2 B 12 -1.07 -9.50 -17.71
H3' GF2 B 12 0.23 -10.49 -19.63
HO3' GF2 B 12 2.10 -11.77 -18.86
H4' GF2 B 12 2.62 -9.86 -18.31
H5' GF2 B 12 1.67 -8.35 -20.01
H5'A GF2 B 12 2.34 -7.46 -18.65
N1 CFZ A 1 3.79 -13.16 -8.58
C2 CFZ A 1 3.33 -12.61 -9.80
O2 CFZ A 1 4.13 -12.45 -10.73
N3 CFZ A 1 2.01 -12.24 -9.90
C4 CFZ A 1 1.23 -12.23 -8.80
N4 CFZ A 1 -0.02 -11.82 -8.88
C5 CFZ A 1 1.73 -12.66 -7.53
C6 CFZ A 1 3.00 -13.12 -7.46
C1' CFZ A 1 5.12 -13.82 -8.52
C2' CFZ A 1 6.27 -12.83 -8.36
F2' CFZ A 1 6.72 -12.76 -9.67
C3' CFZ A 1 7.11 -13.47 -7.26
O3' CFZ A 1 8.51 -13.24 -7.35
C4' CFZ A 1 6.67 -14.91 -7.31
O4' CFZ A 1 5.26 -14.77 -7.46
C5' CFZ A 1 7.06 -15.73 -6.06
O5' CFZ A 1 6.66 -15.13 -4.84
HN4 CFZ A 1 -0.43 -11.48 -9.73
HN4A CFZ A 1 -0.55 -11.79 -8.03
H5 CFZ A 1 1.15 -12.67 -6.64
H6 CFZ A 1 3.40 -13.48 -6.52
H1' CFZ A 1 5.26 -14.35 -9.44
H2' CFZ A 1 5.91 -11.85 -8.04
H3' CFZ A 1 6.74 -13.06 -6.31
H4' CFZ A 1 7.10 -15.39 -8.19
H5' CFZ A 1 8.16 -15.84 -6.06
H5'A CFZ A 1 6.62 -16.72 -6.14
HO5' CFZ A 1 7.22 -14.36 -4.67
F GF2 A 2 7.63 -7.11 -11.47
P GF2 A 2 9.17 -11.91 -6.70
N1 GF2 A 2 2.06 -8.04 -12.30
C2 GF2 A 2 3.24 -8.00 -12.97
N2 GF2 A 2 3.23 -7.51 -14.19
N3 GF2 A 2 4.41 -8.38 -12.48
C4 GF2 A 2 4.32 -8.79 -11.18
C5 GF2 A 2 3.19 -8.88 -10.41
C6 GF2 A 2 1.93 -8.51 -11.00
O6 GF2 A 2 0.79 -8.53 -10.52
N7 GF2 A 2 3.53 -9.32 -9.12
C8 GF2 A 2 4.82 -9.45 -9.17
N9 GF2 A 2 5.37 -9.16 -10.39
C1' GF2 A 2 6.79 -9.07 -10.77
OP2 GF2 A 2 8.47 -11.66 -5.42
C2' GF2 A 2 7.40 -7.76 -10.28
OP1 GF2 A 2 10.64 -12.09 -6.72
C3' GF2 A 2 8.58 -8.18 -9.40
O3' GF2 A 2 9.65 -7.24 -9.45
C4' GF2 A 2 8.84 -9.60 -9.91
O4' GF2 A 2 7.53 -10.10 -10.15
C5' GF2 A 2 9.54 -10.54 -8.92
O5' GF2 A 2 8.77 -10.75 -7.75
HN1 GF2 A 2 1.21 -7.66 -12.71
HN2 GF2 A 2 4.11 -7.44 -14.68
HN2A GF2 A 2 2.36 -7.11 -14.55
H8 GF2 A 2 5.43 -9.76 -8.32
H1' GF2 A 2 6.91 -9.09 -11.86
H2' GF2 A 2 6.69 -7.20 -9.67
H3' GF2 A 2 8.22 -8.27 -8.37
H4' GF2 A 2 9.40 -9.55 -10.84
H5' GF2 A 2 10.51 -10.12 -8.66
H5'A GF2 A 2 9.69 -11.49 -9.42
P CFZ A 3 9.52 -5.75 -8.80
N1 CFZ A 3 4.78 -4.45 -11.28
C2 CFZ A 3 3.41 -4.38 -11.59
O2 CFZ A 3 3.03 -3.82 -12.61
N3 CFZ A 3 2.49 -4.91 -10.75
C4 CFZ A 3 2.88 -5.48 -9.63
N4 CFZ A 3 1.94 -5.97 -8.86
C5 CFZ A 3 4.25 -5.57 -9.24
C6 CFZ A 3 5.17 -5.02 -10.09
C1' CFZ A 3 5.76 -3.77 -12.16
O1P CFZ A 3 10.83 -5.10 -8.70
C2' CFZ A 3 6.03 -2.36 -11.72
F2' CFZ A 3 5.99 -1.60 -12.87
O2P CFZ A 3 8.69 -5.81 -7.58
C3' CFZ A 3 7.35 -2.40 -10.97
O3' CFZ A 3 8.02 -1.14 -10.92
C4' CFZ A 3 8.05 -3.53 -11.75
O4' CFZ A 3 7.01 -4.44 -12.12
C5' CFZ A 3 9.15 -4.27 -10.97
O5' CFZ A 3 8.63 -4.83 -9.76
HN4 CFZ A 3 0.97 -5.83 -9.16
HN4A CFZ A 3 2.17 -6.50 -8.04
H5 CFZ A 3 4.58 -6.03 -8.32
H6 CFZ A 3 6.23 -5.03 -9.86
H1' CFZ A 3 5.34 -3.66 -13.15
H2' CFZ A 3 5.17 -2.08 -11.14
H3' CFZ A 3 7.20 -2.75 -9.95
H4' CFZ A 3 8.47 -3.11 -12.66
H5' CFZ A 3 9.95 -3.57 -10.73
H5'A CFZ A 3 9.55 -5.06 -11.60
F GF2 A 4 1.38 2.29 -11.95
P GF2 A 4 7.53 0.02 -9.89
N1 GF2 A 4 -1.40 -1.58 -9.04
C2 GF2 A 4 -1.40 -0.78 -10.15
N2 GF2 A 4 -2.54 -0.31 -10.59
N3 GF2 A 4 -0.29 -0.39 -10.77
C4 GF2 A 4 0.84 -0.89 -10.22
C5 GF2 A 4 0.95 -1.68 -9.09
C6 GF2 A 4 -0.27 -2.06 -8.42
O6 GF2 A 4 -0.43 -2.71 -7.38
N7 GF2 A 4 2.30 -1.89 -8.78
C8 GF2 A 4 2.93 -1.26 -9.72
N9 GF2 A 4 2.12 -0.62 -10.63
C1' GF2 A 4 2.51 0.35 -11.68
OP2 GF2 A 4 7.27 -0.62 -8.60
C2' GF2 A 4 2.34 1.76 -11.12
OP1 GF2 A 4 8.41 1.20 -9.94
C3' GF2 A 4 3.75 2.31 -11.09
O3' GF2 A 4 3.82 3.72 -11.29
C4' GF2 A 4 4.52 1.44 -12.07
O4' GF2 A 4 3.89 0.16 -11.95
C5' GF2 A 4 6.00 1.27 -11.68
O5' GF2 A 4 6.12 0.55 -10.45
HN1 GF2 A 4 -2.30 -1.84 -8.63
HN2 GF2 A 4 -2.52 0.23 -11.43
HN2A GF2 A 4 -3.43 -0.58 -10.13
H8 GF2 A 4 4.01 -1.19 -9.79
H1' GF2 A 4 1.87 0.26 -12.56
H2' GF2 A 4 1.95 1.75 -10.10
H3' GF2 A 4 4.16 2.08 -10.10
H4' GF2 A 4 4.41 1.82 -13.09
H5' GF2 A 4 6.46 2.26 -11.60
H5'A GF2 A 4 6.51 0.73 -12.49
F AF2 A 5 -3.25 4.60 -8.81
P AF2 A 5 3.55 4.74 -10.06
N1 AF2 A 5 -3.11 -0.22 -5.47
C2 AF2 A 5 -3.80 0.61 -6.23
N3 AF2 A 5 -3.32 1.44 -7.15
C4 AF2 A 5 -1.97 1.37 -7.27
C5 AF2 A 5 -1.11 0.57 -6.53
C6 AF2 A 5 -1.78 -0.29 -5.62
N6 AF2 A 5 -1.19 -1.20 -4.87
N7 AF2 A 5 0.23 0.80 -6.88
C8 AF2 A 5 0.12 1.71 -7.82
N9 AF2 A 5 -1.17 2.09 -8.11
C1' AF2 A 5 -1.60 3.12 -9.10
OP2 AF2 A 5 4.30 4.20 -8.91
C2' AF2 A 5 -1.95 4.43 -8.41
OP1 AF2 A 5 3.82 6.11 -10.54
C3' AF2 A 5 -0.89 5.43 -8.89
O3' AF2 A 5 -1.33 6.79 -8.89
C4' AF2 A 5 -0.45 4.80 -10.21
O4' AF2 A 5 -0.49 3.40 -9.93
C5' AF2 A 5 0.97 5.17 -10.64
O5' AF2 A 5 1.96 4.62 -9.75
H2 AF2 A 5 -4.87 0.66 -6.03
H8 AF2 A 5 0.96 2.13 -8.36
H5' AF2 A 5 1.07 6.26 -10.68
H5'A AF2 A 5 1.14 4.78 -11.64
H1' AF2 A 5 -2.48 2.78 -9.66
H2' AF2 A 5 -1.89 4.36 -7.32
H3' AF2 A 5 -0.03 5.36 -8.22
H4' AF2 A 5 -1.17 5.06 -10.99
HN6 AF2 A 5 -0.30 -1.55 -5.18
HN6A AF2 A 5 -1.77 -1.81 -4.29
F AF2 A 6 -6.77 4.65 -4.12
P AF2 A 6 -1.46 7.66 -7.53
N1 AF2 A 6 -4.17 0.28 -1.58
C2 AF2 A 6 -5.27 0.91 -1.99
N3 AF2 A 6 -5.34 1.89 -2.88
C4 AF2 A 6 -4.12 2.25 -3.36
C5 AF2 A 6 -2.91 1.71 -3.01
C6 AF2 A 6 -2.99 0.66 -2.08
N6 AF2 A 6 -1.96 -0.04 -1.65
N7 AF2 A 6 -1.85 2.35 -3.69
C8 AF2 A 6 -2.48 3.23 -4.43
N9 AF2 A 6 -3.84 3.21 -4.32
C1' AF2 A 6 -4.82 4.03 -5.07
OP2 AF2 A 6 -0.21 7.49 -6.76
C2' AF2 A 6 -5.46 5.08 -4.18
OP1 AF2 A 6 -1.82 9.05 -7.87
C3' AF2 A 6 -5.10 6.39 -4.87
O3' AF2 A 6 -6.08 7.41 -4.72
C4' AF2 A 6 -4.83 5.97 -6.30
O4' AF2 A 6 -4.14 4.74 -6.09
C5' AF2 A 6 -3.99 6.99 -7.08
O5' AF2 A 6 -2.64 7.01 -6.64
H2 AF2 A 6 -6.21 0.56 -1.59
H8 AF2 A 6 -1.98 3.90 -5.10
H5' AF2 A 6 -4.43 7.99 -6.98
H5'A AF2 A 6 -4.03 6.73 -8.14
H1' AF2 A 6 -5.64 3.43 -5.46
H2' AF2 A 6 -5.01 5.03 -3.20
H3' AF2 A 6 -4.15 6.73 -4.47
H4' AF2 A 6 -5.78 5.79 -6.82
HN6 AF2 A 6 -1.06 0.14 -2.06
HN6A AF2 A 6 -2.11 -0.82 -1.00
P TAF A 7 -6.12 8.30 -3.39
OP1 TAF A 7 -7.10 9.37 -3.68
OP2 TAF A 7 -4.74 8.75 -3.19
O5' TAF A 7 -6.61 7.35 -2.17
N1 TAF A 7 -5.74 3.49 0.34
C6 TAF A 7 -4.63 3.98 -0.31
C2 TAF A 7 -5.64 2.42 1.24
O2 TAF A 7 -6.58 1.97 1.87
N3 TAF A 7 -4.38 1.89 1.43
C4 TAF A 7 -3.21 2.38 0.88
O4 TAF A 7 -2.14 1.90 1.22
C5 TAF A 7 -3.39 3.49 -0.05
C5M TAF A 7 -2.19 4.12 -0.74
F2' TAF A 7 -5.78 6.10 1.17
C2' TAF A 7 -7.04 5.51 1.13
C5' TAF A 7 -7.93 6.84 -2.12
C4' TAF A 7 -8.16 5.84 -0.97
O4' TAF A 7 -7.31 4.70 -1.06
C1' TAF A 7 -7.04 4.24 0.27
C3' TAF A 7 -8.01 6.46 0.43
O3' TAF A 7 -9.28 6.59 1.07
H6 TAF A 7 -4.78 4.81 -0.99
H3 TAF A 7 -4.30 1.11 2.07
H71 TAF A 7 -2.50 4.77 -1.55
H72 TAF A 7 -1.54 3.34 -1.12
H73 TAF A 7 -1.62 4.70 -0.01
H2' TAF A 7 -7.34 5.27 2.14
H5' TAF A 7 -8.64 7.66 -2.02
H5'' TAF A 7 -8.16 6.32 -3.06
H4' TAF A 7 -9.20 5.50 -1.08
H1' TAF A 7 -7.82 3.56 0.63
H3' TAF A 7 -7.52 7.43 0.33
P UFT A 8 -9.51 7.43 2.44
OP1 UFT A 8 -10.93 7.75 2.62
OP2 UFT A 8 -8.50 8.49 2.61
O5' UFT A 8 -9.12 6.41 3.62
N1 UFT A 8 -5.77 3.25 4.85
C6 UFT A 8 -5.13 4.23 4.12
C2 UFT A 8 -5.04 2.20 5.41
O2 UFT A 8 -5.55 1.30 6.08
N3 UFT A 8 -3.68 2.21 5.20
C4 UFT A 8 -2.97 3.14 4.48
O4 UFT A 8 -1.74 3.05 4.37
C5 UFT A 8 -3.79 4.19 3.92
F2' UFT A 8 -7.36 3.31 7.47
C2' UFT A 8 -7.35 4.25 6.46
C5' UFT A 8 -9.96 5.33 3.98
C4' UFT A 8 -9.17 4.36 4.88
O4' UFT A 8 -7.99 3.93 4.22
C1' UFT A 8 -7.20 3.36 5.24
C3' UFT A 8 -8.62 5.03 6.13
O3' UFT A 8 -9.51 5.25 7.22
H6 UFT A 8 -5.73 5.03 3.70
H5 UFT A 8 -3.31 4.97 3.33
H2' UFT A 8 -6.51 4.95 6.58
H5' UFT A 8 -10.84 5.69 4.50
H5'A UFT A 8 -10.27 4.79 3.08
H4' UFT A 8 -9.80 3.52 5.16
H1' UFT A 8 -7.58 2.38 5.52
H3' UFT A 8 -8.27 6.01 5.80
HN3 UFT A 8 -3.16 1.47 5.67
P CFL A 9 -9.13 6.30 8.38
O1P CFL A 9 -10.36 6.62 9.12
O2P CFL A 9 -8.35 7.38 7.72
O5' CFL A 9 -8.16 5.44 9.38
C5' CFL A 9 -8.67 4.33 10.11
C4' CFL A 9 -7.69 3.62 11.06
O4' CFL A 9 -6.60 3.03 10.35
C3' CFL A 9 -7.11 4.47 12.19
O3' CFL A 9 -7.30 3.82 13.46
C2' CFL A 9 -5.65 4.65 11.80
C1' CFL A 9 -5.38 3.39 10.99
N1 CFL A 9 -4.30 3.50 9.95
C2 CFL A 9 -3.10 2.80 10.13
O2 CFL A 9 -2.92 2.06 11.10
N3 CFL A 9 -2.09 2.92 9.22
C4 CFL A 9 -2.25 3.74 8.19
N4 CFL A 9 -1.24 3.84 7.35
C5 CFL A 9 -3.46 4.44 7.94
C6 CFL A 9 -4.47 4.30 8.84
F CFL A 9 -5.47 5.75 11.02
H5'1 CFL A 9 -9.53 4.67 10.71
H5'2 CFL A 9 -9.05 3.59 9.40
H4' CFL A 9 -8.24 2.79 11.52
H3' CFL A 9 -7.59 5.45 12.17
H2' CFL A 9 -4.99 4.72 12.66
H1' CFL A 9 -5.09 2.64 11.72
HN41 CFL A 9 -0.37 3.34 7.58
HN42 CFL A 9 -1.31 4.41 6.54
H5 CFL A 9 -3.59 5.10 7.10
H6 CFL A 9 -5.42 4.82 8.75
F GF2 A 10 -0.22 4.89 15.36
P GF2 A 10 -7.04 4.50 14.90
N1 GF2 A 10 2.39 4.34 10.81
C2 GF2 A 10 2.22 3.81 12.04
N2 GF2 A 10 3.25 3.26 12.64
N3 GF2 A 10 1.07 3.82 12.71
C4 GF2 A 10 0.09 4.49 12.06
C5 GF2 A 10 0.16 5.10 10.83
C6 GF2 A 10 1.40 5.01 10.11
O6 GF2 A 10 1.71 5.45 9.00
N7 GF2 A 10 -1.06 5.76 10.56
C8 GF2 A 10 -1.81 5.50 11.60
N9 GF2 A 10 -1.18 4.71 12.54
C1' GF2 A 10 -1.66 4.19 13.84
OP2 GF2 A 10 -7.35 5.95 14.88
C2' GF2 A 10 -1.52 5.15 15.00
OP1 GF2 A 10 -7.60 3.68 15.98
C3' GF2 A 10 -2.63 4.68 15.94
O3' GF2 A 10 -2.22 4.49 17.29
C4' GF2 A 10 -3.25 3.47 15.22
O4' GF2 A 10 -2.99 3.75 13.84
C5' GF2 A 10 -4.75 3.31 15.46
O5' GF2 A 10 -5.45 4.50 15.12
HN1 GF2 A 10 3.31 4.28 10.38
HN2 GF2 A 10 3.09 2.91 13.57
HN2A GF2 A 10 4.18 3.25 12.21
H8 GF2 A 10 -2.82 5.85 11.70
H1' GF2 A 10 -0.98 3.36 14.09
H2' GF2 A 10 -1.69 6.18 14.72
H3' GF2 A 10 -3.38 5.46 15.93
H4' GF2 A 10 -2.73 2.57 15.52
H5' GF2 A 10 -4.93 3.07 16.51
H5'A GF2 A 10 -5.11 2.48 14.85
P CFL A 11 -1.86 5.76 18.24
O1P CFL A 11 -1.93 5.30 19.64
O2P CFL A 11 -2.73 6.88 17.79
O5' CFL A 11 -0.31 6.12 17.92
C5' CFL A 11 0.75 5.26 18.35
C4' CFL A 11 2.19 5.61 17.92
O4' CFL A 11 2.36 5.53 16.52
C3' CFL A 11 2.77 6.98 18.33
O3' CFL A 11 4.16 6.79 18.71
C2' CFL A 11 2.60 7.82 17.09
C1' CFL A 11 2.97 6.74 16.07
N1 CFL A 11 2.55 7.04 14.68
C2 CFL A 11 3.52 7.09 13.68
O2 CFL A 11 4.71 6.87 13.93
N3 CFL A 11 3.19 7.42 12.42
C4 CFL A 11 1.92 7.67 12.13
N4 CFL A 11 1.66 7.96 10.88
C5 CFL A 11 0.88 7.59 13.10
C6 CFL A 11 1.24 7.28 14.37
F CFL A 11 1.33 8.35 16.96
H5'1 CFL A 11 0.72 5.20 19.44
H5'2 CFL A 11 0.54 4.25 17.96
H4' CFL A 11 2.83 4.84 18.36
H3' CFL A 11 2.15 7.42 19.11
H2' CFL A 11 3.29 8.66 17.02
H1' CFL A 11 4.06 6.66 16.09
HN41 CFL A 11 2.44 7.94 10.22
HN42 CFL A 11 0.73 8.12 10.59
H5 CFL A 11 -0.15 7.76 12.85
H6 CFL A 11 0.52 7.20 15.18
F GF2 A 12 4.53 12.76 16.15
P GF2 A 12 5.16 7.99 19.09
N1 GF2 A 12 4.65 10.96 9.86
C2 GF2 A 12 5.74 10.88 10.64
N2 GF2 A 12 6.88 10.84 9.99
N3 GF2 A 12 5.75 10.77 11.95
C4 GF2 A 12 4.48 10.74 12.46
C5 GF2 A 12 3.29 10.81 11.78
C6 GF2 A 12 3.35 10.92 10.34
O6 GF2 A 12 2.47 11.00 9.49
N7 GF2 A 12 2.23 10.79 12.71
C8 GF2 A 12 2.81 10.72 13.87
N9 GF2 A 12 4.19 10.68 13.81
C1' GF2 A 12 5.28 10.86 14.80
OP2 GF2 A 12 4.43 8.92 19.97
C2' GF2 A 12 5.00 11.46 16.18
OP1 GF2 A 12 6.38 7.41 19.69
C3' GF2 A 12 6.46 11.40 16.65
O3' GF2 A 12 7.19 12.36 15.92
C4' GF2 A 12 6.90 10.00 16.16
O4' GF2 A 12 6.01 9.69 15.08
C5' GF2 A 12 6.86 8.89 17.22
O5' GF2 A 12 5.53 8.75 17.72
HN1 GF2 A 12 4.81 11.04 8.86
HN2 GF2 A 12 7.71 10.71 10.55
HN2A GF2 A 12 6.82 10.80 8.99
H8 GF2 A 12 2.25 10.70 14.79
H1' GF2 A 12 5.95 11.56 14.31
H2' GF2 A 12 4.37 10.82 16.80
H3' GF2 A 12 6.60 11.62 17.72
HO3' GF2 A 12 8.11 12.32 16.18
H4' GF2 A 12 7.92 10.08 15.78
H5' GF2 A 12 7.52 9.17 18.04
H5'A GF2 A 12 7.20 7.95 16.80
N1 CFZ B 1 7.30 11.18 5.27
C2 CFZ B 1 7.14 11.31 6.66
O2 CFZ B 1 8.10 11.60 7.38
N3 CFZ B 1 5.86 11.12 7.20
C4 CFZ B 1 4.84 10.82 6.39
N4 CFZ B 1 3.61 10.69 6.87
C5 CFZ B 1 5.02 10.69 4.97
C6 CFZ B 1 6.25 10.87 4.46
C1' CFZ B 1 8.65 11.37 4.66
C2' CFZ B 1 9.47 10.09 4.61
F2' CFZ B 1 10.31 10.29 5.70
C3' CFZ B 1 10.00 10.06 3.18
O3' CFZ B 1 11.22 9.38 2.93
C4' CFZ B 1 9.88 11.53 2.77
O4' CFZ B 1 8.60 11.87 3.33
C5' CFZ B 1 9.93 11.81 1.27
O5' CFZ B 1 9.05 10.97 0.53
HN4 CFZ B 1 3.37 10.78 7.85
HN4A CFZ B 1 2.88 10.47 6.22
H5 CFZ B 1 4.23 10.49 4.30
H6 CFZ B 1 6.41 10.79 3.40
H1' CFZ B 1 9.19 12.09 5.26
H2' CFZ B 1 8.85 9.22 4.79
H3' CFZ B 1 9.22 9.55 2.60
H4' CFZ B 1 10.67 12.10 3.27
H5' CFZ B 1 9.67 12.85 1.10
H5'A CFZ B 1 10.95 11.65 0.91
HO5' CFZ B 1 9.47 10.12 0.40
F GF2 B 2 10.55 5.21 9.13
P GF2 B 2 11.26 7.76 2.86
N1 GF2 B 2 5.47 7.50 10.73
C2 GF2 B 2 6.74 7.30 11.15
N2 GF2 B 2 6.95 7.12 12.44
N3 GF2 B 2 7.81 7.26 10.35
C4 GF2 B 2 7.48 7.42 9.05
C5 GF2 B 2 6.23 7.63 8.50
C6 GF2 B 2 5.11 7.70 9.41
O6 GF2 B 2 3.92 7.92 9.17
N7 GF2 B 2 6.32 7.73 7.11
C8 GF2 B 2 7.60 7.56 6.87
N9 GF2 B 2 8.35 7.37 8.00
C1' GF2 B 2 9.81 7.08 8.10
OP2 GF2 B 2 10.05 7.31 2.13
C2' GF2 B 2 10.11 5.60 7.88
OP1 GF2 B 2 12.58 7.22 2.47
C3' GF2 B 2 11.05 5.62 6.70
O3' GF2 B 2 12.02 4.57 6.68
C4' GF2 B 2 11.60 7.03 6.72
O4' GF2 B 2 10.48 7.81 7.09
C5' GF2 B 2 12.09 7.48 5.34
O5' GF2 B 2 11.06 7.31 4.37
HN1 GF2 B 2 4.71 7.48 11.41
HN2 GF2 B 2 7.89 6.95 12.73
HN2A GF2 B 2 6.15 7.08 13.08
H8 GF2 B 2 8.02 7.58 5.88
H1' GF2 B 2 10.17 7.33 9.09
H2' GF2 B 2 9.21 5.06 7.62
H3' GF2 B 2 10.43 5.52 5.81
H4' GF2 B 2 12.40 7.13 7.45
H5' GF2 B 2 12.96 6.88 5.05
H5'A GF2 B 2 12.40 8.52 5.38
P CFZ B 3 11.64 3.09 6.19
N1 CFZ B 3 7.13 3.11 9.70
C2 CFZ B 3 5.92 3.47 10.31
O2 CFZ B 3 5.71 3.18 11.49
N3 CFZ B 3 4.96 4.11 9.61
C4 CFZ B 3 5.17 4.40 8.34
N4 CFZ B 3 4.22 5.08 7.73
C5 CFZ B 3 6.37 4.06 7.66
C6 CFZ B 3 7.32 3.41 8.36
C1' CFZ B 3 8.16 2.36 10.47
O1P CFZ B 3 12.90 2.33 6.13
C2' CFZ B 3 8.06 0.88 10.27
F2' CFZ B 3 8.18 0.33 11.52
O2P CFZ B 3 10.90 3.31 4.92
C3' CFZ B 3 9.16 0.53 9.26
O3' CFZ B 3 9.62 -0.83 9.37
C4' CFZ B 3 10.19 1.60 9.64
O4' CFZ B 3 9.45 2.75 10.02
C5' CFZ B 3 11.23 1.97 8.56
O5' CFZ B 3 10.67 2.47 7.34
HN4 CFZ B 3 3.37 5.30 8.25
HN4A CFZ B 3 4.39 5.48 6.83
H5 CFZ B 3 6.55 4.31 6.63
H6 CFZ B 3 8.27 3.11 7.91
H1' CFZ B 3 7.98 2.49 11.52
H2' CFZ B 3 7.06 0.71 9.95
H3' CFZ B 3 8.83 0.72 8.24
H4' CFZ B 3 10.73 1.24 10.52
H5' CFZ B 3 11.83 1.09 8.33
H5'A CFZ B 3 11.87 2.74 8.98
F GF2 B 4 2.89 -2.80 12.26
P GF2 B 4 8.74 -2.10 8.88
N1 GF2 B 4 0.38 1.63 9.76
C2 GF2 B 4 0.48 0.88 10.89
N2 GF2 B 4 -0.58 0.75 11.64
N3 GF2 B 4 1.58 0.22 11.26
C4 GF2 B 4 2.61 0.37 10.37
C5 GF2 B 4 2.61 1.09 9.20
C6 GF2 B 4 1.40 1.78 8.84
O6 GF2 B 4 1.15 2.45 7.83
N7 GF2 B 4 3.84 0.94 8.54
C8 GF2 B 4 4.51 0.14 9.33
N9 GF2 B 4 3.84 -0.22 10.47
C1' GF2 B 4 4.26 -1.17 11.53
OP2 GF2 B 4 8.13 -1.87 7.55
C2' GF2 B 4 3.76 -2.56 11.22
OP1 GF2 B 4 9.48 -3.36 9.06
C3' GF2 B 4 5.02 -3.40 11.05
O3' GF2 B 4 4.87 -4.79 11.36
C4' GF2 B 4 6.09 -2.57 11.77
O4' GF2 B 4 5.67 -1.23 11.53
C5' GF2 B 4 7.49 -2.74 11.14
O5' GF2 B 4 7.45 -2.24 9.80
HN1 GF2 B 4 -0.50 2.09 9.56
HN2 GF2 B 4 -0.50 0.19 12.45
HN2A GF2 B 4 -1.46 1.24 11.40
H8 GF2 B 4 5.50 -0.22 9.12
H1' GF2 B 4 3.87 -0.88 12.50
H2' GF2 B 4 3.19 -2.58 10.29
H3' GF2 B 4 5.27 -3.33 9.99
H4' GF2 B 4 6.10 -2.80 12.83
H5' GF2 B 4 7.77 -3.80 11.14
H5'A GF2 B 4 8.21 -2.17 11.72
F AF2 B 5 -2.62 -4.47 10.25
P AF2 B 5 4.15 -5.77 10.29
N1 AF2 B 5 -2.34 0.32 6.81
C2 AF2 B 5 -3.00 -0.39 7.72
N3 AF2 B 5 -2.51 -1.29 8.56
C4 AF2 B 5 -1.16 -1.46 8.40
C5 AF2 B 5 -0.36 -0.81 7.50
C6 AF2 B 5 -1.03 0.13 6.69
N6 AF2 B 5 -0.44 0.91 5.79
N7 AF2 B 5 0.96 -1.28 7.58
C8 AF2 B 5 0.89 -2.17 8.53
N9 AF2 B 5 -0.34 -2.33 9.09
C1' AF2 B 5 -0.72 -3.26 10.18
OP2 AF2 B 5 4.71 -5.42 8.95
C2' AF2 B 5 -1.36 -4.53 9.66
OP1 AF2 B 5 4.16 -7.19 10.71
C3' AF2 B 5 -0.40 -5.65 10.08
O3' AF2 B 5 -1.01 -6.92 10.32
C4' AF2 B 5 0.35 -5.01 11.24
O4' AF2 B 5 0.47 -3.65 10.83
C5' AF2 B 5 1.75 -5.61 11.44
O5' AF2 B 5 2.59 -5.40 10.30
H2 AF2 B 5 -4.07 -0.22 7.77
H8 AF2 B 5 1.75 -2.75 8.85
H5' AF2 B 5 1.65 -6.67 11.65
H5'A AF2 B 5 2.20 -5.15 12.32
H1' AF2 B 5 -1.43 -2.79 10.88
H2' AF2 B 5 -1.46 -4.51 8.58
H3' AF2 B 5 0.32 -5.76 9.26
H4' AF2 B 5 -0.25 -5.09 12.14
HN6 AF2 B 5 0.56 0.96 5.83
HN6A AF2 B 5 -0.99 1.62 5.32
F AF2 B 6 -6.63 -4.55 6.15
P AF2 B 6 -1.30 -7.96 9.12
N1 AF2 B 6 -4.06 -0.33 3.25
C2 AF2 B 6 -5.13 -0.84 3.86
N3 AF2 B 6 -5.16 -1.82 4.76
C4 AF2 B 6 -3.92 -2.30 5.04
C5 AF2 B 6 -2.74 -1.89 4.49
C6 AF2 B 6 -2.86 -0.82 3.57
N6 AF2 B 6 -1.83 -0.26 2.97
N7 AF2 B 6 -1.66 -2.64 4.97
C8 AF2 B 6 -2.24 -3.46 5.82
N9 AF2 B 6 -3.59 -3.31 5.92
C1' AF2 B 6 -4.54 -4.07 6.77
OP2 AF2 B 6 -0.01 -8.07 8.37
C2' AF2 B 6 -5.37 -5.06 5.98
OP1 AF2 B 6 -1.91 -9.18 9.67
C3' AF2 B 6 -5.02 -6.42 6.58
O3' AF2 B 6 -6.05 -7.40 6.48
C4' AF2 B 6 -4.59 -6.01 7.98
O4' AF2 B 6 -3.81 -4.85 7.70
C5' AF2 B 6 -3.75 -7.03 8.76
O5' AF2 B 6 -2.44 -7.23 8.22
H2 AF2 B 6 -6.10 -0.44 3.56
H8 AF2 B 6 -1.69 -4.20 6.38
H5' AF2 B 6 -4.29 -7.98 8.79
H5'A AF2 B 6 -3.67 -6.68 9.78
H1' AF2 B 6 -5.22 -3.38 7.27
H2' AF2 B 6 -5.10 -5.07 4.92
H3' AF2 B 6 -4.12 -6.79 6.08
H4' AF2 B 6 -5.47 -5.73 8.57
HN6 AF2 B 6 -0.91 -0.55 3.24
HN6A AF2 B 6 -1.99 0.51 2.32
P TAF B 7 -6.36 -8.13 5.08
OP1 TAF B 7 -7.43 -9.11 5.33
OP2 TAF B 7 -5.04 -8.66 4.68
O5' TAF B 7 -6.90 -7.01 4.03
N1 TAF B 7 -5.85 -3.14 1.73
C6 TAF B 7 -4.75 -3.88 2.10
C2 TAF B 7 -5.72 -2.08 0.83
O2 TAF B 7 -6.67 -1.39 0.45
N3 TAF B 7 -4.46 -1.82 0.34
C4 TAF B 7 -3.31 -2.52 0.65
O4 TAF B 7 -2.25 -2.19 0.12
C5 TAF B 7 -3.51 -3.62 1.59
C5M TAF B 7 -2.34 -4.47 2.04
F2' TAF B 7 -6.91 -5.15 0.38
C2' TAF B 7 -7.86 -4.46 1.11
C5' TAF B 7 -8.16 -6.35 4.27
C4' TAF B 7 -8.43 -5.10 3.38
O4' TAF B 7 -7.29 -4.24 3.37
C1' TAF B 7 -7.23 -3.53 2.14
C3' TAF B 7 -8.67 -5.49 1.92
O3' TAF B 7 -10.05 -5.65 1.50
H6 TAF B 7 -4.90 -4.71 2.78
H3 TAF B 7 -4.37 -1.05 -0.32
H71 TAF B 7 -2.57 -4.96 2.99
H72 TAF B 7 -1.47 -3.84 2.19
H73 TAF B 7 -2.12 -5.22 1.28
H2' TAF B 7 -8.49 -3.84 0.49
H5' TAF B 7 -8.97 -7.06 4.10
H5'' TAF B 7 -8.22 -6.04 5.31
H4' TAF B 7 -9.30 -4.57 3.77
H1' TAF B 7 -7.84 -2.63 2.20
H3' TAF B 7 -8.19 -6.46 1.82
P UFT B 8 -10.42 -6.44 0.12
OP1 UFT B 8 -11.88 -6.73 0.00
OP2 UFT B 8 -9.49 -7.59 0.05
O5' UFT B 8 -10.05 -5.40 -1.04
N1 UFT B 8 -6.61 -2.68 -2.98
C6 UFT B 8 -6.01 -3.75 -2.36
C2 UFT B 8 -5.85 -1.78 -3.72
O2 UFT B 8 -6.33 -0.83 -4.34
N3 UFT B 8 -4.50 -1.98 -3.76
C4 UFT B 8 -3.81 -2.99 -3.12
O4 UFT B 8 -2.59 -3.05 -3.23
C5 UFT B 8 -4.66 -3.91 -2.40
F2' UFT B 8 -8.85 -2.14 -5.06
C2' UFT B 8 -8.71 -3.20 -4.20
C5' UFT B 8 -10.77 -4.18 -1.21
C4' UFT B 8 -10.08 -3.29 -2.24
O4' UFT B 8 -8.72 -3.10 -1.87
C1' UFT B 8 -8.10 -2.50 -2.99
C3' UFT B 8 -9.98 -3.85 -3.66
O3' UFT B 8 -11.11 -3.74 -4.52
H6 UFT B 8 -6.63 -4.45 -1.82
H5 UFT B 8 -4.20 -4.75 -1.90
H2' UFT B 8 -8.05 -3.95 -4.62
H5' UFT B 8 -11.78 -4.40 -1.54
H5'A UFT B 8 -10.82 -3.65 -0.26
H4' UFT B 8 -10.58 -2.31 -2.28
H1' UFT B 8 -8.33 -1.44 -3.01
H3' UFT B 8 -9.76 -4.92 -3.54
HN3 UFT B 8 -3.97 -1.33 -4.32
P CFL B 9 -11.16 -4.50 -5.96
O1P CFL B 9 -12.54 -4.45 -6.49
O2P CFL B 9 -10.51 -5.81 -5.82
O5' CFL B 9 -10.29 -3.64 -7.02
C5' CFL B 9 -10.68 -2.33 -7.42
C4' CFL B 9 -9.66 -1.62 -8.34
O4' CFL B 9 -8.40 -1.45 -7.71
C3' CFL B 9 -9.43 -2.32 -9.69
O3' CFL B 9 -9.82 -1.49 -10.80
C2' CFL B 9 -7.95 -2.68 -9.68
C1' CFL B 9 -7.36 -1.75 -8.63
N1 CFL B 9 -6.17 -2.31 -7.93
C2 CFL B 9 -4.90 -1.90 -8.35
O2 CFL B 9 -4.77 -1.08 -9.24
N3 CFL B 9 -3.79 -2.43 -7.78
C4 CFL B 9 -3.91 -3.36 -6.85
N4 CFL B 9 -2.79 -3.81 -6.35
C5 CFL B 9 -5.19 -3.83 -6.39
C6 CFL B 9 -6.29 -3.28 -6.96
F CFL B 9 -7.79 -3.98 -9.26
H5'1 CFL B 9 -11.63 -2.37 -7.93
H5'2 CFL B 9 -10.80 -1.71 -6.53
H4' CFL B 9 -10.05 -0.63 -8.54
H3' CFL B 9 -9.98 -3.26 -9.71
H2' CFL B 9 -7.46 -2.53 -10.64
H1' CFL B 9 -7.06 -0.85 -9.15
HN41 CFL B 9 -1.93 -3.46 -6.76
HN42 CFL B 9 -2.79 -4.51 -5.63
H5 CFL B 9 -5.30 -4.59 -5.64
H6 CFL B 9 -7.29 -3.61 -6.70
F GF2 B 10 -4.88 -3.76 -14.90
P GF2 B 10 -9.91 -2.08 -12.31
N1 GF2 B 10 -0.17 -4.09 -11.33
C2 GF2 B 10 -0.48 -3.34 -12.43
N2 GF2 B 10 0.48 -3.05 -13.27
N3 GF2 B 10 -1.71 -2.96 -12.75
C4 GF2 B 10 -2.66 -3.45 -11.90
C5 GF2 B 10 -2.46 -4.25 -10.80
C6 GF2 B 10 -1.10 -4.59 -10.45
O6 GF2 B 10 -0.69 -5.26 -9.51
N7 GF2 B 10 -3.68 -4.61 -10.24
C8 GF2 B 10 -4.56 -4.00 -10.98
N9 GF2 B 10 -4.02 -3.24 -11.99
C1' GF2 B 10 -4.63 -2.34 -13.00
OP2 GF2 B 10 -10.29 -3.50 -12.21
C2' GF2 B 10 -5.53 -2.96 -14.01
OP1 GF2 B 10 -10.72 -1.15 -13.13
C3' GF2 B 10 -6.15 -1.75 -14.69
O3' GF2 B 10 -5.25 -1.02 -15.53
C4' GF2 B 10 -6.31 -0.83 -13.46
O4' GF2 B 10 -5.45 -1.31 -12.43
C5' GF2 B 10 -7.77 -0.72 -12.99
O5' GF2 B 10 -8.39 -1.98 -12.82
HN1 GF2 B 10 0.79 -4.38 -11.19
HN2 GF2 B 10 0.18 -2.68 -14.15
HN2A GF2 B 10 1.44 -3.38 -13.11
H8 GF2 B 10 -5.62 -4.08 -10.79
H1' GF2 B 10 -3.85 -1.94 -13.63
H2' GF2 B 10 -6.30 -3.58 -13.55
H3' GF2 B 10 -7.11 -1.96 -15.17
H4' GF2 B 10 -5.97 0.18 -13.72
H5' GF2 B 10 -8.32 -0.14 -13.72
H5'A GF2 B 10 -7.79 -0.18 -12.04
P CFL B 11 -5.09 -1.35 -17.10
O1P CFL B 11 -4.68 -0.11 -17.77
O2P CFL B 11 -6.35 -2.02 -17.51
O5' CFL B 11 -3.87 -2.42 -17.20
C5' CFL B 11 -2.52 -1.96 -17.19
C4' CFL B 11 -1.41 -3.04 -17.19
O4' CFL B 11 -1.24 -3.64 -15.92
C3' CFL B 11 -1.50 -4.19 -18.21
O3' CFL B 11 -0.20 -4.33 -18.84
C2' CFL B 11 -1.88 -5.40 -17.38
C1' CFL B 11 -1.06 -5.03 -16.14
N1 CFL B 11 -1.35 -5.79 -14.91
C2 CFL B 11 -0.29 -6.38 -14.23
O2 CFL B 11 0.85 -6.39 -14.71
N3 CFL B 11 -0.48 -6.98 -13.04
C4 CFL B 11 -1.70 -7.01 -12.52
N4 CFL B 11 -1.79 -7.58 -11.35
C5 CFL B 11 -2.84 -6.45 -13.18
C6 CFL B 11 -2.62 -5.86 -14.38
F CFL B 11 -3.24 -5.52 -17.14
H5'1 CFL B 11 -2.37 -1.33 -18.06
H5'2 CFL B 11 -2.37 -1.35 -16.31
H4' CFL B 11 -0.49 -2.49 -17.40
H3' CFL B 11 -2.31 -4.03 -18.90
H2' CFL B 11 -1.57 -6.34 -17.79
H1' CFL B 11 -0.02 -5.26 -16.43
HN41 CFL B 11 -0.91 -7.92 -10.94
HN42 CFL B 11 -2.66 -7.63 -10.86
H5 CFL B 11 -3.83 -6.45 -12.77
H6 CFL B 11 -3.43 -5.42 -14.96
F GF2 B 12 -2.17 -10.46 -18.25
P GF2 B 12 0.23 -5.53 -19.85
N1 GF2 B 12 0.39 -11.28 -12.14
C2 GF2 B 12 1.23 -11.17 -13.20
N2 GF2 B 12 2.39 -11.75 -13.08
N3 GF2 B 12 0.92 -10.62 -14.35
C4 GF2 B 12 -0.35 -10.14 -14.39
C5 GF2 B 12 -1.30 -10.21 -13.41
C6 GF2 B 12 -0.91 -10.82 -12.15
O6 GF2 B 12 -1.55 -11.00 -11.12
N7 GF2 B 12 -2.50 -9.66 -13.88
C8 GF2 B 12 -2.23 -9.30 -15.11
N9 GF2 B 12 -0.94 -9.59 -15.50
C1' GF2 B 12 -0.31 -9.74 -16.83
OP2 GF2 B 12 -0.94 -5.84 -20.69
C2' GF2 B 12 -1.13 -9.56 -18.11
OP1 GF2 B 12 1.52 -5.18 -20.46
C3' GF2 B 12 0.02 -9.87 -19.07
O3' GF2 B 12 0.32 -11.25 -18.95
C4' GF2 B 12 1.20 -9.09 -18.42
O4' GF2 B 12 0.84 -8.94 -17.05
C5' GF2 B 12 1.52 -7.73 -19.05
O5' GF2 B 12 0.46 -6.79 -18.86
HN1 GF2 B 12 0.77 -11.64 -11.27
HN2 GF2 B 12 2.99 -11.69 -13.89
HN2A GF2 B 12 2.55 -12.31 -12.28
H8 GF2 B 12 -2.96 -8.82 -15.75
H1' GF2 B 12 0.02 -10.78 -16.84
H2' GF2 B 12 -1.47 -8.54 -18.24
H3' GF2 B 12 -0.18 -9.67 -20.12
HO3' GF2 B 12 1.14 -11.44 -19.39
H4' GF2 B 12 2.09 -9.72 -18.48
H5' GF2 B 12 1.68 -7.87 -20.12
H5'A GF2 B 12 2.44 -7.33 -18.61
#